data_7Y09
#
_entry.id   7Y09
#
_cell.length_a   1.00
_cell.length_b   1.00
_cell.length_c   1.00
_cell.angle_alpha   90.00
_cell.angle_beta   90.00
_cell.angle_gamma   90.00
#
_symmetry.space_group_name_H-M   'P 1'
#
loop_
_entity.id
_entity.type
_entity.pdbx_description
1 polymer 'Putative erythrocyte membrane protein'
2 polymer 'Immunoglobulin heavy constant mu'
3 polymer 'Immunoglobulin J chain'
4 branched 2-acetamido-2-deoxy-beta-D-glucopyranose-(1-4)-2-acetamido-2-deoxy-beta-D-glucopyranose
5 non-polymer 2-acetamido-2-deoxy-beta-D-glucopyranose
#
loop_
_entity_poly.entity_id
_entity_poly.type
_entity_poly.pdbx_seq_one_letter_code
_entity_poly.pdbx_strand_id
1 'polypeptide(L)'
;DSNLRNGLLNNSLDLTNGLNNKDNSFIDSKIEEHENKSYQNKDNNISIVGQDVPITSVDSSKIINANDLEGNSIDDTKGL
SVTNSGFDDGSAFGGGLPFSGYSPLQGNHNKCPDENFCKGIKNVLSCPPKNSTGRNGDWISVAVKESSTTNKGVLVPPRR
KKLCLRNINQVWHRIKDEKNFKEEFVKVALGESNALMKHYKEKNLNALTAIKYGFSDMGDIIKGTDLIDYQITKNINRAL
DKILGNETSNDKIKKRVDWWEANKSAFWDAFMCGYKVHIGNKPCPEHDNMDRIPQYLRWFREWGTYVCSEYKNKFENVIE
LCNVRQITNQNDSQLLEISKEDKCKGALKHYEEWVNRRRPEWKGQCDKFEKEKSKYEDTKSRTAEIYLKEICSECDCKYK
DLDNTFKEFKDNVTLLKAVIDNKKNQDSLTTTSLSTSINSVRDSSNLDQRGNITTSQGNSHRATVVQQADQTNRLDNVNS
VTQRGNNNYNNNLERGLGSGALPGTNIITEEKYSLELIKLTSKDEEDIIKHNEDVREEIEEQQEDIEEDEEELENEGEET
KEEDDEEKNETNDTEDTDDTEDTEDIEEENEEKELSNQQQSEKKSISKVDEDSYRILSVSYKDNNEVKNVAESIVKKLFS
LFNDNNNLETIFKGLT
;
R
2 'polypeptide(L)'
;ASAWSHPQFEKGGGSGGGSGGSAWSHPQFEKIDTTIAELPPKVSVFVPPRDGFFGNPRKSKLICQATGFSPRQIQVSWLR
EGKQVGSGVTTDQVQAEAKESGPTTYKVTSTLTIKESDWLGQSMFTCRVDHRGLTFQQNASSMCVPDQDTAIRVFAIPPS
FASIFLTKSTKLTCLVTDLTTYDSVTISWTRQNGEAVKTHTNISESHPNATFSAVGEASICEDDWNSGERFTCTVTHTDL
PSPLKQTISRPKGVALHRPDVYLLPPAREQLNLRESATITCLVTGFSPADVFVQWMQRGQPLSPEKYVTSAPMPEPQAPG
RYFAHSILTVSEEEWNTGETYTCVVAHEALPNRVTERTVDKSTGKPTLYNVSLVMSDTAGTCY
;
A,B,C,D,E,F,G,H,K,L
3 'polypeptide(L)'
;EDERIVLVDNKCKCARITSRIIRSSEDPNEDIVERNIRIIVPLNNRENISDPTSPLRTRFVYHLSDLCKKCDPTEVELDN
QIVTATQSNICDEDSATETCYTYDRNKCYTAVVPLVYGGETKMVETALTPDACYPD
;
J
#
loop_
_chem_comp.id
_chem_comp.type
_chem_comp.name
_chem_comp.formula
NAG D-saccharide, beta linking 2-acetamido-2-deoxy-beta-D-glucopyranose 'C8 H15 N O6'
#
# COMPACT_ATOMS: atom_id res chain seq x y z
N PRO A 113 -51.71 4.73 -14.28
CA PRO A 113 -51.36 4.75 -12.85
C PRO A 113 -50.73 6.06 -12.41
N ASP A 114 -49.96 6.67 -13.32
CA ASP A 114 -49.21 7.90 -13.06
C ASP A 114 -48.21 7.69 -11.92
N GLU A 115 -47.46 6.60 -12.00
CA GLU A 115 -46.27 6.38 -11.19
C GLU A 115 -45.22 5.72 -12.08
N ASN A 116 -44.18 5.20 -11.44
CA ASN A 116 -43.14 4.44 -12.11
C ASN A 116 -43.05 3.04 -11.53
N PHE A 117 -42.60 2.09 -12.34
CA PHE A 117 -42.43 0.72 -11.87
C PHE A 117 -41.15 0.61 -11.04
N CYS A 118 -41.10 -0.42 -10.21
CA CYS A 118 -39.93 -0.65 -9.36
C CYS A 118 -38.68 -0.84 -10.20
N LYS A 119 -37.77 0.12 -10.10
CA LYS A 119 -36.56 0.16 -10.91
C LYS A 119 -35.38 -0.30 -10.06
N GLY A 120 -34.57 -1.19 -10.61
CA GLY A 120 -33.41 -1.67 -9.88
C GLY A 120 -32.41 -0.56 -9.63
N ILE A 121 -31.77 -0.61 -8.46
CA ILE A 121 -30.79 0.40 -8.10
C ILE A 121 -29.45 0.08 -8.76
N LYS A 122 -28.86 1.10 -9.38
CA LYS A 122 -27.59 0.97 -10.06
C LYS A 122 -26.54 1.83 -9.36
N ASN A 123 -25.28 1.47 -9.55
CA ASN A 123 -24.18 2.20 -8.92
C ASN A 123 -24.09 3.61 -9.49
N VAL A 124 -23.95 4.59 -8.60
CA VAL A 124 -23.85 5.99 -8.96
C VAL A 124 -22.66 6.60 -8.24
N LEU A 125 -21.91 7.43 -8.96
CA LEU A 125 -20.76 8.12 -8.36
C LEU A 125 -21.21 9.42 -7.70
N SER A 126 -20.46 9.82 -6.68
CA SER A 126 -20.77 11.04 -5.95
C SER A 126 -20.53 12.26 -6.82
N CYS A 127 -21.28 13.33 -6.52
CA CYS A 127 -21.18 14.60 -7.22
C CYS A 127 -20.98 15.71 -6.20
N PRO A 128 -20.27 16.78 -6.56
CA PRO A 128 -20.08 17.89 -5.62
C PRO A 128 -21.39 18.58 -5.33
N PRO A 129 -21.56 19.09 -4.10
CA PRO A 129 -22.82 19.76 -3.75
C PRO A 129 -23.03 21.03 -4.56
N LYS A 130 -24.30 21.33 -4.84
CA LYS A 130 -24.62 22.54 -5.59
C LYS A 130 -24.48 23.79 -4.72
N ASN A 131 -24.58 23.64 -3.40
CA ASN A 131 -24.42 24.74 -2.47
C ASN A 131 -23.03 24.80 -1.85
N SER A 132 -22.10 23.98 -2.34
CA SER A 132 -20.74 24.00 -1.80
C SER A 132 -20.05 25.33 -2.06
N THR A 133 -20.27 25.91 -3.22
CA THR A 133 -19.67 27.20 -3.55
C THR A 133 -20.31 28.30 -2.70
N GLY A 134 -19.46 29.14 -2.11
CA GLY A 134 -19.95 30.24 -1.30
C GLY A 134 -20.73 31.27 -2.10
N ARG A 135 -20.32 31.50 -3.35
CA ARG A 135 -21.02 32.45 -4.21
C ARG A 135 -22.38 31.93 -4.68
N ASN A 136 -22.67 30.64 -4.46
CA ASN A 136 -23.93 30.00 -4.84
C ASN A 136 -24.22 30.09 -6.33
N GLY A 137 -23.18 30.11 -7.16
CA GLY A 137 -23.38 30.21 -8.59
C GLY A 137 -23.55 31.65 -9.04
N ASP A 138 -23.27 31.87 -10.33
CA ASP A 138 -23.39 33.20 -10.94
C ASP A 138 -24.13 33.05 -12.26
N TRP A 139 -25.32 33.66 -12.34
CA TRP A 139 -26.07 33.64 -13.60
C TRP A 139 -25.35 34.40 -14.70
N ILE A 140 -24.73 35.54 -14.34
CA ILE A 140 -24.15 36.43 -15.34
C ILE A 140 -22.95 35.76 -16.00
N SER A 141 -22.16 35.02 -15.23
CA SER A 141 -20.94 34.41 -15.76
C SER A 141 -21.30 33.24 -16.67
N VAL A 142 -21.00 33.39 -17.96
CA VAL A 142 -21.19 32.33 -18.94
C VAL A 142 -19.81 31.89 -19.43
N ALA A 143 -19.61 30.57 -19.51
CA ALA A 143 -18.27 30.04 -19.79
C ALA A 143 -18.06 29.77 -21.27
N VAL A 144 -18.83 28.84 -21.85
CA VAL A 144 -18.65 28.43 -23.24
C VAL A 144 -20.04 28.31 -23.89
N LYS A 145 -20.14 28.77 -25.13
CA LYS A 145 -21.34 28.62 -25.95
C LYS A 145 -20.92 28.19 -27.36
N GLU A 146 -21.91 27.69 -28.12
CA GLU A 146 -21.65 27.32 -29.50
C GLU A 146 -21.22 28.53 -30.31
N SER A 147 -21.89 29.66 -30.13
CA SER A 147 -21.55 30.92 -30.77
C SER A 147 -22.28 32.04 -30.07
N SER A 148 -21.56 33.12 -29.77
CA SER A 148 -22.16 34.28 -29.14
C SER A 148 -22.57 35.35 -30.14
N THR A 149 -22.45 35.06 -31.44
CA THR A 149 -22.90 35.96 -32.49
C THR A 149 -24.34 35.65 -32.91
N THR A 150 -24.56 34.42 -33.40
CA THR A 150 -25.92 34.03 -33.77
C THR A 150 -26.78 33.76 -32.54
N ASN A 151 -26.15 33.45 -31.40
CA ASN A 151 -26.85 33.21 -30.14
C ASN A 151 -26.25 34.17 -29.13
N LYS A 152 -26.77 35.40 -29.10
CA LYS A 152 -26.21 36.48 -28.31
C LYS A 152 -27.16 36.82 -27.17
N GLY A 153 -26.60 37.02 -25.97
CA GLY A 153 -27.37 37.40 -24.82
C GLY A 153 -28.02 36.26 -24.06
N VAL A 154 -27.65 35.02 -24.35
CA VAL A 154 -28.21 33.88 -23.64
C VAL A 154 -27.36 33.57 -22.43
N LEU A 155 -28.01 33.32 -21.28
CA LEU A 155 -27.34 33.17 -20.01
C LEU A 155 -27.45 31.72 -19.53
N VAL A 156 -26.33 31.15 -19.12
CA VAL A 156 -26.29 29.77 -18.62
C VAL A 156 -26.61 29.76 -17.13
N PRO A 157 -27.49 28.87 -16.67
CA PRO A 157 -27.81 28.82 -15.24
C PRO A 157 -26.67 28.17 -14.47
N PRO A 158 -26.62 28.38 -13.15
CA PRO A 158 -25.71 27.58 -12.33
C PRO A 158 -26.00 26.09 -12.38
N ARG A 159 -27.27 25.71 -12.55
CA ARG A 159 -27.63 24.29 -12.62
C ARG A 159 -26.99 23.63 -13.83
N ARG A 160 -27.03 24.30 -14.98
CA ARG A 160 -26.38 23.76 -16.18
C ARG A 160 -24.87 23.74 -16.01
N LYS A 161 -24.30 24.77 -15.37
CA LYS A 161 -22.86 24.79 -15.13
C LYS A 161 -22.44 23.73 -14.13
N LYS A 162 -23.32 23.38 -13.19
CA LYS A 162 -23.04 22.36 -12.19
C LYS A 162 -23.61 21.00 -12.58
N LEU A 163 -24.03 20.82 -13.83
CA LEU A 163 -24.61 19.57 -14.30
C LEU A 163 -23.54 18.47 -14.23
N CYS A 164 -23.72 17.51 -13.34
CA CYS A 164 -22.67 16.54 -13.00
C CYS A 164 -22.76 15.34 -13.94
N LEU A 165 -21.86 15.27 -14.91
CA LEU A 165 -21.80 14.16 -15.86
C LEU A 165 -20.65 13.20 -15.55
N ARG A 166 -20.34 12.99 -14.27
CA ARG A 166 -19.20 12.16 -13.91
C ARG A 166 -19.43 10.70 -14.29
N ASN A 167 -20.66 10.23 -14.19
CA ASN A 167 -20.95 8.82 -14.47
C ASN A 167 -20.67 8.46 -15.93
N ILE A 168 -21.07 9.33 -16.86
CA ILE A 168 -20.88 9.01 -18.27
C ILE A 168 -19.47 9.35 -18.72
N ASN A 169 -18.78 10.24 -17.98
CA ASN A 169 -17.42 10.61 -18.35
C ASN A 169 -16.45 9.47 -18.14
N GLN A 170 -16.76 8.54 -17.23
CA GLN A 170 -15.86 7.44 -16.96
C GLN A 170 -15.93 6.36 -18.03
N VAL A 171 -17.11 6.10 -18.60
CA VAL A 171 -17.31 4.99 -19.52
C VAL A 171 -17.86 5.45 -20.87
N TRP A 172 -17.51 6.67 -21.30
CA TRP A 172 -17.98 7.15 -22.60
C TRP A 172 -17.30 6.45 -23.77
N HIS A 173 -16.22 5.72 -23.51
CA HIS A 173 -15.48 5.02 -24.56
C HIS A 173 -15.67 3.50 -24.53
N ARG A 174 -15.79 2.91 -23.34
CA ARG A 174 -15.96 1.47 -23.22
C ARG A 174 -17.35 1.00 -23.62
N ILE A 175 -18.29 1.91 -23.84
CA ILE A 175 -19.68 1.54 -24.09
C ILE A 175 -19.83 1.12 -25.54
N LYS A 176 -20.59 0.04 -25.78
CA LYS A 176 -20.71 -0.54 -27.11
C LYS A 176 -22.12 -0.92 -27.51
N ASP A 177 -23.12 -0.72 -26.65
CA ASP A 177 -24.49 -1.11 -26.95
C ASP A 177 -25.47 -0.04 -26.46
N GLU A 178 -26.65 -0.03 -27.08
CA GLU A 178 -27.66 0.96 -26.71
C GLU A 178 -28.32 0.65 -25.38
N LYS A 179 -28.35 -0.63 -24.99
CA LYS A 179 -28.92 -0.99 -23.69
C LYS A 179 -28.10 -0.41 -22.55
N ASN A 180 -26.76 -0.45 -22.66
CA ASN A 180 -25.93 0.23 -21.68
C ASN A 180 -25.99 1.74 -21.83
N PHE A 181 -26.25 2.23 -23.05
CA PHE A 181 -26.39 3.67 -23.25
C PHE A 181 -27.61 4.21 -22.50
N LYS A 182 -28.72 3.47 -22.55
CA LYS A 182 -29.87 3.84 -21.74
C LYS A 182 -29.57 3.69 -20.25
N GLU A 183 -28.88 2.60 -19.88
CA GLU A 183 -28.63 2.33 -18.47
C GLU A 183 -27.71 3.38 -17.85
N GLU A 184 -26.69 3.82 -18.59
CA GLU A 184 -25.73 4.77 -18.03
C GLU A 184 -26.38 6.13 -17.78
N PHE A 185 -27.26 6.57 -18.68
CA PHE A 185 -27.95 7.83 -18.46
C PHE A 185 -28.95 7.73 -17.32
N VAL A 186 -29.49 6.53 -17.07
CA VAL A 186 -30.29 6.32 -15.86
C VAL A 186 -29.46 6.51 -14.61
N LYS A 187 -28.22 6.02 -14.63
CA LYS A 187 -27.34 6.13 -13.47
C LYS A 187 -27.04 7.59 -13.16
N VAL A 188 -26.79 8.40 -14.18
CA VAL A 188 -26.47 9.81 -13.94
C VAL A 188 -27.74 10.60 -13.65
N ALA A 189 -28.88 10.16 -14.16
CA ALA A 189 -30.14 10.83 -13.84
C ALA A 189 -30.50 10.65 -12.38
N LEU A 190 -30.23 9.46 -11.82
CA LEU A 190 -30.47 9.24 -10.40
C LEU A 190 -29.56 10.12 -9.55
N GLY A 191 -28.30 10.29 -9.98
CA GLY A 191 -27.40 11.18 -9.27
C GLY A 191 -27.85 12.63 -9.31
N GLU A 192 -28.36 13.07 -10.46
CA GLU A 192 -28.88 14.43 -10.55
C GLU A 192 -30.12 14.61 -9.67
N SER A 193 -31.00 13.61 -9.64
CA SER A 193 -32.19 13.70 -8.81
C SER A 193 -31.81 13.78 -7.33
N ASN A 194 -30.80 13.03 -6.90
CA ASN A 194 -30.33 13.11 -5.53
C ASN A 194 -29.70 14.47 -5.25
N ALA A 195 -28.94 15.00 -6.21
CA ALA A 195 -28.21 16.25 -5.99
C ALA A 195 -29.14 17.45 -5.95
N LEU A 196 -30.08 17.53 -6.90
CA LEU A 196 -30.95 18.70 -6.99
C LEU A 196 -31.89 18.79 -5.79
N MET A 197 -32.51 17.67 -5.40
CA MET A 197 -33.48 17.71 -4.33
C MET A 197 -32.83 17.95 -2.97
N LYS A 198 -31.64 17.37 -2.75
CA LYS A 198 -30.92 17.62 -1.50
C LYS A 198 -30.53 19.10 -1.38
N HIS A 199 -30.16 19.71 -2.50
CA HIS A 199 -29.85 21.14 -2.48
C HIS A 199 -31.10 21.97 -2.16
N TYR A 200 -32.24 21.60 -2.75
CA TYR A 200 -33.47 22.33 -2.46
C TYR A 200 -34.17 21.86 -1.19
N LYS A 201 -33.79 20.71 -0.64
CA LYS A 201 -34.32 20.33 0.68
C LYS A 201 -33.84 21.29 1.75
N GLU A 202 -32.58 21.71 1.67
CA GLU A 202 -32.08 22.76 2.56
C GLU A 202 -32.76 24.08 2.26
N LYS A 203 -33.02 24.36 0.98
CA LYS A 203 -33.70 25.59 0.58
C LYS A 203 -35.20 25.53 0.79
N ASN A 204 -35.76 24.35 1.02
CA ASN A 204 -37.19 24.16 1.27
C ASN A 204 -38.04 24.70 0.10
N LEU A 205 -37.71 24.23 -1.11
CA LEU A 205 -38.42 24.64 -2.31
C LEU A 205 -38.72 23.42 -3.16
N ASN A 206 -39.73 23.54 -4.01
CA ASN A 206 -40.10 22.44 -4.90
C ASN A 206 -39.01 22.23 -5.95
N ALA A 207 -38.59 20.98 -6.13
CA ALA A 207 -37.50 20.63 -7.02
C ALA A 207 -37.98 20.04 -8.35
N LEU A 208 -39.29 20.03 -8.60
CA LEU A 208 -39.81 19.46 -9.84
C LEU A 208 -39.33 20.25 -11.05
N THR A 209 -39.31 21.58 -10.95
CA THR A 209 -38.85 22.40 -12.06
C THR A 209 -37.38 22.13 -12.37
N ALA A 210 -36.54 22.01 -11.33
CA ALA A 210 -35.14 21.69 -11.55
C ALA A 210 -34.98 20.30 -12.15
N ILE A 211 -35.79 19.35 -11.70
CA ILE A 211 -35.70 17.98 -12.23
C ILE A 211 -36.02 17.96 -13.73
N LYS A 212 -37.12 18.62 -14.12
CA LYS A 212 -37.51 18.58 -15.52
C LYS A 212 -36.55 19.41 -16.37
N TYR A 213 -36.03 20.52 -15.84
CA TYR A 213 -35.05 21.29 -16.57
C TYR A 213 -33.76 20.50 -16.79
N GLY A 214 -33.31 19.77 -15.76
CA GLY A 214 -32.13 18.93 -15.92
C GLY A 214 -32.35 17.80 -16.90
N PHE A 215 -33.54 17.20 -16.88
CA PHE A 215 -33.85 16.16 -17.86
C PHE A 215 -33.82 16.71 -19.28
N SER A 216 -34.41 17.89 -19.49
CA SER A 216 -34.42 18.48 -20.82
C SER A 216 -33.01 18.87 -21.27
N ASP A 217 -32.19 19.39 -20.35
CA ASP A 217 -30.81 19.72 -20.68
C ASP A 217 -30.02 18.47 -21.06
N MET A 218 -30.21 17.39 -20.29
CA MET A 218 -29.53 16.13 -20.61
C MET A 218 -29.98 15.60 -21.97
N GLY A 219 -31.27 15.72 -22.27
CA GLY A 219 -31.77 15.28 -23.56
C GLY A 219 -31.21 16.10 -24.72
N ASP A 220 -31.06 17.42 -24.51
CA ASP A 220 -30.46 18.24 -25.55
C ASP A 220 -28.97 17.96 -25.71
N ILE A 221 -28.30 17.55 -24.63
CA ILE A 221 -26.93 17.06 -24.75
C ILE A 221 -26.91 15.77 -25.58
N ILE A 222 -27.88 14.89 -25.35
CA ILE A 222 -28.00 13.67 -26.14
C ILE A 222 -28.19 14.02 -27.62
N LYS A 223 -29.04 15.00 -27.90
CA LYS A 223 -29.22 15.49 -29.27
C LYS A 223 -27.95 16.09 -29.86
N GLY A 224 -27.12 16.73 -29.05
CA GLY A 224 -26.04 17.54 -29.57
C GLY A 224 -26.44 18.96 -29.88
N THR A 225 -27.71 19.32 -29.71
CA THR A 225 -28.20 20.67 -29.94
C THR A 225 -28.18 21.52 -28.69
N ASP A 226 -27.65 21.01 -27.58
CA ASP A 226 -27.54 21.79 -26.35
C ASP A 226 -26.65 23.02 -26.58
N LEU A 227 -27.10 24.17 -26.10
CA LEU A 227 -26.39 25.43 -26.31
C LEU A 227 -25.15 25.50 -25.42
N ILE A 228 -24.18 24.65 -25.74
CA ILE A 228 -22.94 24.54 -24.98
C ILE A 228 -21.83 24.16 -25.95
N ASP A 229 -20.59 24.50 -25.58
CA ASP A 229 -19.42 24.16 -26.37
C ASP A 229 -18.56 23.11 -25.69
N TYR A 230 -19.19 22.18 -24.98
CA TYR A 230 -18.46 21.12 -24.31
C TYR A 230 -17.88 20.14 -25.31
N GLN A 231 -16.62 19.74 -25.08
CA GLN A 231 -16.09 18.58 -25.76
C GLN A 231 -16.70 17.29 -25.21
N ILE A 232 -17.14 17.32 -23.95
CA ILE A 232 -17.89 16.20 -23.38
C ILE A 232 -19.17 15.97 -24.18
N THR A 233 -19.88 17.05 -24.52
CA THR A 233 -21.05 16.92 -25.37
C THR A 233 -20.67 16.36 -26.74
N LYS A 234 -19.56 16.81 -27.30
CA LYS A 234 -19.09 16.26 -28.57
C LYS A 234 -18.71 14.79 -28.44
N ASN A 235 -18.09 14.41 -27.32
CA ASN A 235 -17.73 13.01 -27.11
C ASN A 235 -18.97 12.12 -27.01
N ILE A 236 -19.99 12.57 -26.27
CA ILE A 236 -21.22 11.79 -26.16
C ILE A 236 -21.94 11.74 -27.51
N ASN A 237 -21.89 12.83 -28.26
CA ASN A 237 -22.49 12.85 -29.59
C ASN A 237 -21.81 11.84 -30.51
N ARG A 238 -20.48 11.80 -30.49
CA ARG A 238 -19.75 10.82 -31.30
C ARG A 238 -20.03 9.40 -30.86
N ALA A 239 -20.12 9.17 -29.54
CA ALA A 239 -20.42 7.84 -29.04
C ALA A 239 -21.80 7.38 -29.47
N LEU A 240 -22.79 8.26 -29.40
CA LEU A 240 -24.14 7.90 -29.82
C LEU A 240 -24.21 7.70 -31.33
N ASP A 241 -23.44 8.49 -32.08
CA ASP A 241 -23.38 8.31 -33.53
C ASP A 241 -22.79 6.95 -33.89
N LYS A 242 -21.72 6.54 -33.19
CA LYS A 242 -21.13 5.24 -33.47
C LYS A 242 -21.99 4.10 -32.94
N ILE A 243 -22.87 4.38 -31.97
CA ILE A 243 -23.79 3.36 -31.48
C ILE A 243 -24.84 3.03 -32.54
N LEU A 244 -25.44 4.06 -33.13
CA LEU A 244 -26.53 3.85 -34.08
C LEU A 244 -26.04 3.70 -35.51
N GLY A 245 -24.82 4.14 -35.80
CA GLY A 245 -24.32 4.12 -37.16
C GLY A 245 -24.04 5.51 -37.69
N ASN A 246 -23.10 5.64 -38.62
CA ASN A 246 -22.70 6.95 -39.11
C ASN A 246 -23.42 7.27 -40.42
N GLU A 247 -24.03 8.47 -40.47
CA GLU A 247 -24.68 8.97 -41.67
C GLU A 247 -24.36 10.44 -41.85
N THR A 248 -25.08 11.12 -42.76
CA THR A 248 -24.90 12.54 -42.95
C THR A 248 -25.37 13.31 -41.71
N SER A 249 -25.02 14.60 -41.65
CA SER A 249 -25.23 15.39 -40.45
C SER A 249 -26.71 15.51 -40.11
N ASN A 250 -27.53 15.93 -41.08
CA ASN A 250 -28.95 16.07 -40.82
C ASN A 250 -29.60 14.72 -40.51
N ASP A 251 -29.19 13.67 -41.23
CA ASP A 251 -29.75 12.35 -40.99
C ASP A 251 -29.41 11.84 -39.59
N LYS A 252 -28.16 12.00 -39.16
CA LYS A 252 -27.79 11.51 -37.83
C LYS A 252 -28.42 12.36 -36.74
N ILE A 253 -28.58 13.67 -36.98
CA ILE A 253 -29.28 14.53 -36.02
C ILE A 253 -30.72 14.07 -35.85
N LYS A 254 -31.41 13.81 -36.97
CA LYS A 254 -32.80 13.38 -36.91
C LYS A 254 -32.92 12.00 -36.24
N LYS A 255 -31.98 11.10 -36.55
CA LYS A 255 -32.02 9.77 -35.93
C LYS A 255 -31.77 9.85 -34.43
N ARG A 256 -30.85 10.72 -33.99
CA ARG A 256 -30.61 10.88 -32.57
C ARG A 256 -31.82 11.50 -31.87
N VAL A 257 -32.47 12.45 -32.54
CA VAL A 257 -33.71 13.03 -31.99
C VAL A 257 -34.77 11.96 -31.81
N ASP A 258 -34.94 11.10 -32.83
CA ASP A 258 -35.93 10.03 -32.75
C ASP A 258 -35.57 9.04 -31.64
N TRP A 259 -34.28 8.70 -31.51
CA TRP A 259 -33.86 7.76 -30.48
C TRP A 259 -34.12 8.32 -29.09
N TRP A 260 -33.82 9.60 -28.87
CA TRP A 260 -34.07 10.17 -27.55
C TRP A 260 -35.57 10.29 -27.28
N GLU A 261 -36.35 10.64 -28.30
CA GLU A 261 -37.80 10.70 -28.12
C GLU A 261 -38.37 9.34 -27.78
N ALA A 262 -37.77 8.27 -28.31
CA ALA A 262 -38.24 6.93 -28.01
C ALA A 262 -37.80 6.48 -26.61
N ASN A 263 -36.58 6.83 -26.21
CA ASN A 263 -35.97 6.28 -25.01
C ASN A 263 -35.95 7.24 -23.82
N LYS A 264 -36.64 8.37 -23.92
CA LYS A 264 -36.72 9.28 -22.77
C LYS A 264 -37.54 8.72 -21.62
N SER A 265 -38.32 7.67 -21.85
CA SER A 265 -39.24 7.16 -20.84
C SER A 265 -38.50 6.64 -19.62
N ALA A 266 -37.47 5.82 -19.85
CA ALA A 266 -36.68 5.29 -18.74
C ALA A 266 -35.95 6.40 -18.00
N PHE A 267 -35.41 7.38 -18.72
CA PHE A 267 -34.68 8.47 -18.08
C PHE A 267 -35.59 9.28 -17.17
N TRP A 268 -36.77 9.61 -17.68
CA TRP A 268 -37.76 10.38 -16.92
C TRP A 268 -38.33 9.57 -15.76
N ASP A 269 -38.52 8.26 -15.94
CA ASP A 269 -38.91 7.39 -14.83
C ASP A 269 -37.84 7.35 -13.75
N ALA A 270 -36.56 7.33 -14.13
CA ALA A 270 -35.50 7.40 -13.12
C ALA A 270 -35.53 8.74 -12.39
N PHE A 271 -35.85 9.82 -13.11
CA PHE A 271 -35.97 11.11 -12.45
C PHE A 271 -37.09 11.10 -11.41
N MET A 272 -38.24 10.52 -11.72
CA MET A 272 -39.25 10.44 -10.66
C MET A 272 -38.96 9.34 -9.65
N CYS A 273 -38.06 8.41 -9.96
CA CYS A 273 -37.57 7.51 -8.92
C CYS A 273 -36.82 8.30 -7.85
N GLY A 274 -35.93 9.18 -8.30
CA GLY A 274 -35.26 10.07 -7.36
C GLY A 274 -36.22 11.04 -6.69
N TYR A 275 -37.32 11.37 -7.36
CA TYR A 275 -38.32 12.27 -6.79
C TYR A 275 -39.16 11.56 -5.73
N LYS A 276 -39.51 10.30 -5.99
CA LYS A 276 -40.44 9.54 -5.16
C LYS A 276 -39.73 8.81 -4.03
N VAL A 277 -38.40 8.73 -4.06
CA VAL A 277 -37.69 8.24 -2.89
C VAL A 277 -37.86 9.21 -1.72
N HIS A 278 -38.27 10.45 -2.00
CA HIS A 278 -38.56 11.43 -0.97
C HIS A 278 -40.04 11.77 -0.84
N ILE A 279 -40.73 12.06 -1.96
CA ILE A 279 -42.12 12.51 -1.83
C ILE A 279 -43.03 11.37 -1.40
N GLY A 280 -42.81 10.16 -1.92
CA GLY A 280 -43.54 9.00 -1.45
C GLY A 280 -44.96 8.84 -1.93
N ASN A 281 -45.93 9.10 -1.04
CA ASN A 281 -47.31 8.70 -1.29
C ASN A 281 -48.00 9.61 -2.30
N LYS A 282 -47.57 10.87 -2.41
CA LYS A 282 -48.26 11.81 -3.26
C LYS A 282 -48.09 11.42 -4.73
N PRO A 283 -49.09 11.67 -5.57
CA PRO A 283 -49.02 11.20 -6.97
C PRO A 283 -47.88 11.84 -7.76
N CYS A 284 -47.37 11.07 -8.70
CA CYS A 284 -46.32 11.56 -9.59
C CYS A 284 -46.90 12.60 -10.56
N PRO A 285 -46.15 13.66 -10.85
CA PRO A 285 -46.63 14.67 -11.81
C PRO A 285 -46.51 14.17 -13.24
N GLU A 286 -47.10 14.94 -14.15
CA GLU A 286 -47.17 14.57 -15.55
C GLU A 286 -45.97 15.14 -16.31
N HIS A 287 -45.67 14.55 -17.46
CA HIS A 287 -44.45 14.87 -18.21
C HIS A 287 -44.44 16.32 -18.68
N ASP A 288 -45.59 16.84 -19.08
CA ASP A 288 -45.83 18.21 -19.55
C ASP A 288 -45.25 18.45 -20.95
N ASN A 289 -44.48 17.48 -21.44
CA ASN A 289 -43.97 17.43 -22.83
C ASN A 289 -43.45 18.78 -23.31
N MET A 290 -42.44 19.30 -22.61
CA MET A 290 -41.78 20.51 -23.09
C MET A 290 -40.49 20.21 -23.81
N ASP A 291 -40.25 18.96 -24.20
CA ASP A 291 -38.99 18.59 -24.84
C ASP A 291 -38.82 19.27 -26.19
N ARG A 292 -39.93 19.63 -26.84
CA ARG A 292 -39.85 20.39 -28.08
C ARG A 292 -39.37 21.82 -27.85
N ILE A 293 -39.52 22.34 -26.64
CA ILE A 293 -39.01 23.68 -26.32
C ILE A 293 -37.49 23.63 -26.27
N PRO A 294 -36.78 24.50 -26.99
CA PRO A 294 -35.32 24.42 -27.05
C PRO A 294 -34.67 24.90 -25.76
N GLN A 295 -33.33 24.91 -25.81
CA GLN A 295 -32.54 25.19 -24.62
C GLN A 295 -32.70 26.64 -24.17
N TYR A 296 -32.70 27.59 -25.11
CA TYR A 296 -32.60 28.99 -24.72
C TYR A 296 -33.90 29.48 -24.11
N LEU A 297 -35.05 29.01 -24.62
CA LEU A 297 -36.33 29.37 -24.02
C LEU A 297 -36.45 28.83 -22.60
N ARG A 298 -35.98 27.60 -22.37
CA ARG A 298 -36.01 27.03 -21.03
C ARG A 298 -35.07 27.79 -20.09
N TRP A 299 -33.92 28.24 -20.60
CA TRP A 299 -33.04 29.06 -19.78
C TRP A 299 -33.69 30.42 -19.49
N PHE A 300 -34.42 30.97 -20.46
CA PHE A 300 -35.18 32.19 -20.25
C PHE A 300 -36.22 32.01 -19.15
N ARG A 301 -36.92 30.88 -19.16
CA ARG A 301 -37.94 30.62 -18.15
C ARG A 301 -37.31 30.44 -16.76
N GLU A 302 -36.19 29.72 -16.69
CA GLU A 302 -35.50 29.55 -15.43
C GLU A 302 -34.99 30.88 -14.88
N TRP A 303 -34.40 31.71 -15.76
CA TRP A 303 -33.93 33.03 -15.34
C TRP A 303 -35.09 33.89 -14.88
N GLY A 304 -36.22 33.85 -15.60
CA GLY A 304 -37.36 34.63 -15.21
C GLY A 304 -37.93 34.21 -13.86
N THR A 305 -38.03 32.90 -13.62
CA THR A 305 -38.50 32.42 -12.32
C THR A 305 -37.58 32.83 -11.20
N TYR A 306 -36.27 32.67 -11.40
CA TYR A 306 -35.29 33.05 -10.37
C TYR A 306 -35.35 34.55 -10.09
N VAL A 307 -35.35 35.36 -11.15
CA VAL A 307 -35.28 36.80 -10.95
C VAL A 307 -36.60 37.33 -10.42
N CYS A 308 -37.71 36.63 -10.72
CA CYS A 308 -39.00 37.01 -10.18
C CYS A 308 -39.08 36.69 -8.69
N SER A 309 -38.53 35.54 -8.27
CA SER A 309 -38.47 35.25 -6.85
C SER A 309 -37.61 36.28 -6.10
N GLU A 310 -36.46 36.63 -6.68
CA GLU A 310 -35.62 37.63 -6.04
C GLU A 310 -36.26 39.01 -6.03
N TYR A 311 -36.99 39.37 -7.10
CA TYR A 311 -37.74 40.62 -7.08
C TYR A 311 -38.85 40.58 -6.04
N LYS A 312 -39.51 39.45 -5.85
CA LYS A 312 -40.49 39.32 -4.78
C LYS A 312 -39.84 39.60 -3.43
N ASN A 313 -38.69 38.98 -3.17
CA ASN A 313 -38.01 39.17 -1.89
C ASN A 313 -37.59 40.62 -1.69
N LYS A 314 -36.89 41.19 -2.68
CA LYS A 314 -36.37 42.55 -2.55
C LYS A 314 -37.50 43.57 -2.50
N PHE A 315 -38.57 43.37 -3.26
CA PHE A 315 -39.69 44.28 -3.21
C PHE A 315 -40.43 44.20 -1.88
N GLU A 316 -40.56 43.00 -1.32
CA GLU A 316 -41.12 42.87 0.02
C GLU A 316 -40.28 43.63 1.03
N ASN A 317 -38.96 43.49 0.95
CA ASN A 317 -38.09 44.21 1.89
C ASN A 317 -38.22 45.72 1.73
N VAL A 318 -38.16 46.22 0.48
CA VAL A 318 -38.17 47.66 0.27
C VAL A 318 -39.52 48.25 0.66
N ILE A 319 -40.61 47.50 0.44
CA ILE A 319 -41.91 47.95 0.91
C ILE A 319 -41.92 48.02 2.44
N GLU A 320 -41.59 46.90 3.10
CA GLU A 320 -41.69 46.83 4.55
C GLU A 320 -40.81 47.87 5.24
N LEU A 321 -39.73 48.28 4.58
CA LEU A 321 -38.89 49.33 5.14
C LEU A 321 -39.36 50.74 4.77
N CYS A 322 -39.42 51.07 3.48
CA CYS A 322 -39.65 52.45 3.08
C CYS A 322 -41.10 52.88 3.26
N ASN A 323 -42.05 52.01 2.91
CA ASN A 323 -43.46 52.44 2.88
C ASN A 323 -43.95 52.80 4.28
N VAL A 324 -43.56 52.03 5.29
CA VAL A 324 -43.93 52.35 6.66
C VAL A 324 -43.04 53.46 7.21
N ARG A 325 -41.72 53.32 7.03
CA ARG A 325 -40.78 54.31 7.52
C ARG A 325 -40.07 55.02 6.37
N LYS A 340 -37.17 59.26 5.69
CA LYS A 340 -36.23 58.40 4.98
C LYS A 340 -35.15 57.87 5.92
N GLU A 341 -35.38 56.69 6.48
CA GLU A 341 -34.41 56.07 7.37
C GLU A 341 -33.18 55.63 6.59
N ASP A 342 -32.03 55.61 7.28
CA ASP A 342 -30.78 55.23 6.64
C ASP A 342 -30.83 53.78 6.16
N LYS A 343 -31.44 52.90 6.95
CA LYS A 343 -31.58 51.50 6.52
C LYS A 343 -32.51 51.39 5.31
N CYS A 344 -33.55 52.23 5.27
CA CYS A 344 -34.41 52.27 4.09
C CYS A 344 -33.65 52.75 2.87
N LYS A 345 -32.79 53.76 3.04
CA LYS A 345 -31.95 54.22 1.95
C LYS A 345 -31.01 53.12 1.47
N GLY A 346 -30.47 52.34 2.41
CA GLY A 346 -29.66 51.19 2.02
C GLY A 346 -30.45 50.16 1.26
N ALA A 347 -31.72 49.94 1.64
CA ALA A 347 -32.57 49.00 0.92
C ALA A 347 -32.81 49.48 -0.52
N LEU A 348 -33.09 50.78 -0.69
CA LEU A 348 -33.22 51.33 -2.04
C LEU A 348 -31.93 51.19 -2.83
N LYS A 349 -30.77 51.40 -2.18
CA LYS A 349 -29.50 51.26 -2.88
C LYS A 349 -29.25 49.82 -3.31
N HIS A 350 -29.60 48.85 -2.46
CA HIS A 350 -29.49 47.44 -2.85
C HIS A 350 -30.41 47.12 -4.02
N TYR A 351 -31.64 47.63 -3.99
CA TYR A 351 -32.55 47.40 -5.11
C TYR A 351 -32.02 48.00 -6.40
N GLU A 352 -31.46 49.22 -6.31
CA GLU A 352 -30.87 49.87 -7.48
C GLU A 352 -29.69 49.07 -8.02
N GLU A 353 -28.83 48.58 -7.13
CA GLU A 353 -27.70 47.75 -7.56
C GLU A 353 -28.18 46.50 -8.26
N TRP A 354 -29.22 45.84 -7.73
CA TRP A 354 -29.66 44.59 -8.33
C TRP A 354 -30.31 44.82 -9.68
N VAL A 355 -31.13 45.88 -9.81
CA VAL A 355 -31.75 46.13 -11.11
C VAL A 355 -30.70 46.54 -12.14
N ASN A 356 -29.67 47.29 -11.70
CA ASN A 356 -28.59 47.64 -12.61
C ASN A 356 -27.80 46.41 -13.04
N ARG A 357 -27.64 45.44 -12.13
CA ARG A 357 -26.99 44.18 -12.49
C ARG A 357 -27.83 43.38 -13.47
N ARG A 358 -29.14 43.35 -13.28
CA ARG A 358 -30.00 42.45 -14.03
C ARG A 358 -30.51 43.01 -15.35
N ARG A 359 -30.40 44.32 -15.57
CA ARG A 359 -30.88 44.89 -16.83
C ARG A 359 -30.14 44.37 -18.07
N PRO A 360 -28.80 44.31 -18.12
CA PRO A 360 -28.16 43.77 -19.34
C PRO A 360 -28.54 42.33 -19.65
N GLU A 361 -28.79 41.51 -18.61
CA GLU A 361 -29.25 40.15 -18.83
C GLU A 361 -30.58 40.14 -19.56
N TRP A 362 -31.52 40.99 -19.11
CA TRP A 362 -32.81 41.08 -19.79
C TRP A 362 -32.64 41.58 -21.21
N LYS A 363 -31.77 42.58 -21.42
CA LYS A 363 -31.57 43.11 -22.77
C LYS A 363 -31.06 42.03 -23.71
N GLY A 364 -30.06 41.27 -23.28
CA GLY A 364 -29.51 40.22 -24.12
C GLY A 364 -30.51 39.11 -24.39
N GLN A 365 -31.22 38.66 -23.36
CA GLN A 365 -32.18 37.58 -23.55
C GLN A 365 -33.35 38.01 -24.43
N CYS A 366 -33.85 39.24 -24.25
CA CYS A 366 -34.92 39.74 -25.10
C CYS A 366 -34.44 39.91 -26.54
N ASP A 367 -33.19 40.34 -26.74
CA ASP A 367 -32.67 40.44 -28.10
C ASP A 367 -32.61 39.06 -28.76
N LYS A 368 -32.15 38.06 -28.01
CA LYS A 368 -32.13 36.69 -28.53
C LYS A 368 -33.53 36.20 -28.89
N PHE A 369 -34.50 36.51 -28.04
CA PHE A 369 -35.90 36.14 -28.32
C PHE A 369 -36.37 36.81 -29.59
N GLU A 370 -36.02 38.08 -29.80
CA GLU A 370 -36.43 38.80 -31.00
C GLU A 370 -35.79 38.19 -32.25
N LYS A 371 -34.54 37.75 -32.16
CA LYS A 371 -33.88 37.14 -33.33
C LYS A 371 -34.48 35.78 -33.68
N GLU A 372 -34.71 34.91 -32.68
CA GLU A 372 -35.27 33.58 -32.92
C GLU A 372 -36.80 33.58 -32.77
N LYS A 373 -37.41 34.75 -32.96
CA LYS A 373 -38.85 34.95 -32.78
C LYS A 373 -39.73 34.05 -33.63
N SER A 374 -39.45 33.93 -34.92
CA SER A 374 -40.52 33.56 -35.85
C SER A 374 -40.65 32.06 -36.08
N LYS A 375 -39.89 31.22 -35.37
CA LYS A 375 -39.70 29.86 -35.86
C LYS A 375 -40.60 28.84 -35.16
N TYR A 376 -41.15 29.16 -33.98
CA TYR A 376 -42.22 28.36 -33.38
C TYR A 376 -43.52 29.13 -33.24
N GLU A 377 -44.61 28.36 -33.12
CA GLU A 377 -45.95 28.89 -32.92
C GLU A 377 -46.17 29.42 -31.50
N ASP A 378 -45.64 28.73 -30.47
CA ASP A 378 -45.81 29.17 -29.10
C ASP A 378 -45.16 30.52 -28.84
N THR A 379 -44.09 30.83 -29.56
CA THR A 379 -43.36 32.07 -29.38
C THR A 379 -43.84 33.17 -30.32
N LYS A 380 -44.94 32.95 -31.05
CA LYS A 380 -45.47 33.97 -31.94
C LYS A 380 -45.98 35.22 -31.23
N SER A 381 -46.15 35.17 -29.91
CA SER A 381 -46.52 36.34 -29.12
C SER A 381 -45.32 37.30 -29.12
N ARG A 382 -45.56 38.56 -29.48
CA ARG A 382 -44.48 39.45 -29.88
C ARG A 382 -43.51 39.82 -28.76
N THR A 383 -43.98 40.25 -27.60
CA THR A 383 -43.05 40.65 -26.54
C THR A 383 -42.62 39.43 -25.74
N ALA A 384 -41.33 39.40 -25.37
CA ALA A 384 -40.78 38.23 -24.67
C ALA A 384 -41.33 38.11 -23.25
N GLU A 385 -41.58 39.25 -22.61
CA GLU A 385 -42.09 39.23 -21.25
C GLU A 385 -43.46 38.57 -21.16
N ILE A 386 -44.34 38.81 -22.15
CA ILE A 386 -45.63 38.15 -22.09
C ILE A 386 -45.51 36.66 -22.44
N TYR A 387 -44.50 36.28 -23.23
CA TYR A 387 -44.22 34.87 -23.43
C TYR A 387 -43.82 34.20 -22.14
N LEU A 388 -42.99 34.87 -21.34
CA LEU A 388 -42.65 34.35 -20.02
C LEU A 388 -43.90 34.28 -19.14
N LYS A 389 -44.74 35.33 -19.19
CA LYS A 389 -45.88 35.41 -18.29
C LYS A 389 -46.98 34.42 -18.66
N GLU A 390 -47.26 34.26 -19.95
CA GLU A 390 -48.50 33.61 -20.34
C GLU A 390 -48.46 32.09 -20.18
N ILE A 391 -47.26 31.50 -20.17
CA ILE A 391 -47.21 30.04 -20.18
C ILE A 391 -46.99 29.45 -18.79
N CYS A 392 -45.80 29.65 -18.22
CA CYS A 392 -45.39 28.89 -17.05
C CYS A 392 -44.20 29.57 -16.38
N SER A 393 -43.92 29.13 -15.14
CA SER A 393 -42.64 29.35 -14.46
C SER A 393 -42.35 30.83 -14.26
N GLU A 394 -43.29 31.54 -13.64
CA GLU A 394 -43.17 32.97 -13.43
C GLU A 394 -44.19 33.43 -12.41
N CYS A 395 -43.97 34.61 -11.84
CA CYS A 395 -44.80 35.13 -10.75
C CYS A 395 -45.75 36.25 -11.16
N ASP A 396 -45.68 36.72 -12.41
CA ASP A 396 -46.55 37.79 -12.92
C ASP A 396 -46.42 39.06 -12.07
N CYS A 397 -45.18 39.44 -11.77
CA CYS A 397 -44.92 40.61 -10.95
C CYS A 397 -44.13 41.70 -11.67
N LYS A 398 -42.96 41.36 -12.22
CA LYS A 398 -42.07 42.36 -12.81
C LYS A 398 -41.51 41.82 -14.12
N TYR A 399 -41.16 42.73 -15.02
CA TYR A 399 -40.66 42.38 -16.36
C TYR A 399 -39.44 43.19 -16.79
N LYS A 400 -39.11 44.27 -16.08
CA LYS A 400 -37.92 45.09 -16.36
C LYS A 400 -37.91 45.66 -17.78
N ASP A 401 -39.08 46.09 -18.26
CA ASP A 401 -39.13 46.72 -19.58
C ASP A 401 -38.47 48.10 -19.54
N LEU A 402 -37.72 48.41 -20.60
CA LEU A 402 -37.12 49.74 -20.70
C LEU A 402 -38.16 50.81 -20.99
N ASP A 403 -39.33 50.41 -21.49
CA ASP A 403 -40.40 51.35 -21.78
C ASP A 403 -41.19 51.67 -20.52
N ILE B 152 -2.15 70.98 -29.71
CA ILE B 152 -3.12 71.21 -28.65
C ILE B 152 -3.79 69.89 -28.24
N ARG B 153 -3.47 69.43 -27.04
CA ARG B 153 -4.01 68.18 -26.50
C ARG B 153 -4.71 68.46 -25.19
N VAL B 154 -5.93 67.96 -25.04
CA VAL B 154 -6.73 68.16 -23.83
C VAL B 154 -7.31 66.82 -23.41
N PHE B 155 -7.26 66.55 -22.10
CA PHE B 155 -7.79 65.32 -21.55
C PHE B 155 -8.38 65.59 -20.16
N ALA B 156 -9.53 64.98 -19.91
CA ALA B 156 -10.17 65.01 -18.59
C ALA B 156 -10.17 63.59 -18.03
N ILE B 157 -9.55 63.41 -16.87
CA ILE B 157 -9.37 62.11 -16.25
C ILE B 157 -10.33 62.00 -15.07
N PRO B 158 -11.27 61.05 -15.08
CA PRO B 158 -12.13 60.88 -13.92
C PRO B 158 -11.33 60.43 -12.72
N PRO B 159 -11.73 60.82 -11.51
CA PRO B 159 -11.06 60.29 -10.31
C PRO B 159 -11.44 58.83 -10.10
N SER B 160 -10.43 57.97 -10.03
CA SER B 160 -10.67 56.56 -9.79
C SER B 160 -11.13 56.33 -8.35
N PHE B 161 -11.65 55.13 -8.10
CA PHE B 161 -12.16 54.83 -6.76
C PHE B 161 -11.05 54.85 -5.71
N ALA B 162 -9.80 54.62 -6.13
CA ALA B 162 -8.68 54.80 -5.23
C ALA B 162 -8.55 56.25 -4.79
N SER B 163 -8.73 57.19 -5.73
CA SER B 163 -8.71 58.61 -5.38
C SER B 163 -9.88 58.96 -4.46
N ILE B 164 -11.02 58.29 -4.65
CA ILE B 164 -12.17 58.52 -3.78
C ILE B 164 -11.90 57.95 -2.39
N PHE B 165 -11.28 56.78 -2.32
CA PHE B 165 -11.12 56.10 -1.04
C PHE B 165 -9.88 56.57 -0.29
N LEU B 166 -8.70 56.43 -0.92
CA LEU B 166 -7.45 56.69 -0.21
C LEU B 166 -7.29 58.19 0.09
N THR B 167 -7.49 59.04 -0.91
CA THR B 167 -7.31 60.47 -0.71
C THR B 167 -8.49 61.12 0.02
N LYS B 168 -9.64 60.44 0.07
CA LYS B 168 -10.85 60.92 0.73
C LYS B 168 -11.35 62.24 0.13
N SER B 169 -10.89 62.57 -1.07
CA SER B 169 -11.28 63.80 -1.75
C SER B 169 -11.39 63.53 -3.24
N THR B 170 -12.43 64.09 -3.85
CA THR B 170 -12.65 63.94 -5.28
C THR B 170 -11.99 65.11 -6.01
N LYS B 171 -10.97 64.80 -6.82
CA LYS B 171 -10.20 65.81 -7.52
C LYS B 171 -10.36 65.61 -9.02
N LEU B 172 -11.03 66.56 -9.67
CA LEU B 172 -11.19 66.55 -11.12
C LEU B 172 -10.04 67.28 -11.78
N THR B 173 -9.46 66.67 -12.81
CA THR B 173 -8.38 67.26 -13.59
C THR B 173 -8.76 67.26 -15.05
N CYS B 174 -8.79 68.43 -15.68
CA CYS B 174 -8.89 68.56 -17.13
C CYS B 174 -7.58 69.16 -17.61
N LEU B 175 -6.67 68.29 -18.04
CA LEU B 175 -5.32 68.70 -18.40
C LEU B 175 -5.27 69.15 -19.86
N VAL B 176 -4.59 70.27 -20.10
CA VAL B 176 -4.35 70.78 -21.44
C VAL B 176 -2.84 70.84 -21.63
N THR B 177 -2.34 70.08 -22.60
CA THR B 177 -0.91 69.93 -22.78
C THR B 177 -0.54 70.06 -24.26
N ASP B 178 0.75 70.27 -24.51
CA ASP B 178 1.33 70.36 -25.85
C ASP B 178 0.70 71.50 -26.66
N LEU B 179 0.89 72.71 -26.15
CA LEU B 179 0.40 73.91 -26.82
C LEU B 179 1.23 75.10 -26.36
N THR B 180 0.95 76.26 -26.94
CA THR B 180 1.69 77.47 -26.60
C THR B 180 1.26 78.01 -25.24
N THR B 181 2.13 78.81 -24.63
CA THR B 181 1.94 79.33 -23.28
C THR B 181 1.42 80.77 -23.33
N TYR B 182 0.29 81.01 -22.69
CA TYR B 182 -0.24 82.37 -22.53
C TYR B 182 -0.50 82.76 -21.08
N ASP B 183 -0.51 81.80 -20.14
CA ASP B 183 -0.74 82.05 -18.71
C ASP B 183 -2.05 82.76 -18.43
N SER B 184 -3.11 82.42 -19.15
CA SER B 184 -4.43 83.02 -18.95
C SER B 184 -5.47 81.98 -18.57
N VAL B 185 -5.08 81.01 -17.75
CA VAL B 185 -5.94 79.90 -17.37
C VAL B 185 -6.68 80.25 -16.09
N THR B 186 -8.01 80.25 -16.15
CA THR B 186 -8.85 80.44 -14.97
C THR B 186 -10.09 79.59 -15.19
N ILE B 187 -10.07 78.37 -14.65
CA ILE B 187 -11.12 77.39 -14.87
C ILE B 187 -11.75 77.03 -13.54
N SER B 188 -13.07 77.18 -13.46
CA SER B 188 -13.85 76.76 -12.31
C SER B 188 -14.78 75.64 -12.76
N TRP B 189 -14.73 74.52 -12.05
CA TRP B 189 -15.51 73.35 -12.45
C TRP B 189 -17.00 73.60 -12.28
N THR B 190 -17.72 73.56 -13.40
CA THR B 190 -19.15 73.82 -13.39
C THR B 190 -19.91 72.56 -12.95
N ARG B 191 -20.87 72.77 -12.05
CA ARG B 191 -21.74 71.69 -11.60
C ARG B 191 -22.83 71.45 -12.64
N GLN B 192 -23.88 70.70 -12.26
CA GLN B 192 -25.02 70.52 -13.13
C GLN B 192 -25.70 71.86 -13.42
N ASN B 193 -25.81 72.71 -12.40
CA ASN B 193 -26.30 74.07 -12.58
C ASN B 193 -25.13 74.99 -12.93
N GLY B 194 -25.38 76.30 -12.91
CA GLY B 194 -24.37 77.24 -13.38
C GLY B 194 -23.25 77.50 -12.40
N GLU B 195 -23.47 77.21 -11.12
CA GLU B 195 -22.48 77.54 -10.10
C GLU B 195 -21.28 76.60 -10.17
N ALA B 196 -20.19 77.03 -9.55
CA ALA B 196 -18.94 76.29 -9.52
C ALA B 196 -18.51 76.07 -8.08
N VAL B 197 -17.58 75.13 -7.90
CA VAL B 197 -17.18 74.71 -6.56
C VAL B 197 -15.82 75.25 -6.15
N LYS B 198 -14.82 75.16 -7.03
CA LYS B 198 -13.45 75.51 -6.66
C LYS B 198 -12.61 75.68 -7.92
N THR B 199 -11.62 76.56 -7.83
CA THR B 199 -10.71 76.82 -8.95
C THR B 199 -9.51 75.88 -8.91
N HIS B 200 -8.87 75.73 -10.06
CA HIS B 200 -7.69 74.90 -10.19
C HIS B 200 -6.46 75.57 -9.56
N THR B 201 -5.40 74.78 -9.39
CA THR B 201 -4.21 75.23 -8.68
C THR B 201 -2.98 74.61 -9.35
N ASN B 202 -1.84 75.30 -9.21
CA ASN B 202 -0.52 74.81 -9.62
C ASN B 202 -0.43 74.58 -11.13
N ILE B 203 -0.58 75.64 -11.92
CA ILE B 203 -0.38 75.57 -13.36
C ILE B 203 1.09 75.80 -13.67
N SER B 204 1.68 74.92 -14.48
CA SER B 204 3.08 75.00 -14.85
C SER B 204 3.20 75.60 -16.24
N GLU B 205 4.04 76.64 -16.36
CA GLU B 205 4.26 77.32 -17.63
C GLU B 205 5.45 76.75 -18.40
N SER B 206 5.81 75.49 -18.14
CA SER B 206 6.91 74.85 -18.82
C SER B 206 6.60 73.39 -19.06
N HIS B 207 7.22 72.82 -20.08
CA HIS B 207 7.04 71.43 -20.47
C HIS B 207 8.38 70.88 -20.93
N PRO B 208 8.58 69.57 -20.85
CA PRO B 208 9.83 68.99 -21.38
C PRO B 208 10.07 69.28 -22.85
N ASN B 209 9.02 69.43 -23.66
CA ASN B 209 9.16 69.76 -25.08
C ASN B 209 8.88 71.24 -25.35
N ALA B 210 9.03 72.07 -24.32
CA ALA B 210 8.86 73.53 -24.41
C ALA B 210 7.46 73.89 -24.92
N THR B 211 6.47 73.46 -24.15
CA THR B 211 5.07 73.76 -24.45
C THR B 211 4.36 74.09 -23.14
N PHE B 212 3.04 74.12 -23.17
CA PHE B 212 2.22 74.46 -22.02
C PHE B 212 1.62 73.19 -21.44
N SER B 213 1.65 73.06 -20.11
CA SER B 213 1.05 71.94 -19.41
C SER B 213 0.10 72.48 -18.35
N ALA B 214 -1.18 72.11 -18.45
CA ALA B 214 -2.20 72.58 -17.53
C ALA B 214 -2.77 71.40 -16.76
N VAL B 215 -3.30 71.70 -15.56
CA VAL B 215 -3.93 70.70 -14.70
C VAL B 215 -5.21 71.29 -14.13
N GLY B 216 -6.06 70.40 -13.61
CA GLY B 216 -7.28 70.81 -12.95
C GLY B 216 -7.32 70.39 -11.50
N GLU B 217 -8.13 71.08 -10.69
CA GLU B 217 -8.22 70.76 -9.27
C GLU B 217 -9.56 71.25 -8.73
N ALA B 218 -10.23 70.40 -7.96
CA ALA B 218 -11.51 70.75 -7.34
C ALA B 218 -11.75 69.80 -6.17
N SER B 219 -12.79 70.11 -5.40
CA SER B 219 -13.20 69.31 -4.24
C SER B 219 -14.72 69.21 -4.25
N ILE B 220 -15.24 68.13 -4.83
CA ILE B 220 -16.67 67.89 -4.91
C ILE B 220 -17.05 66.83 -3.90
N CYS B 221 -18.20 67.02 -3.25
CA CYS B 221 -18.68 66.05 -2.26
C CYS B 221 -18.97 64.71 -2.93
N GLU B 222 -18.75 63.63 -2.16
CA GLU B 222 -18.91 62.28 -2.71
C GLU B 222 -20.36 61.96 -3.02
N ASP B 223 -21.30 62.56 -2.28
CA ASP B 223 -22.72 62.32 -2.55
C ASP B 223 -23.12 62.84 -3.93
N ASP B 224 -22.48 63.92 -4.38
CA ASP B 224 -22.74 64.41 -5.74
C ASP B 224 -22.31 63.38 -6.77
N TRP B 225 -21.16 62.73 -6.55
CA TRP B 225 -20.71 61.69 -7.46
C TRP B 225 -21.61 60.46 -7.40
N ASN B 226 -22.12 60.14 -6.21
CA ASN B 226 -23.11 59.07 -6.11
C ASN B 226 -24.38 59.41 -6.86
N SER B 227 -24.75 60.69 -6.89
CA SER B 227 -25.91 61.13 -7.66
C SER B 227 -25.65 61.07 -9.17
N GLY B 228 -24.40 61.20 -9.59
CA GLY B 228 -24.07 61.13 -11.00
C GLY B 228 -24.37 62.38 -11.80
N GLU B 229 -24.30 63.56 -11.17
CA GLU B 229 -24.55 64.80 -11.88
C GLU B 229 -23.44 65.09 -12.89
N ARG B 230 -23.82 65.61 -14.04
CA ARG B 230 -22.86 65.86 -15.11
C ARG B 230 -22.00 67.08 -14.80
N PHE B 231 -20.69 66.93 -14.96
CA PHE B 231 -19.72 68.00 -14.74
C PHE B 231 -18.98 68.28 -16.05
N THR B 232 -18.57 69.53 -16.24
CA THR B 232 -17.84 69.94 -17.43
C THR B 232 -16.69 70.87 -17.06
N CYS B 233 -15.65 70.84 -17.87
CA CYS B 233 -14.51 71.74 -17.75
C CYS B 233 -14.47 72.65 -18.98
N THR B 234 -14.63 73.95 -18.76
CA THR B 234 -14.55 74.95 -19.81
C THR B 234 -13.28 75.77 -19.63
N VAL B 235 -12.60 76.06 -20.73
CA VAL B 235 -11.30 76.73 -20.71
C VAL B 235 -11.48 78.22 -20.91
N THR B 236 -10.70 79.01 -20.17
CA THR B 236 -10.61 80.45 -20.37
C THR B 236 -9.31 80.83 -21.07
N HIS B 237 -8.35 79.90 -21.16
CA HIS B 237 -7.04 80.21 -21.71
C HIS B 237 -7.17 80.60 -23.18
N THR B 238 -6.35 81.57 -23.60
CA THR B 238 -6.70 82.43 -24.72
C THR B 238 -6.35 81.86 -26.09
N ASP B 239 -5.64 80.73 -26.16
CA ASP B 239 -5.27 80.20 -27.47
C ASP B 239 -6.50 79.70 -28.23
N LEU B 240 -7.45 79.12 -27.52
CA LEU B 240 -8.68 78.65 -28.16
C LEU B 240 -9.64 79.83 -28.32
N PRO B 241 -10.03 80.17 -29.55
CA PRO B 241 -11.02 81.25 -29.73
C PRO B 241 -12.36 80.94 -29.08
N SER B 242 -12.78 79.68 -29.07
CA SER B 242 -14.00 79.26 -28.42
C SER B 242 -13.67 78.27 -27.31
N PRO B 243 -14.25 78.43 -26.12
CA PRO B 243 -13.96 77.47 -25.04
C PRO B 243 -14.43 76.07 -25.38
N LEU B 244 -13.65 75.08 -24.96
CA LEU B 244 -13.98 73.68 -25.17
C LEU B 244 -14.57 73.09 -23.90
N LYS B 245 -15.63 72.30 -24.07
CA LYS B 245 -16.34 71.70 -22.95
C LYS B 245 -16.16 70.19 -23.00
N GLN B 246 -15.72 69.61 -21.88
CA GLN B 246 -15.57 68.17 -21.73
C GLN B 246 -16.52 67.71 -20.64
N THR B 247 -17.66 67.15 -21.05
CA THR B 247 -18.67 66.68 -20.12
C THR B 247 -18.19 65.37 -19.49
N ILE B 248 -18.05 65.35 -18.17
CA ILE B 248 -17.58 64.19 -17.44
C ILE B 248 -18.50 63.93 -16.26
N SER B 249 -18.82 62.65 -16.03
CA SER B 249 -19.67 62.26 -14.92
C SER B 249 -19.50 60.77 -14.68
N ARG B 250 -19.91 60.34 -13.49
CA ARG B 250 -19.94 58.92 -13.19
C ARG B 250 -21.07 58.27 -13.98
N PRO B 251 -20.81 57.16 -14.69
CA PRO B 251 -21.89 56.48 -15.40
C PRO B 251 -22.96 55.99 -14.44
N LYS B 252 -24.21 56.10 -14.86
CA LYS B 252 -25.36 55.70 -14.05
C LYS B 252 -26.05 54.52 -14.70
N GLY B 253 -26.36 53.50 -13.90
CA GLY B 253 -26.94 52.27 -14.39
C GLY B 253 -25.96 51.12 -14.57
N VAL B 254 -24.69 51.33 -14.26
CA VAL B 254 -23.68 50.28 -14.41
C VAL B 254 -23.80 49.30 -13.26
N ALA B 255 -23.46 48.04 -13.54
CA ALA B 255 -23.56 47.00 -12.54
C ALA B 255 -22.35 47.03 -11.59
N LEU B 256 -22.49 46.37 -10.45
CA LEU B 256 -21.43 46.30 -9.43
C LEU B 256 -21.19 44.83 -9.09
N HIS B 257 -20.25 44.21 -9.78
CA HIS B 257 -19.82 42.84 -9.48
C HIS B 257 -18.51 42.87 -8.71
N ARG B 258 -18.44 42.09 -7.64
CA ARG B 258 -17.23 42.06 -6.82
C ARG B 258 -16.11 41.38 -7.59
N PRO B 259 -14.91 41.97 -7.65
CA PRO B 259 -13.80 41.31 -8.33
C PRO B 259 -13.27 40.13 -7.53
N ASP B 260 -12.66 39.19 -8.25
CA ASP B 260 -12.01 38.04 -7.65
C ASP B 260 -10.52 38.13 -7.94
N VAL B 261 -9.72 38.21 -6.89
CA VAL B 261 -8.26 38.35 -6.99
C VAL B 261 -7.67 36.95 -7.06
N TYR B 262 -6.87 36.71 -8.09
CA TYR B 262 -6.34 35.38 -8.37
C TYR B 262 -4.85 35.51 -8.67
N LEU B 263 -4.04 34.63 -8.08
CA LEU B 263 -2.60 34.67 -8.25
C LEU B 263 -2.12 33.43 -8.98
N LEU B 264 -1.29 33.62 -10.00
CA LEU B 264 -0.76 32.55 -10.81
C LEU B 264 0.76 32.51 -10.67
N PRO B 265 1.32 31.41 -10.17
CA PRO B 265 2.77 31.34 -9.97
C PRO B 265 3.49 31.28 -11.30
N PRO B 266 4.79 31.65 -11.33
CA PRO B 266 5.54 31.55 -12.58
C PRO B 266 5.62 30.12 -13.08
N ALA B 267 5.63 29.98 -14.40
CA ALA B 267 5.72 28.66 -15.02
C ALA B 267 7.07 28.03 -14.74
N ARG B 268 7.08 26.69 -14.68
CA ARG B 268 8.33 25.97 -14.44
C ARG B 268 9.32 26.14 -15.59
N GLU B 269 8.82 26.39 -16.80
CA GLU B 269 9.69 26.65 -17.93
C GLU B 269 10.47 27.94 -17.74
N GLN B 270 9.80 28.98 -17.24
CA GLN B 270 10.48 30.26 -17.01
C GLN B 270 11.46 30.17 -15.85
N LEU B 271 11.10 29.42 -14.81
CA LEU B 271 11.98 29.28 -13.65
C LEU B 271 13.25 28.50 -14.00
N ASN B 272 13.22 27.71 -15.07
CA ASN B 272 14.41 27.00 -15.52
C ASN B 272 15.43 27.94 -16.14
N LEU B 273 15.02 29.15 -16.53
CA LEU B 273 15.97 30.11 -17.08
C LEU B 273 16.88 30.68 -16.00
N ARG B 274 16.35 30.83 -14.78
CA ARG B 274 17.05 31.27 -13.57
C ARG B 274 17.45 32.74 -13.57
N GLU B 275 16.89 33.57 -14.45
CA GLU B 275 17.15 35.01 -14.41
C GLU B 275 16.00 35.78 -13.76
N SER B 276 14.79 35.65 -14.31
CA SER B 276 13.66 36.44 -13.85
C SER B 276 12.43 35.55 -13.68
N ALA B 277 11.57 35.93 -12.73
CA ALA B 277 10.31 35.25 -12.48
C ALA B 277 9.18 36.26 -12.59
N THR B 278 8.14 35.91 -13.35
CA THR B 278 7.00 36.78 -13.58
C THR B 278 5.75 36.18 -12.96
N ILE B 279 5.04 36.98 -12.17
CA ILE B 279 3.82 36.56 -11.51
C ILE B 279 2.68 37.46 -11.98
N THR B 280 1.57 36.85 -12.36
CA THR B 280 0.42 37.58 -12.91
C THR B 280 -0.70 37.63 -11.87
N CYS B 281 -1.10 38.84 -11.50
CA CYS B 281 -2.26 39.06 -10.62
C CYS B 281 -3.46 39.25 -11.53
N LEU B 282 -4.23 38.18 -11.72
CA LEU B 282 -5.34 38.16 -12.67
C LEU B 282 -6.64 38.42 -11.92
N VAL B 283 -7.35 39.46 -12.33
CA VAL B 283 -8.59 39.89 -11.70
C VAL B 283 -9.74 39.59 -12.66
N THR B 284 -10.82 39.01 -12.14
CA THR B 284 -11.94 38.58 -12.96
C THR B 284 -13.25 39.10 -12.38
N GLY B 285 -14.11 39.58 -13.27
CA GLY B 285 -15.48 39.92 -12.92
C GLY B 285 -15.69 41.14 -12.05
N PHE B 286 -15.12 42.28 -12.43
CA PHE B 286 -15.40 43.54 -11.77
C PHE B 286 -16.10 44.49 -12.73
N SER B 287 -17.02 45.29 -12.19
CA SER B 287 -17.75 46.28 -12.97
C SER B 287 -17.96 47.51 -12.10
N PRO B 288 -17.68 48.73 -12.62
CA PRO B 288 -17.14 49.02 -13.96
C PRO B 288 -15.63 48.77 -14.10
N ALA B 289 -15.03 49.38 -15.12
CA ALA B 289 -13.64 49.08 -15.46
C ALA B 289 -12.66 49.60 -14.40
N ASP B 290 -12.99 50.69 -13.71
CA ASP B 290 -12.04 51.36 -12.82
C ASP B 290 -11.60 50.46 -11.67
N VAL B 291 -10.39 49.93 -11.77
CA VAL B 291 -9.84 49.00 -10.78
C VAL B 291 -8.44 49.47 -10.39
N PHE B 292 -8.12 49.37 -9.10
CA PHE B 292 -6.84 49.82 -8.57
C PHE B 292 -6.13 48.62 -7.96
N VAL B 293 -4.87 48.39 -8.38
CA VAL B 293 -4.12 47.21 -8.00
C VAL B 293 -2.74 47.61 -7.50
N GLN B 294 -2.28 46.96 -6.43
CA GLN B 294 -0.98 47.19 -5.84
C GLN B 294 -0.26 45.88 -5.58
N TRP B 295 1.07 45.94 -5.57
CA TRP B 295 1.93 44.80 -5.27
C TRP B 295 2.78 45.12 -4.05
N MET B 296 2.91 44.17 -3.13
CA MET B 296 3.74 44.33 -1.95
C MET B 296 4.56 43.08 -1.71
N GLN B 297 5.69 43.26 -1.04
CA GLN B 297 6.58 42.16 -0.64
C GLN B 297 6.70 42.18 0.87
N ARG B 298 6.14 41.15 1.52
CA ARG B 298 6.26 40.94 2.96
C ARG B 298 5.71 42.13 3.76
N GLY B 299 4.75 42.85 3.19
CA GLY B 299 4.05 43.92 3.89
C GLY B 299 4.46 45.32 3.52
N GLN B 300 5.65 45.51 2.92
CA GLN B 300 5.96 46.87 2.47
C GLN B 300 5.82 47.00 0.96
N PRO B 301 5.31 48.13 0.48
CA PRO B 301 5.00 48.25 -0.95
C PRO B 301 6.24 48.33 -1.82
N LEU B 302 6.03 48.03 -3.10
CA LEU B 302 7.07 48.13 -4.12
C LEU B 302 6.93 49.45 -4.88
N SER B 303 7.98 49.77 -5.63
CA SER B 303 7.94 50.94 -6.49
C SER B 303 6.99 50.68 -7.66
N PRO B 304 6.33 51.71 -8.18
CA PRO B 304 5.42 51.51 -9.32
C PRO B 304 6.11 51.01 -10.59
N GLU B 305 7.43 51.19 -10.71
CA GLU B 305 8.13 50.74 -11.90
C GLU B 305 8.31 49.23 -11.93
N LYS B 306 8.35 48.59 -10.75
CA LYS B 306 8.59 47.16 -10.70
C LYS B 306 7.45 46.37 -11.33
N TYR B 307 6.20 46.77 -11.07
CA TYR B 307 5.03 46.05 -11.55
C TYR B 307 4.26 46.93 -12.52
N VAL B 308 3.78 46.32 -13.61
CA VAL B 308 3.01 47.00 -14.63
C VAL B 308 1.65 46.32 -14.75
N THR B 309 0.59 47.12 -14.77
CA THR B 309 -0.78 46.63 -14.90
C THR B 309 -1.36 47.10 -16.23
N SER B 310 -2.14 46.22 -16.85
CA SER B 310 -2.77 46.56 -18.12
C SER B 310 -4.07 47.32 -17.90
N ALA B 311 -4.50 48.04 -18.94
CA ALA B 311 -5.76 48.74 -18.88
C ALA B 311 -6.91 47.74 -18.83
N PRO B 312 -8.00 48.08 -18.13
CA PRO B 312 -9.15 47.18 -18.07
C PRO B 312 -9.76 46.95 -19.44
N MET B 313 -10.18 45.72 -19.70
CA MET B 313 -10.72 45.30 -20.97
C MET B 313 -11.99 44.50 -20.76
N PRO B 314 -12.90 44.50 -21.73
CA PRO B 314 -14.14 43.72 -21.58
C PRO B 314 -13.85 42.23 -21.49
N GLU B 315 -14.70 41.53 -20.73
CA GLU B 315 -14.56 40.10 -20.58
C GLU B 315 -14.84 39.40 -21.91
N PRO B 316 -14.06 38.36 -22.26
CA PRO B 316 -14.27 37.68 -23.55
C PRO B 316 -15.66 37.10 -23.74
N GLN B 317 -16.27 36.56 -22.69
CA GLN B 317 -17.56 35.89 -22.81
C GLN B 317 -18.65 36.51 -21.94
N ALA B 318 -18.30 37.02 -20.76
CA ALA B 318 -19.28 37.67 -19.91
C ALA B 318 -19.77 38.97 -20.55
N PRO B 319 -21.05 39.32 -20.39
CA PRO B 319 -21.59 40.51 -21.08
C PRO B 319 -21.00 41.82 -20.59
N GLY B 320 -21.04 42.07 -19.28
CA GLY B 320 -20.66 43.37 -18.76
C GLY B 320 -19.45 43.39 -17.85
N ARG B 321 -18.87 42.22 -17.58
CA ARG B 321 -17.72 42.16 -16.68
C ARG B 321 -16.45 42.58 -17.39
N TYR B 322 -15.42 42.86 -16.59
CA TYR B 322 -14.11 43.27 -17.09
C TYR B 322 -13.03 42.48 -16.34
N PHE B 323 -11.86 42.38 -16.97
CA PHE B 323 -10.73 41.69 -16.37
C PHE B 323 -9.51 42.60 -16.36
N ALA B 324 -8.69 42.48 -15.32
CA ALA B 324 -7.46 43.24 -15.17
C ALA B 324 -6.31 42.27 -14.96
N HIS B 325 -5.17 42.57 -15.60
CA HIS B 325 -4.01 41.68 -15.58
C HIS B 325 -2.78 42.50 -15.23
N SER B 326 -2.10 42.12 -14.15
CA SER B 326 -0.93 42.84 -13.66
C SER B 326 0.21 41.89 -13.42
N ILE B 327 1.43 42.32 -13.73
CA ILE B 327 2.63 41.48 -13.66
C ILE B 327 3.68 42.15 -12.80
N LEU B 328 4.31 41.35 -11.94
CA LEU B 328 5.47 41.78 -11.17
C LEU B 328 6.67 40.98 -11.62
N THR B 329 7.70 41.65 -12.10
CA THR B 329 8.92 41.00 -12.60
C THR B 329 10.00 41.10 -11.54
N VAL B 330 10.44 39.95 -11.03
CA VAL B 330 11.47 39.88 -10.00
C VAL B 330 12.49 38.82 -10.40
N SER B 331 13.65 38.87 -9.75
CA SER B 331 14.71 37.91 -10.01
C SER B 331 14.31 36.52 -9.53
N GLU B 332 14.90 35.50 -10.15
CA GLU B 332 14.51 34.12 -9.85
C GLU B 332 14.95 33.70 -8.45
N GLU B 333 16.11 34.18 -7.99
CA GLU B 333 16.62 33.74 -6.69
C GLU B 333 15.75 34.25 -5.55
N GLU B 334 15.09 35.40 -5.74
CA GLU B 334 14.17 35.90 -4.73
C GLU B 334 12.95 34.99 -4.59
N TRP B 335 12.45 34.47 -5.71
CA TRP B 335 11.34 33.52 -5.67
C TRP B 335 11.75 32.22 -5.01
N ASN B 336 12.99 31.78 -5.25
CA ASN B 336 13.44 30.52 -4.67
C ASN B 336 13.65 30.63 -3.16
N THR B 337 13.94 31.83 -2.65
CA THR B 337 14.15 32.00 -1.22
C THR B 337 12.86 31.83 -0.43
N GLY B 338 11.71 31.99 -1.08
CA GLY B 338 10.44 31.85 -0.42
C GLY B 338 9.81 33.13 0.07
N GLU B 339 10.22 34.28 -0.44
CA GLU B 339 9.62 35.54 -0.04
C GLU B 339 8.16 35.60 -0.46
N THR B 340 7.30 36.06 0.44
CA THR B 340 5.87 36.10 0.19
C THR B 340 5.53 37.31 -0.68
N TYR B 341 4.95 37.05 -1.85
CA TYR B 341 4.57 38.09 -2.78
C TYR B 341 3.04 38.19 -2.80
N THR B 342 2.52 39.39 -2.53
CA THR B 342 1.09 39.57 -2.34
C THR B 342 0.56 40.65 -3.28
N CYS B 343 -0.72 40.56 -3.60
CA CYS B 343 -1.39 41.47 -4.52
C CYS B 343 -2.64 42.04 -3.84
N VAL B 344 -2.86 43.34 -3.99
CA VAL B 344 -3.99 44.03 -3.39
C VAL B 344 -4.75 44.75 -4.49
N VAL B 345 -6.06 44.54 -4.55
CA VAL B 345 -6.94 45.13 -5.55
C VAL B 345 -8.01 45.95 -4.85
N ALA B 346 -8.18 47.20 -5.27
CA ALA B 346 -9.18 48.10 -4.71
C ALA B 346 -10.29 48.34 -5.73
N HIS B 347 -11.54 48.17 -5.30
CA HIS B 347 -12.69 48.35 -6.16
C HIS B 347 -13.87 48.74 -5.29
N GLU B 348 -14.90 49.35 -5.90
CA GLU B 348 -16.03 49.82 -5.12
C GLU B 348 -16.95 48.67 -4.69
N ALA B 349 -17.01 47.60 -5.49
CA ALA B 349 -17.94 46.51 -5.25
C ALA B 349 -17.42 45.49 -4.24
N LEU B 350 -16.19 45.64 -3.75
CA LEU B 350 -15.68 44.72 -2.74
C LEU B 350 -16.36 44.98 -1.39
N PRO B 351 -16.48 43.94 -0.54
CA PRO B 351 -17.10 44.12 0.78
C PRO B 351 -16.38 45.11 1.68
N ASN B 352 -15.08 44.90 1.87
CA ASN B 352 -14.25 45.79 2.68
C ASN B 352 -13.44 46.77 1.82
N ARG B 353 -13.72 46.81 0.52
CA ARG B 353 -13.07 47.63 -0.50
C ARG B 353 -11.62 47.22 -0.76
N VAL B 354 -11.06 46.30 0.02
CA VAL B 354 -9.70 45.81 -0.17
C VAL B 354 -9.68 44.32 0.16
N THR B 355 -9.23 43.51 -0.79
CA THR B 355 -9.02 42.08 -0.57
C THR B 355 -7.61 41.71 -1.01
N GLU B 356 -6.96 40.84 -0.23
CA GLU B 356 -5.55 40.56 -0.38
C GLU B 356 -5.31 39.05 -0.52
N ARG B 357 -4.38 38.69 -1.41
CA ARG B 357 -3.99 37.31 -1.63
C ARG B 357 -2.46 37.22 -1.61
N THR B 358 -1.95 36.08 -1.15
CA THR B 358 -0.51 35.88 -0.97
C THR B 358 -0.08 34.61 -1.67
N VAL B 359 1.07 34.70 -2.37
CA VAL B 359 1.65 33.55 -3.05
C VAL B 359 3.17 33.59 -2.87
N ASP B 360 3.76 32.40 -2.74
CA ASP B 360 5.21 32.27 -2.68
C ASP B 360 5.59 30.93 -3.30
N LYS B 361 6.85 30.52 -3.09
CA LYS B 361 7.33 29.27 -3.66
C LYS B 361 6.57 28.07 -3.11
N SER B 362 6.29 28.07 -1.81
CA SER B 362 5.62 26.94 -1.18
C SER B 362 4.14 26.89 -1.52
N THR B 363 3.53 28.03 -1.87
CA THR B 363 2.09 28.06 -2.11
C THR B 363 1.76 27.88 -3.58
N GLY B 364 2.42 28.63 -4.46
CA GLY B 364 2.07 28.62 -5.87
C GLY B 364 2.66 27.48 -6.65
N LYS B 365 1.84 26.45 -6.91
CA LYS B 365 2.26 25.24 -7.61
C LYS B 365 3.55 24.64 -7.06
N PRO B 366 3.57 24.23 -5.80
CA PRO B 366 4.79 23.66 -5.23
C PRO B 366 5.10 22.29 -5.82
N THR B 367 6.39 21.96 -5.86
CA THR B 367 6.81 20.68 -6.40
C THR B 367 6.45 19.53 -5.45
N LEU B 368 6.49 19.79 -4.15
CA LEU B 368 6.25 18.77 -3.15
C LEU B 368 5.37 19.30 -2.03
N TYR B 369 4.70 18.38 -1.33
CA TYR B 369 3.94 18.70 -0.12
C TYR B 369 4.68 18.08 1.06
N ASN B 370 5.32 18.93 1.86
CA ASN B 370 6.03 18.48 3.06
C ASN B 370 5.11 18.74 4.24
N VAL B 371 4.73 17.69 4.95
CA VAL B 371 3.86 17.78 6.11
C VAL B 371 4.37 16.84 7.20
N SER B 372 4.48 17.37 8.43
CA SER B 372 4.85 16.59 9.60
C SER B 372 3.57 16.37 10.41
N LEU B 373 3.03 15.17 10.31
CA LEU B 373 1.70 14.88 10.86
C LEU B 373 1.87 14.18 12.22
N VAL B 374 2.14 15.00 13.23
CA VAL B 374 2.40 14.48 14.56
C VAL B 374 1.13 14.55 15.40
N MET B 375 0.92 13.54 16.25
CA MET B 375 -0.24 13.47 17.13
C MET B 375 0.18 12.81 18.43
N SER B 376 -0.47 13.23 19.53
CA SER B 376 -0.15 12.71 20.85
C SER B 376 -1.41 12.68 21.69
N ASP B 377 -1.35 11.87 22.76
CA ASP B 377 -2.44 11.74 23.74
C ASP B 377 -3.73 11.27 23.06
N THR B 378 -3.65 10.14 22.36
CA THR B 378 -4.83 9.56 21.73
C THR B 378 -5.79 8.94 22.76
N ALA B 379 -5.33 8.71 23.99
CA ALA B 379 -6.23 8.21 25.02
C ALA B 379 -7.33 9.20 25.34
N GLY B 380 -6.98 10.49 25.44
CA GLY B 380 -7.97 11.53 25.59
C GLY B 380 -8.60 11.63 26.96
N THR B 381 -9.13 12.81 27.28
CA THR B 381 -9.81 13.03 28.55
C THR B 381 -10.93 14.05 28.39
N ILE C 152 -9.32 64.88 -47.42
CA ILE C 152 -8.72 64.85 -48.74
C ILE C 152 -7.39 64.10 -48.71
N ARG C 153 -7.26 63.20 -47.73
CA ARG C 153 -6.06 62.38 -47.57
C ARG C 153 -6.43 60.92 -47.74
N VAL C 154 -5.64 60.21 -48.55
CA VAL C 154 -5.87 58.78 -48.81
C VAL C 154 -5.01 58.00 -47.82
N PHE C 155 -5.62 57.57 -46.73
CA PHE C 155 -4.90 56.77 -45.74
C PHE C 155 -4.62 55.37 -46.29
N ALA C 156 -3.39 54.91 -46.11
CA ALA C 156 -2.98 53.58 -46.54
C ALA C 156 -2.55 52.79 -45.31
N ILE C 157 -3.11 51.60 -45.15
CA ILE C 157 -2.89 50.77 -43.97
C ILE C 157 -1.83 49.72 -44.32
N PRO C 158 -0.69 49.69 -43.63
CA PRO C 158 0.29 48.63 -43.88
C PRO C 158 -0.15 47.34 -43.23
N PRO C 159 -0.08 46.22 -43.95
CA PRO C 159 -0.52 44.94 -43.40
C PRO C 159 0.38 44.48 -42.26
N SER C 160 -0.18 44.42 -41.06
CA SER C 160 0.56 43.94 -39.90
C SER C 160 0.76 42.43 -40.03
N PHE C 161 1.61 41.90 -39.16
CA PHE C 161 1.92 40.46 -39.22
C PHE C 161 0.71 39.62 -38.84
N ALA C 162 -0.18 40.17 -38.02
CA ALA C 162 -1.42 39.47 -37.68
C ALA C 162 -2.27 39.24 -38.92
N SER C 163 -2.40 40.26 -39.77
CA SER C 163 -3.22 40.13 -40.97
C SER C 163 -2.63 39.14 -41.95
N ILE C 164 -1.32 39.21 -42.19
CA ILE C 164 -0.68 38.29 -43.14
C ILE C 164 -0.67 36.88 -42.58
N PHE C 165 -0.71 36.73 -41.25
CA PHE C 165 -0.75 35.39 -40.67
C PHE C 165 -2.14 34.79 -40.72
N LEU C 166 -3.17 35.59 -40.42
CA LEU C 166 -4.53 35.07 -40.41
C LEU C 166 -5.05 34.83 -41.83
N THR C 167 -4.84 35.80 -42.73
CA THR C 167 -5.39 35.69 -44.07
C THR C 167 -4.46 34.98 -45.05
N LYS C 168 -3.22 34.69 -44.64
CA LYS C 168 -2.21 33.92 -45.36
C LYS C 168 -1.68 34.66 -46.59
N SER C 169 -2.24 35.83 -46.92
CA SER C 169 -1.81 36.59 -48.09
C SER C 169 -1.61 38.04 -47.70
N THR C 170 -1.15 38.83 -48.67
CA THR C 170 -0.82 40.24 -48.46
C THR C 170 -1.95 41.12 -48.96
N LYS C 171 -2.28 42.16 -48.19
CA LYS C 171 -3.25 43.17 -48.60
C LYS C 171 -2.62 44.55 -48.45
N LEU C 172 -2.48 45.24 -49.57
CA LEU C 172 -2.05 46.64 -49.58
C LEU C 172 -3.23 47.50 -50.00
N THR C 173 -3.71 48.34 -49.09
CA THR C 173 -4.97 49.06 -49.27
C THR C 173 -4.74 50.56 -49.26
N CYS C 174 -5.57 51.28 -50.00
CA CYS C 174 -5.61 52.74 -50.01
C CYS C 174 -7.03 53.17 -49.69
N LEU C 175 -7.21 53.85 -48.55
CA LEU C 175 -8.51 54.29 -48.08
C LEU C 175 -8.54 55.81 -48.10
N VAL C 176 -9.50 56.39 -48.82
CA VAL C 176 -9.60 57.83 -48.96
C VAL C 176 -10.49 58.37 -47.84
N THR C 177 -10.00 59.41 -47.17
CA THR C 177 -10.71 60.02 -46.05
C THR C 177 -11.07 61.46 -46.39
N ASP C 178 -12.24 61.90 -45.92
CA ASP C 178 -12.75 63.26 -46.12
C ASP C 178 -12.83 63.59 -47.61
N LEU C 179 -13.54 62.74 -48.34
CA LEU C 179 -13.76 62.94 -49.78
C LEU C 179 -14.97 62.13 -50.21
N THR C 180 -15.92 62.79 -50.86
CA THR C 180 -17.12 62.11 -51.32
C THR C 180 -16.84 61.34 -52.61
N THR C 181 -17.87 60.65 -53.10
CA THR C 181 -17.71 59.77 -54.25
C THR C 181 -17.77 60.58 -55.55
N TYR C 182 -16.68 60.53 -56.31
CA TYR C 182 -16.64 61.10 -57.65
C TYR C 182 -16.16 60.04 -58.63
N ASP C 183 -16.46 60.26 -59.90
CA ASP C 183 -16.05 59.32 -60.95
C ASP C 183 -14.57 59.51 -61.28
N SER C 184 -14.09 58.76 -62.27
CA SER C 184 -12.71 58.82 -62.76
C SER C 184 -11.69 58.58 -61.63
N VAL C 185 -11.93 57.52 -60.86
CA VAL C 185 -11.00 57.17 -59.78
C VAL C 185 -9.81 56.43 -60.37
N THR C 186 -8.61 56.92 -60.09
CA THR C 186 -7.37 56.34 -60.61
C THR C 186 -6.42 56.11 -59.44
N ILE C 187 -6.27 54.85 -59.03
CA ILE C 187 -5.39 54.45 -57.95
C ILE C 187 -4.47 53.36 -58.45
N SER C 188 -3.21 53.39 -58.02
CA SER C 188 -2.26 52.36 -58.40
C SER C 188 -1.24 52.16 -57.29
N TRP C 189 -0.69 50.95 -57.22
CA TRP C 189 0.39 50.60 -56.29
C TRP C 189 1.67 50.44 -57.11
N THR C 190 2.70 51.20 -56.76
CA THR C 190 3.90 51.29 -57.56
C THR C 190 5.13 51.22 -56.66
N ARG C 191 6.16 50.52 -57.13
CA ARG C 191 7.46 50.44 -56.47
C ARG C 191 8.43 51.41 -57.14
N GLN C 192 9.71 51.28 -56.78
CA GLN C 192 10.73 52.23 -57.26
C GLN C 192 10.84 52.19 -58.78
N ASN C 193 11.00 50.99 -59.36
CA ASN C 193 11.13 50.91 -60.81
C ASN C 193 9.77 50.90 -61.49
N GLY C 194 8.74 50.43 -60.79
CA GLY C 194 7.38 50.54 -61.29
C GLY C 194 6.78 49.24 -61.80
N GLU C 195 5.82 48.69 -61.04
CA GLU C 195 5.04 47.52 -61.46
C GLU C 195 3.58 47.76 -61.07
N ALA C 196 2.82 48.36 -61.98
CA ALA C 196 1.38 48.54 -61.80
C ALA C 196 0.66 47.41 -62.53
N VAL C 197 0.78 46.21 -61.96
CA VAL C 197 0.34 44.99 -62.62
C VAL C 197 -0.79 44.30 -61.85
N LYS C 198 -1.50 45.02 -61.00
CA LYS C 198 -2.61 44.45 -60.24
C LYS C 198 -3.86 45.29 -60.46
N THR C 199 -5.01 44.72 -60.10
CA THR C 199 -6.30 45.37 -60.28
C THR C 199 -6.90 45.78 -58.94
N HIS C 200 -7.86 46.69 -59.01
CA HIS C 200 -8.56 47.20 -57.84
C HIS C 200 -10.00 46.70 -57.85
N THR C 201 -10.45 46.19 -56.71
CA THR C 201 -11.78 45.61 -56.57
C THR C 201 -12.49 46.20 -55.36
N ASN C 202 -13.81 46.07 -55.36
CA ASN C 202 -14.68 46.46 -54.24
C ASN C 202 -14.57 47.95 -53.93
N ILE C 203 -14.96 48.76 -54.91
CA ILE C 203 -15.05 50.21 -54.70
C ILE C 203 -16.23 50.50 -53.80
N SER C 204 -16.01 51.34 -52.79
CA SER C 204 -17.01 51.61 -51.76
C SER C 204 -18.03 52.63 -52.27
N GLU C 205 -18.87 53.11 -51.36
CA GLU C 205 -19.94 54.05 -51.68
C GLU C 205 -19.83 55.27 -50.78
N SER C 206 -20.52 56.34 -51.17
CA SER C 206 -20.43 57.61 -50.46
C SER C 206 -21.00 57.49 -49.05
N HIS C 207 -20.45 58.30 -48.14
CA HIS C 207 -20.79 58.35 -46.74
C HIS C 207 -20.89 59.82 -46.33
N PRO C 208 -21.91 60.22 -45.58
CA PRO C 208 -21.97 61.62 -45.11
C PRO C 208 -20.76 62.05 -44.28
N ASN C 209 -19.97 61.11 -43.75
CA ASN C 209 -18.68 61.45 -43.16
C ASN C 209 -17.57 61.55 -44.20
N ALA C 210 -17.89 61.37 -45.48
CA ALA C 210 -16.97 61.55 -46.60
C ALA C 210 -15.78 60.60 -46.54
N THR C 211 -15.95 59.45 -45.88
CA THR C 211 -14.91 58.43 -45.86
C THR C 211 -15.11 57.38 -46.95
N PHE C 212 -15.25 57.85 -48.19
CA PHE C 212 -15.40 56.96 -49.34
C PHE C 212 -14.09 56.21 -49.55
N SER C 213 -14.11 54.90 -49.31
CA SER C 213 -12.87 54.13 -49.19
C SER C 213 -12.11 54.06 -50.49
N ALA C 214 -12.77 53.67 -51.58
CA ALA C 214 -12.13 53.39 -52.86
C ALA C 214 -10.97 52.41 -52.68
N VAL C 215 -11.20 51.39 -51.85
CA VAL C 215 -10.13 50.48 -51.45
C VAL C 215 -9.78 49.55 -52.61
N GLY C 216 -8.48 49.34 -52.81
CA GLY C 216 -8.00 48.35 -53.75
C GLY C 216 -6.88 47.53 -53.16
N GLU C 217 -7.09 46.21 -53.04
CA GLU C 217 -6.17 45.33 -52.34
C GLU C 217 -5.14 44.78 -53.31
N ALA C 218 -3.86 44.84 -52.93
CA ALA C 218 -2.77 44.34 -53.74
C ALA C 218 -2.22 43.05 -53.13
N SER C 219 -2.09 42.02 -53.96
CA SER C 219 -1.54 40.74 -53.52
C SER C 219 -0.11 40.61 -54.04
N ILE C 220 0.84 40.46 -53.11
CA ILE C 220 2.25 40.33 -53.44
C ILE C 220 2.82 39.13 -52.70
N CYS C 221 4.07 38.81 -53.02
CA CYS C 221 4.75 37.73 -52.32
C CYS C 221 5.07 38.14 -50.88
N GLU C 222 5.20 37.14 -50.01
CA GLU C 222 5.41 37.41 -48.59
C GLU C 222 6.75 38.08 -48.34
N ASP C 223 7.81 37.58 -48.98
CA ASP C 223 9.15 38.11 -48.72
C ASP C 223 9.38 39.48 -49.35
N ASP C 224 8.62 39.83 -50.39
CA ASP C 224 8.76 41.15 -51.00
C ASP C 224 8.36 42.25 -50.03
N TRP C 225 7.27 42.05 -49.28
CA TRP C 225 6.90 43.01 -48.25
C TRP C 225 7.94 43.06 -47.14
N ASN C 226 8.50 41.90 -46.77
CA ASN C 226 9.54 41.84 -45.76
C ASN C 226 10.88 42.37 -46.25
N SER C 227 11.03 42.62 -47.55
CA SER C 227 12.26 43.12 -48.12
C SER C 227 12.31 44.65 -48.15
N GLY C 228 11.29 45.32 -47.62
CA GLY C 228 11.26 46.77 -47.61
C GLY C 228 11.16 47.38 -49.00
N GLU C 229 10.26 46.84 -49.83
CA GLU C 229 10.09 47.33 -51.19
C GLU C 229 9.58 48.76 -51.26
N ARG C 230 8.94 49.25 -50.20
CA ARG C 230 8.47 50.63 -50.09
C ARG C 230 7.50 50.98 -51.23
N PHE C 231 6.37 50.29 -51.21
CA PHE C 231 5.33 50.51 -52.22
C PHE C 231 4.70 51.89 -52.04
N THR C 232 4.34 52.50 -53.17
CA THR C 232 3.76 53.83 -53.20
C THR C 232 2.37 53.78 -53.82
N CYS C 233 1.40 54.38 -53.12
CA CYS C 233 0.02 54.44 -53.59
C CYS C 233 -0.25 55.85 -54.12
N THR C 234 -0.43 55.96 -55.44
CA THR C 234 -0.73 57.23 -56.09
C THR C 234 -2.19 57.27 -56.48
N VAL C 235 -2.90 58.30 -56.03
CA VAL C 235 -4.34 58.44 -56.26
C VAL C 235 -4.56 59.69 -57.10
N THR C 236 -5.16 59.53 -58.27
CA THR C 236 -5.54 60.63 -59.14
C THR C 236 -7.06 60.69 -59.21
N HIS C 237 -7.62 61.86 -58.88
CA HIS C 237 -9.07 62.00 -58.81
C HIS C 237 -9.46 63.32 -59.46
N THR C 238 -10.78 63.54 -59.56
CA THR C 238 -11.29 64.72 -60.24
C THR C 238 -11.03 65.99 -59.44
N ASP C 239 -11.07 65.89 -58.11
CA ASP C 239 -10.90 67.08 -57.27
C ASP C 239 -9.50 67.66 -57.40
N LEU C 240 -8.49 66.80 -57.48
CA LEU C 240 -7.10 67.23 -57.59
C LEU C 240 -6.43 66.49 -58.73
N PRO C 241 -6.09 67.16 -59.84
CA PRO C 241 -5.37 66.47 -60.93
C PRO C 241 -4.02 65.92 -60.51
N SER C 242 -3.34 66.56 -59.56
CA SER C 242 -2.06 66.06 -59.09
C SER C 242 -2.27 64.76 -58.33
N PRO C 243 -1.41 63.75 -58.53
CA PRO C 243 -1.59 62.48 -57.81
C PRO C 243 -1.36 62.64 -56.32
N LEU C 244 -2.10 61.84 -55.55
CA LEU C 244 -1.99 61.80 -54.09
C LEU C 244 -1.09 60.65 -53.72
N LYS C 245 0.18 60.95 -53.43
CA LYS C 245 1.19 59.93 -53.18
C LYS C 245 1.26 59.67 -51.67
N GLN C 246 0.76 58.52 -51.24
CA GLN C 246 0.89 58.04 -49.88
C GLN C 246 1.55 56.68 -49.90
N THR C 247 2.53 56.48 -49.01
CA THR C 247 3.37 55.30 -49.06
C THR C 247 3.35 54.55 -47.73
N ILE C 248 3.51 53.23 -47.82
CA ILE C 248 3.65 52.36 -46.66
C ILE C 248 4.85 51.45 -46.91
N SER C 249 5.51 51.04 -45.83
CA SER C 249 6.65 50.15 -45.93
C SER C 249 6.84 49.41 -44.62
N ARG C 250 7.58 48.31 -44.68
CA ARG C 250 7.95 47.59 -43.47
C ARG C 250 8.89 48.44 -42.63
N PRO C 251 8.72 48.51 -41.32
CA PRO C 251 9.61 49.33 -40.48
C PRO C 251 11.05 48.88 -40.58
N LYS C 252 11.96 49.85 -40.54
CA LYS C 252 13.39 49.61 -40.71
C LYS C 252 14.12 49.86 -39.40
N GLY C 253 15.14 49.05 -39.13
CA GLY C 253 15.95 49.20 -37.94
C GLY C 253 15.38 48.62 -36.68
N VAL C 254 14.21 47.99 -36.74
CA VAL C 254 13.61 47.39 -35.55
C VAL C 254 14.33 46.08 -35.24
N ALA C 255 14.74 45.92 -33.98
CA ALA C 255 15.40 44.68 -33.57
C ALA C 255 14.40 43.53 -33.50
N LEU C 256 14.89 42.33 -33.80
CA LEU C 256 14.07 41.12 -33.80
C LEU C 256 14.50 40.25 -32.62
N HIS C 257 13.79 40.36 -31.50
CA HIS C 257 14.02 39.55 -30.32
C HIS C 257 12.85 38.60 -30.14
N ARG C 258 13.15 37.30 -30.09
CA ARG C 258 12.09 36.30 -30.09
C ARG C 258 11.35 36.29 -28.76
N PRO C 259 10.02 36.09 -28.79
CA PRO C 259 9.27 35.97 -27.55
C PRO C 259 9.60 34.69 -26.81
N ASP C 260 9.43 34.75 -25.49
CA ASP C 260 9.54 33.58 -24.62
C ASP C 260 8.15 33.37 -24.00
N VAL C 261 7.29 32.65 -24.70
CA VAL C 261 5.90 32.49 -24.29
C VAL C 261 5.83 31.52 -23.12
N TYR C 262 5.09 31.89 -22.09
CA TYR C 262 4.89 31.08 -20.90
C TYR C 262 3.40 30.82 -20.73
N LEU C 263 3.03 29.55 -20.59
CA LEU C 263 1.63 29.16 -20.44
C LEU C 263 1.38 28.83 -18.97
N LEU C 264 0.55 29.64 -18.32
CA LEU C 264 0.26 29.47 -16.90
C LEU C 264 -1.02 28.68 -16.74
N PRO C 265 -1.00 27.56 -16.01
CA PRO C 265 -2.24 26.84 -15.73
C PRO C 265 -3.13 27.64 -14.80
N PRO C 266 -4.44 27.36 -14.78
CA PRO C 266 -5.33 28.08 -13.87
C PRO C 266 -4.96 27.82 -12.42
N ALA C 267 -5.20 28.82 -11.58
CA ALA C 267 -4.84 28.72 -10.16
C ALA C 267 -5.73 27.69 -9.47
N ARG C 268 -5.28 27.28 -8.27
CA ARG C 268 -6.08 26.34 -7.49
C ARG C 268 -7.36 27.01 -7.03
N GLU C 269 -7.31 28.32 -6.80
CA GLU C 269 -8.50 29.06 -6.37
C GLU C 269 -9.50 29.22 -7.52
N GLN C 270 -9.04 29.09 -8.76
CA GLN C 270 -9.96 28.97 -9.89
C GLN C 270 -10.85 27.75 -9.73
N LEU C 271 -10.25 26.61 -9.38
CA LEU C 271 -10.91 25.32 -9.48
C LEU C 271 -11.72 24.98 -8.24
N ASN C 272 -11.47 25.67 -7.12
CA ASN C 272 -12.22 25.40 -5.90
C ASN C 272 -13.68 25.81 -6.05
N LEU C 273 -13.94 26.94 -6.71
CA LEU C 273 -15.31 27.41 -6.90
C LEU C 273 -16.06 26.61 -7.95
N ARG C 274 -15.36 25.84 -8.79
CA ARG C 274 -15.95 24.98 -9.81
C ARG C 274 -16.82 25.75 -10.81
N GLU C 275 -16.47 27.01 -11.09
CA GLU C 275 -17.24 27.82 -12.03
C GLU C 275 -16.66 27.75 -13.43
N SER C 276 -15.40 28.17 -13.59
CA SER C 276 -14.75 28.17 -14.89
C SER C 276 -13.25 28.20 -14.69
N ALA C 277 -12.52 27.86 -15.75
CA ALA C 277 -11.07 27.87 -15.75
C ALA C 277 -10.57 29.03 -16.61
N THR C 278 -9.67 29.82 -16.05
CA THR C 278 -9.13 31.01 -16.73
C THR C 278 -7.66 30.76 -17.03
N ILE C 279 -7.40 30.18 -18.20
CA ILE C 279 -6.03 29.94 -18.65
C ILE C 279 -5.51 31.18 -19.34
N THR C 280 -4.34 31.66 -18.91
CA THR C 280 -3.69 32.82 -19.50
C THR C 280 -2.44 32.38 -20.25
N CYS C 281 -2.13 33.10 -21.33
CA CYS C 281 -0.97 32.79 -22.16
C CYS C 281 -0.03 34.00 -22.12
N LEU C 282 1.06 33.87 -21.38
CA LEU C 282 1.98 34.98 -21.14
C LEU C 282 3.02 35.02 -22.25
N VAL C 283 2.95 36.07 -23.07
CA VAL C 283 3.92 36.30 -24.14
C VAL C 283 4.73 37.54 -23.77
N THR C 284 6.05 37.41 -23.74
CA THR C 284 6.93 38.52 -23.38
C THR C 284 8.27 38.35 -24.09
N GLY C 285 9.02 39.45 -24.16
CA GLY C 285 10.33 39.45 -24.77
C GLY C 285 10.40 39.84 -26.22
N PHE C 286 9.26 40.09 -26.86
CA PHE C 286 9.24 40.49 -28.27
C PHE C 286 9.49 41.99 -28.38
N SER C 287 10.51 42.35 -29.16
CA SER C 287 10.87 43.77 -29.31
C SER C 287 9.96 44.52 -30.29
N PRO C 288 9.53 43.95 -31.42
CA PRO C 288 8.44 44.58 -32.17
C PRO C 288 7.10 44.28 -31.52
N ALA C 289 6.05 44.96 -31.98
CA ALA C 289 4.70 44.68 -31.50
C ALA C 289 3.85 44.22 -32.67
N ASP C 290 4.02 42.95 -33.02
CA ASP C 290 3.20 42.23 -34.01
C ASP C 290 2.91 40.86 -33.40
N VAL C 291 1.83 40.78 -32.63
CA VAL C 291 1.49 39.57 -31.89
C VAL C 291 0.09 39.14 -32.31
N PHE C 292 -0.02 37.90 -32.76
CA PHE C 292 -1.30 37.31 -33.18
C PHE C 292 -1.39 35.93 -32.54
N VAL C 293 -2.22 35.80 -31.52
CA VAL C 293 -2.28 34.60 -30.68
C VAL C 293 -3.62 33.91 -30.92
N GLN C 294 -3.57 32.62 -31.26
CA GLN C 294 -4.75 31.78 -31.35
C GLN C 294 -4.70 30.68 -30.30
N TRP C 295 -5.83 30.00 -30.13
CA TRP C 295 -5.94 28.85 -29.25
C TRP C 295 -6.53 27.69 -30.04
N MET C 296 -5.80 26.57 -30.07
CA MET C 296 -6.28 25.36 -30.73
C MET C 296 -6.40 24.25 -29.69
N GLN C 297 -7.56 23.59 -29.67
CA GLN C 297 -7.75 22.40 -28.86
C GLN C 297 -7.99 21.21 -29.78
N ARG C 298 -7.21 20.16 -29.59
CA ARG C 298 -7.28 18.95 -30.41
C ARG C 298 -7.14 19.26 -31.90
N GLY C 299 -6.27 20.22 -32.21
CA GLY C 299 -6.04 20.61 -33.59
C GLY C 299 -6.91 21.74 -34.09
N GLN C 300 -8.22 21.61 -33.91
CA GLN C 300 -9.16 22.60 -34.43
C GLN C 300 -9.05 23.90 -33.64
N PRO C 301 -8.87 25.04 -34.29
CA PRO C 301 -8.77 26.31 -33.55
C PRO C 301 -10.08 26.67 -32.85
N LEU C 302 -9.93 27.35 -31.72
CA LEU C 302 -11.08 27.83 -30.97
C LEU C 302 -11.61 29.13 -31.56
N SER C 303 -12.84 29.47 -31.18
CA SER C 303 -13.45 30.69 -31.65
C SER C 303 -12.76 31.91 -31.04
N PRO C 304 -12.67 33.02 -31.77
CA PRO C 304 -12.05 34.23 -31.22
C PRO C 304 -12.82 34.83 -30.06
N GLU C 305 -14.07 34.42 -29.84
CA GLU C 305 -14.85 34.99 -28.75
C GLU C 305 -14.41 34.45 -27.39
N LYS C 306 -13.86 33.24 -27.35
CA LYS C 306 -13.46 32.64 -26.07
C LYS C 306 -12.27 33.35 -25.46
N TYR C 307 -11.31 33.76 -26.28
CA TYR C 307 -10.06 34.36 -25.81
C TYR C 307 -9.93 35.79 -26.30
N VAL C 308 -9.40 36.66 -25.46
CA VAL C 308 -9.12 38.04 -25.81
C VAL C 308 -7.62 38.26 -25.69
N THR C 309 -7.00 38.69 -26.79
CA THR C 309 -5.58 39.00 -26.83
C THR C 309 -5.41 40.50 -26.63
N SER C 310 -4.90 40.90 -25.47
CA SER C 310 -4.73 42.31 -25.18
C SER C 310 -3.63 42.92 -26.04
N ALA C 311 -3.73 44.23 -26.25
CA ALA C 311 -2.73 44.93 -27.03
C ALA C 311 -1.38 44.92 -26.30
N PRO C 312 -0.27 44.86 -27.03
CA PRO C 312 1.05 44.88 -26.39
C PRO C 312 1.27 46.18 -25.62
N MET C 313 1.96 46.05 -24.48
CA MET C 313 2.24 47.18 -23.62
C MET C 313 3.74 47.22 -23.34
N PRO C 314 4.30 48.41 -23.09
CA PRO C 314 5.74 48.51 -22.81
C PRO C 314 6.15 47.70 -21.58
N GLU C 315 7.31 47.07 -21.69
CA GLU C 315 7.91 46.37 -20.55
C GLU C 315 8.70 47.36 -19.70
N PRO C 316 8.47 47.39 -18.38
CA PRO C 316 9.20 48.35 -17.54
C PRO C 316 10.69 48.08 -17.45
N GLN C 317 11.07 46.84 -17.16
CA GLN C 317 12.48 46.50 -17.01
C GLN C 317 13.21 46.50 -18.34
N ALA C 318 12.60 45.94 -19.38
CA ALA C 318 13.22 45.90 -20.70
C ALA C 318 12.68 47.05 -21.53
N PRO C 319 13.50 48.04 -21.87
CA PRO C 319 12.96 49.20 -22.61
C PRO C 319 12.53 48.88 -24.03
N GLY C 320 13.27 48.03 -24.72
CA GLY C 320 12.96 47.69 -26.10
C GLY C 320 11.99 46.55 -26.29
N ARG C 321 11.56 45.89 -25.22
CA ARG C 321 10.68 44.74 -25.31
C ARG C 321 9.27 45.12 -24.87
N TYR C 322 8.29 44.37 -25.38
CA TYR C 322 6.88 44.55 -25.02
C TYR C 322 6.35 43.21 -24.52
N PHE C 323 5.25 43.28 -23.77
CA PHE C 323 4.59 42.10 -23.24
C PHE C 323 3.11 42.13 -23.60
N ALA C 324 2.55 40.95 -23.83
CA ALA C 324 1.13 40.81 -24.16
C ALA C 324 0.59 39.55 -23.50
N HIS C 325 -0.62 39.64 -22.96
CA HIS C 325 -1.28 38.51 -22.30
C HIS C 325 -2.60 38.23 -22.99
N SER C 326 -2.89 36.94 -23.21
CA SER C 326 -4.11 36.48 -23.86
C SER C 326 -4.76 35.42 -22.99
N ILE C 327 -5.78 35.81 -22.23
CA ILE C 327 -6.48 34.87 -21.37
C ILE C 327 -7.57 34.16 -22.15
N LEU C 328 -8.06 33.05 -21.57
CA LEU C 328 -9.19 32.32 -22.12
C LEU C 328 -10.01 31.76 -20.97
N THR C 329 -11.33 31.85 -21.10
CA THR C 329 -12.26 31.34 -20.10
C THR C 329 -12.95 30.10 -20.66
N VAL C 330 -12.79 28.98 -19.95
CA VAL C 330 -13.36 27.70 -20.34
C VAL C 330 -13.97 27.07 -19.10
N SER C 331 -14.92 26.16 -19.31
CA SER C 331 -15.60 25.51 -18.20
C SER C 331 -14.63 24.67 -17.37
N GLU C 332 -14.89 24.64 -16.06
CA GLU C 332 -13.95 24.01 -15.13
C GLU C 332 -14.05 22.49 -15.16
N GLU C 333 -15.25 21.94 -15.43
CA GLU C 333 -15.38 20.49 -15.54
C GLU C 333 -14.65 19.94 -16.76
N GLU C 334 -14.60 20.71 -17.85
CA GLU C 334 -13.80 20.31 -19.00
C GLU C 334 -12.32 20.25 -18.65
N TRP C 335 -11.87 21.16 -17.79
CA TRP C 335 -10.51 21.06 -17.26
C TRP C 335 -10.34 19.81 -16.42
N ASN C 336 -11.34 19.48 -15.60
CA ASN C 336 -11.27 18.28 -14.78
C ASN C 336 -11.19 17.00 -15.61
N THR C 337 -11.84 16.98 -16.77
CA THR C 337 -11.79 15.81 -17.64
C THR C 337 -10.36 15.54 -18.10
N GLY C 338 -9.64 16.59 -18.47
CA GLY C 338 -8.27 16.44 -18.93
C GLY C 338 -8.16 16.53 -20.44
N GLU C 339 -7.76 17.69 -20.94
CA GLU C 339 -7.65 17.92 -22.37
C GLU C 339 -6.61 19.01 -22.62
N THR C 340 -5.77 18.81 -23.62
CA THR C 340 -4.67 19.74 -23.88
C THR C 340 -5.20 21.03 -24.51
N TYR C 341 -4.86 22.16 -23.89
CA TYR C 341 -5.12 23.48 -24.45
C TYR C 341 -3.80 24.07 -24.91
N THR C 342 -3.71 24.39 -26.21
CA THR C 342 -2.48 24.88 -26.80
C THR C 342 -2.64 26.34 -27.19
N CYS C 343 -1.73 27.18 -26.71
CA CYS C 343 -1.68 28.59 -27.09
C CYS C 343 -0.52 28.78 -28.05
N VAL C 344 -0.80 29.40 -29.20
CA VAL C 344 0.20 29.68 -30.22
C VAL C 344 0.49 31.17 -30.20
N VAL C 345 1.72 31.52 -30.58
CA VAL C 345 2.14 32.92 -30.73
C VAL C 345 2.76 33.08 -32.11
N ALA C 346 2.38 34.16 -32.79
CA ALA C 346 2.90 34.47 -34.12
C ALA C 346 3.72 35.74 -34.04
N HIS C 347 4.98 35.66 -34.46
CA HIS C 347 5.90 36.80 -34.38
C HIS C 347 7.00 36.61 -35.41
N GLU C 348 7.53 37.72 -35.92
CA GLU C 348 8.56 37.65 -36.94
C GLU C 348 9.89 37.15 -36.38
N ALA C 349 10.22 37.52 -35.15
CA ALA C 349 11.52 37.19 -34.59
C ALA C 349 11.66 35.73 -34.21
N LEU C 350 10.57 34.98 -34.15
CA LEU C 350 10.66 33.55 -33.87
C LEU C 350 11.34 32.83 -35.03
N PRO C 351 12.08 31.76 -34.75
CA PRO C 351 12.76 31.03 -35.84
C PRO C 351 11.81 30.41 -36.84
N ASN C 352 10.57 30.12 -36.45
CA ASN C 352 9.58 29.50 -37.34
C ASN C 352 8.28 30.31 -37.30
N ARG C 353 8.28 31.47 -36.64
CA ARG C 353 7.12 32.34 -36.44
C ARG C 353 5.96 31.67 -35.71
N VAL C 354 6.15 30.43 -35.23
CA VAL C 354 5.13 29.73 -34.46
C VAL C 354 5.80 29.04 -33.28
N THR C 355 5.23 29.25 -32.10
CA THR C 355 5.67 28.57 -30.89
C THR C 355 4.44 28.13 -30.12
N GLU C 356 4.39 26.85 -29.77
CA GLU C 356 3.24 26.26 -29.11
C GLU C 356 3.62 25.86 -27.69
N ARG C 357 2.71 26.12 -26.75
CA ARG C 357 2.84 25.64 -25.38
C ARG C 357 1.58 24.87 -25.02
N THR C 358 1.74 23.79 -24.26
CA THR C 358 0.65 22.89 -23.92
C THR C 358 0.37 22.96 -22.43
N VAL C 359 -0.90 23.15 -22.08
CA VAL C 359 -1.34 23.12 -20.69
C VAL C 359 -2.41 22.04 -20.57
N ASP C 360 -2.50 21.45 -19.38
CA ASP C 360 -3.37 20.31 -19.13
C ASP C 360 -3.56 20.21 -17.61
N LYS C 361 -4.37 19.25 -17.18
CA LYS C 361 -4.63 19.06 -15.77
C LYS C 361 -3.38 18.61 -15.02
N SER C 362 -2.48 17.89 -15.69
CA SER C 362 -1.33 17.26 -15.03
C SER C 362 -0.03 18.02 -15.27
N THR C 363 -0.09 19.22 -15.85
CA THR C 363 1.13 20.01 -16.02
C THR C 363 1.64 20.52 -14.68
N GLY C 364 0.76 21.09 -13.87
CA GLY C 364 1.14 21.51 -12.53
C GLY C 364 0.57 20.61 -11.46
N LYS C 365 1.41 19.74 -10.90
CA LYS C 365 0.99 18.79 -9.88
C LYS C 365 2.12 18.57 -8.90
N PRO C 366 1.81 18.25 -7.65
CA PRO C 366 2.88 17.89 -6.70
C PRO C 366 3.52 16.57 -7.07
N THR C 367 4.84 16.61 -7.29
CA THR C 367 5.55 15.41 -7.72
C THR C 367 5.57 14.34 -6.63
N LEU C 368 5.68 14.73 -5.37
CA LEU C 368 5.75 13.77 -4.27
C LEU C 368 5.02 14.31 -3.05
N TYR C 369 4.55 13.39 -2.22
CA TYR C 369 3.91 13.71 -0.95
C TYR C 369 4.78 13.22 0.18
N ASN C 370 4.97 14.05 1.20
CA ASN C 370 5.86 13.75 2.33
C ASN C 370 5.07 13.68 3.63
N VAL C 371 3.99 12.91 3.64
CA VAL C 371 3.22 12.73 4.87
C VAL C 371 4.06 11.95 5.88
N SER C 372 4.07 12.41 7.13
CA SER C 372 4.82 11.79 8.22
C SER C 372 3.86 11.63 9.39
N LEU C 373 3.11 10.53 9.39
CA LEU C 373 2.15 10.28 10.46
C LEU C 373 2.86 9.82 11.73
N VAL C 374 2.70 10.59 12.80
CA VAL C 374 3.33 10.27 14.08
C VAL C 374 2.26 10.22 15.16
N MET C 375 1.94 9.02 15.64
CA MET C 375 0.98 8.82 16.71
C MET C 375 1.67 8.26 17.93
N SER C 376 1.48 8.91 19.07
CA SER C 376 2.07 8.48 20.33
C SER C 376 1.04 8.61 21.45
N ASP C 377 1.09 7.69 22.40
CA ASP C 377 0.21 7.75 23.56
C ASP C 377 0.83 8.52 24.72
N THR C 378 2.06 9.00 24.57
CA THR C 378 2.71 9.81 25.59
C THR C 378 2.67 11.29 25.20
N ALA C 379 2.85 12.14 26.20
CA ALA C 379 2.83 13.59 25.97
C ALA C 379 4.24 14.11 25.67
N ILE D 152 18.99 15.80 -74.26
CA ILE D 152 17.81 15.59 -75.08
C ILE D 152 16.56 15.55 -74.19
N ARG D 153 16.53 14.59 -73.27
CA ARG D 153 15.40 14.46 -72.37
C ARG D 153 15.40 15.55 -71.31
N VAL D 154 14.21 16.04 -70.96
CA VAL D 154 14.03 17.07 -69.95
C VAL D 154 13.17 16.50 -68.84
N PHE D 155 13.62 16.63 -67.60
CA PHE D 155 12.92 16.11 -66.45
C PHE D 155 12.38 17.26 -65.60
N ALA D 156 11.22 17.04 -64.99
CA ALA D 156 10.51 18.06 -64.24
C ALA D 156 10.62 17.79 -62.75
N ILE D 157 11.03 18.80 -61.99
CA ILE D 157 11.10 18.71 -60.54
C ILE D 157 10.15 19.73 -59.94
N PRO D 158 8.96 19.31 -59.50
CA PRO D 158 8.03 20.24 -58.85
C PRO D 158 8.54 20.63 -57.48
N PRO D 159 8.21 21.84 -57.00
CA PRO D 159 8.60 22.23 -55.64
C PRO D 159 7.98 21.31 -54.60
N SER D 160 8.75 21.03 -53.55
CA SER D 160 8.31 20.22 -52.44
C SER D 160 8.09 21.10 -51.21
N PHE D 161 7.19 20.66 -50.33
CA PHE D 161 6.89 21.43 -49.12
C PHE D 161 8.10 21.55 -48.22
N ALA D 162 8.91 20.48 -48.15
CA ALA D 162 10.14 20.53 -47.36
C ALA D 162 11.11 21.58 -47.92
N SER D 163 11.22 21.64 -49.26
CA SER D 163 12.08 22.65 -49.88
C SER D 163 11.55 24.06 -49.63
N ILE D 164 10.23 24.24 -49.75
CA ILE D 164 9.64 25.55 -49.50
C ILE D 164 9.82 25.97 -48.06
N PHE D 165 9.59 25.04 -47.13
CA PHE D 165 9.64 25.38 -45.71
C PHE D 165 11.06 25.65 -45.24
N LEU D 166 12.02 24.81 -45.66
CA LEU D 166 13.39 24.96 -45.20
C LEU D 166 14.06 26.18 -45.84
N THR D 167 13.94 26.32 -47.16
CA THR D 167 14.59 27.43 -47.86
C THR D 167 13.82 28.74 -47.74
N LYS D 168 12.60 28.69 -47.20
CA LYS D 168 11.75 29.84 -46.85
C LYS D 168 11.16 30.52 -48.08
N SER D 169 11.52 30.08 -49.28
CA SER D 169 10.93 30.59 -50.52
C SER D 169 10.63 29.42 -51.44
N THR D 170 9.62 29.59 -52.29
CA THR D 170 9.23 28.57 -53.23
C THR D 170 10.22 28.54 -54.39
N LYS D 171 10.83 27.37 -54.62
CA LYS D 171 11.83 27.20 -55.68
C LYS D 171 11.35 26.13 -56.64
N LEU D 172 11.34 26.46 -57.93
CA LEU D 172 10.98 25.54 -59.00
C LEU D 172 12.16 25.37 -59.94
N THR D 173 12.43 24.12 -60.33
CA THR D 173 13.61 23.80 -61.14
C THR D 173 13.19 22.96 -62.33
N CYS D 174 13.79 23.25 -63.49
CA CYS D 174 13.61 22.48 -64.71
C CYS D 174 14.95 21.85 -65.08
N LEU D 175 14.98 20.52 -65.18
CA LEU D 175 16.22 19.78 -65.39
C LEU D 175 16.22 19.16 -66.79
N VAL D 176 17.22 19.52 -67.59
CA VAL D 176 17.44 18.96 -68.92
C VAL D 176 18.77 18.20 -68.90
N THR D 177 18.77 17.01 -69.50
CA THR D 177 19.95 16.15 -69.51
C THR D 177 20.19 15.63 -70.92
N ASP D 178 21.17 14.73 -71.04
CA ASP D 178 21.52 13.94 -72.22
C ASP D 178 22.11 14.78 -73.35
N LEU D 179 22.30 16.09 -73.15
CA LEU D 179 22.81 16.98 -74.19
C LEU D 179 24.34 16.96 -74.22
N THR D 180 24.90 17.55 -75.27
CA THR D 180 26.34 17.61 -75.49
C THR D 180 26.92 18.95 -75.05
N THR D 181 28.24 19.10 -75.23
CA THR D 181 28.90 20.35 -74.89
C THR D 181 28.48 21.47 -75.83
N TYR D 182 27.72 22.45 -75.32
CA TYR D 182 27.24 23.54 -76.18
C TYR D 182 26.85 24.74 -75.33
N ASP D 183 27.02 25.94 -75.90
CA ASP D 183 26.79 27.20 -75.20
C ASP D 183 25.49 27.86 -75.65
N SER D 184 25.24 29.04 -75.08
CA SER D 184 24.03 29.84 -75.35
C SER D 184 22.75 29.03 -75.10
N VAL D 185 22.74 28.22 -74.04
CA VAL D 185 21.57 27.44 -73.69
C VAL D 185 20.52 28.36 -73.08
N THR D 186 19.28 28.26 -73.56
CA THR D 186 18.18 29.08 -73.09
C THR D 186 17.21 28.22 -72.28
N ILE D 187 17.08 28.54 -71.01
CA ILE D 187 16.12 27.88 -70.12
C ILE D 187 15.16 28.95 -69.61
N SER D 188 13.86 28.64 -69.65
CA SER D 188 12.83 29.60 -69.30
C SER D 188 11.73 28.93 -68.49
N TRP D 189 11.16 29.68 -67.56
CA TRP D 189 9.98 29.28 -66.81
C TRP D 189 8.90 30.34 -67.04
N THR D 190 7.70 29.88 -67.39
CA THR D 190 6.63 30.80 -67.76
C THR D 190 5.35 30.43 -67.02
N ARG D 191 4.58 31.47 -66.70
CA ARG D 191 3.24 31.32 -66.14
C ARG D 191 2.27 30.93 -67.26
N GLN D 192 1.10 30.42 -66.85
CA GLN D 192 0.09 29.98 -67.81
C GLN D 192 -0.31 31.10 -68.77
N ASN D 193 -0.35 32.34 -68.27
CA ASN D 193 -0.68 33.47 -69.14
C ASN D 193 0.50 33.94 -69.98
N GLY D 194 1.70 33.41 -69.74
CA GLY D 194 2.87 33.79 -70.48
C GLY D 194 3.79 34.78 -69.80
N GLU D 195 3.55 35.12 -68.55
CA GLU D 195 4.40 36.06 -67.84
C GLU D 195 5.77 35.44 -67.55
N ALA D 196 6.81 36.23 -67.75
CA ALA D 196 8.17 35.77 -67.50
C ALA D 196 8.48 35.79 -66.00
N VAL D 197 9.56 35.11 -65.64
CA VAL D 197 10.00 35.02 -64.24
C VAL D 197 11.42 35.54 -64.12
N LYS D 198 11.98 35.48 -62.92
CA LYS D 198 13.35 35.89 -62.69
C LYS D 198 14.32 35.03 -63.49
N THR D 199 15.38 35.65 -63.97
CA THR D 199 16.37 34.95 -64.79
C THR D 199 17.07 33.86 -63.99
N HIS D 200 17.23 32.70 -64.60
CA HIS D 200 17.85 31.55 -63.96
C HIS D 200 19.37 31.69 -64.04
N THR D 201 20.04 31.56 -62.90
CA THR D 201 21.48 31.71 -62.80
C THR D 201 22.10 30.48 -62.14
N ASN D 202 23.40 30.31 -62.40
CA ASN D 202 24.21 29.24 -61.81
C ASN D 202 23.65 27.85 -62.17
N ILE D 203 23.66 27.56 -63.47
CA ILE D 203 23.23 26.25 -63.95
C ILE D 203 24.27 25.19 -63.58
N SER D 204 23.83 23.93 -63.59
CA SER D 204 24.69 22.83 -63.20
C SER D 204 25.77 22.57 -64.24
N GLU D 205 26.80 21.83 -63.82
CA GLU D 205 27.94 21.51 -64.66
C GLU D 205 27.81 20.13 -65.28
N SER D 206 28.89 19.69 -65.93
CA SER D 206 28.91 18.39 -66.58
C SER D 206 28.92 17.26 -65.55
N HIS D 207 28.17 16.20 -65.85
CA HIS D 207 28.43 14.93 -65.21
C HIS D 207 29.63 14.27 -65.87
N PRO D 208 30.35 13.40 -65.14
CA PRO D 208 31.57 12.80 -65.71
C PRO D 208 31.33 12.02 -66.99
N ASN D 209 30.11 11.52 -67.22
CA ASN D 209 29.79 10.73 -68.39
C ASN D 209 29.30 11.56 -69.59
N ALA D 210 29.74 12.83 -69.69
CA ALA D 210 29.39 13.80 -70.73
C ALA D 210 27.91 14.17 -70.74
N THR D 211 27.13 13.87 -69.70
CA THR D 211 25.75 14.32 -69.67
C THR D 211 25.71 15.72 -69.04
N PHE D 212 25.23 16.69 -69.81
CA PHE D 212 25.22 18.08 -69.39
C PHE D 212 23.83 18.46 -68.89
N SER D 213 23.76 18.95 -67.66
CA SER D 213 22.51 19.32 -67.02
C SER D 213 22.48 20.82 -66.74
N ALA D 214 21.34 21.46 -67.02
CA ALA D 214 21.12 22.86 -66.69
C ALA D 214 19.81 22.98 -65.94
N VAL D 215 19.82 23.73 -64.83
CA VAL D 215 18.68 23.86 -63.95
C VAL D 215 18.20 25.30 -63.99
N GLY D 216 16.89 25.48 -64.13
CA GLY D 216 16.30 26.80 -64.11
C GLY D 216 15.54 27.08 -62.84
N GLU D 217 16.15 27.85 -61.94
CA GLU D 217 15.55 28.17 -60.65
C GLU D 217 15.05 29.61 -60.66
N ALA D 218 13.90 29.82 -60.02
CA ALA D 218 13.29 31.13 -59.94
C ALA D 218 12.46 31.21 -58.69
N SER D 219 12.18 32.44 -58.25
CA SER D 219 11.40 32.68 -57.06
C SER D 219 9.99 33.09 -57.46
N ILE D 220 9.00 32.37 -56.93
CA ILE D 220 7.59 32.62 -57.23
C ILE D 220 6.84 32.71 -55.91
N CYS D 221 5.65 33.31 -55.96
CA CYS D 221 4.84 33.48 -54.77
C CYS D 221 4.18 32.17 -54.36
N GLU D 222 3.93 32.04 -53.06
CA GLU D 222 3.21 30.87 -52.56
C GLU D 222 1.78 30.82 -53.08
N ASP D 223 1.14 31.99 -53.21
CA ASP D 223 -0.21 32.04 -53.77
C ASP D 223 -0.23 31.65 -55.25
N ASP D 224 0.90 31.75 -55.94
CA ASP D 224 0.98 31.25 -57.31
C ASP D 224 1.06 29.73 -57.33
N TRP D 225 1.83 29.14 -56.42
CA TRP D 225 2.03 27.70 -56.43
C TRP D 225 0.81 26.95 -55.91
N ASN D 226 0.19 27.46 -54.84
CA ASN D 226 -0.91 26.72 -54.22
C ASN D 226 -2.17 26.72 -55.07
N SER D 227 -2.26 27.59 -56.08
CA SER D 227 -3.42 27.60 -56.96
C SER D 227 -3.50 26.33 -57.82
N GLY D 228 -2.37 25.66 -58.03
CA GLY D 228 -2.35 24.45 -58.82
C GLY D 228 -2.24 24.64 -60.31
N GLU D 229 -2.05 25.87 -60.78
CA GLU D 229 -1.88 26.10 -62.21
C GLU D 229 -0.58 25.49 -62.70
N ARG D 230 -0.62 24.85 -63.86
CA ARG D 230 0.51 24.09 -64.38
C ARG D 230 1.55 25.03 -64.96
N PHE D 231 2.71 25.10 -64.32
CA PHE D 231 3.81 25.90 -64.85
C PHE D 231 4.37 25.28 -66.12
N THR D 232 4.84 26.13 -67.03
CA THR D 232 5.36 25.70 -68.33
C THR D 232 6.85 25.99 -68.38
N CYS D 233 7.64 24.97 -68.71
CA CYS D 233 9.08 25.10 -68.89
C CYS D 233 9.41 24.82 -70.35
N THR D 234 9.86 25.85 -71.07
CA THR D 234 10.27 25.72 -72.46
C THR D 234 11.79 25.74 -72.55
N VAL D 235 12.34 24.81 -73.32
CA VAL D 235 13.78 24.68 -73.50
C VAL D 235 14.07 24.80 -74.99
N THR D 236 14.52 25.98 -75.41
CA THR D 236 14.89 26.20 -76.80
C THR D 236 16.39 25.95 -76.94
N HIS D 237 16.75 24.87 -77.63
CA HIS D 237 18.13 24.46 -77.79
C HIS D 237 18.42 24.18 -79.27
N THR D 238 19.65 24.47 -79.68
CA THR D 238 20.03 24.24 -81.08
C THR D 238 20.05 22.76 -81.41
N ASP D 239 20.58 21.93 -80.50
CA ASP D 239 20.64 20.50 -80.75
C ASP D 239 19.24 19.89 -80.78
N LEU D 240 18.35 20.38 -79.92
CA LEU D 240 16.97 19.91 -79.94
C LEU D 240 16.27 20.40 -81.21
N PRO D 241 15.67 19.50 -82.00
CA PRO D 241 14.97 19.95 -83.21
C PRO D 241 13.82 20.91 -82.93
N SER D 242 13.11 20.71 -81.82
CA SER D 242 12.00 21.56 -81.43
C SER D 242 12.08 21.84 -79.94
N PRO D 243 11.56 22.99 -79.49
CA PRO D 243 11.50 23.25 -78.05
C PRO D 243 10.63 22.24 -77.33
N LEU D 244 11.04 21.87 -76.12
CA LEU D 244 10.34 20.88 -75.32
C LEU D 244 9.65 21.56 -74.15
N LYS D 245 8.39 21.20 -73.92
CA LYS D 245 7.57 21.79 -72.86
C LYS D 245 7.48 20.83 -71.69
N GLN D 246 7.72 21.35 -70.49
CA GLN D 246 7.63 20.57 -69.26
C GLN D 246 6.63 21.20 -68.32
N THR D 247 5.96 20.36 -67.54
CA THR D 247 4.86 20.77 -66.68
C THR D 247 5.11 20.30 -65.25
N ILE D 248 4.98 21.22 -64.29
CA ILE D 248 5.03 20.90 -62.87
C ILE D 248 3.75 21.42 -62.21
N SER D 249 3.18 20.61 -61.34
CA SER D 249 1.97 20.97 -60.60
C SER D 249 1.75 19.96 -59.49
N ARG D 250 1.37 20.44 -58.32
CA ARG D 250 1.02 19.54 -57.23
C ARG D 250 -0.30 18.84 -57.55
N PRO D 251 -0.47 17.59 -57.12
CA PRO D 251 -1.68 16.84 -57.49
C PRO D 251 -2.89 17.30 -56.68
N LYS D 252 -3.89 17.84 -57.38
CA LYS D 252 -5.14 18.21 -56.75
C LYS D 252 -6.03 16.98 -56.55
N GLY D 253 -7.04 17.13 -55.71
CA GLY D 253 -7.95 16.06 -55.39
C GLY D 253 -7.52 15.17 -54.25
N VAL D 254 -6.31 15.35 -53.72
CA VAL D 254 -5.84 14.57 -52.59
C VAL D 254 -6.43 15.15 -51.30
N ALA D 255 -6.93 14.26 -50.44
CA ALA D 255 -7.51 14.71 -49.18
C ALA D 255 -6.43 15.17 -48.22
N LEU D 256 -6.71 16.24 -47.50
CA LEU D 256 -5.78 16.83 -46.54
C LEU D 256 -6.23 16.46 -45.13
N HIS D 257 -5.32 15.85 -44.36
CA HIS D 257 -5.58 15.46 -42.98
C HIS D 257 -4.45 15.96 -42.11
N ARG D 258 -4.79 16.65 -41.02
CA ARG D 258 -3.78 17.22 -40.16
C ARG D 258 -3.00 16.13 -39.44
N PRO D 259 -1.68 16.26 -39.31
CA PRO D 259 -0.92 15.29 -38.52
C PRO D 259 -1.31 15.32 -37.06
N ASP D 260 -1.24 14.15 -36.43
CA ASP D 260 -1.40 14.02 -34.98
C ASP D 260 -0.01 13.72 -34.43
N VAL D 261 0.74 14.79 -34.14
CA VAL D 261 2.13 14.66 -33.70
C VAL D 261 2.13 14.13 -32.27
N TYR D 262 2.78 12.99 -32.07
CA TYR D 262 2.88 12.33 -30.78
C TYR D 262 4.35 12.04 -30.48
N LEU D 263 4.79 12.37 -29.28
CA LEU D 263 6.17 12.14 -28.87
C LEU D 263 6.20 11.07 -27.80
N LEU D 264 7.12 10.12 -27.94
CA LEU D 264 7.30 9.05 -26.95
C LEU D 264 8.60 9.26 -26.21
N PRO D 265 8.58 9.32 -24.88
CA PRO D 265 9.83 9.51 -24.13
C PRO D 265 10.73 8.30 -24.25
N PRO D 266 12.05 8.47 -24.08
CA PRO D 266 12.98 7.34 -24.18
C PRO D 266 12.70 6.30 -23.09
N ALA D 267 12.94 5.04 -23.44
CA ALA D 267 12.69 3.94 -22.52
C ALA D 267 13.65 3.97 -21.35
N ARG D 268 13.16 3.53 -20.18
CA ARG D 268 14.01 3.45 -19.00
C ARG D 268 15.07 2.36 -19.15
N GLU D 269 14.77 1.30 -19.88
CA GLU D 269 15.76 0.26 -20.15
C GLU D 269 16.93 0.83 -20.93
N GLN D 270 16.64 1.67 -21.93
CA GLN D 270 17.70 2.39 -22.63
C GLN D 270 18.43 3.36 -21.72
N LEU D 271 17.68 4.07 -20.86
CA LEU D 271 18.28 5.09 -20.02
C LEU D 271 19.12 4.47 -18.90
N ASN D 272 18.96 3.18 -18.65
CA ASN D 272 19.71 2.50 -17.60
C ASN D 272 21.16 2.25 -18.00
N LEU D 273 21.43 2.13 -19.31
CA LEU D 273 22.78 1.81 -19.77
C LEU D 273 23.73 3.00 -19.71
N ARG D 274 23.20 4.23 -19.64
CA ARG D 274 23.99 5.45 -19.44
C ARG D 274 25.03 5.69 -20.54
N GLU D 275 24.62 5.69 -21.81
CA GLU D 275 25.47 6.25 -22.86
C GLU D 275 24.77 7.37 -23.61
N SER D 276 23.51 7.18 -24.02
CA SER D 276 22.79 8.14 -24.83
C SER D 276 21.30 8.06 -24.53
N ALA D 277 20.53 8.90 -25.22
CA ALA D 277 19.07 8.88 -25.13
C ALA D 277 18.51 9.04 -26.53
N THR D 278 17.51 8.22 -26.88
CA THR D 278 16.85 8.28 -28.17
C THR D 278 15.41 8.76 -27.96
N ILE D 279 15.06 9.87 -28.60
CA ILE D 279 13.73 10.46 -28.50
C ILE D 279 13.09 10.42 -29.88
N THR D 280 11.95 9.74 -30.00
CA THR D 280 11.26 9.60 -31.26
C THR D 280 10.05 10.54 -31.28
N CYS D 281 9.73 11.07 -32.46
CA CYS D 281 8.60 11.97 -32.64
C CYS D 281 7.67 11.31 -33.67
N LEU D 282 6.70 10.55 -33.16
CA LEU D 282 5.81 9.77 -34.01
C LEU D 282 4.77 10.69 -34.65
N VAL D 283 4.90 10.91 -35.96
CA VAL D 283 3.94 11.67 -36.73
C VAL D 283 3.10 10.69 -37.53
N THR D 284 1.80 10.65 -37.26
CA THR D 284 0.91 9.67 -37.86
C THR D 284 -0.40 10.32 -38.28
N GLY D 285 -1.11 9.65 -39.19
CA GLY D 285 -2.41 10.12 -39.64
C GLY D 285 -2.40 11.43 -40.39
N PHE D 286 -1.49 11.59 -41.34
CA PHE D 286 -1.39 12.80 -42.15
C PHE D 286 -1.33 12.46 -43.62
N SER D 287 -1.95 13.30 -44.45
CA SER D 287 -1.90 13.21 -45.89
C SER D 287 -1.79 14.62 -46.45
N PRO D 288 -0.98 14.83 -47.51
CA PRO D 288 -0.18 13.84 -48.24
C PRO D 288 1.14 13.46 -47.55
N ALA D 289 2.06 12.90 -48.33
CA ALA D 289 3.29 12.36 -47.77
C ALA D 289 4.27 13.45 -47.38
N ASP D 290 4.22 14.59 -48.08
CA ASP D 290 5.21 15.66 -47.88
C ASP D 290 5.14 16.24 -46.48
N VAL D 291 6.17 15.97 -45.67
CA VAL D 291 6.27 16.46 -44.31
C VAL D 291 7.74 16.70 -43.99
N PHE D 292 8.01 17.73 -43.19
CA PHE D 292 9.37 18.09 -42.81
C PHE D 292 9.39 18.37 -41.31
N VAL D 293 10.32 17.72 -40.61
CA VAL D 293 10.39 17.75 -39.15
C VAL D 293 11.78 18.22 -38.73
N GLN D 294 11.82 19.13 -37.76
CA GLN D 294 13.08 19.57 -37.14
C GLN D 294 13.03 19.33 -35.64
N TRP D 295 14.10 19.70 -34.96
CA TRP D 295 14.21 19.61 -33.51
C TRP D 295 14.89 20.86 -32.98
N MET D 296 14.36 21.38 -31.86
CA MET D 296 14.90 22.58 -31.23
C MET D 296 15.15 22.31 -29.75
N GLN D 297 16.23 22.91 -29.23
CA GLN D 297 16.54 22.88 -27.79
C GLN D 297 16.48 24.30 -27.26
N ARG D 298 15.55 24.54 -26.34
CA ARG D 298 15.41 25.84 -25.66
C ARG D 298 15.19 26.97 -26.66
N GLY D 299 14.44 26.68 -27.73
CA GLY D 299 14.17 27.65 -28.76
C GLY D 299 15.22 27.77 -29.84
N GLN D 300 16.32 27.01 -29.75
CA GLN D 300 17.39 27.08 -30.73
C GLN D 300 17.36 25.85 -31.62
N PRO D 301 17.23 26.00 -32.94
CA PRO D 301 17.26 24.83 -33.83
C PRO D 301 18.60 24.12 -33.79
N LEU D 302 18.56 22.81 -33.95
CA LEU D 302 19.74 21.96 -33.87
C LEU D 302 20.36 21.73 -35.23
N SER D 303 21.54 21.14 -35.23
CA SER D 303 22.21 20.78 -36.47
C SER D 303 21.46 19.63 -37.15
N PRO D 304 21.43 19.59 -38.49
CA PRO D 304 20.71 18.50 -39.17
C PRO D 304 21.32 17.12 -38.94
N GLU D 305 22.58 17.02 -38.52
CA GLU D 305 23.17 15.70 -38.33
C GLU D 305 22.69 15.03 -37.05
N LYS D 306 22.30 15.82 -36.04
CA LYS D 306 21.88 15.24 -34.77
C LYS D 306 20.60 14.42 -34.91
N TYR D 307 19.64 14.92 -35.68
CA TYR D 307 18.35 14.28 -35.84
C TYR D 307 18.17 13.81 -37.28
N VAL D 308 17.49 12.68 -37.45
CA VAL D 308 17.21 12.11 -38.76
C VAL D 308 15.73 11.74 -38.83
N THR D 309 15.11 11.99 -39.97
CA THR D 309 13.69 11.76 -40.17
C THR D 309 13.49 10.62 -41.17
N SER D 310 12.69 9.63 -40.78
CA SER D 310 12.41 8.51 -41.66
C SER D 310 11.43 8.93 -42.77
N ALA D 311 11.48 8.18 -43.87
CA ALA D 311 10.60 8.43 -45.00
C ALA D 311 9.15 8.09 -44.65
N PRO D 312 8.20 8.83 -45.21
CA PRO D 312 6.79 8.52 -44.94
C PRO D 312 6.40 7.15 -45.48
N MET D 313 5.51 6.48 -44.75
CA MET D 313 5.02 5.16 -45.10
C MET D 313 3.52 5.10 -44.89
N PRO D 314 2.80 4.26 -45.63
CA PRO D 314 1.36 4.18 -45.47
C PRO D 314 0.96 3.68 -44.09
N GLU D 315 -0.16 4.22 -43.58
CA GLU D 315 -0.72 3.79 -42.31
C GLU D 315 -1.57 2.54 -42.51
N PRO D 316 -1.36 1.50 -41.70
CA PRO D 316 -2.15 0.27 -41.87
C PRO D 316 -3.65 0.46 -41.67
N GLN D 317 -4.07 1.38 -40.80
CA GLN D 317 -5.48 1.55 -40.53
C GLN D 317 -6.22 2.13 -41.73
N ALA D 318 -5.71 3.21 -42.30
CA ALA D 318 -6.37 3.89 -43.40
C ALA D 318 -5.42 4.09 -44.56
N PRO D 319 -5.85 3.81 -45.80
CA PRO D 319 -4.98 4.03 -46.97
C PRO D 319 -4.60 5.50 -47.15
N GLY D 320 -5.52 6.40 -46.82
CA GLY D 320 -5.23 7.82 -46.95
C GLY D 320 -4.19 8.31 -45.96
N ARG D 321 -4.27 7.84 -44.72
CA ARG D 321 -3.34 8.29 -43.69
C ARG D 321 -1.94 7.77 -43.95
N TYR D 322 -0.95 8.61 -43.69
CA TYR D 322 0.46 8.23 -43.75
C TYR D 322 1.10 8.47 -42.39
N PHE D 323 2.23 7.82 -42.15
CA PHE D 323 2.96 7.99 -40.90
C PHE D 323 4.45 8.07 -41.19
N ALA D 324 5.18 8.72 -40.28
CA ALA D 324 6.61 8.92 -40.43
C ALA D 324 7.25 8.91 -39.04
N HIS D 325 8.59 8.90 -39.02
CA HIS D 325 9.35 8.84 -37.79
C HIS D 325 10.48 9.84 -37.82
N SER D 326 10.92 10.25 -36.63
CA SER D 326 12.05 11.16 -36.48
C SER D 326 12.66 10.95 -35.09
N ILE D 327 13.93 10.55 -35.06
CA ILE D 327 14.63 10.26 -33.81
C ILE D 327 15.75 11.27 -33.63
N LEU D 328 16.16 11.44 -32.37
CA LEU D 328 17.26 12.33 -32.00
C LEU D 328 18.12 11.60 -30.99
N THR D 329 19.36 11.32 -31.36
CA THR D 329 20.29 10.60 -30.48
C THR D 329 21.18 11.60 -29.76
N VAL D 330 20.97 11.75 -28.45
CA VAL D 330 21.77 12.66 -27.63
C VAL D 330 22.18 11.89 -26.37
N SER D 331 23.19 12.40 -25.68
CA SER D 331 23.76 11.71 -24.53
C SER D 331 22.76 11.58 -23.39
N GLU D 332 22.99 10.57 -22.54
CA GLU D 332 22.07 10.29 -21.43
C GLU D 332 22.11 11.39 -20.37
N GLU D 333 23.28 12.01 -20.17
CA GLU D 333 23.43 12.98 -19.09
C GLU D 333 22.56 14.21 -19.31
N GLU D 334 22.37 14.60 -20.58
CA GLU D 334 21.56 15.78 -20.88
C GLU D 334 20.10 15.56 -20.54
N TRP D 335 19.62 14.31 -20.61
CA TRP D 335 18.21 14.04 -20.35
C TRP D 335 17.85 14.21 -18.88
N ASN D 336 18.79 13.93 -17.96
CA ASN D 336 18.50 14.12 -16.55
C ASN D 336 18.28 15.59 -16.21
N THR D 337 19.07 16.48 -16.81
CA THR D 337 18.92 17.91 -16.57
C THR D 337 17.68 18.44 -17.28
N GLY D 338 17.26 19.65 -16.87
CA GLY D 338 16.10 20.29 -17.45
C GLY D 338 16.35 20.82 -18.84
N GLU D 339 15.74 20.20 -19.85
CA GLU D 339 15.98 20.55 -21.24
C GLU D 339 14.66 20.48 -22.01
N THR D 340 14.42 21.47 -22.88
CA THR D 340 13.12 21.59 -23.53
C THR D 340 12.91 20.51 -24.59
N TYR D 341 13.89 20.31 -25.47
CA TYR D 341 13.88 19.30 -26.53
C TYR D 341 12.59 19.36 -27.36
N THR D 342 12.43 20.48 -28.06
CA THR D 342 11.25 20.69 -28.89
C THR D 342 11.28 19.82 -30.14
N CYS D 343 10.14 19.20 -30.44
CA CYS D 343 9.91 18.57 -31.75
C CYS D 343 8.90 19.41 -32.51
N VAL D 344 9.29 19.87 -33.71
CA VAL D 344 8.46 20.73 -34.53
C VAL D 344 8.19 20.05 -35.86
N VAL D 345 6.92 20.02 -36.26
CA VAL D 345 6.48 19.32 -37.47
C VAL D 345 5.66 20.29 -38.30
N ALA D 346 6.04 20.44 -39.57
CA ALA D 346 5.36 21.33 -40.50
C ALA D 346 4.64 20.52 -41.56
N HIS D 347 3.41 20.90 -41.87
CA HIS D 347 2.60 20.17 -42.86
C HIS D 347 1.59 21.12 -43.47
N GLU D 348 1.17 20.80 -44.70
CA GLU D 348 0.23 21.66 -45.41
C GLU D 348 -1.16 21.62 -44.79
N ALA D 349 -1.62 20.44 -44.38
CA ALA D 349 -2.99 20.29 -43.90
C ALA D 349 -3.21 20.92 -42.54
N LEU D 350 -2.15 21.30 -41.84
CA LEU D 350 -2.30 21.91 -40.53
C LEU D 350 -2.91 23.31 -40.67
N PRO D 351 -3.88 23.68 -39.83
CA PRO D 351 -4.41 25.05 -39.89
C PRO D 351 -3.37 26.12 -39.63
N ASN D 352 -2.41 25.84 -38.75
CA ASN D 352 -1.29 26.73 -38.49
C ASN D 352 -0.08 26.39 -39.34
N ARG D 353 -0.19 25.38 -40.21
CA ARG D 353 0.85 24.91 -41.12
C ARG D 353 2.04 24.29 -40.40
N VAL D 354 2.02 24.29 -39.07
CA VAL D 354 3.11 23.76 -38.26
C VAL D 354 2.63 23.63 -36.82
N THR D 355 3.10 22.59 -36.12
CA THR D 355 2.79 22.37 -34.71
C THR D 355 4.09 22.14 -33.93
N GLU D 356 3.94 21.84 -32.65
CA GLU D 356 5.05 21.78 -31.71
C GLU D 356 4.71 20.81 -30.59
N ARG D 357 5.75 20.13 -30.09
CA ARG D 357 5.61 19.22 -28.95
C ARG D 357 6.82 19.37 -28.05
N THR D 358 6.58 19.39 -26.74
CA THR D 358 7.62 19.57 -25.74
C THR D 358 7.65 18.37 -24.80
N VAL D 359 8.86 17.94 -24.45
CA VAL D 359 9.06 16.84 -23.51
C VAL D 359 10.21 17.21 -22.58
N ASP D 360 10.04 16.92 -21.30
CA ASP D 360 11.06 17.22 -20.30
C ASP D 360 11.37 15.97 -19.51
N LYS D 361 12.34 16.08 -18.60
CA LYS D 361 12.58 14.99 -17.65
C LYS D 361 11.39 14.79 -16.75
N SER D 362 10.74 15.87 -16.34
CA SER D 362 9.51 15.82 -15.54
C SER D 362 8.27 15.86 -16.42
N THR D 363 8.21 14.97 -17.40
CA THR D 363 7.04 14.81 -18.26
C THR D 363 6.34 13.50 -17.90
N GLY D 364 5.04 13.58 -17.66
CA GLY D 364 4.32 12.44 -17.12
C GLY D 364 4.63 12.32 -15.64
N LYS D 365 5.39 11.28 -15.26
CA LYS D 365 5.91 11.08 -13.92
C LYS D 365 4.80 11.11 -12.87
N PRO D 366 4.00 10.07 -12.76
CA PRO D 366 2.92 10.06 -11.75
C PRO D 366 3.50 10.17 -10.34
N THR D 367 2.67 10.71 -9.44
CA THR D 367 3.14 11.12 -8.12
C THR D 367 3.72 9.95 -7.33
N LEU D 368 4.89 10.16 -6.75
CA LEU D 368 5.55 9.17 -5.89
C LEU D 368 5.23 9.52 -4.45
N TYR D 369 4.34 8.75 -3.83
CA TYR D 369 4.01 8.96 -2.42
C TYR D 369 5.14 8.43 -1.54
N ASN D 370 5.43 9.18 -0.48
CA ASN D 370 6.56 8.93 0.42
C ASN D 370 6.06 8.83 1.86
N VAL D 371 5.06 7.97 2.05
CA VAL D 371 4.38 7.83 3.33
C VAL D 371 5.35 7.22 4.33
N SER D 372 5.79 8.02 5.31
CA SER D 372 6.68 7.58 6.37
C SER D 372 5.95 7.74 7.69
N LEU D 373 5.27 6.68 8.14
CA LEU D 373 4.39 6.74 9.29
C LEU D 373 4.90 5.84 10.42
N VAL D 374 4.59 6.22 11.66
CA VAL D 374 4.97 5.48 12.85
C VAL D 374 3.77 5.36 13.78
N MET D 375 3.60 4.17 14.39
CA MET D 375 2.77 4.02 15.57
C MET D 375 3.51 3.44 16.77
N SER D 376 4.73 2.94 16.59
CA SER D 376 5.39 2.14 17.62
C SER D 376 5.77 2.94 18.86
N ASP D 377 5.72 4.27 18.79
CA ASP D 377 5.96 5.08 19.99
C ASP D 377 4.86 4.89 21.02
N THR D 378 3.67 4.45 20.58
CA THR D 378 2.61 4.14 21.52
C THR D 378 2.99 2.99 22.45
N ALA D 379 3.43 1.87 21.85
CA ALA D 379 3.90 0.69 22.58
C ALA D 379 2.85 0.19 23.58
N GLY D 380 1.61 0.12 23.11
CA GLY D 380 0.51 -0.32 23.96
C GLY D 380 0.22 0.63 25.11
N THR D 381 0.16 1.92 24.81
CA THR D 381 -0.08 2.99 25.79
C THR D 381 0.95 2.96 26.92
N ILE E 152 20.77 -6.91 -72.37
CA ILE E 152 20.10 -7.79 -71.41
C ILE E 152 20.34 -7.30 -69.99
N ARG E 153 19.27 -7.28 -69.19
CA ARG E 153 19.34 -6.88 -67.79
C ARG E 153 18.73 -7.98 -66.93
N VAL E 154 19.51 -8.49 -65.98
CA VAL E 154 19.05 -9.53 -65.06
C VAL E 154 19.19 -8.99 -63.64
N PHE E 155 18.10 -9.04 -62.89
CA PHE E 155 18.08 -8.57 -61.50
C PHE E 155 18.14 -9.79 -60.59
N ALA E 156 19.29 -9.99 -59.95
CA ALA E 156 19.51 -11.11 -59.04
C ALA E 156 19.20 -10.63 -57.62
N ILE E 157 18.06 -11.08 -57.08
CA ILE E 157 17.62 -10.68 -55.76
C ILE E 157 18.25 -11.64 -54.74
N PRO E 158 19.13 -11.17 -53.86
CA PRO E 158 19.70 -12.06 -52.86
C PRO E 158 18.67 -12.40 -51.80
N PRO E 159 18.78 -13.57 -51.16
CA PRO E 159 17.87 -13.90 -50.06
C PRO E 159 18.13 -13.05 -48.83
N SER E 160 17.22 -12.14 -48.52
CA SER E 160 17.35 -11.28 -47.35
C SER E 160 17.15 -12.09 -46.08
N PHE E 161 17.47 -11.48 -44.95
CA PHE E 161 17.31 -12.17 -43.66
C PHE E 161 15.84 -12.43 -43.36
N ALA E 162 14.96 -11.51 -43.75
CA ALA E 162 13.53 -11.74 -43.61
C ALA E 162 13.07 -12.94 -44.44
N SER E 163 13.60 -13.05 -45.67
CA SER E 163 13.23 -14.16 -46.54
C SER E 163 13.75 -15.49 -46.00
N ILE E 164 14.98 -15.51 -45.48
CA ILE E 164 15.55 -16.76 -45.01
C ILE E 164 14.95 -17.16 -43.67
N PHE E 165 14.43 -16.19 -42.91
CA PHE E 165 13.91 -16.49 -41.58
C PHE E 165 12.42 -16.79 -41.59
N LEU E 166 11.66 -16.16 -42.50
CA LEU E 166 10.21 -16.39 -42.53
C LEU E 166 9.89 -17.81 -42.98
N THR E 167 10.56 -18.29 -44.04
CA THR E 167 10.28 -19.61 -44.60
C THR E 167 11.23 -20.70 -44.10
N LYS E 168 12.26 -20.34 -43.32
CA LYS E 168 13.28 -21.27 -42.82
C LYS E 168 14.03 -21.97 -43.93
N SER E 169 13.90 -21.48 -45.17
CA SER E 169 14.61 -22.04 -46.33
C SER E 169 15.04 -20.87 -47.20
N THR E 170 16.35 -20.77 -47.43
CA THR E 170 16.90 -19.68 -48.25
C THR E 170 16.43 -19.85 -49.71
N LYS E 171 15.95 -18.77 -50.31
CA LYS E 171 15.47 -18.77 -51.67
C LYS E 171 16.17 -17.66 -52.43
N LEU E 172 16.88 -18.03 -53.49
CA LEU E 172 17.62 -17.08 -54.32
C LEU E 172 16.95 -16.98 -55.68
N THR E 173 16.71 -15.74 -56.13
CA THR E 173 16.02 -15.49 -57.39
C THR E 173 16.84 -14.51 -58.22
N CYS E 174 17.06 -14.85 -59.48
CA CYS E 174 17.65 -13.95 -60.46
C CYS E 174 16.63 -13.75 -61.58
N LEU E 175 16.24 -12.49 -61.80
CA LEU E 175 15.11 -12.16 -62.66
C LEU E 175 15.60 -11.30 -63.82
N VAL E 176 15.34 -11.77 -65.04
CA VAL E 176 15.70 -11.01 -66.23
C VAL E 176 14.68 -9.89 -66.45
N THR E 177 15.12 -8.80 -67.09
CA THR E 177 14.30 -7.61 -67.23
C THR E 177 14.53 -6.97 -68.59
N ASP E 178 13.43 -6.55 -69.24
CA ASP E 178 13.43 -5.73 -70.45
C ASP E 178 14.14 -6.46 -71.62
N LEU E 179 13.52 -7.57 -72.02
CA LEU E 179 13.89 -8.26 -73.25
C LEU E 179 12.64 -8.63 -74.05
N THR E 180 12.80 -9.49 -75.05
CA THR E 180 11.67 -9.90 -75.88
C THR E 180 10.62 -10.62 -75.06
N THR E 181 9.36 -10.51 -75.50
CA THR E 181 8.23 -10.93 -74.68
C THR E 181 8.25 -12.42 -74.37
N TYR E 182 8.65 -13.24 -75.34
CA TYR E 182 8.74 -14.69 -75.11
C TYR E 182 9.65 -15.30 -76.15
N ASP E 183 10.73 -15.94 -75.69
CA ASP E 183 11.67 -16.63 -76.57
C ASP E 183 12.50 -17.57 -75.69
N SER E 184 13.38 -18.33 -76.34
CA SER E 184 14.20 -19.30 -75.62
C SER E 184 15.16 -18.58 -74.68
N VAL E 185 15.25 -19.09 -73.44
CA VAL E 185 16.12 -18.54 -72.42
C VAL E 185 16.63 -19.68 -71.55
N THR E 186 17.88 -19.54 -71.08
CA THR E 186 18.52 -20.55 -70.25
C THR E 186 19.07 -19.88 -69.00
N ILE E 187 18.49 -20.21 -67.85
CA ILE E 187 18.92 -19.68 -66.56
C ILE E 187 19.63 -20.78 -65.79
N SER E 188 20.79 -20.47 -65.24
CA SER E 188 21.58 -21.46 -64.51
C SER E 188 22.31 -20.79 -63.36
N TRP E 189 22.05 -21.27 -62.14
CA TRP E 189 22.83 -20.87 -60.98
C TRP E 189 24.14 -21.64 -60.96
N THR E 190 25.24 -20.92 -60.83
CA THR E 190 26.57 -21.51 -60.94
C THR E 190 27.42 -21.09 -59.75
N ARG E 191 28.02 -22.07 -59.08
CA ARG E 191 28.96 -21.81 -58.01
C ARG E 191 30.38 -21.75 -58.57
N GLN E 192 31.37 -21.77 -57.67
CA GLN E 192 32.75 -21.84 -58.12
C GLN E 192 33.07 -23.20 -58.73
N ASN E 193 32.43 -24.26 -58.26
CA ASN E 193 32.65 -25.61 -58.80
C ASN E 193 31.84 -25.87 -60.07
N GLY E 194 30.86 -25.03 -60.40
CA GLY E 194 30.08 -25.22 -61.60
C GLY E 194 29.05 -26.34 -61.54
N GLU E 195 28.70 -26.81 -60.35
CA GLU E 195 27.75 -27.91 -60.22
C GLU E 195 26.33 -27.44 -60.54
N ALA E 196 25.50 -28.39 -60.95
CA ALA E 196 24.11 -28.11 -61.26
C ALA E 196 23.32 -27.79 -59.99
N VAL E 197 22.18 -27.12 -60.17
CA VAL E 197 21.36 -26.64 -59.08
C VAL E 197 19.94 -27.16 -59.26
N LYS E 198 19.07 -26.77 -58.34
CA LYS E 198 17.65 -27.10 -58.43
C LYS E 198 17.01 -26.37 -59.61
N THR E 199 16.00 -27.01 -60.21
CA THR E 199 15.32 -26.45 -61.37
C THR E 199 14.65 -25.13 -61.03
N HIS E 200 14.63 -24.22 -61.99
CA HIS E 200 14.08 -22.88 -61.81
C HIS E 200 12.57 -22.94 -62.01
N THR E 201 11.87 -23.22 -60.92
CA THR E 201 10.42 -23.36 -60.93
C THR E 201 9.75 -21.99 -60.98
N ASN E 202 8.55 -21.94 -61.56
CA ASN E 202 7.70 -20.76 -61.60
C ASN E 202 8.40 -19.62 -62.35
N ILE E 203 8.58 -19.84 -63.65
CA ILE E 203 9.04 -18.78 -64.55
C ILE E 203 7.90 -17.80 -64.76
N SER E 204 8.21 -16.50 -64.60
CA SER E 204 7.17 -15.48 -64.69
C SER E 204 6.63 -15.36 -66.10
N GLU E 205 5.32 -15.15 -66.20
CA GLU E 205 4.66 -15.00 -67.49
C GLU E 205 4.99 -13.64 -68.09
N SER E 206 4.86 -13.55 -69.42
CA SER E 206 5.16 -12.31 -70.13
C SER E 206 4.23 -11.19 -69.70
N HIS E 207 4.81 -10.03 -69.40
CA HIS E 207 4.05 -8.87 -68.96
C HIS E 207 3.36 -8.19 -70.14
N PRO E 208 2.25 -7.50 -69.89
CA PRO E 208 1.56 -6.80 -71.00
C PRO E 208 2.40 -5.73 -71.66
N ASN E 209 3.33 -5.10 -70.95
CA ASN E 209 4.13 -4.03 -71.51
C ASN E 209 5.36 -4.53 -72.28
N ALA E 210 5.34 -5.79 -72.71
CA ALA E 210 6.39 -6.41 -73.52
C ALA E 210 7.75 -6.44 -72.83
N THR E 211 7.79 -6.35 -71.51
CA THR E 211 9.04 -6.44 -70.75
C THR E 211 9.21 -7.88 -70.25
N PHE E 212 10.32 -8.50 -70.61
CA PHE E 212 10.55 -9.89 -70.25
C PHE E 212 10.87 -10.03 -68.77
N SER E 213 10.42 -11.13 -68.18
CA SER E 213 10.67 -11.40 -66.77
C SER E 213 10.59 -12.90 -66.54
N ALA E 214 11.65 -13.46 -65.97
CA ALA E 214 11.71 -14.89 -65.66
C ALA E 214 12.22 -15.07 -64.25
N VAL E 215 11.40 -15.67 -63.39
CA VAL E 215 11.75 -15.87 -61.98
C VAL E 215 12.40 -17.25 -61.85
N GLY E 216 13.70 -17.26 -61.59
CA GLY E 216 14.40 -18.51 -61.34
C GLY E 216 14.72 -18.71 -59.88
N GLU E 217 13.97 -19.58 -59.21
CA GLU E 217 14.12 -19.82 -57.78
C GLU E 217 14.60 -21.25 -57.56
N ALA E 218 15.40 -21.44 -56.51
CA ALA E 218 15.96 -22.74 -56.19
C ALA E 218 16.29 -22.80 -54.71
N SER E 219 16.46 -24.02 -54.21
CA SER E 219 16.83 -24.26 -52.82
C SER E 219 18.32 -24.56 -52.75
N ILE E 220 19.04 -23.80 -51.94
CA ILE E 220 20.49 -23.88 -51.85
C ILE E 220 20.88 -24.09 -50.39
N CYS E 221 22.15 -24.44 -50.19
CA CYS E 221 22.66 -24.66 -48.83
C CYS E 221 22.64 -23.37 -48.04
N GLU E 222 22.12 -23.45 -46.81
CA GLU E 222 22.05 -22.28 -45.95
C GLU E 222 23.43 -21.86 -45.47
N ASP E 223 24.27 -22.83 -45.08
CA ASP E 223 25.59 -22.51 -44.55
C ASP E 223 26.51 -21.99 -45.64
N ASP E 224 26.40 -22.54 -46.85
CA ASP E 224 27.28 -22.11 -47.94
C ASP E 224 26.96 -20.68 -48.36
N TRP E 225 25.71 -20.26 -48.23
CA TRP E 225 25.35 -18.88 -48.52
C TRP E 225 26.02 -17.92 -47.55
N ASN E 226 26.07 -18.28 -46.26
CA ASN E 226 26.69 -17.41 -45.27
C ASN E 226 28.21 -17.51 -45.30
N SER E 227 28.75 -18.53 -45.97
CA SER E 227 30.20 -18.71 -46.04
C SER E 227 30.88 -17.69 -46.94
N GLY E 228 30.11 -16.93 -47.72
CA GLY E 228 30.68 -15.92 -48.59
C GLY E 228 30.99 -16.37 -50.00
N GLU E 229 30.85 -17.67 -50.30
CA GLU E 229 31.08 -18.15 -51.66
C GLU E 229 29.99 -17.61 -52.58
N ARG E 230 30.38 -17.16 -53.76
CA ARG E 230 29.53 -16.35 -54.62
C ARG E 230 28.69 -17.22 -55.53
N PHE E 231 27.41 -16.86 -55.66
CA PHE E 231 26.45 -17.57 -56.50
C PHE E 231 26.25 -16.78 -57.79
N THR E 232 26.48 -17.42 -58.94
CA THR E 232 26.43 -16.76 -60.23
C THR E 232 25.22 -17.26 -61.02
N CYS E 233 24.35 -16.35 -61.42
CA CYS E 233 23.22 -16.67 -62.29
C CYS E 233 23.64 -16.41 -63.74
N THR E 234 23.75 -17.48 -64.52
CA THR E 234 24.11 -17.37 -65.93
C THR E 234 22.84 -17.38 -66.77
N VAL E 235 22.60 -16.28 -67.49
CA VAL E 235 21.43 -16.14 -68.34
C VAL E 235 21.90 -15.86 -69.76
N THR E 236 21.47 -16.68 -70.70
CA THR E 236 21.70 -16.46 -72.12
C THR E 236 20.36 -16.45 -72.84
N HIS E 237 20.28 -15.62 -73.89
CA HIS E 237 19.03 -15.42 -74.60
C HIS E 237 19.31 -15.43 -76.09
N THR E 238 18.28 -15.77 -76.87
CA THR E 238 18.42 -15.78 -78.33
C THR E 238 18.65 -14.36 -78.86
N ASP E 239 18.09 -13.35 -78.20
CA ASP E 239 18.24 -11.97 -78.67
C ASP E 239 19.69 -11.51 -78.64
N LEU E 240 20.41 -11.81 -77.55
CA LEU E 240 21.81 -11.42 -77.42
C LEU E 240 22.67 -12.68 -77.23
N PRO E 241 23.54 -13.01 -78.18
CA PRO E 241 24.33 -14.24 -78.06
C PRO E 241 25.24 -14.28 -76.85
N SER E 242 25.75 -13.13 -76.39
CA SER E 242 26.63 -13.10 -75.24
C SER E 242 25.83 -13.28 -73.96
N PRO E 243 26.08 -14.31 -73.16
CA PRO E 243 25.35 -14.49 -71.91
C PRO E 243 25.70 -13.42 -70.89
N LEU E 244 24.75 -13.12 -70.02
CA LEU E 244 24.94 -12.17 -68.94
C LEU E 244 25.10 -12.96 -67.63
N LYS E 245 26.24 -12.76 -66.96
CA LYS E 245 26.53 -13.45 -65.71
C LYS E 245 26.30 -12.48 -64.55
N GLN E 246 25.36 -12.83 -63.67
CA GLN E 246 25.06 -12.04 -62.49
C GLN E 246 25.45 -12.84 -61.26
N THR E 247 26.38 -12.29 -60.47
CA THR E 247 26.89 -12.96 -59.27
C THR E 247 26.47 -12.18 -58.04
N ILE E 248 25.93 -12.88 -57.05
CA ILE E 248 25.51 -12.27 -55.79
C ILE E 248 25.93 -13.19 -54.65
N SER E 249 26.19 -12.60 -53.49
CA SER E 249 26.53 -13.35 -52.29
C SER E 249 26.31 -12.45 -51.08
N ARG E 250 26.39 -13.05 -49.90
CA ARG E 250 26.32 -12.26 -48.67
C ARG E 250 27.55 -11.39 -48.58
N PRO E 251 27.40 -10.08 -48.39
CA PRO E 251 28.57 -9.18 -48.41
C PRO E 251 29.54 -9.50 -47.28
N LYS E 252 30.83 -9.40 -47.59
CA LYS E 252 31.90 -9.60 -46.62
C LYS E 252 32.51 -8.26 -46.24
N GLY E 253 33.31 -8.31 -45.16
CA GLY E 253 33.93 -7.09 -44.67
C GLY E 253 32.99 -6.14 -43.98
N VAL E 254 31.84 -6.62 -43.51
CA VAL E 254 30.87 -5.80 -42.80
C VAL E 254 30.88 -6.20 -41.33
N ALA E 255 30.90 -5.20 -40.46
CA ALA E 255 30.91 -5.46 -39.02
C ALA E 255 29.57 -5.98 -38.55
N LEU E 256 29.61 -6.79 -37.49
CA LEU E 256 28.41 -7.30 -36.85
C LEU E 256 28.27 -6.65 -35.49
N HIS E 257 27.15 -5.96 -35.28
CA HIS E 257 26.86 -5.26 -34.04
C HIS E 257 25.53 -5.76 -33.48
N ARG E 258 25.52 -6.11 -32.20
CA ARG E 258 24.33 -6.71 -31.60
C ARG E 258 23.20 -5.70 -31.57
N PRO E 259 22.01 -6.04 -32.07
CA PRO E 259 20.88 -5.11 -32.01
C PRO E 259 20.48 -4.80 -30.58
N ASP E 260 20.07 -3.57 -30.35
CA ASP E 260 19.56 -3.12 -29.05
C ASP E 260 18.09 -2.80 -29.24
N VAL E 261 17.22 -3.61 -28.64
CA VAL E 261 15.79 -3.53 -28.88
C VAL E 261 15.15 -2.78 -27.72
N TYR E 262 14.57 -1.63 -28.03
CA TYR E 262 13.90 -0.76 -27.08
C TYR E 262 12.45 -0.64 -27.49
N LEU E 263 11.53 -0.95 -26.59
CA LEU E 263 10.11 -1.06 -26.91
C LEU E 263 9.34 -0.02 -26.11
N LEU E 264 8.87 1.02 -26.81
CA LEU E 264 8.32 2.21 -26.16
C LEU E 264 6.81 2.05 -25.98
N PRO E 265 6.26 2.38 -24.81
CA PRO E 265 4.81 2.35 -24.63
C PRO E 265 4.14 3.50 -25.35
N PRO E 266 2.84 3.41 -25.63
CA PRO E 266 2.15 4.51 -26.30
C PRO E 266 2.09 5.76 -25.42
N ALA E 267 2.03 6.92 -26.08
CA ALA E 267 2.05 8.19 -25.38
C ALA E 267 0.73 8.44 -24.64
N ARG E 268 0.81 9.28 -23.60
CA ARG E 268 -0.39 9.63 -22.84
C ARG E 268 -1.35 10.46 -23.67
N GLU E 269 -0.82 11.34 -24.52
CA GLU E 269 -1.69 12.18 -25.37
C GLU E 269 -2.50 11.33 -26.33
N GLN E 270 -1.87 10.32 -26.94
CA GLN E 270 -2.60 9.42 -27.83
C GLN E 270 -3.63 8.60 -27.07
N LEU E 271 -3.28 8.15 -25.86
CA LEU E 271 -4.22 7.36 -25.07
C LEU E 271 -5.39 8.20 -24.58
N ASN E 272 -5.19 9.52 -24.48
CA ASN E 272 -6.27 10.39 -24.01
C ASN E 272 -7.40 10.48 -25.02
N LEU E 273 -7.09 10.52 -26.31
CA LEU E 273 -8.13 10.55 -27.33
C LEU E 273 -8.84 9.22 -27.45
N ARG E 274 -8.19 8.14 -27.02
CA ARG E 274 -8.73 6.78 -26.92
C ARG E 274 -9.15 6.19 -28.25
N GLU E 275 -8.76 6.80 -29.38
CA GLU E 275 -9.13 6.25 -30.68
C GLU E 275 -8.28 5.03 -31.03
N SER E 276 -7.01 5.02 -30.62
CA SER E 276 -6.09 3.93 -30.93
C SER E 276 -4.83 4.11 -30.08
N ALA E 277 -4.06 3.04 -29.98
CA ALA E 277 -2.78 3.05 -29.30
C ALA E 277 -1.71 2.46 -30.21
N THR E 278 -0.60 3.18 -30.34
CA THR E 278 0.52 2.76 -31.18
C THR E 278 1.72 2.41 -30.31
N ILE E 279 2.28 1.23 -30.50
CA ILE E 279 3.46 0.77 -29.77
C ILE E 279 4.60 0.66 -30.78
N THR E 280 5.69 1.37 -30.50
CA THR E 280 6.83 1.43 -31.41
C THR E 280 7.93 0.52 -30.90
N CYS E 281 8.39 -0.38 -31.77
CA CYS E 281 9.52 -1.26 -31.45
C CYS E 281 10.77 -0.66 -32.07
N LEU E 282 11.62 -0.08 -31.23
CA LEU E 282 12.83 0.61 -31.67
C LEU E 282 14.00 -0.35 -31.60
N VAL E 283 14.61 -0.64 -32.75
CA VAL E 283 15.81 -1.44 -32.84
C VAL E 283 16.90 -0.55 -33.42
N THR E 284 18.01 -0.41 -32.69
CA THR E 284 19.09 0.47 -33.07
C THR E 284 20.43 -0.20 -32.85
N GLY E 285 21.45 0.29 -33.55
CA GLY E 285 22.80 -0.23 -33.41
C GLY E 285 22.97 -1.65 -33.90
N PHE E 286 22.39 -1.97 -35.05
CA PHE E 286 22.49 -3.30 -35.65
C PHE E 286 23.10 -3.18 -37.04
N SER E 287 24.01 -4.09 -37.35
CA SER E 287 24.61 -4.19 -38.68
C SER E 287 24.64 -5.65 -39.10
N PRO E 288 24.46 -5.95 -40.40
CA PRO E 288 24.20 -5.02 -41.51
C PRO E 288 22.76 -4.50 -41.59
N ALA E 289 22.37 -4.00 -42.77
CA ALA E 289 21.10 -3.31 -42.91
C ALA E 289 19.92 -4.26 -42.75
N ASP E 290 20.06 -5.51 -43.18
CA ASP E 290 18.92 -6.43 -43.18
C ASP E 290 18.45 -6.75 -41.76
N VAL E 291 17.13 -6.86 -41.61
CA VAL E 291 16.51 -7.12 -40.32
C VAL E 291 15.07 -7.56 -40.57
N PHE E 292 14.54 -8.40 -39.69
CA PHE E 292 13.16 -8.85 -39.76
C PHE E 292 12.48 -8.57 -38.42
N VAL E 293 11.34 -7.88 -38.48
CA VAL E 293 10.58 -7.54 -37.28
C VAL E 293 9.15 -7.99 -37.48
N GLN E 294 8.61 -8.74 -36.52
CA GLN E 294 7.20 -9.10 -36.49
C GLN E 294 6.71 -9.04 -35.06
N TRP E 295 5.40 -9.03 -34.89
CA TRP E 295 4.77 -8.82 -33.60
C TRP E 295 4.03 -10.07 -33.15
N MET E 296 4.08 -10.33 -31.84
CA MET E 296 3.41 -11.47 -31.23
C MET E 296 2.60 -11.00 -30.04
N GLN E 297 1.36 -11.48 -29.93
CA GLN E 297 0.46 -11.14 -28.83
C GLN E 297 0.04 -12.43 -28.14
N ARG E 298 0.49 -12.60 -26.90
CA ARG E 298 0.14 -13.77 -26.07
C ARG E 298 0.50 -15.08 -26.77
N GLY E 299 1.65 -15.11 -27.42
CA GLY E 299 2.19 -16.33 -27.98
C GLY E 299 1.91 -16.57 -29.45
N GLN E 300 0.97 -15.85 -30.07
CA GLN E 300 0.76 -16.05 -31.49
C GLN E 300 1.08 -14.77 -32.27
N PRO E 301 1.63 -14.90 -33.47
CA PRO E 301 2.02 -13.70 -34.23
C PRO E 301 0.81 -12.93 -34.75
N LEU E 302 1.03 -11.64 -34.99
CA LEU E 302 0.01 -10.76 -35.52
C LEU E 302 -0.06 -10.90 -37.05
N SER E 303 -1.13 -10.36 -37.62
CA SER E 303 -1.28 -10.34 -39.06
C SER E 303 -0.27 -9.38 -39.68
N PRO E 304 0.25 -9.70 -40.87
CA PRO E 304 1.21 -8.79 -41.53
C PRO E 304 0.64 -7.41 -41.83
N GLU E 305 -0.68 -7.30 -42.04
CA GLU E 305 -1.27 -6.00 -42.32
C GLU E 305 -1.28 -5.12 -41.07
N LYS E 306 -1.45 -5.73 -39.89
CA LYS E 306 -1.65 -4.97 -38.67
C LYS E 306 -0.42 -4.14 -38.32
N TYR E 307 0.78 -4.71 -38.50
CA TYR E 307 2.01 -4.03 -38.15
C TYR E 307 2.78 -3.62 -39.40
N VAL E 308 3.45 -2.48 -39.32
CA VAL E 308 4.25 -1.93 -40.41
C VAL E 308 5.65 -1.66 -39.89
N THR E 309 6.66 -2.18 -40.59
CA THR E 309 8.06 -2.01 -40.22
C THR E 309 8.72 -1.03 -41.19
N SER E 310 9.35 0.00 -40.64
CA SER E 310 10.02 1.00 -41.45
C SER E 310 11.35 0.47 -41.99
N ALA E 311 11.77 1.02 -43.12
CA ALA E 311 13.03 0.62 -43.72
C ALA E 311 14.21 1.11 -42.86
N PRO E 312 15.28 0.33 -42.79
CA PRO E 312 16.45 0.75 -42.00
C PRO E 312 17.08 2.02 -42.56
N MET E 313 17.55 2.87 -41.66
CA MET E 313 18.21 4.13 -42.00
C MET E 313 19.51 4.24 -41.23
N PRO E 314 20.49 4.96 -41.75
CA PRO E 314 21.78 5.10 -41.05
C PRO E 314 21.63 5.85 -39.73
N GLU E 315 22.24 5.30 -38.68
CA GLU E 315 22.22 5.96 -37.38
C GLU E 315 23.12 7.19 -37.41
N PRO E 316 22.67 8.32 -36.86
CA PRO E 316 23.51 9.54 -36.87
C PRO E 316 24.79 9.42 -36.07
N GLN E 317 24.71 8.85 -34.86
CA GLN E 317 25.91 8.73 -34.03
C GLN E 317 26.89 7.71 -34.61
N ALA E 318 26.40 6.53 -34.97
CA ALA E 318 27.27 5.48 -35.50
C ALA E 318 27.04 5.34 -36.99
N PRO E 319 28.03 5.64 -37.84
CA PRO E 319 27.82 5.55 -39.29
C PRO E 319 27.55 4.15 -39.78
N GLY E 320 28.32 3.17 -39.28
CA GLY E 320 28.11 1.80 -39.70
C GLY E 320 26.79 1.22 -39.22
N ARG E 321 26.40 1.54 -38.00
CA ARG E 321 25.18 1.00 -37.42
C ARG E 321 23.95 1.67 -38.01
N TYR E 322 22.83 0.98 -37.94
CA TYR E 322 21.55 1.46 -38.48
C TYR E 322 20.48 1.31 -37.41
N PHE E 323 19.30 1.87 -37.70
CA PHE E 323 18.16 1.74 -36.81
C PHE E 323 16.92 1.37 -37.63
N ALA E 324 15.98 0.70 -36.99
CA ALA E 324 14.74 0.29 -37.64
C ALA E 324 13.58 0.49 -36.69
N HIS E 325 12.40 0.75 -37.27
CA HIS E 325 11.19 1.02 -36.51
C HIS E 325 10.07 0.10 -36.97
N SER E 326 9.19 -0.23 -36.02
CA SER E 326 7.98 -0.98 -36.32
C SER E 326 6.89 -0.54 -35.35
N ILE E 327 5.75 -0.12 -35.90
CA ILE E 327 4.62 0.35 -35.11
C ILE E 327 3.56 -0.72 -35.10
N LEU E 328 2.82 -0.80 -33.99
CA LEU E 328 1.67 -1.69 -33.86
C LEU E 328 0.50 -0.85 -33.37
N THR E 329 -0.36 -0.42 -34.29
CA THR E 329 -1.53 0.37 -33.93
C THR E 329 -2.67 -0.57 -33.51
N VAL E 330 -3.12 -0.41 -32.28
CA VAL E 330 -4.21 -1.21 -31.72
C VAL E 330 -5.20 -0.27 -31.04
N SER E 331 -6.41 -0.78 -30.82
CA SER E 331 -7.43 0.03 -30.17
C SER E 331 -7.06 0.28 -28.70
N GLU E 332 -7.58 1.39 -28.18
CA GLU E 332 -7.18 1.83 -26.83
C GLU E 332 -7.68 0.86 -25.75
N GLU E 333 -8.87 0.29 -25.93
CA GLU E 333 -9.43 -0.59 -24.92
C GLU E 333 -8.62 -1.88 -24.77
N GLU E 334 -7.89 -2.27 -25.81
CA GLU E 334 -7.00 -3.43 -25.69
C GLU E 334 -5.80 -3.10 -24.81
N TRP E 335 -5.27 -1.88 -24.92
CA TRP E 335 -4.15 -1.47 -24.08
C TRP E 335 -4.56 -1.35 -22.61
N ASN E 336 -5.82 -0.99 -22.35
CA ASN E 336 -6.29 -0.89 -20.97
C ASN E 336 -6.33 -2.25 -20.28
N THR E 337 -6.56 -3.32 -21.04
CA THR E 337 -6.59 -4.66 -20.49
C THR E 337 -5.20 -5.19 -20.14
N GLY E 338 -4.13 -4.59 -20.69
CA GLY E 338 -2.78 -5.03 -20.41
C GLY E 338 -2.48 -6.44 -20.89
N GLU E 339 -2.79 -6.73 -22.15
CA GLU E 339 -2.64 -8.07 -22.70
C GLU E 339 -1.21 -8.39 -23.14
N THR E 340 -0.23 -7.59 -22.71
CA THR E 340 1.20 -7.92 -22.80
C THR E 340 1.64 -8.20 -24.24
N TYR E 341 1.58 -7.15 -25.05
CA TYR E 341 2.13 -7.22 -26.40
C TYR E 341 3.63 -7.48 -26.34
N THR E 342 4.12 -8.32 -27.26
CA THR E 342 5.52 -8.69 -27.33
C THR E 342 6.05 -8.39 -28.72
N CYS E 343 7.30 -7.90 -28.78
CA CYS E 343 7.98 -7.60 -30.03
C CYS E 343 9.17 -8.53 -30.18
N VAL E 344 9.26 -9.19 -31.34
CA VAL E 344 10.36 -10.09 -31.65
C VAL E 344 11.07 -9.58 -32.90
N VAL E 345 12.38 -9.74 -32.94
CA VAL E 345 13.21 -9.23 -34.04
C VAL E 345 14.21 -10.32 -34.42
N ALA E 346 14.56 -10.37 -35.71
CA ALA E 346 15.53 -11.32 -36.22
C ALA E 346 16.69 -10.56 -36.85
N HIS E 347 17.92 -10.94 -36.47
CA HIS E 347 19.12 -10.31 -37.01
C HIS E 347 20.29 -11.28 -36.88
N GLU E 348 21.33 -11.02 -37.66
CA GLU E 348 22.48 -11.93 -37.69
C GLU E 348 23.29 -11.88 -36.41
N ALA E 349 23.46 -10.69 -35.83
CA ALA E 349 24.44 -10.51 -34.76
C ALA E 349 23.97 -11.03 -33.41
N LEU E 350 22.69 -11.31 -33.22
CA LEU E 350 22.22 -11.81 -31.94
C LEU E 350 22.73 -13.22 -31.70
N PRO E 351 23.02 -13.58 -30.45
CA PRO E 351 23.55 -14.94 -30.18
C PRO E 351 22.60 -16.06 -30.61
N ASN E 352 21.30 -15.88 -30.41
CA ASN E 352 20.31 -16.81 -30.94
C ASN E 352 19.65 -16.28 -32.20
N ARG E 353 20.16 -15.18 -32.76
CA ARG E 353 19.68 -14.51 -33.97
C ARG E 353 18.33 -13.84 -33.76
N VAL E 354 17.72 -14.02 -32.59
CA VAL E 354 16.45 -13.40 -32.24
C VAL E 354 16.46 -13.06 -30.75
N THR E 355 15.79 -11.97 -30.40
CA THR E 355 15.61 -11.57 -29.01
C THR E 355 14.20 -11.02 -28.83
N GLU E 356 13.75 -11.00 -27.57
CA GLU E 356 12.36 -10.70 -27.26
C GLU E 356 12.26 -9.57 -26.24
N ARG E 357 11.26 -8.71 -26.44
CA ARG E 357 10.90 -7.66 -25.49
C ARG E 357 9.38 -7.66 -25.33
N THR E 358 8.92 -7.20 -24.17
CA THR E 358 7.50 -7.17 -23.86
C THR E 358 7.13 -5.85 -23.19
N VAL E 359 5.86 -5.49 -23.30
CA VAL E 359 5.33 -4.27 -22.69
C VAL E 359 3.86 -4.48 -22.38
N ASP E 360 3.40 -3.87 -21.29
CA ASP E 360 1.98 -3.86 -20.94
C ASP E 360 1.70 -2.61 -20.13
N LYS E 361 0.51 -2.57 -19.52
CA LYS E 361 0.14 -1.41 -18.71
C LYS E 361 0.97 -1.34 -17.44
N SER E 362 1.33 -2.50 -16.87
CA SER E 362 2.12 -2.52 -15.64
C SER E 362 3.52 -1.99 -15.87
N THR E 363 4.15 -2.35 -17.00
CA THR E 363 5.49 -1.87 -17.29
C THR E 363 5.49 -0.37 -17.53
N GLY E 364 6.58 0.27 -17.13
CA GLY E 364 6.68 1.71 -17.21
C GLY E 364 6.11 2.46 -16.02
N LYS E 365 5.50 1.75 -15.07
CA LYS E 365 4.93 2.38 -13.89
C LYS E 365 5.96 2.38 -12.76
N PRO E 366 6.37 3.55 -12.26
CA PRO E 366 7.35 3.57 -11.17
C PRO E 366 6.72 3.16 -9.84
N THR E 367 7.51 3.29 -8.78
CA THR E 367 7.02 3.01 -7.44
C THR E 367 6.26 4.21 -6.91
N LEU E 368 4.93 4.20 -7.05
CA LEU E 368 4.13 5.35 -6.64
C LEU E 368 4.03 5.47 -5.12
N TYR E 369 4.20 4.37 -4.39
CA TYR E 369 3.97 4.34 -2.95
C TYR E 369 5.23 3.89 -2.22
N ASN E 370 5.87 4.82 -1.52
CA ASN E 370 6.94 4.50 -0.57
C ASN E 370 6.31 4.50 0.82
N VAL E 371 5.57 3.44 1.13
CA VAL E 371 4.93 3.31 2.43
C VAL E 371 5.97 2.76 3.41
N SER E 372 6.43 3.62 4.31
CA SER E 372 7.52 3.28 5.23
C SER E 372 6.92 2.91 6.58
N LEU E 373 7.11 1.66 6.99
CA LEU E 373 6.73 1.19 8.31
C LEU E 373 7.99 1.06 9.16
N VAL E 374 8.27 2.08 9.95
CA VAL E 374 9.45 2.11 10.80
C VAL E 374 9.02 2.21 12.26
N MET E 375 9.65 1.41 13.10
CA MET E 375 9.31 1.34 14.52
C MET E 375 10.27 2.18 15.36
N ILE F 152 34.11 -54.61 -32.84
CA ILE F 152 33.70 -54.05 -34.13
C ILE F 152 32.20 -53.85 -34.16
N ARG F 153 31.78 -52.60 -34.26
CA ARG F 153 30.36 -52.27 -34.33
C ARG F 153 30.19 -50.95 -35.05
N VAL F 154 29.03 -50.76 -35.67
CA VAL F 154 28.71 -49.55 -36.43
C VAL F 154 27.51 -48.87 -35.78
N PHE F 155 27.63 -47.57 -35.53
CA PHE F 155 26.57 -46.78 -34.94
C PHE F 155 26.11 -45.71 -35.91
N ALA F 156 24.83 -45.38 -35.82
CA ALA F 156 24.21 -44.31 -36.61
C ALA F 156 23.57 -43.32 -35.65
N ILE F 157 24.09 -42.10 -35.63
CA ILE F 157 23.73 -41.10 -34.62
C ILE F 157 22.96 -39.98 -35.33
N PRO F 158 21.66 -39.83 -35.09
CA PRO F 158 20.95 -38.66 -35.59
C PRO F 158 21.29 -37.44 -34.77
N PRO F 159 21.64 -36.32 -35.42
CA PRO F 159 21.99 -35.12 -34.65
C PRO F 159 20.77 -34.53 -33.94
N SER F 160 20.95 -34.22 -32.66
CA SER F 160 19.90 -33.61 -31.88
C SER F 160 19.69 -32.16 -32.31
N PHE F 161 18.51 -31.63 -32.00
CA PHE F 161 18.27 -30.20 -32.23
C PHE F 161 19.14 -29.35 -31.30
N ALA F 162 19.60 -29.92 -30.19
CA ALA F 162 20.60 -29.25 -29.38
C ALA F 162 21.90 -29.07 -30.15
N SER F 163 22.28 -30.08 -30.94
CA SER F 163 23.52 -30.00 -31.70
C SER F 163 23.38 -29.05 -32.89
N ILE F 164 22.27 -29.13 -33.62
CA ILE F 164 22.17 -28.38 -34.87
C ILE F 164 21.90 -26.90 -34.59
N PHE F 165 21.28 -26.58 -33.46
CA PHE F 165 21.04 -25.18 -33.11
C PHE F 165 22.29 -24.50 -32.61
N LEU F 166 23.20 -25.24 -31.97
CA LEU F 166 24.41 -24.64 -31.42
C LEU F 166 25.33 -24.12 -32.52
N THR F 167 25.52 -24.91 -33.59
CA THR F 167 26.42 -24.55 -34.67
C THR F 167 25.69 -24.16 -35.95
N LYS F 168 24.35 -24.10 -35.92
CA LYS F 168 23.52 -23.72 -37.08
C LYS F 168 23.79 -24.61 -38.30
N SER F 169 24.08 -25.88 -38.07
CA SER F 169 24.35 -26.83 -39.15
C SER F 169 23.94 -28.22 -38.72
N THR F 170 23.25 -28.94 -39.60
CA THR F 170 22.91 -30.34 -39.37
C THR F 170 24.11 -31.18 -39.77
N LYS F 171 24.82 -31.70 -38.78
CA LYS F 171 26.03 -32.49 -39.01
C LYS F 171 25.74 -33.94 -38.62
N LEU F 172 25.41 -34.75 -39.62
CA LEU F 172 25.27 -36.19 -39.42
C LEU F 172 26.62 -36.78 -39.03
N THR F 173 26.59 -37.73 -38.10
CA THR F 173 27.81 -38.32 -37.60
C THR F 173 27.62 -39.83 -37.46
N CYS F 174 28.57 -40.59 -37.97
CA CYS F 174 28.55 -42.04 -37.91
C CYS F 174 29.78 -42.51 -37.15
N LEU F 175 29.55 -43.20 -36.04
CA LEU F 175 30.62 -43.77 -35.23
C LEU F 175 30.74 -45.26 -35.52
N VAL F 176 31.93 -45.69 -35.91
CA VAL F 176 32.29 -47.11 -35.94
C VAL F 176 33.27 -47.33 -34.79
N THR F 177 32.88 -48.22 -33.88
CA THR F 177 33.57 -48.38 -32.61
C THR F 177 34.24 -49.74 -32.55
N ASP F 178 35.43 -49.77 -31.93
CA ASP F 178 36.17 -51.00 -31.64
C ASP F 178 36.65 -51.70 -32.92
N LEU F 179 37.12 -50.91 -33.89
CA LEU F 179 37.73 -51.48 -35.09
C LEU F 179 39.21 -51.76 -34.85
N THR F 180 39.73 -52.74 -35.56
CA THR F 180 41.15 -53.07 -35.45
C THR F 180 42.00 -51.98 -36.10
N THR F 181 43.16 -51.72 -35.50
CA THR F 181 44.04 -50.64 -35.93
C THR F 181 44.72 -51.05 -37.23
N TYR F 182 44.05 -50.79 -38.36
CA TYR F 182 44.58 -51.11 -39.68
C TYR F 182 44.73 -49.82 -40.49
N ASP F 183 45.36 -49.94 -41.64
CA ASP F 183 45.62 -48.80 -42.51
C ASP F 183 44.40 -48.50 -43.37
N SER F 184 44.50 -47.38 -44.10
CA SER F 184 43.48 -46.94 -45.06
C SER F 184 42.12 -46.73 -44.38
N VAL F 185 42.13 -45.95 -43.31
CA VAL F 185 40.89 -45.60 -42.62
C VAL F 185 40.19 -44.52 -43.44
N THR F 186 39.16 -44.91 -44.19
CA THR F 186 38.45 -44.01 -45.09
C THR F 186 36.96 -44.11 -44.82
N ILE F 187 36.30 -42.96 -44.73
CA ILE F 187 34.86 -42.89 -44.53
C ILE F 187 34.28 -42.01 -45.63
N SER F 188 33.54 -42.61 -46.56
CA SER F 188 32.85 -41.89 -47.62
C SER F 188 31.44 -41.55 -47.15
N TRP F 189 30.71 -40.84 -48.02
CA TRP F 189 29.35 -40.42 -47.69
C TRP F 189 28.44 -40.61 -48.89
N THR F 190 27.23 -41.10 -48.64
CA THR F 190 26.20 -41.21 -49.66
C THR F 190 24.85 -40.90 -49.02
N ARG F 191 23.80 -40.99 -49.82
CA ARG F 191 22.42 -40.89 -49.36
C ARG F 191 21.56 -41.74 -50.28
N GLN F 192 20.24 -41.57 -50.19
CA GLN F 192 19.35 -42.30 -51.09
C GLN F 192 19.48 -41.79 -52.52
N ASN F 193 20.04 -40.58 -52.70
CA ASN F 193 20.33 -40.09 -54.04
C ASN F 193 21.78 -40.36 -54.42
N GLY F 194 22.72 -40.09 -53.51
CA GLY F 194 24.12 -40.42 -53.73
C GLY F 194 25.01 -39.27 -54.15
N GLU F 195 24.87 -38.11 -53.50
CA GLU F 195 25.66 -36.94 -53.86
C GLU F 195 26.30 -36.26 -52.64
N ALA F 196 26.46 -36.97 -51.53
CA ALA F 196 27.17 -36.42 -50.38
C ALA F 196 28.67 -36.66 -50.51
N VAL F 197 29.46 -35.63 -50.20
CA VAL F 197 30.92 -35.74 -50.23
C VAL F 197 31.49 -35.10 -48.98
N LYS F 198 32.28 -35.88 -48.22
CA LYS F 198 33.07 -35.43 -47.07
C LYS F 198 33.86 -36.63 -46.57
N THR F 199 35.01 -36.34 -45.96
CA THR F 199 35.86 -37.37 -45.37
C THR F 199 35.91 -37.21 -43.86
N HIS F 200 36.62 -38.14 -43.21
CA HIS F 200 36.73 -38.12 -41.76
C HIS F 200 37.66 -37.01 -41.30
N THR F 201 37.51 -36.64 -40.02
CA THR F 201 38.33 -35.60 -39.41
C THR F 201 38.61 -35.97 -37.96
N ASN F 202 39.90 -36.10 -37.63
CA ASN F 202 40.38 -36.35 -36.26
C ASN F 202 39.77 -37.64 -35.68
N ILE F 203 40.15 -38.75 -36.31
CA ILE F 203 39.71 -40.06 -35.83
C ILE F 203 40.26 -40.31 -34.43
N SER F 204 39.43 -40.89 -33.57
CA SER F 204 39.81 -41.12 -32.19
C SER F 204 40.91 -42.16 -32.07
N GLU F 205 41.70 -42.04 -31.01
CA GLU F 205 42.83 -42.94 -30.79
C GLU F 205 42.33 -44.28 -30.22
N SER F 206 43.28 -45.12 -29.82
CA SER F 206 42.95 -46.43 -29.30
C SER F 206 42.25 -46.34 -27.96
N HIS F 207 41.13 -47.04 -27.83
CA HIS F 207 40.40 -47.10 -26.58
C HIS F 207 41.13 -48.00 -25.58
N PRO F 208 40.83 -47.87 -24.28
CA PRO F 208 41.53 -48.70 -23.28
C PRO F 208 41.36 -50.20 -23.45
N ASN F 209 40.36 -50.65 -24.23
CA ASN F 209 40.22 -52.07 -24.54
C ASN F 209 41.03 -52.50 -25.76
N ALA F 210 42.09 -51.75 -26.08
CA ALA F 210 43.13 -52.16 -27.03
C ALA F 210 42.59 -52.36 -28.44
N THR F 211 41.93 -51.32 -28.96
CA THR F 211 41.45 -51.32 -30.33
C THR F 211 41.17 -49.89 -30.77
N PHE F 212 41.17 -49.66 -32.08
CA PHE F 212 41.05 -48.33 -32.64
C PHE F 212 39.58 -48.01 -32.94
N SER F 213 39.34 -46.77 -33.39
CA SER F 213 38.00 -46.34 -33.76
C SER F 213 38.10 -45.17 -34.73
N ALA F 214 37.03 -44.93 -35.47
CA ALA F 214 36.96 -43.85 -36.45
C ALA F 214 35.62 -43.13 -36.34
N VAL F 215 35.63 -41.85 -36.72
CA VAL F 215 34.43 -41.01 -36.69
C VAL F 215 34.29 -40.31 -38.03
N GLY F 216 33.07 -40.25 -38.54
CA GLY F 216 32.79 -39.58 -39.80
C GLY F 216 31.66 -38.57 -39.70
N GLU F 217 31.95 -37.31 -40.02
CA GLU F 217 31.00 -36.22 -39.90
C GLU F 217 30.96 -35.41 -41.19
N ALA F 218 29.77 -34.95 -41.56
CA ALA F 218 29.58 -34.19 -42.79
C ALA F 218 28.55 -33.10 -42.55
N SER F 219 28.58 -32.09 -43.41
CA SER F 219 27.66 -30.96 -43.34
C SER F 219 26.52 -31.19 -44.31
N ILE F 220 25.29 -31.21 -43.78
CA ILE F 220 24.09 -31.45 -44.57
C ILE F 220 23.08 -30.36 -44.23
N CYS F 221 22.36 -29.89 -45.26
CA CYS F 221 21.44 -28.77 -45.11
C CYS F 221 20.27 -29.12 -44.20
N GLU F 222 19.64 -28.09 -43.64
CA GLU F 222 18.51 -28.29 -42.73
C GLU F 222 17.28 -28.85 -43.46
N ASP F 223 17.05 -28.41 -44.70
CA ASP F 223 15.86 -28.85 -45.42
C ASP F 223 15.93 -30.33 -45.79
N ASP F 224 17.13 -30.85 -46.08
CA ASP F 224 17.27 -32.28 -46.31
C ASP F 224 16.98 -33.08 -45.04
N TRP F 225 17.39 -32.56 -43.89
CA TRP F 225 17.07 -33.20 -42.62
C TRP F 225 15.57 -33.18 -42.35
N ASN F 226 14.89 -32.09 -42.71
CA ASN F 226 13.45 -32.03 -42.52
C ASN F 226 12.68 -32.82 -43.58
N SER F 227 13.32 -33.14 -44.71
CA SER F 227 12.61 -33.83 -45.80
C SER F 227 12.24 -35.26 -45.44
N GLY F 228 13.10 -35.94 -44.68
CA GLY F 228 12.89 -37.33 -44.34
C GLY F 228 13.72 -38.31 -45.14
N GLU F 229 14.67 -37.82 -45.96
CA GLU F 229 15.53 -38.70 -46.73
C GLU F 229 16.45 -39.49 -45.80
N ARG F 230 16.62 -40.77 -46.08
CA ARG F 230 17.52 -41.62 -45.32
C ARG F 230 18.94 -41.39 -45.80
N PHE F 231 19.76 -40.75 -44.96
CA PHE F 231 21.13 -40.41 -45.32
C PHE F 231 22.00 -41.64 -45.09
N THR F 232 22.67 -42.10 -46.14
CA THR F 232 23.40 -43.37 -46.13
C THR F 232 24.86 -43.12 -45.76
N CYS F 233 25.13 -43.17 -44.45
CA CYS F 233 26.49 -42.99 -43.95
C CYS F 233 27.26 -44.30 -44.09
N THR F 234 28.32 -44.27 -44.90
CA THR F 234 29.07 -45.47 -45.24
C THR F 234 30.49 -45.37 -44.68
N VAL F 235 30.97 -46.47 -44.10
CA VAL F 235 32.33 -46.56 -43.57
C VAL F 235 33.00 -47.78 -44.19
N THR F 236 34.21 -47.59 -44.71
CA THR F 236 34.95 -48.64 -45.40
C THR F 236 36.27 -48.88 -44.68
N HIS F 237 36.59 -50.14 -44.42
CA HIS F 237 37.84 -50.50 -43.78
C HIS F 237 38.24 -51.90 -44.22
N THR F 238 39.53 -52.21 -44.07
CA THR F 238 40.04 -53.49 -44.57
C THR F 238 39.63 -54.65 -43.69
N ASP F 239 39.49 -54.44 -42.38
CA ASP F 239 39.14 -55.54 -41.48
C ASP F 239 37.74 -56.07 -41.77
N LEU F 240 36.80 -55.17 -42.05
CA LEU F 240 35.46 -55.59 -42.46
C LEU F 240 35.49 -56.07 -43.91
N PRO F 241 35.10 -57.31 -44.19
CA PRO F 241 35.10 -57.77 -45.60
C PRO F 241 34.17 -56.97 -46.50
N SER F 242 33.05 -56.49 -45.97
CA SER F 242 32.10 -55.69 -46.73
C SER F 242 31.84 -54.39 -45.98
N PRO F 243 32.00 -53.23 -46.63
CA PRO F 243 31.69 -51.97 -45.95
C PRO F 243 30.21 -51.90 -45.56
N LEU F 244 29.95 -51.30 -44.40
CA LEU F 244 28.61 -51.20 -43.86
C LEU F 244 28.12 -49.77 -43.93
N LYS F 245 26.90 -49.59 -44.42
CA LYS F 245 26.27 -48.28 -44.56
C LYS F 245 25.04 -48.19 -43.66
N GLN F 246 24.83 -47.01 -43.08
CA GLN F 246 23.74 -46.78 -42.15
C GLN F 246 22.80 -45.72 -42.71
N THR F 247 21.50 -46.01 -42.69
CA THR F 247 20.48 -45.10 -43.19
C THR F 247 19.56 -44.71 -42.05
N ILE F 248 19.47 -43.41 -41.75
CA ILE F 248 18.61 -42.89 -40.69
C ILE F 248 17.93 -41.62 -41.19
N SER F 249 16.86 -41.25 -40.48
CA SER F 249 16.09 -40.06 -40.82
C SER F 249 15.35 -39.60 -39.56
N ARG F 250 14.67 -38.46 -39.69
CA ARG F 250 13.93 -37.92 -38.56
C ARG F 250 12.67 -38.74 -38.30
N PRO F 251 12.26 -38.90 -37.04
CA PRO F 251 10.92 -39.43 -36.78
C PRO F 251 9.87 -38.43 -37.24
N LYS F 252 8.74 -38.97 -37.71
CA LYS F 252 7.68 -38.14 -38.28
C LYS F 252 6.35 -38.48 -37.62
N GLY F 253 5.43 -37.51 -37.64
CA GLY F 253 4.13 -37.68 -37.05
C GLY F 253 4.01 -37.29 -35.59
N VAL F 254 5.10 -36.88 -34.95
CA VAL F 254 5.05 -36.50 -33.55
C VAL F 254 4.34 -35.16 -33.40
N ALA F 255 3.57 -35.03 -32.31
CA ALA F 255 2.84 -33.80 -32.05
C ALA F 255 3.80 -32.69 -31.61
N LEU F 256 3.36 -31.45 -31.83
CA LEU F 256 4.13 -30.26 -31.47
C LEU F 256 3.38 -29.50 -30.38
N HIS F 257 4.03 -29.34 -29.22
CA HIS F 257 3.47 -28.61 -28.09
C HIS F 257 4.43 -27.53 -27.67
N ARG F 258 3.94 -26.30 -27.57
CA ARG F 258 4.80 -25.16 -27.28
C ARG F 258 5.34 -25.26 -25.85
N PRO F 259 6.64 -25.06 -25.64
CA PRO F 259 7.19 -25.09 -24.28
C PRO F 259 6.66 -23.94 -23.44
N ASP F 260 6.54 -24.20 -22.14
CA ASP F 260 6.14 -23.20 -21.16
C ASP F 260 7.34 -22.94 -20.25
N VAL F 261 8.14 -21.95 -20.59
CA VAL F 261 9.38 -21.66 -19.87
C VAL F 261 9.05 -20.70 -18.74
N TYR F 262 9.05 -21.21 -17.51
CA TYR F 262 8.81 -20.42 -16.32
C TYR F 262 10.07 -20.42 -15.47
N LEU F 263 10.53 -19.24 -15.10
CA LEU F 263 11.81 -19.07 -14.42
C LEU F 263 11.56 -18.79 -12.94
N LEU F 264 12.22 -19.59 -12.09
CA LEU F 264 11.99 -19.52 -10.65
C LEU F 264 13.18 -18.87 -9.97
N PRO F 265 12.97 -17.86 -9.11
CA PRO F 265 14.09 -17.27 -8.38
C PRO F 265 14.61 -18.21 -7.30
N PRO F 266 15.85 -18.04 -6.85
CA PRO F 266 16.37 -18.90 -5.79
C PRO F 266 15.63 -18.71 -4.48
N ALA F 267 15.59 -19.77 -3.69
CA ALA F 267 14.86 -19.75 -2.42
C ALA F 267 15.53 -18.82 -1.42
N ARG F 268 14.71 -18.27 -0.52
CA ARG F 268 15.23 -17.38 0.52
C ARG F 268 16.12 -18.12 1.51
N GLU F 269 15.78 -19.38 1.82
CA GLU F 269 16.61 -20.17 2.72
C GLU F 269 18.00 -20.41 2.14
N GLN F 270 18.06 -20.66 0.83
CA GLN F 270 19.36 -20.79 0.16
C GLN F 270 20.13 -19.47 0.19
N LEU F 271 19.43 -18.35 0.02
CA LEU F 271 20.09 -17.05 0.02
C LEU F 271 20.65 -16.72 1.41
N ASN F 272 19.99 -17.20 2.47
CA ASN F 272 20.45 -16.91 3.82
C ASN F 272 21.77 -17.60 4.15
N LEU F 273 22.02 -18.75 3.53
CA LEU F 273 23.26 -19.48 3.81
C LEU F 273 24.48 -18.75 3.27
N ARG F 274 24.31 -17.97 2.21
CA ARG F 274 25.32 -17.08 1.61
C ARG F 274 26.52 -17.79 1.02
N GLU F 275 26.42 -19.08 0.68
CA GLU F 275 27.51 -19.75 -0.02
C GLU F 275 27.30 -19.76 -1.53
N SER F 276 26.20 -20.37 -1.98
CA SER F 276 25.92 -20.48 -3.41
C SER F 276 24.41 -20.46 -3.63
N ALA F 277 23.97 -19.73 -4.66
CA ALA F 277 22.57 -19.61 -5.00
C ALA F 277 22.32 -20.27 -6.35
N THR F 278 21.22 -21.02 -6.46
CA THR F 278 20.88 -21.77 -7.65
C THR F 278 19.58 -21.23 -8.26
N ILE F 279 19.59 -20.98 -9.56
CA ILE F 279 18.42 -20.54 -10.31
C ILE F 279 18.03 -21.65 -11.27
N THR F 280 16.77 -22.06 -11.21
CA THR F 280 16.27 -23.21 -11.97
C THR F 280 15.40 -22.71 -13.12
N CYS F 281 15.66 -23.21 -14.32
CA CYS F 281 14.85 -22.92 -15.49
C CYS F 281 13.93 -24.10 -15.77
N LEU F 282 12.62 -23.86 -15.71
CA LEU F 282 11.62 -24.92 -15.85
C LEU F 282 11.10 -24.89 -17.29
N VAL F 283 11.42 -25.93 -18.04
CA VAL F 283 10.94 -26.09 -19.42
C VAL F 283 10.01 -27.30 -19.43
N THR F 284 8.71 -27.06 -19.53
CA THR F 284 7.73 -28.12 -19.42
C THR F 284 6.72 -28.02 -20.56
N GLY F 285 6.04 -29.13 -20.81
CA GLY F 285 5.00 -29.21 -21.82
C GLY F 285 5.47 -29.01 -23.24
N PHE F 286 6.55 -29.68 -23.64
CA PHE F 286 7.08 -29.56 -24.99
C PHE F 286 7.38 -30.93 -25.57
N SER F 287 7.17 -31.07 -26.87
CA SER F 287 7.45 -32.27 -27.64
C SER F 287 8.15 -31.87 -28.93
N PRO F 288 8.97 -32.76 -29.52
CA PRO F 288 9.28 -34.15 -29.19
C PRO F 288 10.42 -34.33 -28.19
N ALA F 289 10.45 -33.51 -27.14
CA ALA F 289 11.35 -33.68 -25.99
C ALA F 289 12.82 -33.61 -26.38
N ASP F 290 13.18 -32.74 -27.31
CA ASP F 290 14.58 -32.50 -27.67
C ASP F 290 14.81 -31.00 -27.59
N VAL F 291 15.53 -30.56 -26.57
CA VAL F 291 15.65 -29.14 -26.24
C VAL F 291 17.11 -28.78 -26.04
N PHE F 292 17.42 -27.49 -26.22
CA PHE F 292 18.75 -26.94 -25.97
C PHE F 292 18.56 -25.71 -25.09
N VAL F 293 18.99 -25.80 -23.83
CA VAL F 293 18.84 -24.72 -22.87
C VAL F 293 20.24 -24.24 -22.49
N GLN F 294 20.48 -22.94 -22.68
CA GLN F 294 21.74 -22.31 -22.32
C GLN F 294 21.45 -21.01 -21.57
N TRP F 295 22.44 -20.55 -20.82
CA TRP F 295 22.31 -19.38 -19.97
C TRP F 295 23.22 -18.27 -20.47
N MET F 296 22.70 -17.05 -20.57
CA MET F 296 23.48 -15.88 -20.92
C MET F 296 23.26 -14.78 -19.90
N GLN F 297 24.31 -13.99 -19.66
CA GLN F 297 24.28 -12.90 -18.70
C GLN F 297 24.40 -11.57 -19.43
N ARG F 298 23.35 -10.76 -19.37
CA ARG F 298 23.31 -9.43 -19.99
C ARG F 298 23.63 -9.50 -21.48
N GLY F 299 23.10 -10.53 -22.14
CA GLY F 299 23.37 -10.74 -23.56
C GLY F 299 24.65 -11.50 -23.86
N GLN F 300 25.42 -11.88 -22.85
CA GLN F 300 26.67 -12.60 -23.06
C GLN F 300 26.52 -14.03 -22.56
N PRO F 301 26.67 -15.04 -23.41
CA PRO F 301 26.53 -16.43 -22.96
C PRO F 301 27.58 -16.79 -21.92
N LEU F 302 27.16 -17.61 -20.95
CA LEU F 302 28.05 -18.06 -19.89
C LEU F 302 28.73 -19.37 -20.30
N SER F 303 29.68 -19.80 -19.45
CA SER F 303 30.39 -21.03 -19.72
C SER F 303 29.46 -22.23 -19.60
N PRO F 304 29.59 -23.23 -20.47
CA PRO F 304 28.74 -24.43 -20.36
C PRO F 304 28.96 -25.21 -19.07
N GLU F 305 30.11 -25.07 -18.42
CA GLU F 305 30.36 -25.75 -17.16
C GLU F 305 29.56 -25.14 -16.01
N LYS F 306 29.17 -23.87 -16.13
CA LYS F 306 28.49 -23.20 -15.03
C LYS F 306 27.10 -23.76 -14.80
N TYR F 307 26.43 -24.21 -15.86
CA TYR F 307 25.07 -24.72 -15.78
C TYR F 307 25.01 -26.17 -16.24
N VAL F 308 24.05 -26.91 -15.68
CA VAL F 308 23.80 -28.30 -16.07
C VAL F 308 22.33 -28.43 -16.44
N THR F 309 22.06 -29.02 -17.59
CA THR F 309 20.70 -29.22 -18.08
C THR F 309 20.33 -30.69 -17.92
N SER F 310 19.21 -30.95 -17.24
CA SER F 310 18.79 -32.32 -16.99
C SER F 310 18.18 -32.93 -18.25
N ALA F 311 18.24 -34.27 -18.31
CA ALA F 311 17.66 -35.00 -19.43
C ALA F 311 16.13 -34.88 -19.40
N PRO F 312 15.48 -34.92 -20.57
CA PRO F 312 14.02 -34.88 -20.60
C PRO F 312 13.40 -36.06 -19.88
N MET F 313 12.31 -35.79 -19.17
CA MET F 313 11.58 -36.80 -18.41
C MET F 313 10.09 -36.69 -18.71
N PRO F 314 9.35 -37.80 -18.60
CA PRO F 314 7.91 -37.75 -18.88
C PRO F 314 7.16 -36.90 -17.88
N GLU F 315 6.23 -36.08 -18.40
CA GLU F 315 5.40 -35.25 -17.54
C GLU F 315 4.38 -36.13 -16.81
N PRO F 316 4.15 -35.91 -15.52
CA PRO F 316 3.15 -36.73 -14.81
C PRO F 316 1.73 -36.54 -15.31
N GLN F 317 1.26 -35.28 -15.41
CA GLN F 317 -0.12 -35.05 -15.82
C GLN F 317 -0.31 -35.30 -17.32
N ALA F 318 0.63 -34.84 -18.15
CA ALA F 318 0.51 -34.94 -19.59
C ALA F 318 1.37 -36.08 -20.10
N PRO F 319 0.79 -37.14 -20.68
CA PRO F 319 1.63 -38.22 -21.21
C PRO F 319 2.39 -37.84 -22.47
N GLY F 320 1.75 -37.10 -23.38
CA GLY F 320 2.44 -36.71 -24.60
C GLY F 320 3.58 -35.74 -24.36
N ARG F 321 3.35 -34.74 -23.51
CA ARG F 321 4.37 -33.73 -23.25
C ARG F 321 5.44 -34.27 -22.30
N TYR F 322 6.69 -33.91 -22.57
CA TYR F 322 7.83 -34.26 -21.75
C TYR F 322 8.54 -32.97 -21.33
N PHE F 323 8.99 -32.90 -20.09
CA PHE F 323 9.63 -31.68 -19.59
C PHE F 323 11.15 -31.85 -19.53
N ALA F 324 11.83 -30.73 -19.29
CA ALA F 324 13.27 -30.74 -19.06
C ALA F 324 13.63 -29.62 -18.11
N HIS F 325 14.77 -29.77 -17.44
CA HIS F 325 15.20 -28.88 -16.37
C HIS F 325 16.64 -28.45 -16.60
N SER F 326 16.99 -27.29 -16.06
CA SER F 326 18.36 -26.79 -16.08
C SER F 326 18.54 -25.83 -14.92
N ILE F 327 19.67 -25.95 -14.22
CA ILE F 327 19.97 -25.13 -13.05
C ILE F 327 21.23 -24.33 -13.32
N LEU F 328 21.33 -23.17 -12.66
CA LEU F 328 22.50 -22.30 -12.76
C LEU F 328 22.91 -21.86 -11.37
N THR F 329 24.19 -22.07 -11.04
CA THR F 329 24.72 -21.73 -9.73
C THR F 329 25.38 -20.36 -9.78
N VAL F 330 24.97 -19.46 -8.88
CA VAL F 330 25.44 -18.09 -8.87
C VAL F 330 25.88 -17.73 -7.45
N SER F 331 26.79 -16.75 -7.37
CA SER F 331 27.22 -16.19 -6.10
C SER F 331 26.17 -15.20 -5.58
N GLU F 332 26.21 -14.96 -4.27
CA GLU F 332 25.22 -14.09 -3.64
C GLU F 332 25.38 -12.64 -4.07
N GLU F 333 26.62 -12.16 -4.15
CA GLU F 333 26.86 -10.76 -4.48
C GLU F 333 26.39 -10.44 -5.90
N GLU F 334 26.53 -11.39 -6.83
CA GLU F 334 26.01 -11.19 -8.18
C GLU F 334 24.49 -11.13 -8.18
N TRP F 335 23.84 -12.01 -7.42
CA TRP F 335 22.38 -11.99 -7.35
C TRP F 335 21.86 -10.78 -6.59
N ASN F 336 22.59 -10.34 -5.55
CA ASN F 336 22.15 -9.17 -4.78
C ASN F 336 22.16 -7.92 -5.63
N THR F 337 23.20 -7.72 -6.45
CA THR F 337 23.22 -6.58 -7.35
C THR F 337 22.20 -6.73 -8.46
N GLY F 338 22.19 -7.88 -9.12
CA GLY F 338 21.20 -8.16 -10.14
C GLY F 338 21.66 -7.84 -11.55
N GLU F 339 21.96 -8.87 -12.33
CA GLU F 339 22.38 -8.70 -13.72
C GLU F 339 21.31 -9.15 -14.71
N THR F 340 20.07 -9.32 -14.26
CA THR F 340 18.93 -9.73 -15.09
C THR F 340 19.24 -11.03 -15.85
N TYR F 341 19.40 -12.11 -15.09
CA TYR F 341 19.69 -13.41 -15.69
C TYR F 341 18.48 -13.90 -16.48
N THR F 342 18.74 -14.39 -17.68
CA THR F 342 17.67 -14.82 -18.59
C THR F 342 17.94 -16.24 -19.06
N CYS F 343 16.85 -16.92 -19.41
CA CYS F 343 16.89 -18.30 -19.90
C CYS F 343 16.37 -18.33 -21.33
N VAL F 344 17.19 -18.89 -22.23
CA VAL F 344 16.81 -19.02 -23.64
C VAL F 344 16.60 -20.50 -23.93
N VAL F 345 15.48 -20.82 -24.58
CA VAL F 345 15.06 -22.18 -24.84
C VAL F 345 14.78 -22.34 -26.33
N ALA F 346 15.36 -23.35 -26.94
CA ALA F 346 15.21 -23.62 -28.36
C ALA F 346 14.43 -24.91 -28.56
N HIS F 347 13.40 -24.85 -29.41
CA HIS F 347 12.52 -25.99 -29.63
C HIS F 347 11.83 -25.84 -30.98
N GLU F 348 11.32 -26.97 -31.48
CA GLU F 348 10.61 -26.98 -32.75
C GLU F 348 9.30 -26.20 -32.65
N ALA F 349 8.55 -26.39 -31.56
CA ALA F 349 7.18 -25.91 -31.51
C ALA F 349 7.09 -24.40 -31.36
N LEU F 350 8.15 -23.76 -30.89
CA LEU F 350 8.14 -22.31 -30.77
C LEU F 350 8.14 -21.68 -32.16
N PRO F 351 7.19 -20.77 -32.46
CA PRO F 351 7.19 -20.14 -33.79
C PRO F 351 8.45 -19.34 -34.07
N ASN F 352 9.04 -18.72 -33.06
CA ASN F 352 10.32 -18.04 -33.19
C ASN F 352 11.48 -19.01 -33.00
N ARG F 353 11.20 -20.21 -32.46
CA ARG F 353 12.16 -21.28 -32.20
C ARG F 353 13.12 -20.93 -31.06
N VAL F 354 13.02 -19.70 -30.53
CA VAL F 354 13.77 -19.29 -29.35
C VAL F 354 12.83 -18.44 -28.49
N THR F 355 12.84 -18.70 -27.17
CA THR F 355 12.05 -17.92 -26.23
C THR F 355 12.94 -17.48 -25.07
N GLU F 356 12.63 -16.32 -24.51
CA GLU F 356 13.43 -15.72 -23.46
C GLU F 356 12.58 -15.38 -22.24
N ARG F 357 13.09 -15.74 -21.06
CA ARG F 357 12.49 -15.38 -19.79
C ARG F 357 13.60 -14.96 -18.84
N THR F 358 13.40 -13.83 -18.15
CA THR F 358 14.45 -13.24 -17.32
C THR F 358 13.94 -13.03 -15.90
N VAL F 359 14.89 -12.94 -14.97
CA VAL F 359 14.58 -12.72 -13.56
C VAL F 359 15.75 -11.98 -12.92
N ASP F 360 15.46 -11.13 -11.94
CA ASP F 360 16.47 -10.50 -11.10
C ASP F 360 15.92 -10.42 -9.67
N LYS F 361 16.62 -9.64 -8.83
CA LYS F 361 16.22 -9.56 -7.42
C LYS F 361 14.93 -8.78 -7.23
N SER F 362 14.58 -7.92 -8.18
CA SER F 362 13.44 -7.01 -8.04
C SER F 362 12.17 -7.59 -8.65
N THR F 363 12.19 -8.82 -9.15
CA THR F 363 10.98 -9.43 -9.69
C THR F 363 9.96 -9.70 -8.60
N GLY F 364 10.42 -10.12 -7.41
CA GLY F 364 9.50 -10.43 -6.32
C GLY F 364 8.70 -9.24 -5.86
N LYS F 365 9.29 -8.05 -5.89
CA LYS F 365 8.57 -6.85 -5.49
C LYS F 365 7.52 -6.52 -6.55
N PRO F 366 6.29 -6.20 -6.13
CA PRO F 366 5.24 -5.84 -7.12
C PRO F 366 5.50 -4.55 -7.85
N THR F 367 6.44 -3.72 -7.38
CA THR F 367 6.86 -2.43 -7.96
C THR F 367 5.76 -1.38 -7.89
N LEU F 368 4.60 -1.67 -7.31
CA LEU F 368 3.57 -0.65 -7.11
C LEU F 368 3.70 0.01 -5.74
N TYR F 369 4.16 -0.74 -4.74
CA TYR F 369 4.38 -0.22 -3.41
C TYR F 369 5.76 -0.66 -2.92
N ASN F 370 6.37 0.19 -2.09
CA ASN F 370 7.71 -0.05 -1.55
C ASN F 370 7.60 0.02 -0.02
N VAL F 371 7.45 -1.13 0.62
CA VAL F 371 7.28 -1.22 2.06
C VAL F 371 8.55 -1.80 2.67
N SER F 372 9.08 -1.13 3.68
CA SER F 372 10.29 -1.56 4.36
C SER F 372 10.06 -1.54 5.87
N LEU F 373 10.73 -2.46 6.57
CA LEU F 373 10.67 -2.55 8.02
C LEU F 373 12.03 -2.21 8.61
N VAL F 374 12.06 -1.17 9.45
CA VAL F 374 13.27 -0.74 10.12
C VAL F 374 12.97 -0.61 11.61
N MET F 375 13.83 -1.18 12.44
CA MET F 375 13.66 -1.11 13.88
C MET F 375 14.16 0.23 14.42
N ILE G 152 29.72 -64.22 -20.37
CA ILE G 152 29.88 -65.29 -19.39
C ILE G 152 30.09 -64.72 -17.99
N ARG G 153 29.43 -63.60 -17.71
CA ARG G 153 29.55 -62.91 -16.43
C ARG G 153 28.23 -62.99 -15.68
N VAL G 154 28.24 -62.52 -14.44
CA VAL G 154 27.05 -62.49 -13.58
C VAL G 154 26.84 -61.06 -13.12
N PHE G 155 25.60 -60.60 -13.15
CA PHE G 155 25.25 -59.25 -12.73
C PHE G 155 24.11 -59.30 -11.71
N ALA G 156 24.22 -58.46 -10.68
CA ALA G 156 23.20 -58.35 -9.65
C ALA G 156 22.92 -56.88 -9.39
N ILE G 157 21.68 -56.56 -9.05
CA ILE G 157 21.28 -55.18 -8.76
C ILE G 157 21.60 -54.86 -7.31
N PRO G 158 22.44 -53.86 -7.05
CA PRO G 158 22.76 -53.51 -5.67
C PRO G 158 21.59 -52.82 -5.01
N PRO G 159 21.36 -53.06 -3.71
CA PRO G 159 20.31 -52.33 -2.99
C PRO G 159 20.68 -50.86 -2.87
N SER G 160 19.82 -50.00 -3.41
CA SER G 160 19.97 -48.56 -3.31
C SER G 160 19.19 -48.07 -2.10
N PHE G 161 19.61 -46.92 -1.57
CA PHE G 161 19.00 -46.40 -0.34
C PHE G 161 17.52 -46.12 -0.52
N ALA G 162 17.09 -45.78 -1.74
CA ALA G 162 15.66 -45.66 -2.01
C ALA G 162 14.97 -47.00 -1.84
N SER G 163 15.52 -48.05 -2.45
CA SER G 163 14.92 -49.38 -2.32
C SER G 163 15.03 -49.91 -0.90
N ILE G 164 16.11 -49.56 -0.20
CA ILE G 164 16.24 -49.94 1.21
C ILE G 164 15.17 -49.27 2.05
N PHE G 165 14.93 -47.98 1.80
CA PHE G 165 13.96 -47.24 2.61
C PHE G 165 12.52 -47.60 2.28
N LEU G 166 12.24 -48.02 1.04
CA LEU G 166 10.87 -48.40 0.71
C LEU G 166 10.45 -49.67 1.44
N THR G 167 11.29 -50.70 1.42
CA THR G 167 10.98 -51.98 2.04
C THR G 167 11.50 -52.10 3.46
N LYS G 168 12.17 -51.07 3.98
CA LYS G 168 12.79 -51.07 5.31
C LYS G 168 13.77 -52.23 5.50
N SER G 169 14.34 -52.74 4.41
CA SER G 169 15.27 -53.85 4.46
C SER G 169 16.03 -53.93 3.15
N THR G 170 17.23 -54.48 3.20
CA THR G 170 18.03 -54.69 1.99
C THR G 170 17.54 -55.94 1.27
N LYS G 171 17.24 -55.82 -0.02
CA LYS G 171 16.77 -56.92 -0.83
C LYS G 171 17.73 -57.15 -1.99
N LEU G 172 17.96 -58.42 -2.33
CA LEU G 172 18.92 -58.80 -3.36
C LEU G 172 18.18 -59.19 -4.62
N THR G 173 18.64 -58.66 -5.75
CA THR G 173 18.08 -58.97 -7.06
C THR G 173 19.23 -59.28 -8.02
N CYS G 174 19.31 -60.52 -8.46
CA CYS G 174 20.39 -60.99 -9.33
C CYS G 174 19.80 -61.36 -10.69
N LEU G 175 19.70 -60.37 -11.57
CA LEU G 175 19.24 -60.60 -12.94
C LEU G 175 20.44 -61.00 -13.77
N VAL G 176 20.50 -62.28 -14.17
CA VAL G 176 21.67 -62.80 -14.85
C VAL G 176 21.74 -62.23 -16.26
N THR G 177 22.91 -61.72 -16.63
CA THR G 177 23.15 -61.13 -17.93
C THR G 177 24.33 -61.83 -18.60
N ASP G 178 24.34 -61.79 -19.94
CA ASP G 178 25.41 -62.31 -20.78
C ASP G 178 25.61 -63.81 -20.64
N LEU G 179 24.61 -64.53 -20.14
CA LEU G 179 24.63 -65.98 -20.07
C LEU G 179 23.43 -66.55 -20.80
N THR G 180 23.67 -67.42 -21.77
CA THR G 180 22.58 -68.02 -22.54
C THR G 180 21.73 -68.91 -21.65
N THR G 181 20.43 -68.91 -21.90
CA THR G 181 19.49 -69.65 -21.06
C THR G 181 19.46 -71.11 -21.45
N TYR G 182 19.96 -71.96 -20.57
CA TYR G 182 19.91 -73.41 -20.73
C TYR G 182 19.03 -74.01 -19.64
N ASP G 183 18.66 -75.28 -19.82
CA ASP G 183 17.81 -75.95 -18.84
C ASP G 183 18.61 -76.36 -17.62
N SER G 184 17.98 -76.22 -16.45
CA SER G 184 18.53 -76.65 -15.16
C SER G 184 19.86 -75.94 -14.86
N VAL G 185 19.81 -74.62 -14.80
CA VAL G 185 20.98 -73.83 -14.40
C VAL G 185 21.04 -73.78 -12.87
N THR G 186 22.24 -73.57 -12.35
CA THR G 186 22.47 -73.54 -10.90
C THR G 186 22.90 -72.13 -10.50
N ILE G 187 22.11 -71.50 -9.64
CA ILE G 187 22.40 -70.18 -9.10
C ILE G 187 22.23 -70.23 -7.58
N SER G 188 23.23 -69.74 -6.86
CA SER G 188 23.21 -69.73 -5.40
C SER G 188 23.72 -68.39 -4.89
N TRP G 189 23.20 -67.99 -3.73
CA TRP G 189 23.64 -66.78 -3.05
C TRP G 189 24.59 -67.15 -1.91
N THR G 190 25.78 -66.56 -1.94
CA THR G 190 26.78 -66.76 -0.89
C THR G 190 27.44 -65.43 -0.57
N ARG G 191 27.99 -65.33 0.64
CA ARG G 191 28.79 -64.16 1.01
C ARG G 191 30.20 -64.28 0.44
N GLN G 192 31.08 -63.40 0.94
CA GLN G 192 32.50 -63.52 0.65
C GLN G 192 33.06 -64.83 1.19
N ASN G 193 32.47 -65.34 2.27
CA ASN G 193 32.86 -66.63 2.83
C ASN G 193 31.89 -67.75 2.49
N GLY G 194 30.60 -67.45 2.31
CA GLY G 194 29.68 -68.42 1.74
C GLY G 194 28.86 -69.26 2.70
N GLU G 195 28.10 -68.64 3.60
CA GLU G 195 27.13 -69.39 4.38
C GLU G 195 25.77 -69.40 3.66
N ALA G 196 24.81 -70.11 4.24
CA ALA G 196 23.55 -70.38 3.58
C ALA G 196 22.66 -69.13 3.53
N VAL G 197 21.67 -69.18 2.63
CA VAL G 197 20.70 -68.12 2.44
C VAL G 197 19.30 -68.73 2.47
N LYS G 198 18.30 -67.87 2.23
CA LYS G 198 16.93 -68.33 2.08
C LYS G 198 16.66 -68.73 0.64
N THR G 199 15.51 -69.38 0.42
CA THR G 199 15.18 -69.88 -0.91
C THR G 199 14.83 -68.73 -1.85
N HIS G 200 15.18 -68.91 -3.12
CA HIS G 200 14.84 -67.92 -4.14
C HIS G 200 13.35 -67.98 -4.45
N THR G 201 12.83 -66.86 -4.95
CA THR G 201 11.41 -66.73 -5.24
C THR G 201 11.20 -66.04 -6.58
N ASN G 202 10.17 -66.49 -7.29
CA ASN G 202 9.72 -65.86 -8.54
C ASN G 202 10.81 -65.86 -9.61
N ILE G 203 11.22 -67.06 -10.01
CA ILE G 203 12.17 -67.21 -11.12
C ILE G 203 11.38 -67.43 -12.40
N SER G 204 11.94 -66.98 -13.52
CA SER G 204 11.28 -67.06 -14.81
C SER G 204 11.77 -68.28 -15.60
N GLU G 205 11.18 -68.47 -16.78
CA GLU G 205 11.55 -69.56 -17.66
C GLU G 205 12.73 -69.14 -18.53
N SER G 206 13.04 -69.93 -19.56
CA SER G 206 14.13 -69.60 -20.47
C SER G 206 13.82 -68.33 -21.24
N HIS G 207 14.81 -67.46 -21.37
CA HIS G 207 14.66 -66.16 -22.00
C HIS G 207 15.31 -66.17 -23.37
N PRO G 208 14.54 -65.91 -24.44
CA PRO G 208 15.11 -65.99 -25.80
C PRO G 208 16.18 -64.95 -26.09
N ASN G 209 16.27 -63.87 -25.32
CA ASN G 209 17.19 -62.78 -25.60
C ASN G 209 18.61 -63.03 -25.08
N ALA G 210 18.96 -64.30 -24.80
CA ALA G 210 20.29 -64.73 -24.37
C ALA G 210 20.72 -64.15 -23.04
N THR G 211 19.84 -63.44 -22.34
CA THR G 211 20.10 -62.95 -20.99
C THR G 211 19.11 -63.61 -20.04
N PHE G 212 19.62 -64.35 -19.06
CA PHE G 212 18.78 -65.17 -18.19
C PHE G 212 18.03 -64.25 -17.22
N SER G 213 16.81 -63.86 -17.62
CA SER G 213 16.04 -62.85 -16.88
C SER G 213 15.18 -63.50 -15.80
N ALA G 214 15.84 -64.13 -14.83
CA ALA G 214 15.19 -64.65 -13.63
C ALA G 214 15.90 -64.05 -12.43
N VAL G 215 15.12 -63.55 -11.47
CA VAL G 215 15.65 -62.79 -10.35
C VAL G 215 15.89 -63.72 -9.17
N GLY G 216 17.06 -63.61 -8.55
CA GLY G 216 17.35 -64.31 -7.32
C GLY G 216 17.05 -63.45 -6.12
N GLU G 217 15.89 -63.66 -5.49
CA GLU G 217 15.42 -62.79 -4.43
C GLU G 217 15.90 -63.28 -3.07
N ALA G 218 16.39 -62.35 -2.26
CA ALA G 218 16.85 -62.65 -0.92
C ALA G 218 16.83 -61.37 -0.09
N SER G 219 16.32 -61.47 1.13
CA SER G 219 16.26 -60.35 2.06
C SER G 219 17.37 -60.50 3.10
N ILE G 220 18.22 -59.49 3.21
CA ILE G 220 19.42 -59.55 4.04
C ILE G 220 19.41 -58.35 4.98
N CYS G 221 20.07 -58.51 6.12
CA CYS G 221 20.12 -57.47 7.15
C CYS G 221 20.83 -56.22 6.63
N GLU G 222 20.49 -55.08 7.25
CA GLU G 222 21.10 -53.81 6.86
C GLU G 222 22.57 -53.75 7.25
N ASP G 223 22.94 -54.30 8.41
CA ASP G 223 24.32 -54.23 8.87
C ASP G 223 25.26 -55.00 7.96
N ASP G 224 24.79 -56.10 7.36
CA ASP G 224 25.59 -56.83 6.40
C ASP G 224 25.89 -55.97 5.17
N TRP G 225 24.90 -55.19 4.72
CA TRP G 225 25.11 -54.34 3.55
C TRP G 225 26.05 -53.18 3.86
N ASN G 226 25.82 -52.48 4.98
CA ASN G 226 26.64 -51.31 5.25
C ASN G 226 27.99 -51.65 5.87
N SER G 227 28.22 -52.92 6.23
CA SER G 227 29.54 -53.32 6.74
C SER G 227 30.57 -53.41 5.63
N GLY G 228 30.14 -53.55 4.37
CA GLY G 228 31.04 -53.59 3.25
C GLY G 228 31.52 -54.96 2.82
N GLU G 229 31.21 -56.01 3.57
CA GLU G 229 31.63 -57.35 3.18
C GLU G 229 30.83 -57.83 1.97
N ARG G 230 31.51 -58.49 1.06
CA ARG G 230 31.01 -58.70 -0.29
C ARG G 230 29.93 -59.79 -0.34
N PHE G 231 29.07 -59.68 -1.34
CA PHE G 231 28.04 -60.66 -1.64
C PHE G 231 28.32 -61.25 -3.01
N THR G 232 28.27 -62.57 -3.12
CA THR G 232 28.58 -63.27 -4.36
C THR G 232 27.32 -63.96 -4.88
N CYS G 233 26.94 -63.66 -6.13
CA CYS G 233 25.87 -64.36 -6.81
C CYS G 233 26.51 -65.47 -7.64
N THR G 234 26.73 -66.62 -7.00
CA THR G 234 27.44 -67.73 -7.62
C THR G 234 26.52 -68.44 -8.59
N VAL G 235 26.88 -68.44 -9.87
CA VAL G 235 26.10 -69.08 -10.92
C VAL G 235 26.97 -70.17 -11.52
N THR G 236 26.72 -71.42 -11.13
CA THR G 236 27.42 -72.57 -11.71
C THR G 236 26.64 -73.01 -12.95
N HIS G 237 26.95 -72.36 -14.06
CA HIS G 237 26.21 -72.60 -15.30
C HIS G 237 26.54 -73.98 -15.88
N THR G 238 25.63 -74.47 -16.72
CA THR G 238 25.79 -75.80 -17.30
C THR G 238 26.97 -75.86 -18.26
N ASP G 239 27.14 -74.81 -19.08
CA ASP G 239 28.21 -74.83 -20.08
C ASP G 239 29.59 -74.77 -19.45
N LEU G 240 29.74 -73.97 -18.39
CA LEU G 240 31.04 -73.82 -17.73
C LEU G 240 31.01 -74.53 -16.39
N PRO G 241 31.71 -75.65 -16.23
CA PRO G 241 31.73 -76.33 -14.92
C PRO G 241 32.33 -75.49 -13.81
N SER G 242 33.28 -74.62 -14.12
CA SER G 242 33.88 -73.77 -13.10
C SER G 242 32.86 -72.74 -12.63
N PRO G 243 32.58 -72.65 -11.33
CA PRO G 243 31.60 -71.67 -10.84
C PRO G 243 32.08 -70.24 -11.05
N LEU G 244 31.12 -69.35 -11.30
CA LEU G 244 31.39 -67.94 -11.49
C LEU G 244 30.54 -67.13 -10.53
N LYS G 245 31.16 -66.13 -9.90
CA LYS G 245 30.48 -65.30 -8.91
C LYS G 245 30.82 -63.84 -9.16
N GLN G 246 29.91 -62.97 -8.71
CA GLN G 246 30.08 -61.52 -8.80
C GLN G 246 30.04 -60.94 -7.40
N THR G 247 31.13 -60.29 -6.99
CA THR G 247 31.23 -59.65 -5.70
C THR G 247 30.59 -58.26 -5.79
N ILE G 248 29.68 -57.97 -4.87
CA ILE G 248 28.93 -56.71 -4.89
C ILE G 248 28.86 -56.15 -3.48
N SER G 249 29.01 -54.84 -3.37
CA SER G 249 28.95 -54.12 -2.09
C SER G 249 28.82 -52.63 -2.39
N ARG G 250 28.60 -51.85 -1.34
CA ARG G 250 28.55 -50.41 -1.48
C ARG G 250 29.94 -49.87 -1.80
N PRO G 251 30.04 -48.81 -2.62
CA PRO G 251 31.33 -48.22 -2.96
C PRO G 251 31.71 -47.05 -2.05
N ALA G 255 32.81 -41.07 0.22
CA ALA G 255 32.55 -39.72 0.71
C ALA G 255 31.06 -39.49 0.89
N LEU G 256 30.69 -38.87 2.01
CA LEU G 256 29.29 -38.57 2.33
C LEU G 256 29.15 -37.08 2.60
N HIS G 257 28.17 -36.46 1.96
CA HIS G 257 27.90 -35.04 2.11
C HIS G 257 26.42 -34.85 2.39
N ARG G 258 26.10 -34.07 3.42
CA ARG G 258 24.71 -33.89 3.82
C ARG G 258 23.95 -33.11 2.75
N PRO G 259 22.83 -33.62 2.26
CA PRO G 259 22.06 -32.89 1.25
C PRO G 259 21.34 -31.69 1.86
N ASP G 260 21.26 -30.61 1.08
CA ASP G 260 20.53 -29.41 1.45
C ASP G 260 19.30 -29.32 0.54
N VAL G 261 18.12 -29.32 1.15
CA VAL G 261 16.86 -29.34 0.42
C VAL G 261 16.28 -27.93 0.44
N TYR G 262 16.01 -27.39 -0.74
CA TYR G 262 15.40 -26.08 -0.91
C TYR G 262 14.15 -26.21 -1.76
N LEU G 263 13.05 -25.64 -1.30
CA LEU G 263 11.77 -25.70 -1.98
C LEU G 263 11.49 -24.35 -2.64
N LEU G 264 11.16 -24.38 -3.93
CA LEU G 264 10.87 -23.18 -4.69
C LEU G 264 9.37 -23.09 -4.95
N PRO G 265 8.70 -22.02 -4.55
CA PRO G 265 7.27 -21.90 -4.81
C PRO G 265 7.03 -21.74 -6.30
N PRO G 266 5.84 -22.13 -6.80
CA PRO G 266 5.55 -21.97 -8.22
C PRO G 266 5.54 -20.51 -8.64
N ALA G 267 5.98 -20.25 -9.87
CA ALA G 267 6.02 -18.90 -10.39
C ALA G 267 4.60 -18.37 -10.62
N ARG G 268 4.46 -17.04 -10.57
CA ARG G 268 3.16 -16.42 -10.78
C ARG G 268 2.66 -16.64 -12.21
N GLU G 269 3.59 -16.73 -13.17
CA GLU G 269 3.20 -16.97 -14.56
C GLU G 269 2.50 -18.33 -14.70
N GLN G 270 2.98 -19.33 -13.96
CA GLN G 270 2.27 -20.61 -13.89
C GLN G 270 0.91 -20.45 -13.24
N LEU G 271 0.83 -19.64 -12.18
CA LEU G 271 -0.41 -19.50 -11.44
C LEU G 271 -1.41 -18.58 -12.15
N ASN G 272 -0.94 -17.56 -12.86
CA ASN G 272 -1.84 -16.67 -13.56
C ASN G 272 -2.59 -17.39 -14.67
N LEU G 273 -1.92 -18.30 -15.37
CA LEU G 273 -2.58 -19.05 -16.44
C LEU G 273 -3.59 -20.05 -15.88
N ARG G 274 -3.35 -20.56 -14.67
CA ARG G 274 -4.28 -21.23 -13.77
C ARG G 274 -4.56 -22.70 -14.16
N GLU G 275 -4.08 -23.21 -15.30
CA GLU G 275 -4.41 -24.60 -15.63
C GLU G 275 -3.68 -25.59 -14.73
N SER G 276 -2.52 -25.21 -14.19
CA SER G 276 -1.74 -26.12 -13.35
C SER G 276 -0.78 -25.30 -12.50
N ALA G 277 -0.20 -25.97 -11.51
CA ALA G 277 0.83 -25.39 -10.66
C ALA G 277 1.89 -26.44 -10.38
N THR G 278 3.16 -26.05 -10.51
CA THR G 278 4.28 -26.96 -10.34
C THR G 278 5.16 -26.47 -9.19
N ILE G 279 5.35 -27.33 -8.19
CA ILE G 279 6.20 -27.04 -7.04
C ILE G 279 7.46 -27.89 -7.17
N THR G 280 8.61 -27.25 -7.17
CA THR G 280 9.88 -27.89 -7.47
C THR G 280 10.65 -28.16 -6.18
N CYS G 281 11.17 -29.38 -6.05
CA CYS G 281 11.97 -29.79 -4.91
C CYS G 281 13.41 -29.97 -5.36
N LEU G 282 14.29 -29.06 -4.96
CA LEU G 282 15.68 -29.06 -5.39
C LEU G 282 16.55 -29.65 -4.29
N VAL G 283 17.18 -30.78 -4.59
CA VAL G 283 18.08 -31.45 -3.65
C VAL G 283 19.50 -31.31 -4.17
N THR G 284 20.40 -30.77 -3.34
CA THR G 284 21.76 -30.51 -3.73
C THR G 284 22.74 -31.03 -2.67
N GLY G 285 23.95 -31.32 -3.12
CA GLY G 285 25.05 -31.68 -2.23
C GLY G 285 24.90 -32.97 -1.46
N PHE G 286 24.50 -34.05 -2.12
CA PHE G 286 24.42 -35.36 -1.51
C PHE G 286 25.40 -36.33 -2.17
N SER G 287 25.95 -37.24 -1.37
CA SER G 287 26.87 -38.26 -1.86
C SER G 287 26.66 -39.51 -1.02
N PRO G 288 26.50 -40.69 -1.65
CA PRO G 288 26.47 -40.90 -3.10
C PRO G 288 25.11 -40.58 -3.73
N ALA G 289 24.89 -41.05 -4.95
CA ALA G 289 23.66 -40.76 -5.69
C ALA G 289 22.59 -41.79 -5.32
N ASP G 290 22.10 -41.67 -4.09
CA ASP G 290 21.02 -42.55 -3.58
C ASP G 290 20.10 -41.68 -2.73
N VAL G 291 19.06 -41.14 -3.36
CA VAL G 291 18.05 -40.33 -2.69
C VAL G 291 16.68 -40.75 -3.19
N PHE G 292 15.68 -40.70 -2.29
CA PHE G 292 14.29 -40.98 -2.63
C PHE G 292 13.48 -39.74 -2.27
N VAL G 293 13.16 -38.92 -3.26
CA VAL G 293 12.37 -37.72 -3.05
C VAL G 293 10.89 -38.10 -3.02
N GLN G 294 10.24 -37.82 -1.90
CA GLN G 294 8.83 -38.14 -1.70
C GLN G 294 8.11 -36.89 -1.23
N TRP G 295 6.82 -36.79 -1.57
CA TRP G 295 6.03 -35.60 -1.29
C TRP G 295 4.95 -35.91 -0.26
N MET G 296 4.87 -35.07 0.78
CA MET G 296 3.90 -35.20 1.85
C MET G 296 2.90 -34.06 1.78
N GLN G 297 1.63 -34.37 2.05
CA GLN G 297 0.58 -33.36 2.14
C GLN G 297 -0.23 -33.63 3.39
N ARG G 298 0.01 -32.82 4.43
CA ARG G 298 -0.71 -32.91 5.71
C ARG G 298 -0.59 -34.30 6.33
N GLY G 299 0.59 -34.91 6.18
CA GLY G 299 0.85 -36.24 6.70
C GLY G 299 0.34 -37.36 5.83
N GLN G 300 -0.26 -37.07 4.68
CA GLN G 300 -0.77 -38.10 3.79
C GLN G 300 0.18 -38.26 2.62
N PRO G 301 0.73 -39.46 2.40
CA PRO G 301 1.66 -39.64 1.26
C PRO G 301 0.91 -39.57 -0.06
N LEU G 302 1.36 -38.68 -0.94
CA LEU G 302 0.75 -38.53 -2.25
C LEU G 302 1.11 -39.72 -3.14
N SER G 303 0.29 -39.93 -4.17
CA SER G 303 0.50 -41.04 -5.07
C SER G 303 1.78 -40.84 -5.89
N PRO G 304 2.49 -41.92 -6.20
CA PRO G 304 3.74 -41.79 -6.96
C PRO G 304 3.56 -41.23 -8.35
N GLU G 305 2.36 -41.30 -8.93
CA GLU G 305 2.14 -40.80 -10.27
C GLU G 305 2.08 -39.27 -10.33
N LYS G 306 1.78 -38.60 -9.23
CA LYS G 306 1.71 -37.14 -9.24
C LYS G 306 3.08 -36.50 -9.37
N TYR G 307 4.09 -37.06 -8.70
CA TYR G 307 5.42 -36.47 -8.65
C TYR G 307 6.44 -37.41 -9.26
N VAL G 308 7.42 -36.83 -9.95
CA VAL G 308 8.50 -37.59 -10.57
C VAL G 308 9.83 -36.92 -10.22
N THR G 309 10.85 -37.74 -10.03
CA THR G 309 12.18 -37.30 -9.62
C THR G 309 13.19 -37.66 -10.69
N SER G 310 14.00 -36.68 -11.09
CA SER G 310 15.03 -36.93 -12.09
C SER G 310 16.23 -37.65 -11.47
N ALA G 311 17.01 -38.29 -12.33
CA ALA G 311 18.21 -38.99 -11.88
C ALA G 311 19.25 -38.00 -11.37
N PRO G 312 20.01 -38.36 -10.34
CA PRO G 312 21.03 -37.45 -9.82
C PRO G 312 22.15 -37.20 -10.83
N MET G 313 22.55 -35.94 -10.95
CA MET G 313 23.60 -35.49 -11.86
C MET G 313 24.73 -34.88 -11.06
N PRO G 314 25.96 -34.96 -11.56
CA PRO G 314 27.09 -34.34 -10.84
C PRO G 314 26.94 -32.83 -10.73
N GLU G 315 27.30 -32.30 -9.57
CA GLU G 315 27.18 -30.86 -9.32
C GLU G 315 28.24 -30.10 -10.13
N PRO G 316 27.87 -29.03 -10.82
CA PRO G 316 28.89 -28.24 -11.53
C PRO G 316 29.94 -27.62 -10.62
N GLN G 317 29.57 -27.24 -9.40
CA GLN G 317 30.53 -26.63 -8.48
C GLN G 317 31.54 -27.66 -7.98
N ALA G 318 31.08 -28.83 -7.56
CA ALA G 318 31.95 -29.87 -7.02
C ALA G 318 31.65 -31.20 -7.71
N PRO G 319 32.64 -31.86 -8.31
CA PRO G 319 32.37 -33.18 -8.91
C PRO G 319 31.91 -34.21 -7.91
N GLY G 320 32.40 -34.12 -6.66
CA GLY G 320 31.96 -35.06 -5.64
C GLY G 320 30.49 -34.88 -5.28
N ARG G 321 30.01 -33.65 -5.30
CA ARG G 321 28.61 -33.37 -4.97
C ARG G 321 27.71 -33.73 -6.14
N TYR G 322 26.47 -34.11 -5.81
CA TYR G 322 25.44 -34.42 -6.79
C TYR G 322 24.20 -33.61 -6.48
N PHE G 323 23.36 -33.40 -7.49
CA PHE G 323 22.08 -32.74 -7.29
C PHE G 323 20.97 -33.56 -7.94
N ALA G 324 19.80 -33.58 -7.29
CA ALA G 324 18.60 -34.19 -7.83
C ALA G 324 17.44 -33.22 -7.70
N HIS G 325 16.55 -33.22 -8.69
CA HIS G 325 15.48 -32.24 -8.77
C HIS G 325 14.17 -32.96 -9.08
N SER G 326 13.12 -32.63 -8.34
CA SER G 326 11.81 -33.25 -8.53
C SER G 326 10.72 -32.19 -8.45
N ILE G 327 9.59 -32.48 -9.09
CA ILE G 327 8.46 -31.54 -9.16
C ILE G 327 7.18 -32.25 -8.76
N LEU G 328 6.18 -31.47 -8.36
CA LEU G 328 4.84 -31.96 -8.10
C LEU G 328 3.86 -31.13 -8.92
N THR G 329 3.03 -31.80 -9.72
CA THR G 329 2.08 -31.14 -10.60
C THR G 329 0.71 -31.10 -9.93
N VAL G 330 0.26 -29.89 -9.56
CA VAL G 330 -1.02 -29.70 -8.90
C VAL G 330 -1.77 -28.59 -9.63
N SER G 331 -3.03 -28.41 -9.24
CA SER G 331 -3.85 -27.35 -9.82
C SER G 331 -3.60 -26.03 -9.08
N GLU G 332 -4.00 -24.93 -9.72
CA GLU G 332 -3.84 -23.62 -9.11
C GLU G 332 -4.75 -23.45 -7.90
N GLU G 333 -5.91 -24.11 -7.91
CA GLU G 333 -6.79 -24.07 -6.76
C GLU G 333 -6.15 -24.74 -5.55
N GLU G 334 -5.46 -25.86 -5.77
CA GLU G 334 -4.78 -26.55 -4.67
C GLU G 334 -3.64 -25.71 -4.10
N TRP G 335 -3.13 -24.75 -4.88
CA TRP G 335 -2.05 -23.91 -4.36
C TRP G 335 -2.60 -22.68 -3.66
N ASN G 336 -3.55 -21.97 -4.27
CA ASN G 336 -4.06 -20.76 -3.61
C ASN G 336 -4.96 -21.10 -2.43
N THR G 337 -5.42 -22.34 -2.33
CA THR G 337 -6.00 -22.83 -1.08
C THR G 337 -4.90 -23.37 -0.18
N GLY G 338 -5.07 -23.21 1.13
CA GLY G 338 -4.04 -23.58 2.08
C GLY G 338 -3.70 -25.06 2.09
N GLU G 339 -2.47 -25.39 1.68
CA GLU G 339 -1.97 -26.75 1.68
C GLU G 339 -0.53 -26.76 2.15
N THR G 340 -0.12 -27.84 2.82
CA THR G 340 1.24 -27.94 3.32
C THR G 340 2.21 -28.29 2.21
N TYR G 341 1.99 -29.42 1.53
CA TYR G 341 2.79 -29.85 0.39
C TYR G 341 4.26 -30.00 0.76
N THR G 342 4.51 -30.80 1.80
CA THR G 342 5.85 -31.04 2.30
C THR G 342 6.62 -31.95 1.35
N CYS G 343 7.86 -31.59 1.07
CA CYS G 343 8.77 -32.44 0.30
C CYS G 343 9.80 -33.03 1.26
N VAL G 344 9.78 -34.34 1.42
CA VAL G 344 10.67 -35.06 2.33
C VAL G 344 11.72 -35.79 1.51
N VAL G 345 12.98 -35.68 1.93
CA VAL G 345 14.10 -36.27 1.23
C VAL G 345 14.91 -37.11 2.21
N ALA G 346 15.20 -38.35 1.83
CA ALA G 346 15.95 -39.28 2.66
C ALA G 346 17.29 -39.57 1.99
N HIS G 347 18.37 -39.48 2.76
CA HIS G 347 19.71 -39.75 2.24
C HIS G 347 20.56 -40.36 3.36
N GLU G 348 21.57 -41.13 2.95
CA GLU G 348 22.44 -41.79 3.92
C GLU G 348 23.24 -40.78 4.74
N ALA G 349 23.74 -39.72 4.10
CA ALA G 349 24.65 -38.79 4.77
C ALA G 349 23.95 -37.93 5.82
N LEU G 350 22.62 -37.87 5.80
CA LEU G 350 21.91 -37.13 6.83
C LEU G 350 22.06 -37.84 8.17
N PRO G 351 22.44 -37.12 9.23
CA PRO G 351 22.49 -37.77 10.55
C PRO G 351 21.13 -38.28 11.00
N ASN G 352 20.06 -37.56 10.67
CA ASN G 352 18.70 -37.95 10.98
C ASN G 352 18.16 -38.95 9.95
N ARG G 353 18.83 -39.05 8.80
CA ARG G 353 18.47 -39.87 7.64
C ARG G 353 17.19 -39.40 6.94
N VAL G 354 16.55 -38.34 7.45
CA VAL G 354 15.33 -37.80 6.86
C VAL G 354 15.32 -36.30 7.07
N THR G 355 15.04 -35.56 5.99
CA THR G 355 14.85 -34.11 6.08
C THR G 355 13.65 -33.74 5.23
N GLU G 356 13.01 -32.62 5.60
CA GLU G 356 11.82 -32.17 4.91
C GLU G 356 11.68 -30.66 5.05
N ARG G 357 11.03 -30.05 4.07
CA ARG G 357 10.76 -28.61 4.08
C ARG G 357 9.32 -28.38 3.66
N THR G 358 8.76 -27.27 4.15
CA THR G 358 7.38 -26.90 3.88
C THR G 358 7.31 -25.50 3.30
N VAL G 359 6.42 -25.31 2.32
CA VAL G 359 6.11 -24.01 1.76
C VAL G 359 4.60 -23.84 1.69
N ASP G 360 4.14 -22.60 1.85
CA ASP G 360 2.74 -22.23 1.79
C ASP G 360 2.59 -21.03 0.87
N LYS G 361 1.35 -20.66 0.60
CA LYS G 361 1.09 -19.42 -0.15
C LYS G 361 1.56 -18.20 0.63
N SER G 362 1.47 -18.25 1.96
CA SER G 362 1.91 -17.16 2.82
C SER G 362 3.38 -17.24 3.19
N THR G 363 4.09 -18.27 2.73
CA THR G 363 5.52 -18.37 3.02
C THR G 363 6.30 -17.24 2.37
N GLY G 364 5.95 -16.88 1.13
CA GLY G 364 6.60 -15.76 0.48
C GLY G 364 6.34 -14.44 1.16
N LYS G 365 5.14 -14.29 1.72
CA LYS G 365 4.80 -13.08 2.46
C LYS G 365 5.64 -13.00 3.75
N PRO G 366 6.03 -11.79 4.16
CA PRO G 366 6.87 -11.65 5.35
C PRO G 366 6.14 -11.95 6.65
N THR G 367 4.81 -12.06 6.63
CA THR G 367 3.95 -12.32 7.79
C THR G 367 4.09 -11.25 8.86
N LEU G 368 4.56 -10.06 8.48
CA LEU G 368 4.55 -8.89 9.35
C LEU G 368 3.59 -7.82 8.86
N TYR G 369 3.60 -7.53 7.57
CA TYR G 369 2.68 -6.55 6.98
C TYR G 369 1.90 -7.23 5.87
N ASN G 370 0.57 -7.13 5.94
CA ASN G 370 -0.32 -7.62 4.88
C ASN G 370 -0.77 -6.41 4.06
N VAL G 371 0.10 -6.01 3.14
CA VAL G 371 -0.20 -4.88 2.25
C VAL G 371 -1.04 -5.39 1.09
N SER G 372 -2.19 -4.77 0.87
CA SER G 372 -3.12 -5.17 -0.18
C SER G 372 -3.54 -3.96 -1.00
N LEU G 373 -3.84 -4.21 -2.28
CA LEU G 373 -4.29 -3.19 -3.20
C LEU G 373 -5.77 -3.38 -3.49
N VAL G 374 -6.55 -2.31 -3.29
CA VAL G 374 -7.99 -2.34 -3.50
C VAL G 374 -8.37 -1.27 -4.50
N MET G 375 -9.21 -1.63 -5.46
CA MET G 375 -9.70 -0.67 -6.45
C MET G 375 -10.87 0.13 -5.92
N ILE H 152 17.16 -62.62 43.40
CA ILE H 152 17.77 -63.54 42.46
C ILE H 152 16.95 -63.58 41.17
N ARG H 153 17.26 -62.67 40.25
CA ARG H 153 16.50 -62.55 39.00
C ARG H 153 17.47 -62.37 37.85
N VAL H 154 16.96 -62.58 36.63
CA VAL H 154 17.69 -62.30 35.40
C VAL H 154 16.82 -61.37 34.55
N PHE H 155 17.44 -60.35 33.97
CA PHE H 155 16.72 -59.34 33.21
C PHE H 155 17.34 -59.19 31.83
N ALA H 156 16.51 -59.33 30.80
CA ALA H 156 16.88 -59.03 29.43
C ALA H 156 16.06 -57.85 28.95
N ILE H 157 16.71 -56.70 28.75
CA ILE H 157 16.04 -55.46 28.39
C ILE H 157 15.76 -55.49 26.89
N PRO H 158 14.52 -55.26 26.46
CA PRO H 158 14.24 -55.12 25.04
C PRO H 158 14.93 -53.89 24.48
N PRO H 159 15.39 -53.93 23.24
CA PRO H 159 15.99 -52.73 22.63
C PRO H 159 14.94 -51.63 22.46
N SER H 160 15.15 -50.53 23.19
CA SER H 160 14.24 -49.40 23.11
C SER H 160 14.36 -48.72 21.75
N PHE H 161 13.29 -48.05 21.33
CA PHE H 161 13.28 -47.39 20.03
C PHE H 161 14.35 -46.32 19.93
N ALA H 162 14.75 -45.74 21.07
CA ALA H 162 15.88 -44.81 21.09
C ALA H 162 17.16 -45.49 20.63
N SER H 163 17.41 -46.71 21.10
CA SER H 163 18.57 -47.47 20.66
C SER H 163 18.37 -48.01 19.25
N ILE H 164 17.13 -48.28 18.85
CA ILE H 164 16.86 -48.80 17.52
C ILE H 164 17.19 -47.76 16.46
N PHE H 165 16.72 -46.53 16.66
CA PHE H 165 16.89 -45.51 15.63
C PHE H 165 18.30 -44.95 15.60
N LEU H 166 18.95 -44.83 16.77
CA LEU H 166 20.22 -44.12 16.85
C LEU H 166 21.33 -44.87 16.12
N THR H 167 21.49 -46.16 16.41
CA THR H 167 22.58 -46.94 15.83
C THR H 167 22.13 -47.89 14.74
N LYS H 168 20.82 -47.90 14.41
CA LYS H 168 20.26 -48.75 13.36
C LYS H 168 20.54 -50.24 13.61
N SER H 169 20.61 -50.64 14.88
CA SER H 169 20.81 -52.03 15.24
C SER H 169 20.21 -52.27 16.63
N THR H 170 19.30 -53.23 16.71
CA THR H 170 18.63 -53.54 17.97
C THR H 170 19.58 -54.35 18.85
N LYS H 171 20.01 -53.73 19.95
CA LYS H 171 20.96 -54.37 20.87
C LYS H 171 20.21 -55.19 21.90
N LEU H 172 20.62 -56.44 22.08
CA LEU H 172 20.04 -57.33 23.07
C LEU H 172 21.08 -57.59 24.15
N THR H 173 20.71 -57.36 25.41
CA THR H 173 21.63 -57.44 26.54
C THR H 173 21.13 -58.45 27.55
N CYS H 174 22.00 -59.37 27.96
CA CYS H 174 21.73 -60.28 29.07
C CYS H 174 22.30 -59.65 30.34
N LEU H 175 21.41 -59.28 31.26
CA LEU H 175 21.80 -58.61 32.49
C LEU H 175 21.34 -59.44 33.68
N VAL H 176 22.17 -59.50 34.72
CA VAL H 176 21.90 -60.26 35.93
C VAL H 176 21.76 -59.29 37.09
N THR H 177 20.80 -59.56 37.97
CA THR H 177 20.57 -58.74 39.14
C THR H 177 20.36 -59.63 40.37
N ASP H 178 20.91 -59.19 41.50
CA ASP H 178 20.75 -59.78 42.83
C ASP H 178 21.46 -61.13 42.98
N LEU H 179 22.09 -61.65 41.94
CA LEU H 179 22.85 -62.89 42.06
C LEU H 179 24.22 -62.59 42.66
N THR H 180 24.68 -63.50 43.53
CA THR H 180 25.99 -63.33 44.16
C THR H 180 27.11 -63.43 43.12
N THR H 181 28.19 -62.71 43.37
CA THR H 181 29.24 -62.55 42.37
C THR H 181 30.06 -63.82 42.19
N TYR H 182 30.50 -64.05 40.96
CA TYR H 182 31.41 -65.14 40.62
C TYR H 182 32.35 -64.68 39.52
N ASP H 183 33.25 -65.56 39.11
CA ASP H 183 34.13 -65.32 37.98
C ASP H 183 33.90 -66.38 36.91
N SER H 184 33.92 -65.95 35.65
CA SER H 184 33.67 -66.81 34.49
C SER H 184 32.31 -67.49 34.58
N VAL H 185 31.26 -66.66 34.67
CA VAL H 185 29.90 -67.18 34.79
C VAL H 185 29.47 -67.79 33.46
N THR H 186 28.72 -68.89 33.54
CA THR H 186 28.23 -69.59 32.36
C THR H 186 26.84 -69.06 32.01
N ILE H 187 26.69 -68.54 30.79
CA ILE H 187 25.42 -67.99 30.33
C ILE H 187 25.35 -68.18 28.82
N SER H 188 24.16 -68.54 28.34
CA SER H 188 23.97 -68.95 26.95
C SER H 188 22.89 -68.11 26.27
N TRP H 189 22.96 -68.08 24.94
CA TRP H 189 22.04 -67.35 24.09
C TRP H 189 21.26 -68.32 23.20
N THR H 190 19.99 -68.02 22.96
CA THR H 190 19.16 -68.83 22.07
C THR H 190 17.98 -68.02 21.57
N ARG H 191 17.43 -68.45 20.43
CA ARG H 191 16.17 -67.93 19.93
C ARG H 191 15.03 -68.93 20.08
N GLN H 192 13.88 -68.54 19.54
CA GLN H 192 12.67 -69.35 19.64
C GLN H 192 12.76 -70.61 18.78
N ASN H 193 13.45 -70.52 17.64
CA ASN H 193 13.60 -71.65 16.74
C ASN H 193 14.71 -72.60 17.15
N GLY H 194 15.53 -72.24 18.13
CA GLY H 194 16.60 -73.09 18.61
C GLY H 194 17.99 -72.75 18.11
N GLU H 195 18.16 -71.64 17.39
CA GLU H 195 19.45 -71.21 16.88
C GLU H 195 19.97 -70.04 17.70
N ALA H 196 21.29 -70.00 17.92
CA ALA H 196 21.90 -68.96 18.75
C ALA H 196 22.28 -67.72 17.96
N VAL H 197 22.33 -66.58 18.67
CA VAL H 197 22.97 -65.35 18.17
C VAL H 197 24.48 -65.42 18.33
N LYS H 198 25.17 -64.43 17.76
CA LYS H 198 26.54 -64.13 18.15
C LYS H 198 26.67 -63.99 19.66
N THR H 199 27.71 -64.63 20.21
CA THR H 199 27.84 -64.76 21.65
C THR H 199 28.02 -63.41 22.33
N HIS H 200 27.66 -63.37 23.62
CA HIS H 200 27.79 -62.16 24.42
C HIS H 200 29.27 -61.79 24.58
N THR H 201 29.54 -60.49 24.53
CA THR H 201 30.90 -59.97 24.65
C THR H 201 30.92 -58.83 25.67
N ASN H 202 32.12 -58.57 26.19
CA ASN H 202 32.37 -57.52 27.18
C ASN H 202 31.50 -57.71 28.42
N ILE H 203 31.76 -58.82 29.10
CA ILE H 203 31.03 -59.17 30.32
C ILE H 203 31.55 -58.29 31.46
N SER H 204 30.62 -57.65 32.17
CA SER H 204 31.00 -56.77 33.27
C SER H 204 31.63 -57.56 34.41
N GLU H 205 32.62 -56.96 35.05
CA GLU H 205 33.31 -57.59 36.17
C GLU H 205 32.38 -57.65 37.39
N SER H 206 32.74 -58.52 38.34
CA SER H 206 31.97 -58.67 39.57
C SER H 206 31.89 -57.35 40.33
N HIS H 207 30.67 -56.89 40.56
CA HIS H 207 30.46 -55.60 41.21
C HIS H 207 30.81 -55.68 42.69
N PRO H 208 31.32 -54.59 43.26
CA PRO H 208 31.58 -54.58 44.72
C PRO H 208 30.32 -54.68 45.56
N ASN H 209 29.14 -54.42 45.00
CA ASN H 209 27.88 -54.47 45.72
C ASN H 209 27.39 -55.89 45.96
N ALA H 210 28.23 -56.90 45.73
CA ALA H 210 27.94 -58.33 45.89
C ALA H 210 26.86 -58.83 44.96
N THR H 211 26.41 -58.03 43.99
CA THR H 211 25.41 -58.45 43.02
C THR H 211 26.04 -58.39 41.63
N PHE H 212 26.22 -59.56 41.02
CA PHE H 212 26.78 -59.62 39.68
C PHE H 212 25.84 -59.00 38.65
N SER H 213 26.41 -58.21 37.74
CA SER H 213 25.69 -57.69 36.59
C SER H 213 26.49 -58.03 35.34
N ALA H 214 25.78 -58.36 34.26
CA ALA H 214 26.38 -58.78 33.02
C ALA H 214 26.00 -57.84 31.89
N VAL H 215 26.95 -57.58 31.00
CA VAL H 215 26.74 -56.72 29.84
C VAL H 215 26.97 -57.54 28.59
N GLY H 216 26.01 -57.56 27.70
CA GLY H 216 26.12 -58.30 26.46
C GLY H 216 25.57 -57.50 25.29
N GLU H 217 26.12 -57.76 24.10
CA GLU H 217 25.71 -57.08 22.88
C GLU H 217 25.42 -58.13 21.82
N ALA H 218 24.14 -58.32 21.50
CA ALA H 218 23.71 -59.25 20.46
C ALA H 218 23.11 -58.44 19.32
N SER H 219 23.64 -58.64 18.12
CA SER H 219 23.19 -57.93 16.93
C SER H 219 22.35 -58.84 16.06
N ILE H 220 21.11 -58.41 15.78
CA ILE H 220 20.17 -59.16 14.98
C ILE H 220 19.63 -58.24 13.88
N CYS H 221 18.70 -58.78 13.08
CA CYS H 221 18.05 -57.98 12.06
C CYS H 221 17.01 -57.05 12.67
N GLU H 222 16.78 -55.93 12.01
CA GLU H 222 15.68 -55.05 12.40
C GLU H 222 14.33 -55.73 12.18
N ASP H 223 14.17 -56.42 11.06
CA ASP H 223 12.94 -57.17 10.81
C ASP H 223 12.79 -58.34 11.76
N ASP H 224 13.90 -58.93 12.20
CA ASP H 224 13.84 -60.01 13.17
C ASP H 224 13.26 -59.54 14.50
N TRP H 225 13.68 -58.35 14.95
CA TRP H 225 13.08 -57.78 16.15
C TRP H 225 11.65 -57.34 15.92
N ASN H 226 11.35 -56.80 14.72
CA ASN H 226 9.99 -56.41 14.40
C ASN H 226 9.04 -57.60 14.29
N SER H 227 9.58 -58.81 14.09
CA SER H 227 8.76 -60.01 14.02
C SER H 227 8.33 -60.53 15.39
N GLY H 228 8.83 -59.92 16.47
CA GLY H 228 8.48 -60.38 17.81
C GLY H 228 9.02 -61.74 18.17
N GLU H 229 10.26 -62.04 17.79
CA GLU H 229 10.86 -63.33 18.12
C GLU H 229 11.15 -63.42 19.61
N ARG H 230 10.82 -64.56 20.20
CA ARG H 230 11.04 -64.77 21.63
C ARG H 230 12.53 -64.98 21.88
N PHE H 231 13.12 -64.13 22.72
CA PHE H 231 14.55 -64.16 23.01
C PHE H 231 14.74 -64.67 24.44
N THR H 232 15.27 -65.88 24.58
CA THR H 232 15.46 -66.51 25.88
C THR H 232 16.92 -66.40 26.28
N CYS H 233 17.17 -65.88 27.49
CA CYS H 233 18.51 -65.72 28.03
C CYS H 233 18.62 -66.60 29.28
N THR H 234 19.06 -67.84 29.07
CA THR H 234 19.20 -68.79 30.17
C THR H 234 20.55 -68.64 30.86
N VAL H 235 20.53 -68.74 32.19
CA VAL H 235 21.74 -68.65 33.00
C VAL H 235 21.79 -69.89 33.89
N THR H 236 22.84 -70.70 33.72
CA THR H 236 23.05 -71.89 34.53
C THR H 236 24.47 -71.84 35.09
N HIS H 237 24.58 -71.95 36.42
CA HIS H 237 25.88 -71.90 37.09
C HIS H 237 25.76 -72.64 38.41
N THR H 238 26.82 -72.58 39.21
CA THR H 238 26.85 -73.26 40.50
C THR H 238 25.99 -72.57 41.54
N ASP H 239 25.58 -71.32 41.30
CA ASP H 239 24.72 -70.62 42.26
C ASP H 239 23.35 -71.27 42.35
N LEU H 240 22.71 -71.51 41.21
CA LEU H 240 21.41 -72.18 41.15
C LEU H 240 21.51 -73.32 40.15
N PRO H 241 21.33 -74.57 40.58
CA PRO H 241 21.34 -75.68 39.60
C PRO H 241 20.25 -75.56 38.55
N SER H 242 19.09 -75.05 38.93
CA SER H 242 18.03 -74.83 37.95
C SER H 242 18.40 -73.64 37.05
N PRO H 243 18.15 -73.75 35.75
CA PRO H 243 18.46 -72.63 34.85
C PRO H 243 17.61 -71.41 35.15
N LEU H 244 18.20 -70.23 34.97
CA LEU H 244 17.51 -68.95 35.14
C LEU H 244 17.38 -68.31 33.76
N LYS H 245 16.20 -68.37 33.19
CA LYS H 245 15.95 -67.91 31.83
C LYS H 245 14.90 -66.81 31.83
N GLN H 246 15.12 -65.80 30.99
CA GLN H 246 14.17 -64.71 30.78
C GLN H 246 13.87 -64.60 29.29
N THR H 247 12.61 -64.77 28.93
CA THR H 247 12.18 -64.74 27.53
C THR H 247 11.49 -63.42 27.25
N ILE H 248 12.01 -62.66 26.28
CA ILE H 248 11.48 -61.35 25.92
C ILE H 248 11.23 -61.30 24.42
N SER H 249 10.35 -60.39 24.04
CA SER H 249 10.02 -60.16 22.63
C SER H 249 9.39 -58.78 22.50
N ARG H 250 9.36 -58.29 21.27
CA ARG H 250 8.71 -57.01 21.00
C ARG H 250 7.21 -57.16 21.18
N PRO H 251 6.54 -56.22 21.85
CA PRO H 251 5.08 -56.33 22.03
C PRO H 251 4.35 -56.32 20.69
N LYS H 252 3.28 -57.11 20.62
CA LYS H 252 2.48 -57.25 19.43
C LYS H 252 1.04 -56.83 19.71
N GLY H 253 0.36 -56.35 18.67
CA GLY H 253 -1.01 -55.90 18.80
C GLY H 253 -1.18 -54.47 19.25
N VAL H 254 -0.08 -53.72 19.43
CA VAL H 254 -0.19 -52.33 19.84
C VAL H 254 -0.69 -51.50 18.67
N ALA H 255 -1.70 -50.66 18.94
CA ALA H 255 -2.26 -49.81 17.90
C ALA H 255 -1.27 -48.75 17.47
N LEU H 256 -1.45 -48.26 16.25
CA LEU H 256 -0.55 -47.27 15.65
C LEU H 256 -1.30 -45.94 15.53
N HIS H 257 -0.75 -44.90 16.15
CA HIS H 257 -1.30 -43.55 16.05
C HIS H 257 -0.14 -42.58 15.89
N ARG H 258 -0.12 -41.87 14.76
CA ARG H 258 1.00 -40.98 14.46
C ARG H 258 1.03 -39.81 15.44
N PRO H 259 2.18 -39.50 16.03
CA PRO H 259 2.25 -38.38 16.97
C PRO H 259 2.07 -37.04 16.27
N ASP H 260 1.51 -36.08 16.98
CA ASP H 260 1.38 -34.70 16.51
C ASP H 260 2.37 -33.84 17.29
N VAL H 261 3.28 -33.20 16.57
CA VAL H 261 4.38 -32.46 17.19
C VAL H 261 4.06 -30.97 17.10
N TYR H 262 3.98 -30.32 18.25
CA TYR H 262 3.75 -28.89 18.35
C TYR H 262 4.92 -28.24 19.07
N LEU H 263 5.50 -27.21 18.45
CA LEU H 263 6.68 -26.54 18.98
C LEU H 263 6.24 -25.20 19.56
N LEU H 264 6.07 -25.16 20.88
CA LEU H 264 5.58 -23.96 21.56
C LEU H 264 6.73 -22.99 21.79
N PRO H 265 6.65 -21.76 21.32
CA PRO H 265 7.71 -20.77 21.61
C PRO H 265 7.69 -20.37 23.07
N PRO H 266 8.82 -19.88 23.60
CA PRO H 266 8.84 -19.44 25.00
C PRO H 266 7.92 -18.25 25.24
N ALA H 267 7.42 -18.16 26.47
CA ALA H 267 6.47 -17.11 26.83
C ALA H 267 7.15 -15.75 26.87
N ARG H 268 6.31 -14.71 26.82
CA ARG H 268 6.82 -13.34 26.87
C ARG H 268 7.48 -13.04 28.21
N GLU H 269 6.88 -13.52 29.31
CA GLU H 269 7.44 -13.27 30.63
C GLU H 269 8.77 -14.01 30.80
N GLN H 270 8.91 -15.16 30.12
CA GLN H 270 10.19 -15.85 30.11
C GLN H 270 11.27 -15.00 29.45
N LEU H 271 10.93 -14.35 28.34
CA LEU H 271 11.88 -13.45 27.67
C LEU H 271 12.12 -12.17 28.46
N ASN H 272 11.21 -11.82 29.38
CA ASN H 272 11.37 -10.59 30.15
C ASN H 272 12.57 -10.70 31.08
N LEU H 273 12.79 -11.87 31.67
CA LEU H 273 13.91 -12.05 32.61
C LEU H 273 15.27 -11.91 31.93
N ARG H 274 15.32 -12.09 30.61
CA ARG H 274 16.55 -11.91 29.81
C ARG H 274 17.67 -12.86 30.28
N GLU H 275 17.30 -14.04 30.78
CA GLU H 275 18.27 -15.00 31.29
C GLU H 275 18.31 -16.26 30.45
N SER H 276 17.19 -16.94 30.27
CA SER H 276 17.15 -18.18 29.52
C SER H 276 15.76 -18.38 28.92
N ALA H 277 15.70 -18.83 27.68
CA ALA H 277 14.45 -19.12 27.00
C ALA H 277 14.37 -20.62 26.75
N THR H 278 13.24 -21.22 27.16
CA THR H 278 13.03 -22.66 27.04
C THR H 278 12.02 -22.91 25.92
N ILE H 279 12.44 -23.65 24.91
CA ILE H 279 11.55 -24.04 23.82
C ILE H 279 11.06 -25.45 24.08
N THR H 280 9.74 -25.62 24.15
CA THR H 280 9.13 -26.89 24.48
C THR H 280 8.60 -27.58 23.23
N CYS H 281 8.94 -28.85 23.07
CA CYS H 281 8.49 -29.64 21.92
C CYS H 281 7.40 -30.58 22.41
N LEU H 282 6.14 -30.21 22.15
CA LEU H 282 5.01 -31.02 22.58
C LEU H 282 4.78 -32.16 21.61
N VAL H 283 4.85 -33.38 22.14
CA VAL H 283 4.58 -34.60 21.37
C VAL H 283 3.37 -35.26 22.01
N THR H 284 2.30 -35.46 21.24
CA THR H 284 1.04 -35.97 21.75
C THR H 284 0.38 -36.85 20.71
N GLY H 285 -0.59 -37.65 21.18
CA GLY H 285 -1.37 -38.51 20.29
C GLY H 285 -0.61 -39.65 19.65
N PHE H 286 0.26 -40.32 20.40
CA PHE H 286 0.96 -41.50 19.92
C PHE H 286 0.69 -42.65 20.90
N SER H 287 0.17 -43.76 20.36
CA SER H 287 -0.16 -44.93 21.16
C SER H 287 1.04 -45.81 21.53
N PRO H 288 2.07 -45.98 20.69
CA PRO H 288 3.27 -46.70 21.16
C PRO H 288 3.93 -45.98 22.33
N ALA H 289 4.53 -46.78 23.21
CA ALA H 289 5.07 -46.28 24.48
C ALA H 289 6.53 -45.89 24.40
N ASP H 290 7.15 -45.93 23.22
CA ASP H 290 8.57 -45.60 23.06
C ASP H 290 8.70 -44.50 22.02
N VAL H 291 9.07 -43.30 22.47
CA VAL H 291 9.33 -42.16 21.59
C VAL H 291 10.65 -41.53 22.01
N PHE H 292 11.42 -41.07 21.02
CA PHE H 292 12.72 -40.46 21.26
C PHE H 292 12.81 -39.17 20.46
N VAL H 293 13.31 -38.11 21.10
CA VAL H 293 13.32 -36.77 20.53
C VAL H 293 14.73 -36.21 20.58
N GLN H 294 15.21 -35.69 19.46
CA GLN H 294 16.45 -34.93 19.40
C GLN H 294 16.16 -33.50 19.01
N TRP H 295 17.20 -32.67 19.07
CA TRP H 295 17.12 -31.28 18.66
C TRP H 295 18.25 -30.98 17.69
N MET H 296 17.91 -30.39 16.54
CA MET H 296 18.88 -30.04 15.51
C MET H 296 18.81 -28.54 15.25
N GLN H 297 19.97 -27.89 15.30
CA GLN H 297 20.09 -26.46 15.05
C GLN H 297 20.94 -26.24 13.82
N ARG H 298 20.36 -25.62 12.79
CA ARG H 298 21.02 -25.36 11.51
C ARG H 298 21.59 -26.64 10.91
N GLY H 299 20.84 -27.73 11.03
CA GLY H 299 21.27 -29.01 10.48
C GLY H 299 22.26 -29.77 11.31
N GLN H 300 22.59 -29.30 12.51
CA GLN H 300 23.54 -29.99 13.37
C GLN H 300 22.85 -30.36 14.68
N PRO H 301 22.81 -31.65 15.05
CA PRO H 301 22.17 -32.03 16.31
C PRO H 301 22.92 -31.50 17.51
N LEU H 302 22.18 -31.22 18.58
CA LEU H 302 22.76 -30.74 19.83
C LEU H 302 23.09 -31.91 20.76
N SER H 303 23.97 -31.65 21.71
CA SER H 303 24.34 -32.66 22.68
C SER H 303 23.18 -32.94 23.63
N PRO H 304 23.07 -34.15 24.17
CA PRO H 304 21.94 -34.48 25.06
C PRO H 304 21.96 -33.73 26.38
N GLU H 305 22.98 -32.91 26.66
CA GLU H 305 23.00 -32.15 27.91
C GLU H 305 21.93 -31.07 27.93
N LYS H 306 21.77 -30.34 26.81
CA LYS H 306 20.90 -29.17 26.82
C LYS H 306 19.43 -29.55 26.81
N TYR H 307 19.07 -30.68 26.20
CA TYR H 307 17.68 -31.09 26.11
C TYR H 307 17.47 -32.39 26.89
N VAL H 308 16.38 -32.46 27.63
CA VAL H 308 16.01 -33.65 28.39
C VAL H 308 14.58 -34.02 28.04
N THR H 309 14.35 -35.30 27.77
CA THR H 309 13.05 -35.80 27.35
C THR H 309 12.36 -36.48 28.52
N SER H 310 11.11 -36.11 28.77
CA SER H 310 10.35 -36.72 29.86
C SER H 310 9.81 -38.09 29.43
N ALA H 311 9.32 -38.84 30.42
CA ALA H 311 8.78 -40.16 30.16
C ALA H 311 7.44 -40.06 29.40
N PRO H 312 7.06 -41.11 28.68
CA PRO H 312 5.73 -41.11 28.04
C PRO H 312 4.59 -41.41 29.01
N MET H 313 4.17 -40.40 29.77
CA MET H 313 3.01 -40.58 30.64
C MET H 313 1.73 -40.72 29.81
N PRO H 314 0.75 -41.48 30.30
CA PRO H 314 -0.49 -41.68 29.53
C PRO H 314 -1.29 -40.40 29.39
N GLU H 315 -1.84 -40.19 28.19
CA GLU H 315 -2.68 -39.05 27.91
C GLU H 315 -4.02 -39.19 28.63
N PRO H 316 -4.49 -38.15 29.31
CA PRO H 316 -5.76 -38.25 30.05
C PRO H 316 -6.97 -38.48 29.15
N GLN H 317 -7.02 -37.81 28.01
CA GLN H 317 -8.17 -37.94 27.11
C GLN H 317 -8.22 -39.31 26.45
N ALA H 318 -7.10 -39.78 25.91
CA ALA H 318 -7.03 -41.06 25.24
C ALA H 318 -6.12 -42.00 26.03
N PRO H 319 -6.65 -43.07 26.62
CA PRO H 319 -5.77 -43.99 27.37
C PRO H 319 -4.73 -44.67 26.50
N GLY H 320 -5.06 -44.97 25.25
CA GLY H 320 -4.08 -45.60 24.36
C GLY H 320 -2.92 -44.70 24.02
N ARG H 321 -3.20 -43.44 23.69
CA ARG H 321 -2.16 -42.51 23.30
C ARG H 321 -1.36 -42.02 24.51
N TYR H 322 -0.12 -41.63 24.26
CA TYR H 322 0.78 -41.10 25.27
C TYR H 322 1.20 -39.69 24.89
N PHE H 323 1.89 -39.02 25.80
CA PHE H 323 2.46 -37.71 25.50
C PHE H 323 3.88 -37.66 26.06
N ALA H 324 4.71 -36.84 25.41
CA ALA H 324 6.09 -36.66 25.83
C ALA H 324 6.46 -35.19 25.67
N HIS H 325 7.43 -34.76 26.48
CA HIS H 325 7.87 -33.38 26.50
C HIS H 325 9.38 -33.30 26.41
N SER H 326 9.88 -32.23 25.80
CA SER H 326 11.31 -31.99 25.66
C SER H 326 11.55 -30.48 25.69
N ILE H 327 12.39 -30.03 26.61
CA ILE H 327 12.68 -28.62 26.79
C ILE H 327 14.14 -28.39 26.41
N LEU H 328 14.37 -27.42 25.54
CA LEU H 328 15.73 -27.01 25.16
C LEU H 328 16.01 -25.64 25.77
N THR H 329 16.84 -25.61 26.81
CA THR H 329 17.11 -24.38 27.55
C THR H 329 18.32 -23.68 26.95
N VAL H 330 18.10 -22.48 26.42
CA VAL H 330 19.16 -21.67 25.82
C VAL H 330 18.99 -20.24 26.32
N SER H 331 20.07 -19.47 26.27
CA SER H 331 20.05 -18.10 26.76
C SER H 331 19.15 -17.21 25.91
N GLU H 332 18.76 -16.07 26.48
CA GLU H 332 17.81 -15.19 25.82
C GLU H 332 18.41 -14.52 24.58
N GLU H 333 19.71 -14.24 24.60
CA GLU H 333 20.33 -13.55 23.49
C GLU H 333 20.32 -14.40 22.22
N GLU H 334 20.40 -15.73 22.38
CA GLU H 334 20.34 -16.60 21.21
C GLU H 334 18.96 -16.59 20.57
N TRP H 335 17.91 -16.43 21.37
CA TRP H 335 16.56 -16.43 20.82
C TRP H 335 16.26 -15.17 20.02
N ASN H 336 16.85 -14.03 20.41
CA ASN H 336 16.62 -12.80 19.66
C ASN H 336 17.16 -12.91 18.24
N THR H 337 18.36 -13.44 18.08
CA THR H 337 18.91 -13.75 16.76
C THR H 337 18.37 -15.13 16.36
N GLY H 338 17.16 -15.12 15.83
CA GLY H 338 16.40 -16.33 15.58
C GLY H 338 17.04 -17.34 14.65
N GLU H 339 17.12 -18.58 15.11
CA GLU H 339 17.60 -19.71 14.34
C GLU H 339 16.48 -20.73 14.18
N THR H 340 16.72 -21.73 13.33
CA THR H 340 15.69 -22.71 13.00
C THR H 340 15.24 -23.47 14.24
N TYR H 341 16.20 -23.97 15.02
CA TYR H 341 15.94 -24.68 16.28
C TYR H 341 14.97 -25.85 16.06
N THR H 342 15.25 -26.64 15.04
CA THR H 342 14.34 -27.70 14.63
C THR H 342 14.28 -28.81 15.68
N CYS H 343 13.07 -29.27 15.96
CA CYS H 343 12.83 -30.39 16.86
C CYS H 343 12.42 -31.61 16.03
N VAL H 344 13.18 -32.69 16.15
CA VAL H 344 12.94 -33.91 15.41
C VAL H 344 12.45 -34.98 16.37
N VAL H 345 11.42 -35.73 15.97
CA VAL H 345 10.79 -36.74 16.80
C VAL H 345 10.90 -38.09 16.08
N ALA H 346 11.45 -39.08 16.77
CA ALA H 346 11.60 -40.43 16.23
C ALA H 346 10.48 -41.30 16.80
N HIS H 347 9.67 -41.88 15.90
CA HIS H 347 8.54 -42.69 16.33
C HIS H 347 8.26 -43.74 15.26
N GLU H 348 7.62 -44.83 15.68
CA GLU H 348 7.32 -45.91 14.75
C GLU H 348 6.02 -45.65 13.98
N ALA H 349 5.11 -44.88 14.56
CA ALA H 349 3.79 -44.70 13.95
C ALA H 349 3.79 -43.70 12.79
N LEU H 350 4.84 -42.89 12.68
CA LEU H 350 4.91 -41.95 11.56
C LEU H 350 5.11 -42.72 10.26
N PRO H 351 4.50 -42.27 9.15
CA PRO H 351 4.72 -42.96 7.87
C PRO H 351 6.17 -42.97 7.43
N ASN H 352 6.91 -41.91 7.72
CA ASN H 352 8.33 -41.84 7.42
C ASN H 352 9.20 -42.11 8.64
N ARG H 353 8.59 -42.36 9.80
CA ARG H 353 9.24 -42.63 11.08
C ARG H 353 9.99 -41.42 11.62
N VAL H 354 10.00 -40.32 10.86
CA VAL H 354 10.66 -39.08 11.25
C VAL H 354 9.75 -37.91 10.92
N THR H 355 9.61 -36.98 11.85
CA THR H 355 8.90 -35.73 11.62
C THR H 355 9.76 -34.57 12.13
N GLU H 356 9.60 -33.40 11.50
CA GLU H 356 10.40 -32.24 11.83
C GLU H 356 9.52 -31.02 11.98
N ARG H 357 9.76 -30.25 13.05
CA ARG H 357 9.09 -28.99 13.29
C ARG H 357 10.13 -27.96 13.70
N THR H 358 9.88 -26.70 13.32
CA THR H 358 10.80 -25.60 13.60
C THR H 358 10.02 -24.41 14.13
N VAL H 359 10.73 -23.57 14.90
CA VAL H 359 10.15 -22.36 15.47
C VAL H 359 11.13 -21.21 15.21
N ASP H 360 10.58 -20.03 14.88
CA ASP H 360 11.36 -18.84 14.64
C ASP H 360 10.79 -17.69 15.45
N LYS H 361 11.59 -16.63 15.58
CA LYS H 361 11.10 -15.42 16.23
C LYS H 361 9.97 -14.78 15.43
N SER H 362 10.08 -14.78 14.10
CA SER H 362 9.02 -14.22 13.28
C SER H 362 7.76 -15.09 13.30
N THR H 363 7.90 -16.38 13.60
CA THR H 363 6.74 -17.25 13.66
C THR H 363 5.81 -16.85 14.81
N GLY H 364 6.38 -16.48 15.96
CA GLY H 364 5.56 -16.04 17.07
C GLY H 364 4.86 -14.72 16.81
N LYS H 365 5.52 -13.83 16.08
CA LYS H 365 4.94 -12.52 15.79
C LYS H 365 3.82 -12.66 14.76
N PRO H 366 2.61 -12.20 15.06
CA PRO H 366 1.53 -12.25 14.06
C PRO H 366 1.54 -11.02 13.16
N THR H 367 0.56 -10.92 12.28
CA THR H 367 0.47 -9.76 11.40
C THR H 367 0.08 -8.52 12.21
N LEU H 368 0.94 -7.49 12.14
CA LEU H 368 0.72 -6.26 12.87
C LEU H 368 0.30 -5.10 11.98
N TYR H 369 0.78 -5.07 10.74
CA TYR H 369 0.49 -3.99 9.81
C TYR H 369 -0.42 -4.52 8.70
N ASN H 370 -1.71 -4.45 8.98
CA ASN H 370 -2.77 -4.97 8.12
C ASN H 370 -3.16 -3.89 7.10
N VAL H 371 -2.15 -3.46 6.34
CA VAL H 371 -2.20 -2.22 5.58
C VAL H 371 -3.04 -2.38 4.33
N SER H 372 -3.79 -1.32 3.99
CA SER H 372 -4.56 -1.25 2.74
C SER H 372 -4.14 -0.02 1.94
N LEU H 373 -3.88 -0.22 0.66
CA LEU H 373 -3.67 0.86 -0.30
C LEU H 373 -4.80 0.84 -1.32
N VAL H 374 -5.50 1.96 -1.46
CA VAL H 374 -6.65 2.06 -2.35
C VAL H 374 -6.42 3.23 -3.30
N MET H 375 -6.65 2.99 -4.60
CA MET H 375 -6.52 4.03 -5.60
C MET H 375 -7.87 4.66 -5.90
N ILE I 152 10.74 -58.72 57.36
CA ILE I 152 9.87 -57.88 58.18
C ILE I 152 10.41 -56.46 58.22
N ARG I 153 9.96 -55.64 57.27
CA ARG I 153 10.39 -54.24 57.20
C ARG I 153 9.17 -53.37 56.97
N VAL I 154 9.23 -52.14 57.48
CA VAL I 154 8.10 -51.22 57.48
C VAL I 154 8.35 -50.14 56.44
N PHE I 155 7.38 -49.91 55.57
CA PHE I 155 7.46 -48.78 54.66
C PHE I 155 7.40 -47.47 55.44
N ALA I 156 8.28 -46.54 55.08
CA ALA I 156 8.28 -45.19 55.62
C ALA I 156 7.73 -44.27 54.54
N ILE I 157 6.54 -43.72 54.78
CA ILE I 157 5.88 -42.89 53.78
C ILE I 157 5.95 -41.44 54.24
N PRO I 158 6.82 -40.63 53.64
CA PRO I 158 6.88 -39.21 54.00
C PRO I 158 5.86 -38.41 53.20
N PRO I 159 4.95 -37.70 53.86
CA PRO I 159 3.98 -36.87 53.13
C PRO I 159 4.68 -35.68 52.49
N SER I 160 4.72 -35.67 51.15
CA SER I 160 5.31 -34.56 50.44
C SER I 160 4.42 -33.32 50.54
N PHE I 161 4.93 -32.19 50.04
CA PHE I 161 4.19 -30.94 50.12
C PHE I 161 2.90 -31.00 49.29
N ALA I 162 2.87 -31.86 48.27
CA ALA I 162 1.66 -32.02 47.48
C ALA I 162 0.51 -32.58 48.32
N SER I 163 0.76 -33.68 49.01
CA SER I 163 -0.28 -34.31 49.83
C SER I 163 -0.66 -33.41 51.00
N ILE I 164 0.32 -32.75 51.62
CA ILE I 164 0.05 -31.84 52.72
C ILE I 164 -0.82 -30.69 52.26
N PHE I 165 -0.51 -30.14 51.08
CA PHE I 165 -1.26 -28.99 50.58
C PHE I 165 -2.67 -29.38 50.16
N LEU I 166 -2.84 -30.55 49.53
CA LEU I 166 -4.17 -30.94 49.09
C LEU I 166 -5.05 -31.42 50.24
N THR I 167 -4.45 -31.97 51.30
CA THR I 167 -5.21 -32.37 52.48
C THR I 167 -5.29 -31.27 53.53
N LYS I 168 -4.63 -30.14 53.32
CA LYS I 168 -4.55 -29.00 54.24
C LYS I 168 -3.89 -29.35 55.57
N SER I 169 -3.36 -30.56 55.71
CA SER I 169 -2.69 -30.99 56.92
C SER I 169 -1.77 -32.17 56.58
N THR I 170 -0.80 -32.41 57.45
CA THR I 170 0.18 -33.48 57.25
C THR I 170 -0.23 -34.71 58.04
N LYS I 171 -0.10 -35.88 57.41
CA LYS I 171 -0.42 -37.16 58.03
C LYS I 171 0.75 -38.11 57.87
N LEU I 172 1.16 -38.74 58.96
CA LEU I 172 2.23 -39.73 58.95
C LEU I 172 1.64 -41.13 59.02
N THR I 173 2.09 -41.99 58.12
CA THR I 173 1.53 -43.34 57.99
C THR I 173 2.64 -44.34 57.71
N CYS I 174 2.86 -45.26 58.64
CA CYS I 174 3.69 -46.44 58.41
C CYS I 174 2.79 -47.66 58.23
N LEU I 175 3.15 -48.51 57.29
CA LEU I 175 2.44 -49.77 57.06
C LEU I 175 3.45 -50.88 56.87
N VAL I 176 3.15 -52.05 57.42
CA VAL I 176 4.07 -53.17 57.45
C VAL I 176 3.91 -54.02 56.21
N THR I 177 5.04 -54.45 55.65
CA THR I 177 5.08 -55.37 54.52
C THR I 177 6.22 -56.36 54.72
N ASP I 178 6.39 -57.25 53.74
CA ASP I 178 7.52 -58.17 53.65
C ASP I 178 7.65 -59.03 54.90
N LEU I 179 6.51 -59.49 55.43
CA LEU I 179 6.48 -60.28 56.64
C LEU I 179 5.53 -61.45 56.47
N THR I 180 5.77 -62.50 57.27
CA THR I 180 5.03 -63.75 57.13
C THR I 180 3.59 -63.60 57.61
N THR I 181 2.77 -64.60 57.26
CA THR I 181 1.35 -64.55 57.57
C THR I 181 1.14 -64.64 59.07
N TYR I 182 0.76 -63.52 59.69
CA TYR I 182 0.48 -63.45 61.11
C TYR I 182 -0.55 -62.37 61.37
N ASP I 183 -1.63 -62.73 62.06
CA ASP I 183 -2.73 -61.82 62.31
C ASP I 183 -2.50 -61.03 63.60
N SER I 184 -3.42 -60.09 63.86
CA SER I 184 -3.43 -59.27 65.07
C SER I 184 -2.12 -58.50 65.24
N VAL I 185 -1.59 -57.94 64.15
CA VAL I 185 -0.37 -57.15 64.23
C VAL I 185 -0.71 -55.76 64.75
N THR I 186 -0.02 -55.33 65.80
CA THR I 186 -0.24 -54.04 66.43
C THR I 186 0.85 -53.07 65.97
N ILE I 187 0.45 -51.94 65.42
CA ILE I 187 1.37 -50.91 64.93
C ILE I 187 1.12 -49.63 65.74
N SER I 188 2.20 -48.93 66.08
CA SER I 188 2.13 -47.75 66.92
C SER I 188 2.96 -46.63 66.32
N TRP I 189 2.70 -45.41 66.80
CA TRP I 189 3.39 -44.21 66.39
C TRP I 189 3.90 -43.47 67.62
N THR I 190 5.00 -42.73 67.46
CA THR I 190 5.64 -42.05 68.58
C THR I 190 6.12 -40.67 68.14
N ARG I 191 5.94 -39.68 69.03
CA ARG I 191 6.49 -38.35 68.81
C ARG I 191 8.01 -38.37 68.91
N GLN I 192 8.60 -37.18 68.73
CA GLN I 192 10.05 -37.03 68.90
C GLN I 192 10.45 -37.23 70.35
N ASN I 193 9.66 -36.70 71.28
CA ASN I 193 9.99 -36.77 72.70
C ASN I 193 9.39 -37.99 73.40
N GLY I 194 8.66 -38.84 72.69
CA GLY I 194 8.19 -40.08 73.24
C GLY I 194 6.72 -40.13 73.64
N GLU I 195 5.94 -39.10 73.33
CA GLU I 195 4.52 -39.13 73.66
C GLU I 195 3.78 -40.09 72.74
N ALA I 196 2.62 -40.55 73.20
CA ALA I 196 1.85 -41.57 72.50
C ALA I 196 1.00 -40.92 71.40
N VAL I 197 1.07 -41.46 70.20
CA VAL I 197 0.25 -41.01 69.08
C VAL I 197 -0.90 -41.99 68.92
N LYS I 198 -1.93 -41.58 68.18
CA LYS I 198 -2.96 -42.50 67.73
C LYS I 198 -2.31 -43.63 66.94
N THR I 199 -2.40 -44.85 67.48
CA THR I 199 -1.64 -45.98 66.93
C THR I 199 -2.11 -46.32 65.52
N HIS I 200 -3.41 -46.53 65.33
CA HIS I 200 -3.96 -46.88 64.03
C HIS I 200 -5.47 -46.69 64.08
N THR I 201 -6.02 -46.25 62.95
CA THR I 201 -7.46 -46.07 62.81
C THR I 201 -7.86 -46.42 61.38
N ASN I 202 -8.90 -47.24 61.25
CA ASN I 202 -9.38 -47.72 59.95
C ASN I 202 -8.25 -48.42 59.18
N ILE I 203 -7.74 -49.50 59.77
CA ILE I 203 -6.62 -50.21 59.19
C ILE I 203 -7.06 -50.93 57.92
N SER I 204 -6.12 -51.10 56.99
CA SER I 204 -6.40 -51.84 55.76
C SER I 204 -6.40 -53.33 56.05
N GLU I 205 -7.07 -54.08 55.17
CA GLU I 205 -7.16 -55.53 55.31
C GLU I 205 -5.88 -56.17 54.76
N SER I 206 -5.89 -57.48 54.63
CA SER I 206 -4.69 -58.21 54.22
C SER I 206 -4.41 -57.98 52.74
N HIS I 207 -3.19 -57.56 52.43
CA HIS I 207 -2.78 -57.44 51.03
C HIS I 207 -2.68 -58.82 50.40
N PRO I 208 -3.13 -58.99 49.15
CA PRO I 208 -3.11 -60.34 48.55
C PRO I 208 -1.72 -60.93 48.36
N ASN I 209 -0.67 -60.11 48.33
CA ASN I 209 0.67 -60.63 48.07
C ASN I 209 1.35 -61.12 49.34
N ALA I 210 0.64 -61.98 50.09
CA ALA I 210 1.18 -62.67 51.27
C ALA I 210 1.77 -61.69 52.30
N THR I 211 1.14 -60.53 52.47
CA THR I 211 1.63 -59.52 53.40
C THR I 211 0.49 -58.95 54.21
N PHE I 212 0.67 -58.91 55.53
CA PHE I 212 -0.23 -58.21 56.43
C PHE I 212 0.19 -56.75 56.53
N SER I 213 -0.79 -55.85 56.51
CA SER I 213 -0.52 -54.42 56.56
C SER I 213 -1.63 -53.72 57.34
N ALA I 214 -1.24 -52.96 58.35
CA ALA I 214 -2.16 -52.14 59.14
C ALA I 214 -1.66 -50.70 59.09
N VAL I 215 -2.41 -49.83 58.42
CA VAL I 215 -2.00 -48.45 58.25
C VAL I 215 -2.21 -47.69 59.56
N GLY I 216 -1.20 -46.97 60.00
CA GLY I 216 -1.30 -46.16 61.21
C GLY I 216 -1.46 -44.68 60.91
N GLU I 217 -2.68 -44.18 61.06
CA GLU I 217 -2.94 -42.77 60.81
C GLU I 217 -2.48 -41.92 61.99
N ALA I 218 -1.72 -40.88 61.70
CA ALA I 218 -1.19 -39.99 62.73
C ALA I 218 -1.43 -38.54 62.32
N SER I 219 -1.72 -37.70 63.31
CA SER I 219 -1.96 -36.28 63.11
C SER I 219 -1.01 -35.47 63.97
N ILE I 220 -0.48 -34.39 63.40
CA ILE I 220 0.54 -33.58 64.05
C ILE I 220 0.50 -32.18 63.46
N CYS I 221 1.03 -31.22 64.21
CA CYS I 221 1.06 -29.83 63.76
C CYS I 221 1.98 -29.67 62.57
N GLU I 222 1.69 -28.65 61.75
CA GLU I 222 2.47 -28.40 60.55
C GLU I 222 3.90 -27.96 60.90
N ASP I 223 4.05 -27.11 61.91
CA ASP I 223 5.36 -26.57 62.24
C ASP I 223 6.31 -27.62 62.81
N ASP I 224 5.79 -28.75 63.29
CA ASP I 224 6.65 -29.81 63.81
C ASP I 224 7.50 -30.42 62.70
N TRP I 225 6.90 -30.66 61.53
CA TRP I 225 7.67 -31.14 60.39
C TRP I 225 8.64 -30.07 59.90
N ASN I 226 8.21 -28.81 59.88
CA ASN I 226 9.07 -27.74 59.39
C ASN I 226 10.28 -27.52 60.29
N SER I 227 10.13 -27.77 61.60
CA SER I 227 11.25 -27.62 62.51
C SER I 227 12.27 -28.74 62.35
N GLY I 228 11.83 -29.92 61.97
CA GLY I 228 12.72 -31.04 61.73
C GLY I 228 12.73 -32.15 62.77
N GLU I 229 11.67 -32.28 63.57
CA GLU I 229 11.61 -33.34 64.57
C GLU I 229 11.47 -34.71 63.88
N ARG I 230 12.21 -35.69 64.38
CA ARG I 230 12.12 -37.04 63.83
C ARG I 230 10.88 -37.75 64.36
N PHE I 231 10.21 -38.48 63.47
CA PHE I 231 8.97 -39.18 63.79
C PHE I 231 9.23 -40.68 63.69
N THR I 232 8.89 -41.41 64.76
CA THR I 232 9.20 -42.83 64.86
C THR I 232 7.91 -43.63 64.95
N CYS I 233 7.80 -44.66 64.11
CA CYS I 233 6.69 -45.60 64.15
C CYS I 233 7.23 -46.97 64.56
N THR I 234 6.61 -47.57 65.58
CA THR I 234 7.05 -48.83 66.14
C THR I 234 5.96 -49.88 65.96
N VAL I 235 6.37 -51.11 65.67
CA VAL I 235 5.44 -52.21 65.38
C VAL I 235 5.70 -53.34 66.37
N THR I 236 4.64 -53.79 67.03
CA THR I 236 4.72 -54.93 67.94
C THR I 236 4.45 -56.20 67.13
N HIS I 237 5.52 -56.94 66.82
CA HIS I 237 5.41 -58.14 66.02
C HIS I 237 6.18 -59.27 66.70
N THR I 238 5.64 -60.49 66.59
CA THR I 238 6.30 -61.65 67.20
C THR I 238 7.50 -62.12 66.38
N ASP I 239 7.53 -61.78 65.08
CA ASP I 239 8.64 -62.21 64.24
C ASP I 239 9.95 -61.56 64.66
N LEU I 240 9.92 -60.26 64.95
CA LEU I 240 11.11 -59.53 65.38
C LEU I 240 10.98 -59.16 66.85
N PRO I 241 11.92 -59.59 67.70
CA PRO I 241 11.84 -59.23 69.12
C PRO I 241 11.91 -57.73 69.38
N SER I 242 12.63 -56.98 68.54
CA SER I 242 12.76 -55.54 68.70
C SER I 242 11.93 -54.82 67.66
N PRO I 243 11.03 -53.92 68.06
CA PRO I 243 10.25 -53.16 67.08
C PRO I 243 11.14 -52.32 66.18
N LEU I 244 10.75 -52.22 64.91
CA LEU I 244 11.50 -51.40 63.96
C LEU I 244 11.30 -49.91 64.26
N LYS I 245 12.38 -49.15 64.15
CA LYS I 245 12.35 -47.71 64.37
C LYS I 245 12.76 -47.01 63.07
N GLN I 246 11.80 -46.31 62.46
CA GLN I 246 12.03 -45.54 61.25
C GLN I 246 11.82 -44.06 61.55
N THR I 247 12.80 -43.25 61.21
CA THR I 247 12.76 -41.81 61.46
C THR I 247 12.79 -41.06 60.13
N ILE I 248 11.87 -40.12 59.96
CA ILE I 248 11.76 -39.32 58.75
C ILE I 248 11.87 -37.85 59.13
N SER I 249 12.76 -37.12 58.47
CA SER I 249 12.93 -35.70 58.70
C SER I 249 13.35 -35.02 57.41
N ARG I 250 13.06 -33.72 57.33
CA ARG I 250 13.44 -32.94 56.16
C ARG I 250 14.82 -32.33 56.38
N PRO I 251 15.79 -32.54 55.47
CA PRO I 251 17.14 -31.99 55.61
C PRO I 251 17.20 -30.51 55.27
N VAL I 254 17.69 -28.75 52.43
CA VAL I 254 18.66 -28.25 51.44
C VAL I 254 18.33 -26.81 51.07
N ALA I 255 18.89 -26.36 49.95
CA ALA I 255 18.64 -25.00 49.48
C ALA I 255 17.22 -24.89 48.93
N LEU I 256 16.71 -23.66 48.95
CA LEU I 256 15.36 -23.36 48.46
C LEU I 256 15.43 -22.32 47.36
N HIS I 257 14.87 -22.64 46.20
CA HIS I 257 14.80 -21.73 45.08
C HIS I 257 13.33 -21.56 44.68
N ARG I 258 12.88 -20.31 44.61
CA ARG I 258 11.48 -20.05 44.29
C ARG I 258 11.19 -20.44 42.85
N PRO I 259 10.18 -21.27 42.61
CA PRO I 259 9.84 -21.64 41.22
C PRO I 259 9.31 -20.45 40.46
N ASP I 260 9.63 -20.41 39.16
CA ASP I 260 9.04 -19.45 38.23
C ASP I 260 8.19 -20.21 37.21
N VAL I 261 6.90 -19.84 37.14
CA VAL I 261 5.92 -20.58 36.36
C VAL I 261 5.47 -19.73 35.18
N TYR I 262 5.30 -20.36 34.03
CA TYR I 262 4.93 -19.69 32.80
C TYR I 262 3.84 -20.49 32.10
N LEU I 263 2.85 -19.79 31.56
CA LEU I 263 1.74 -20.41 30.84
C LEU I 263 1.92 -20.19 29.35
N LEU I 264 2.19 -21.27 28.62
CA LEU I 264 2.36 -21.21 27.18
C LEU I 264 1.01 -21.43 26.50
N PRO I 265 0.57 -20.51 25.65
CA PRO I 265 -0.71 -20.70 24.95
C PRO I 265 -0.62 -21.86 23.97
N PRO I 266 -1.75 -22.49 23.65
CA PRO I 266 -1.71 -23.61 22.70
C PRO I 266 -1.21 -23.17 21.33
N ALA I 267 -0.50 -24.07 20.66
CA ALA I 267 0.09 -23.77 19.36
C ALA I 267 -1.00 -23.54 18.32
N ARG I 268 -0.70 -22.66 17.36
CA ARG I 268 -1.66 -22.36 16.30
C ARG I 268 -1.87 -23.56 15.38
N GLU I 269 -0.85 -24.41 15.24
CA GLU I 269 -1.00 -25.62 14.44
C GLU I 269 -2.05 -26.55 15.04
N GLN I 270 -2.04 -26.70 16.37
CA GLN I 270 -3.07 -27.49 17.03
C GLN I 270 -4.43 -26.82 16.97
N LEU I 271 -4.45 -25.49 16.94
CA LEU I 271 -5.73 -24.76 16.90
C LEU I 271 -6.48 -25.03 15.61
N ASN I 272 -5.77 -25.11 14.49
CA ASN I 272 -6.42 -25.36 13.21
C ASN I 272 -7.01 -26.76 13.11
N LEU I 273 -6.53 -27.71 13.91
CA LEU I 273 -7.08 -29.05 13.89
C LEU I 273 -8.46 -29.11 14.53
N ARG I 274 -8.77 -28.17 15.43
CA ARG I 274 -10.05 -28.06 16.11
C ARG I 274 -10.38 -29.30 16.93
N GLU I 275 -9.38 -30.11 17.26
CA GLU I 275 -9.62 -31.31 18.05
C GLU I 275 -9.56 -31.00 19.55
N SER I 276 -8.46 -30.39 20.00
CA SER I 276 -8.29 -30.06 21.41
C SER I 276 -7.27 -28.94 21.53
N ALA I 277 -7.21 -28.36 22.71
CA ALA I 277 -6.25 -27.30 23.03
C ALA I 277 -5.47 -27.67 24.27
N THR I 278 -4.15 -27.55 24.21
CA THR I 278 -3.26 -27.93 25.28
C THR I 278 -2.58 -26.69 25.85
N ILE I 279 -2.71 -26.49 27.16
CA ILE I 279 -2.05 -25.39 27.87
C ILE I 279 -1.06 -25.99 28.85
N THR I 280 0.19 -25.55 28.77
CA THR I 280 1.27 -26.09 29.58
C THR I 280 1.69 -25.07 30.63
N CYS I 281 1.83 -25.53 31.87
CA CYS I 281 2.28 -24.69 32.99
C CYS I 281 3.73 -25.04 33.27
N LEU I 282 4.64 -24.22 32.74
CA LEU I 282 6.06 -24.50 32.83
C LEU I 282 6.60 -24.20 34.22
N VAL I 283 6.73 -25.23 35.05
CA VAL I 283 7.26 -25.07 36.40
C VAL I 283 8.70 -25.56 36.42
N THR I 284 9.61 -24.72 36.88
CA THR I 284 11.03 -25.09 36.93
C THR I 284 11.72 -24.30 38.03
N GLY I 285 12.99 -24.64 38.27
CA GLY I 285 13.79 -23.97 39.26
C GLY I 285 13.38 -24.19 40.70
N PHE I 286 13.04 -25.43 41.07
CA PHE I 286 12.72 -25.77 42.44
C PHE I 286 13.58 -26.94 42.89
N SER I 287 14.28 -26.78 44.01
CA SER I 287 15.14 -27.83 44.57
C SER I 287 14.42 -28.89 45.41
N PRO I 288 13.46 -28.57 46.29
CA PRO I 288 12.83 -29.62 47.10
C PRO I 288 12.07 -30.66 46.29
N ALA I 289 11.69 -30.37 45.05
CA ALA I 289 10.96 -31.30 44.18
C ALA I 289 9.65 -31.75 44.80
N ASP I 290 8.87 -30.80 45.33
CA ASP I 290 7.59 -31.07 45.95
C ASP I 290 6.49 -30.19 45.35
N VAL I 291 6.51 -30.00 44.03
CA VAL I 291 5.53 -29.13 43.39
C VAL I 291 4.21 -29.86 43.21
N PHE I 292 3.11 -29.15 43.47
CA PHE I 292 1.76 -29.66 43.22
C PHE I 292 1.03 -28.65 42.36
N VAL I 293 0.56 -29.10 41.20
CA VAL I 293 -0.03 -28.22 40.20
C VAL I 293 -1.52 -28.53 40.08
N GLN I 294 -2.34 -27.49 40.22
CA GLN I 294 -3.78 -27.59 40.00
C GLN I 294 -4.20 -26.51 39.01
N TRP I 295 -5.26 -26.79 38.26
CA TRP I 295 -5.79 -25.87 37.27
C TRP I 295 -7.17 -25.41 37.70
N MET I 296 -7.36 -24.11 37.78
CA MET I 296 -8.62 -23.50 38.19
C MET I 296 -9.18 -22.67 37.05
N GLN I 297 -10.42 -22.94 36.68
CA GLN I 297 -11.10 -22.24 35.58
C GLN I 297 -12.18 -21.34 36.16
N ARG I 298 -12.08 -20.04 35.88
CA ARG I 298 -13.01 -19.03 36.37
C ARG I 298 -13.13 -19.08 37.90
N GLY I 299 -12.01 -19.31 38.57
CA GLY I 299 -11.99 -19.38 40.02
C GLY I 299 -12.44 -20.70 40.61
N GLN I 300 -12.75 -21.70 39.77
CA GLN I 300 -13.20 -23.00 40.25
C GLN I 300 -12.20 -24.07 39.83
N PRO I 301 -11.68 -24.87 40.76
CA PRO I 301 -10.72 -25.91 40.38
C PRO I 301 -11.38 -26.99 39.52
N LEU I 302 -10.59 -27.59 38.65
CA LEU I 302 -11.05 -28.64 37.75
C LEU I 302 -10.73 -30.02 38.32
N SER I 303 -11.36 -31.04 37.75
CA SER I 303 -11.17 -32.40 38.20
C SER I 303 -9.75 -32.87 37.84
N PRO I 304 -9.19 -33.79 38.64
CA PRO I 304 -7.84 -34.30 38.32
C PRO I 304 -7.76 -35.06 37.00
N GLU I 305 -8.88 -35.49 36.44
CA GLU I 305 -8.84 -36.20 35.16
C GLU I 305 -8.45 -35.27 34.02
N LYS I 306 -8.88 -34.00 34.10
CA LYS I 306 -8.64 -33.08 32.99
C LYS I 306 -7.16 -32.75 32.84
N TYR I 307 -6.45 -32.55 33.95
CA TYR I 307 -5.06 -32.13 33.92
C TYR I 307 -4.15 -33.20 34.50
N VAL I 308 -3.00 -33.40 33.84
CA VAL I 308 -2.00 -34.39 34.26
C VAL I 308 -0.67 -33.66 34.42
N THR I 309 0.05 -33.98 35.50
CA THR I 309 1.31 -33.34 35.82
C THR I 309 2.46 -34.33 35.68
N SER I 310 3.65 -33.81 35.38
CA SER I 310 4.83 -34.64 35.18
C SER I 310 5.69 -34.67 36.45
N ALA I 311 6.45 -35.76 36.58
CA ALA I 311 7.35 -35.89 37.71
C ALA I 311 8.52 -34.92 37.58
N PRO I 312 9.04 -34.42 38.70
CA PRO I 312 10.16 -33.47 38.62
C PRO I 312 11.43 -34.13 38.14
N MET I 313 11.96 -33.60 37.03
CA MET I 313 13.18 -34.08 36.39
C MET I 313 14.27 -33.02 36.54
N PRO I 314 15.55 -33.42 36.53
CA PRO I 314 16.63 -32.43 36.69
C PRO I 314 16.69 -31.46 35.53
N GLU I 315 16.91 -30.18 35.86
CA GLU I 315 17.02 -29.14 34.85
C GLU I 315 18.33 -29.29 34.10
N PRO I 316 18.32 -29.13 32.76
CA PRO I 316 19.53 -29.44 31.98
C PRO I 316 20.78 -28.64 32.36
N GLN I 317 20.65 -27.37 32.70
CA GLN I 317 21.81 -26.54 33.01
C GLN I 317 22.05 -26.33 34.50
N ALA I 318 21.04 -26.56 35.35
CA ALA I 318 21.17 -26.33 36.78
C ALA I 318 21.15 -27.66 37.51
N PRO I 319 22.22 -28.03 38.22
CA PRO I 319 22.19 -29.30 38.96
C PRO I 319 21.23 -29.28 40.14
N GLY I 320 21.11 -28.16 40.83
CA GLY I 320 20.28 -28.04 42.01
C GLY I 320 18.84 -27.63 41.77
N ARG I 321 18.41 -27.49 40.52
CA ARG I 321 17.05 -27.10 40.21
C ARG I 321 16.39 -28.17 39.34
N TYR I 322 15.08 -28.35 39.55
CA TYR I 322 14.28 -29.34 38.85
C TYR I 322 13.13 -28.64 38.13
N PHE I 323 12.47 -29.36 37.21
CA PHE I 323 11.34 -28.80 36.49
C PHE I 323 10.19 -29.81 36.49
N ALA I 324 8.97 -29.29 36.42
CA ALA I 324 7.77 -30.11 36.28
C ALA I 324 6.82 -29.44 35.30
N HIS I 325 6.05 -30.25 34.59
CA HIS I 325 5.13 -29.75 33.57
C HIS I 325 3.74 -30.35 33.79
N SER I 326 2.73 -29.56 33.41
CA SER I 326 1.35 -29.99 33.53
C SER I 326 0.58 -29.50 32.32
N ILE I 327 -0.31 -30.34 31.79
CA ILE I 327 -1.06 -30.06 30.58
C ILE I 327 -2.55 -30.12 30.90
N LEU I 328 -3.29 -29.08 30.49
CA LEU I 328 -4.75 -29.05 30.60
C LEU I 328 -5.31 -29.19 29.19
N THR I 329 -5.92 -30.33 28.90
CA THR I 329 -6.50 -30.60 27.59
C THR I 329 -7.95 -30.12 27.59
N VAL I 330 -8.23 -29.10 26.78
CA VAL I 330 -9.57 -28.52 26.68
C VAL I 330 -9.98 -28.49 25.22
N SER I 331 -11.30 -28.35 25.01
CA SER I 331 -11.82 -28.28 23.65
C SER I 331 -11.38 -27.00 22.97
N GLU I 332 -11.25 -27.06 21.64
CA GLU I 332 -10.82 -25.89 20.88
C GLU I 332 -11.83 -24.75 20.97
N GLU I 333 -13.13 -25.08 20.95
CA GLU I 333 -14.15 -24.04 21.03
C GLU I 333 -14.16 -23.35 22.39
N GLU I 334 -13.72 -24.05 23.44
CA GLU I 334 -13.67 -23.45 24.77
C GLU I 334 -12.65 -22.32 24.82
N TRP I 335 -11.50 -22.50 24.17
CA TRP I 335 -10.46 -21.48 24.21
C TRP I 335 -10.88 -20.21 23.49
N ASN I 336 -11.74 -20.33 22.47
CA ASN I 336 -12.26 -19.14 21.80
C ASN I 336 -13.16 -18.33 22.71
N THR I 337 -13.87 -18.98 23.64
CA THR I 337 -14.70 -18.27 24.60
C THR I 337 -13.87 -17.55 25.65
N GLY I 338 -12.59 -17.88 25.80
CA GLY I 338 -11.70 -17.14 26.67
C GLY I 338 -11.94 -17.24 28.16
N GLU I 339 -12.09 -18.45 28.68
CA GLU I 339 -12.08 -18.63 30.12
C GLU I 339 -10.68 -18.41 30.67
N THR I 340 -10.59 -18.20 31.98
CA THR I 340 -9.35 -17.74 32.58
C THR I 340 -8.27 -18.81 32.58
N TYR I 341 -8.60 -20.02 33.04
CA TYR I 341 -7.66 -21.13 33.21
C TYR I 341 -6.41 -20.72 34.01
N THR I 342 -6.63 -20.40 35.28
CA THR I 342 -5.52 -20.11 36.17
C THR I 342 -4.74 -21.37 36.52
N CYS I 343 -3.44 -21.21 36.70
CA CYS I 343 -2.56 -22.31 37.11
C CYS I 343 -1.94 -21.95 38.47
N VAL I 344 -1.99 -22.90 39.40
CA VAL I 344 -1.40 -22.74 40.72
C VAL I 344 -0.34 -23.81 40.93
N VAL I 345 0.66 -23.48 41.74
CA VAL I 345 1.74 -24.40 42.09
C VAL I 345 1.97 -24.33 43.60
N ALA I 346 2.28 -25.47 44.20
CA ALA I 346 2.51 -25.56 45.63
C ALA I 346 4.00 -25.80 45.88
N HIS I 347 4.62 -24.95 46.70
CA HIS I 347 6.03 -25.10 46.97
C HIS I 347 6.38 -24.41 48.29
N GLU I 348 7.44 -24.91 48.93
CA GLU I 348 7.93 -24.30 50.16
C GLU I 348 8.68 -23.00 49.89
N ALA I 349 9.51 -22.99 48.83
CA ALA I 349 10.38 -21.84 48.57
C ALA I 349 9.62 -20.60 48.14
N LEU I 350 8.37 -20.75 47.69
CA LEU I 350 7.55 -19.60 47.37
C LEU I 350 7.23 -18.84 48.65
N PRO I 351 7.47 -17.52 48.71
CA PRO I 351 7.16 -16.77 49.93
C PRO I 351 5.68 -16.81 50.30
N ASN I 352 4.79 -16.85 49.32
CA ASN I 352 3.36 -17.01 49.55
C ASN I 352 2.92 -18.47 49.51
N ARG I 353 3.85 -19.40 49.27
CA ARG I 353 3.65 -20.84 49.15
C ARG I 353 2.83 -21.23 47.92
N VAL I 354 2.33 -20.26 47.15
CA VAL I 354 1.55 -20.53 45.95
C VAL I 354 1.51 -19.25 45.13
N THR I 355 1.55 -19.39 43.81
CA THR I 355 1.48 -18.26 42.89
C THR I 355 0.56 -18.61 41.74
N GLU I 356 0.06 -17.56 41.06
CA GLU I 356 -0.93 -17.73 40.01
C GLU I 356 -0.46 -17.07 38.73
N ARG I 357 -0.86 -17.66 37.60
CA ARG I 357 -0.66 -17.09 36.28
C ARG I 357 -1.94 -17.23 35.47
N THR I 358 -2.14 -16.32 34.53
CA THR I 358 -3.32 -16.32 33.69
C THR I 358 -2.92 -16.28 32.21
N VAL I 359 -3.61 -17.06 31.39
CA VAL I 359 -3.46 -17.02 29.95
C VAL I 359 -4.85 -17.08 29.33
N ASP I 360 -5.10 -16.23 28.34
CA ASP I 360 -6.40 -16.12 27.69
C ASP I 360 -6.20 -16.05 26.19
N LYS I 361 -7.31 -15.85 25.46
CA LYS I 361 -7.20 -15.61 24.02
C LYS I 361 -6.60 -14.24 23.74
N SER I 362 -6.75 -13.31 24.67
CA SER I 362 -6.29 -11.93 24.48
C SER I 362 -4.92 -11.68 25.14
N THR I 363 -4.23 -12.72 25.58
CA THR I 363 -2.90 -12.52 26.15
C THR I 363 -1.89 -12.10 25.11
N GLY I 364 -2.19 -12.32 23.83
CA GLY I 364 -1.34 -11.87 22.76
C GLY I 364 -2.00 -10.76 21.95
N LYS I 365 -1.82 -10.79 20.63
CA LYS I 365 -2.38 -9.80 19.72
C LYS I 365 -2.03 -8.37 20.15
N PRO I 366 -0.74 -8.04 20.28
CA PRO I 366 -0.38 -6.76 20.88
C PRO I 366 -0.54 -5.60 19.92
N THR I 367 -1.61 -4.82 20.12
CA THR I 367 -1.90 -3.59 19.36
C THR I 367 -1.76 -3.80 17.85
N LEU I 368 -2.65 -4.64 17.31
CA LEU I 368 -2.66 -4.85 15.87
C LEU I 368 -3.35 -3.68 15.18
N TYR I 369 -2.73 -3.19 14.10
CA TYR I 369 -3.13 -1.98 13.42
C TYR I 369 -3.51 -2.30 11.97
N ASN I 370 -4.42 -1.50 11.41
CA ASN I 370 -4.65 -1.53 9.97
C ASN I 370 -4.95 -0.13 9.45
N VAL I 371 -4.21 0.26 8.41
CA VAL I 371 -4.19 1.63 7.92
C VAL I 371 -4.65 1.61 6.46
N SER I 372 -5.66 2.41 6.15
CA SER I 372 -6.20 2.50 4.79
C SER I 372 -5.75 3.80 4.15
N LEU I 373 -5.10 3.70 2.99
CA LEU I 373 -4.70 4.85 2.20
C LEU I 373 -5.62 4.92 0.99
N VAL I 374 -6.68 5.72 1.10
CA VAL I 374 -7.63 5.88 0.01
C VAL I 374 -7.41 7.24 -0.63
N MET I 375 -7.45 7.28 -1.96
CA MET I 375 -7.28 8.52 -2.71
C MET I 375 -8.60 9.24 -2.90
N ILE J 152 -12.34 -6.84 85.55
CA ILE J 152 -11.45 -7.88 86.01
C ILE J 152 -11.18 -8.87 84.87
N ARG J 153 -11.95 -8.75 83.80
CA ARG J 153 -11.79 -9.66 82.67
C ARG J 153 -10.49 -9.40 81.94
N VAL J 154 -10.00 -10.43 81.26
CA VAL J 154 -8.77 -10.35 80.48
C VAL J 154 -9.12 -10.14 79.01
N PHE J 155 -8.43 -9.20 78.36
CA PHE J 155 -8.69 -8.91 76.95
C PHE J 155 -7.82 -9.84 76.11
N ALA J 156 -8.44 -10.85 75.51
CA ALA J 156 -7.73 -11.83 74.70
C ALA J 156 -7.99 -11.56 73.22
N ILE J 157 -6.92 -11.55 72.44
CA ILE J 157 -7.00 -11.28 71.01
C ILE J 157 -7.10 -12.61 70.28
N PRO J 158 -8.22 -12.92 69.64
CA PRO J 158 -8.32 -14.17 68.87
C PRO J 158 -7.50 -14.07 67.60
N PRO J 159 -6.68 -15.08 67.32
CA PRO J 159 -5.89 -15.06 66.08
C PRO J 159 -6.78 -15.11 64.85
N SER J 160 -6.43 -14.29 63.85
CA SER J 160 -7.13 -14.25 62.58
C SER J 160 -6.15 -14.58 61.47
N PHE J 161 -6.69 -14.79 60.26
CA PHE J 161 -5.85 -15.16 59.13
C PHE J 161 -4.87 -14.06 58.75
N ALA J 162 -5.18 -12.80 59.07
CA ALA J 162 -4.24 -11.71 58.82
C ALA J 162 -3.02 -11.81 59.72
N SER J 163 -3.23 -12.11 61.00
CA SER J 163 -2.12 -12.14 61.95
C SER J 163 -1.29 -13.40 61.79
N ILE J 164 -1.93 -14.54 61.51
CA ILE J 164 -1.21 -15.81 61.53
C ILE J 164 -0.40 -16.01 60.25
N PHE J 165 -0.79 -15.36 59.15
CA PHE J 165 -0.11 -15.60 57.88
C PHE J 165 1.27 -14.95 57.85
N LEU J 166 1.38 -13.73 58.39
CA LEU J 166 2.67 -13.04 58.37
C LEU J 166 3.70 -13.73 59.25
N THR J 167 3.29 -14.27 60.39
CA THR J 167 4.19 -15.01 61.27
C THR J 167 4.24 -16.50 60.96
N LYS J 168 3.37 -16.99 60.06
CA LYS J 168 3.32 -18.40 59.65
C LYS J 168 3.12 -19.33 60.84
N SER J 169 2.36 -18.88 61.83
CA SER J 169 2.06 -19.69 63.01
C SER J 169 0.81 -19.14 63.69
N THR J 170 0.22 -19.95 64.55
CA THR J 170 -0.98 -19.58 65.28
C THR J 170 -0.58 -19.18 66.70
N LYS J 171 -0.99 -17.97 67.10
CA LYS J 171 -0.63 -17.41 68.40
C LYS J 171 -1.89 -17.03 69.14
N LEU J 172 -2.01 -17.51 70.38
CA LEU J 172 -3.12 -17.15 71.27
C LEU J 172 -2.57 -16.15 72.29
N THR J 173 -3.02 -14.90 72.19
CA THR J 173 -2.52 -13.81 73.03
C THR J 173 -3.66 -13.23 73.85
N CYS J 174 -3.46 -13.12 75.16
CA CYS J 174 -4.42 -12.50 76.06
C CYS J 174 -3.72 -11.38 76.84
N LEU J 175 -4.37 -10.22 76.91
CA LEU J 175 -3.82 -9.04 77.56
C LEU J 175 -4.57 -8.78 78.86
N VAL J 176 -3.85 -8.87 79.98
CA VAL J 176 -4.47 -8.64 81.28
C VAL J 176 -4.71 -7.16 81.49
N THR J 177 -5.95 -6.78 81.80
CA THR J 177 -6.32 -5.39 81.96
C THR J 177 -7.27 -5.23 83.14
N ASP J 178 -7.35 -3.98 83.63
CA ASP J 178 -8.34 -3.57 84.64
C ASP J 178 -8.20 -4.38 85.93
N LEU J 179 -6.98 -4.49 86.43
CA LEU J 179 -6.71 -5.22 87.67
C LEU J 179 -5.63 -4.51 88.46
N THR J 180 -5.59 -4.79 89.76
CA THR J 180 -4.70 -4.10 90.69
C THR J 180 -3.24 -4.43 90.40
N THR J 181 -2.37 -3.49 90.75
CA THR J 181 -0.93 -3.59 90.47
C THR J 181 -0.25 -4.44 91.54
N TYR J 182 -0.46 -5.76 91.45
CA TYR J 182 0.20 -6.72 92.32
C TYR J 182 1.12 -7.59 91.48
N ASP J 183 2.40 -7.63 91.85
CA ASP J 183 3.42 -8.28 91.05
C ASP J 183 3.31 -9.80 91.18
N SER J 184 4.02 -10.50 90.29
CA SER J 184 4.10 -11.97 90.28
C SER J 184 2.73 -12.61 90.05
N VAL J 185 2.15 -12.34 88.89
CA VAL J 185 0.88 -12.94 88.50
C VAL J 185 1.14 -14.12 87.58
N THR J 186 0.38 -15.20 87.78
CA THR J 186 0.50 -16.40 86.95
C THR J 186 -0.55 -16.35 85.84
N ILE J 187 -0.11 -16.57 84.60
CA ILE J 187 -0.98 -16.54 83.43
C ILE J 187 -0.91 -17.90 82.76
N SER J 188 -2.07 -18.49 82.49
CA SER J 188 -2.13 -19.81 81.90
C SER J 188 -3.25 -19.85 80.86
N TRP J 189 -3.26 -20.93 80.09
CA TRP J 189 -4.27 -21.17 79.07
C TRP J 189 -4.91 -22.53 79.32
N THR J 190 -6.20 -22.64 79.02
CA THR J 190 -6.98 -23.83 79.30
C THR J 190 -7.75 -24.26 78.06
N ARG J 191 -7.80 -25.57 77.83
CA ARG J 191 -8.59 -26.16 76.76
C ARG J 191 -9.90 -26.70 77.31
N GLN J 192 -10.74 -27.20 76.40
CA GLN J 192 -12.01 -27.79 76.82
C GLN J 192 -11.80 -29.17 77.44
N ASN J 193 -10.90 -29.98 76.87
CA ASN J 193 -10.68 -31.32 77.38
C ASN J 193 -9.90 -31.34 78.69
N GLY J 194 -9.36 -30.20 79.12
CA GLY J 194 -8.62 -30.10 80.36
C GLY J 194 -7.13 -30.33 80.26
N GLU J 195 -6.63 -30.71 79.09
CA GLU J 195 -5.21 -30.92 78.91
C GLU J 195 -4.47 -29.58 78.92
N ALA J 196 -3.36 -29.52 79.65
CA ALA J 196 -2.60 -28.29 79.76
C ALA J 196 -1.88 -27.96 78.45
N VAL J 197 -1.71 -26.67 78.20
CA VAL J 197 -1.03 -26.18 77.01
C VAL J 197 -0.02 -25.13 77.46
N LYS J 198 0.90 -24.77 76.55
CA LYS J 198 2.01 -23.89 76.87
C LYS J 198 1.51 -22.54 77.39
N THR J 199 2.14 -22.07 78.47
CA THR J 199 1.68 -20.91 79.22
C THR J 199 2.37 -19.64 78.72
N HIS J 200 2.25 -18.56 79.49
CA HIS J 200 2.72 -17.24 79.10
C HIS J 200 4.24 -17.21 78.98
N THR J 201 4.73 -16.29 78.15
CA THR J 201 6.15 -16.04 77.98
C THR J 201 6.34 -14.58 77.60
N ASN J 202 7.44 -14.00 78.09
CA ASN J 202 7.83 -12.61 77.81
C ASN J 202 6.74 -11.63 78.27
N ILE J 203 6.54 -11.62 79.60
CA ILE J 203 5.55 -10.73 80.19
C ILE J 203 6.02 -9.29 80.09
N SER J 204 5.14 -8.42 79.57
CA SER J 204 5.46 -7.01 79.45
C SER J 204 5.25 -6.29 80.78
N GLU J 205 5.70 -5.05 80.83
CA GLU J 205 5.61 -4.25 82.04
C GLU J 205 4.17 -3.85 82.34
N SER J 206 3.91 -3.54 83.60
CA SER J 206 2.56 -3.16 84.02
C SER J 206 2.17 -1.80 83.45
N HIS J 207 0.87 -1.62 83.27
CA HIS J 207 0.36 -0.36 82.74
C HIS J 207 0.54 0.76 83.77
N PRO J 208 0.88 1.97 83.33
CA PRO J 208 1.09 3.08 84.29
C PRO J 208 -0.19 3.62 84.90
N ASN J 209 -1.37 3.14 84.47
CA ASN J 209 -2.65 3.63 84.96
C ASN J 209 -3.24 2.74 86.04
N ALA J 210 -2.39 2.21 86.93
CA ALA J 210 -2.74 1.30 88.01
C ALA J 210 -3.33 -0.01 87.51
N THR J 211 -3.04 -0.39 86.27
CA THR J 211 -3.47 -1.64 85.67
C THR J 211 -2.27 -2.37 85.09
N PHE J 212 -2.54 -3.45 84.36
CA PHE J 212 -1.51 -4.22 83.68
C PHE J 212 -1.63 -4.12 82.17
N SER J 213 -0.51 -4.39 81.50
CA SER J 213 -0.46 -4.65 80.06
C SER J 213 0.53 -5.79 79.89
N ALA J 214 0.04 -7.03 79.97
CA ALA J 214 0.87 -8.22 79.91
C ALA J 214 0.25 -9.23 78.95
N VAL J 215 1.08 -9.81 78.09
CA VAL J 215 0.62 -10.71 77.04
C VAL J 215 0.88 -12.15 77.47
N GLY J 216 -0.11 -13.01 77.26
CA GLY J 216 0.05 -14.43 77.51
C GLY J 216 0.02 -15.22 76.22
N GLU J 217 1.16 -15.81 75.85
CA GLU J 217 1.33 -16.46 74.57
C GLU J 217 0.98 -17.94 74.66
N ALA J 218 0.35 -18.46 73.60
CA ALA J 218 0.05 -19.88 73.49
C ALA J 218 0.08 -20.27 72.02
N SER J 219 0.66 -21.44 71.74
CA SER J 219 0.81 -21.93 70.37
C SER J 219 -0.02 -23.19 70.21
N ILE J 220 -0.84 -23.22 69.15
CA ILE J 220 -1.74 -24.34 68.89
C ILE J 220 -1.79 -24.56 67.37
N CYS J 221 -2.30 -25.73 66.99
CA CYS J 221 -2.48 -26.04 65.57
C CYS J 221 -3.55 -25.14 64.97
N GLU J 222 -3.32 -24.73 63.71
CA GLU J 222 -4.29 -23.88 63.03
C GLU J 222 -5.60 -24.61 62.78
N ASP J 223 -5.53 -25.88 62.38
CA ASP J 223 -6.75 -26.65 62.15
C ASP J 223 -7.53 -26.86 63.44
N ASP J 224 -6.83 -27.12 64.54
CA ASP J 224 -7.51 -27.28 65.83
C ASP J 224 -8.15 -25.97 66.28
N TRP J 225 -7.47 -24.84 66.03
CA TRP J 225 -8.06 -23.54 66.30
C TRP J 225 -9.27 -23.30 65.41
N ASN J 226 -9.19 -23.71 64.14
CA ASN J 226 -10.31 -23.58 63.22
C ASN J 226 -11.44 -24.55 63.55
N SER J 227 -11.16 -25.61 64.31
CA SER J 227 -12.19 -26.59 64.62
C SER J 227 -13.23 -26.05 65.58
N GLY J 228 -12.92 -24.96 66.28
CA GLY J 228 -13.83 -24.37 67.24
C GLY J 228 -13.57 -24.73 68.68
N GLU J 229 -12.46 -25.41 68.97
CA GLU J 229 -12.11 -25.78 70.34
C GLU J 229 -11.75 -24.53 71.12
N ARG J 230 -12.53 -24.24 72.17
CA ARG J 230 -12.34 -23.02 72.93
C ARG J 230 -11.02 -23.07 73.71
N PHE J 231 -10.23 -22.01 73.57
CA PHE J 231 -9.02 -21.82 74.35
C PHE J 231 -9.25 -20.66 75.31
N THR J 232 -9.04 -20.91 76.60
CA THR J 232 -9.37 -19.95 77.65
C THR J 232 -8.10 -19.51 78.35
N CYS J 233 -7.82 -18.21 78.32
CA CYS J 233 -6.68 -17.66 79.03
C CYS J 233 -7.05 -17.46 80.50
N THR J 234 -6.34 -18.13 81.39
CA THR J 234 -6.63 -18.10 82.82
C THR J 234 -5.51 -17.34 83.53
N VAL J 235 -5.90 -16.34 84.32
CA VAL J 235 -4.97 -15.55 85.12
C VAL J 235 -5.36 -15.68 86.58
N THR J 236 -4.37 -15.94 87.43
CA THR J 236 -4.58 -16.12 88.87
C THR J 236 -3.78 -15.05 89.59
N HIS J 237 -4.48 -14.00 90.05
CA HIS J 237 -3.84 -12.90 90.73
C HIS J 237 -3.78 -13.16 92.24
N THR J 238 -2.89 -12.44 92.92
CA THR J 238 -2.68 -12.64 94.34
C THR J 238 -3.93 -12.27 95.14
N ASP J 239 -4.57 -11.14 94.80
CA ASP J 239 -5.76 -10.72 95.53
C ASP J 239 -6.98 -11.54 95.15
N LEU J 240 -7.04 -12.05 93.92
CA LEU J 240 -8.20 -12.80 93.47
C LEU J 240 -8.20 -14.19 94.11
N PRO J 241 -9.25 -14.57 94.85
CA PRO J 241 -9.31 -15.93 95.40
C PRO J 241 -9.69 -16.96 94.34
N SER J 242 -10.35 -16.49 93.28
CA SER J 242 -10.79 -17.35 92.20
C SER J 242 -10.08 -16.97 90.91
N PRO J 243 -9.64 -17.94 90.11
CA PRO J 243 -8.98 -17.62 88.84
C PRO J 243 -9.93 -16.90 87.89
N LEU J 244 -9.36 -15.99 87.11
CA LEU J 244 -10.11 -15.21 86.13
C LEU J 244 -9.87 -15.82 84.75
N LYS J 245 -10.95 -16.21 84.08
CA LYS J 245 -10.86 -16.92 82.80
C LYS J 245 -11.84 -16.32 81.80
N GLN J 246 -11.42 -16.27 80.54
CA GLN J 246 -12.25 -15.75 79.45
C GLN J 246 -12.09 -16.65 78.24
N THR J 247 -13.19 -17.26 77.80
CA THR J 247 -13.14 -18.20 76.70
C THR J 247 -13.04 -17.47 75.36
N ILE J 248 -12.28 -18.07 74.43
CA ILE J 248 -12.06 -17.50 73.10
C ILE J 248 -12.14 -18.62 72.07
N SER J 249 -12.89 -18.38 70.99
CA SER J 249 -12.99 -19.33 69.89
C SER J 249 -13.48 -18.59 68.66
N ARG J 250 -13.47 -19.32 67.53
CA ARG J 250 -13.99 -18.78 66.27
C ARG J 250 -15.49 -18.98 66.20
N PRO J 251 -16.28 -17.90 66.08
CA PRO J 251 -17.73 -18.06 65.97
C PRO J 251 -18.11 -18.59 64.59
N LYS J 252 -18.88 -19.67 64.58
CA LYS J 252 -19.32 -20.26 63.33
C LYS J 252 -20.33 -19.35 62.63
N GLY J 253 -20.19 -19.24 61.30
CA GLY J 253 -21.08 -18.40 60.52
C GLY J 253 -20.40 -17.78 59.31
N LEU J 256 -19.66 -18.80 54.97
CA LEU J 256 -18.34 -18.56 54.42
C LEU J 256 -18.41 -18.41 52.90
N HIS J 257 -18.09 -17.21 52.42
CA HIS J 257 -18.08 -16.90 50.99
C HIS J 257 -16.69 -16.48 50.58
N ARG J 258 -16.20 -17.05 49.48
CA ARG J 258 -14.85 -16.72 49.02
C ARG J 258 -14.81 -15.30 48.47
N PRO J 259 -13.81 -14.51 48.83
CA PRO J 259 -13.66 -13.18 48.22
C PRO J 259 -13.21 -13.30 46.78
N ASP J 260 -13.63 -12.33 45.97
CA ASP J 260 -13.26 -12.24 44.57
C ASP J 260 -12.43 -10.98 44.37
N VAL J 261 -11.25 -11.14 43.80
CA VAL J 261 -10.26 -10.07 43.71
C VAL J 261 -10.36 -9.43 42.34
N TYR J 262 -10.56 -8.11 42.31
CA TYR J 262 -10.58 -7.33 41.08
C TYR J 262 -9.57 -6.21 41.21
N LEU J 263 -8.50 -6.26 40.42
CA LEU J 263 -7.43 -5.28 40.47
C LEU J 263 -7.74 -4.19 39.45
N LEU J 264 -8.23 -3.06 39.94
CA LEU J 264 -8.59 -1.95 39.07
C LEU J 264 -7.34 -1.24 38.58
N PRO J 265 -7.15 -1.08 37.27
CA PRO J 265 -5.99 -0.35 36.76
C PRO J 265 -6.10 1.12 37.07
N PRO J 266 -4.98 1.85 37.13
CA PRO J 266 -5.04 3.28 37.37
C PRO J 266 -5.77 4.00 36.24
N ALA J 267 -6.50 5.05 36.61
CA ALA J 267 -7.21 5.85 35.63
C ALA J 267 -6.21 6.59 34.73
N ARG J 268 -6.61 6.79 33.48
CA ARG J 268 -5.74 7.48 32.52
C ARG J 268 -5.51 8.94 32.92
N GLU J 269 -6.38 9.49 33.76
CA GLU J 269 -6.19 10.85 34.23
C GLU J 269 -5.06 10.92 35.26
N GLN J 270 -4.85 9.84 36.02
CA GLN J 270 -3.64 9.73 36.82
C GLN J 270 -2.40 9.70 35.94
N LEU J 271 -2.49 9.03 34.79
CA LEU J 271 -1.36 8.96 33.88
C LEU J 271 -1.05 10.33 33.28
N ASN J 272 -2.07 11.17 33.08
CA ASN J 272 -1.86 12.46 32.43
C ASN J 272 -0.98 13.38 33.27
N LEU J 273 -1.21 13.41 34.59
CA LEU J 273 -0.45 14.31 35.46
C LEU J 273 0.98 13.82 35.71
N ARG J 274 1.28 12.56 35.42
CA ARG J 274 2.61 11.95 35.55
C ARG J 274 3.15 11.98 36.98
N GLU J 275 2.34 12.34 37.97
CA GLU J 275 2.87 12.49 39.33
C GLU J 275 3.08 11.14 40.00
N SER J 276 2.20 10.18 39.73
CA SER J 276 2.23 8.86 40.36
C SER J 276 1.21 7.98 39.69
N ALA J 277 1.31 6.68 39.96
CA ALA J 277 0.34 5.69 39.51
C ALA J 277 -0.22 4.96 40.72
N THR J 278 -1.54 4.99 40.89
CA THR J 278 -2.22 4.39 42.03
C THR J 278 -3.08 3.24 41.52
N ILE J 279 -2.86 2.05 42.09
CA ILE J 279 -3.60 0.85 41.71
C ILE J 279 -4.50 0.46 42.87
N THR J 280 -5.78 0.31 42.60
CA THR J 280 -6.78 -0.02 43.61
C THR J 280 -7.08 -1.52 43.56
N CYS J 281 -6.90 -2.19 44.70
CA CYS J 281 -7.19 -3.62 44.80
C CYS J 281 -8.55 -3.78 45.46
N LEU J 282 -9.58 -3.98 44.65
CA LEU J 282 -10.95 -4.07 45.14
C LEU J 282 -11.25 -5.51 45.52
N VAL J 283 -11.54 -5.74 46.81
CA VAL J 283 -11.81 -7.07 47.34
C VAL J 283 -13.22 -7.06 47.93
N THR J 284 -14.07 -7.97 47.46
CA THR J 284 -15.44 -8.08 47.95
C THR J 284 -15.79 -9.56 48.13
N GLY J 285 -16.61 -9.84 49.15
CA GLY J 285 -17.21 -11.15 49.29
C GLY J 285 -16.74 -11.99 50.46
N PHE J 286 -15.87 -11.46 51.32
CA PHE J 286 -15.38 -12.24 52.46
C PHE J 286 -16.31 -12.02 53.66
N SER J 287 -16.95 -13.09 54.12
CA SER J 287 -17.90 -13.06 55.22
C SER J 287 -17.26 -13.10 56.61
N PRO J 288 -16.18 -13.90 56.87
CA PRO J 288 -15.55 -13.85 58.19
C PRO J 288 -14.92 -12.50 58.55
N ALA J 289 -14.85 -11.57 57.59
CA ALA J 289 -14.41 -10.20 57.78
C ALA J 289 -12.95 -10.09 58.23
N ASP J 290 -12.12 -11.08 57.93
CA ASP J 290 -10.69 -11.04 58.24
C ASP J 290 -9.89 -11.28 56.96
N VAL J 291 -9.47 -10.18 56.32
CA VAL J 291 -8.79 -10.23 55.04
C VAL J 291 -7.37 -9.68 55.22
N PHE J 292 -6.43 -10.25 54.48
CA PHE J 292 -5.04 -9.85 54.51
C PHE J 292 -4.53 -9.75 53.08
N VAL J 293 -3.98 -8.59 52.72
CA VAL J 293 -3.60 -8.29 51.34
C VAL J 293 -2.14 -7.85 51.31
N GLN J 294 -1.36 -8.44 50.40
CA GLN J 294 -0.01 -8.03 50.11
C GLN J 294 0.08 -7.50 48.68
N TRP J 295 1.23 -6.91 48.37
CA TRP J 295 1.55 -6.50 47.01
C TRP J 295 2.93 -7.04 46.65
N MET J 296 3.02 -7.72 45.51
CA MET J 296 4.26 -8.29 45.04
C MET J 296 4.61 -7.67 43.70
N GLN J 297 5.85 -7.21 43.56
CA GLN J 297 6.37 -6.68 42.31
C GLN J 297 7.52 -7.55 41.83
N ARG J 298 7.46 -7.93 40.55
CA ARG J 298 8.45 -8.81 39.91
C ARG J 298 8.55 -10.17 40.63
N GLY J 299 7.46 -10.62 41.23
CA GLY J 299 7.46 -11.90 41.91
C GLY J 299 8.07 -11.88 43.29
N GLN J 300 8.40 -10.71 43.81
CA GLN J 300 8.97 -10.58 45.15
C GLN J 300 8.09 -9.67 46.00
N PRO J 301 7.99 -9.95 47.29
CA PRO J 301 7.13 -9.12 48.16
C PRO J 301 7.68 -7.70 48.30
N LEU J 302 6.76 -6.78 48.54
CA LEU J 302 7.08 -5.36 48.69
C LEU J 302 6.97 -4.95 50.15
N SER J 303 7.54 -3.79 50.46
CA SER J 303 7.54 -3.29 51.82
C SER J 303 6.12 -2.90 52.24
N PRO J 304 5.73 -3.15 53.48
CA PRO J 304 4.38 -2.77 53.93
C PRO J 304 4.14 -1.26 53.95
N GLU J 305 5.18 -0.44 53.92
CA GLU J 305 4.99 1.00 53.98
C GLU J 305 4.36 1.54 52.70
N LYS J 306 4.71 0.96 51.55
CA LYS J 306 4.25 1.50 50.28
C LYS J 306 2.74 1.33 50.10
N TYR J 307 2.19 0.19 50.48
CA TYR J 307 0.77 -0.08 50.29
C TYR J 307 0.03 -0.03 51.62
N VAL J 308 -1.23 0.38 51.55
CA VAL J 308 -2.09 0.48 52.72
C VAL J 308 -3.42 -0.21 52.42
N THR J 309 -3.92 -0.96 53.39
CA THR J 309 -5.16 -1.71 53.27
C THR J 309 -6.17 -1.18 54.28
N SER J 310 -7.37 -0.87 53.80
CA SER J 310 -8.42 -0.35 54.67
C SER J 310 -9.06 -1.46 55.48
N ALA J 311 -9.68 -1.07 56.60
CA ALA J 311 -10.38 -2.03 57.43
C ALA J 311 -11.66 -2.50 56.74
N PRO J 312 -12.08 -3.74 56.98
CA PRO J 312 -13.32 -4.23 56.37
C PRO J 312 -14.56 -3.57 56.95
N MET J 313 -15.59 -3.44 56.10
CA MET J 313 -16.94 -3.08 56.52
C MET J 313 -17.91 -3.67 55.52
N PRO J 314 -19.13 -4.02 55.94
CA PRO J 314 -20.03 -4.76 55.04
C PRO J 314 -20.60 -3.89 53.93
N GLU J 315 -20.99 -4.56 52.85
CA GLU J 315 -21.75 -3.94 51.77
C GLU J 315 -23.22 -3.89 52.14
N PRO J 316 -23.98 -2.95 51.56
CA PRO J 316 -25.42 -2.92 51.83
C PRO J 316 -26.17 -4.01 51.10
N GLN J 317 -25.65 -4.43 49.93
CA GLN J 317 -26.29 -5.48 49.16
C GLN J 317 -26.26 -6.82 49.90
N ALA J 318 -25.11 -7.15 50.48
CA ALA J 318 -24.95 -8.39 51.24
C ALA J 318 -24.45 -8.04 52.63
N PRO J 319 -25.32 -8.03 53.65
CA PRO J 319 -24.87 -7.75 55.03
C PRO J 319 -23.84 -8.76 55.52
N GLY J 320 -23.97 -10.01 55.06
CA GLY J 320 -23.03 -11.04 55.49
C GLY J 320 -21.62 -10.82 54.96
N ARG J 321 -21.51 -10.31 53.74
CA ARG J 321 -20.20 -10.11 53.13
C ARG J 321 -19.61 -8.77 53.55
N TYR J 322 -18.30 -8.63 53.32
CA TYR J 322 -17.54 -7.44 53.66
C TYR J 322 -16.61 -7.11 52.51
N PHE J 323 -16.20 -5.84 52.43
CA PHE J 323 -15.26 -5.40 51.41
C PHE J 323 -14.15 -4.57 52.02
N ALA J 324 -12.96 -4.67 51.43
CA ALA J 324 -11.80 -3.88 51.83
C ALA J 324 -11.01 -3.52 50.59
N HIS J 325 -10.27 -2.42 50.68
CA HIS J 325 -9.50 -1.89 49.56
C HIS J 325 -8.03 -1.76 49.96
N SER J 326 -7.15 -2.12 49.02
CA SER J 326 -5.71 -1.94 49.18
C SER J 326 -5.24 -0.93 48.14
N ILE J 327 -4.53 0.10 48.62
CA ILE J 327 -4.07 1.20 47.77
C ILE J 327 -2.55 1.20 47.75
N LEU J 328 -1.99 1.11 46.55
CA LEU J 328 -0.55 1.22 46.34
C LEU J 328 -0.25 2.40 45.45
N THR J 329 0.66 3.27 45.88
CA THR J 329 1.06 4.45 45.12
C THR J 329 2.48 4.23 44.63
N VAL J 330 2.67 4.28 43.31
CA VAL J 330 3.97 4.05 42.69
C VAL J 330 4.19 5.13 41.64
N SER J 331 5.45 5.35 41.30
CA SER J 331 5.81 6.37 40.31
C SER J 331 5.23 6.02 38.94
N GLU J 332 4.82 7.05 38.21
CA GLU J 332 4.22 6.86 36.90
C GLU J 332 5.22 6.32 35.89
N GLU J 333 6.48 6.76 35.97
CA GLU J 333 7.49 6.29 35.02
C GLU J 333 7.74 4.79 35.19
N GLU J 334 7.72 4.30 36.43
CA GLU J 334 7.86 2.86 36.66
C GLU J 334 6.66 2.10 36.10
N TRP J 335 5.47 2.72 36.16
CA TRP J 335 4.29 2.08 35.59
C TRP J 335 4.35 2.06 34.06
N ASN J 336 5.02 3.05 33.46
CA ASN J 336 5.19 3.04 32.01
C ASN J 336 5.97 1.82 31.55
N THR J 337 7.03 1.46 32.27
CA THR J 337 7.73 0.21 32.01
C THR J 337 6.86 -0.96 32.44
N GLY J 338 6.95 -2.06 31.70
CA GLY J 338 6.14 -3.23 32.00
C GLY J 338 6.48 -3.86 33.34
N GLU J 339 5.58 -3.70 34.30
CA GLU J 339 5.76 -4.23 35.65
C GLU J 339 4.50 -4.94 36.09
N THR J 340 4.66 -5.95 36.95
CA THR J 340 3.53 -6.79 37.33
C THR J 340 2.60 -6.08 38.31
N TYR J 341 3.13 -5.67 39.46
CA TYR J 341 2.35 -5.09 40.56
C TYR J 341 1.19 -6.00 40.95
N THR J 342 1.53 -7.27 41.19
CA THR J 342 0.52 -8.28 41.53
C THR J 342 -0.06 -8.01 42.91
N CYS J 343 -1.38 -8.09 43.01
CA CYS J 343 -2.10 -7.98 44.27
C CYS J 343 -2.62 -9.35 44.68
N VAL J 344 -2.35 -9.74 45.92
CA VAL J 344 -2.70 -11.06 46.42
C VAL J 344 -3.56 -10.90 47.67
N VAL J 345 -4.58 -11.74 47.80
CA VAL J 345 -5.54 -11.68 48.90
C VAL J 345 -5.58 -13.03 49.58
N ALA J 346 -5.47 -13.04 50.90
CA ALA J 346 -5.48 -14.26 51.70
C ALA J 346 -6.75 -14.30 52.54
N HIS J 347 -7.49 -15.40 52.44
CA HIS J 347 -8.74 -15.56 53.19
C HIS J 347 -9.04 -17.03 53.34
N GLU J 348 -9.74 -17.37 54.42
CA GLU J 348 -10.04 -18.78 54.70
C GLU J 348 -10.98 -19.38 53.65
N ALA J 349 -12.01 -18.63 53.27
CA ALA J 349 -13.05 -19.16 52.39
C ALA J 349 -12.57 -19.36 50.95
N LEU J 350 -11.39 -18.87 50.59
CA LEU J 350 -10.85 -19.11 49.27
C LEU J 350 -10.56 -20.60 49.09
N PRO J 351 -10.72 -21.13 47.87
CA PRO J 351 -10.46 -22.56 47.65
C PRO J 351 -9.04 -22.98 47.97
N ASN J 352 -8.06 -22.12 47.69
CA ASN J 352 -6.66 -22.41 47.96
C ASN J 352 -6.12 -21.50 49.07
N ARG J 353 -7.00 -20.70 49.69
CA ARG J 353 -6.73 -19.74 50.76
C ARG J 353 -5.87 -18.56 50.29
N VAL J 354 -5.43 -18.54 49.03
CA VAL J 354 -4.60 -17.47 48.50
C VAL J 354 -5.01 -17.25 47.04
N THR J 355 -5.38 -16.02 46.70
CA THR J 355 -5.73 -15.67 45.33
C THR J 355 -4.94 -14.43 44.92
N GLU J 356 -4.21 -14.54 43.81
CA GLU J 356 -3.35 -13.47 43.31
C GLU J 356 -3.85 -13.01 41.96
N ARG J 357 -3.99 -11.70 41.80
CA ARG J 357 -4.40 -11.09 40.54
C ARG J 357 -3.36 -10.04 40.13
N THR J 358 -3.19 -9.89 38.82
CA THR J 358 -2.16 -9.01 38.29
C THR J 358 -2.72 -8.15 37.17
N VAL J 359 -2.11 -6.98 36.98
CA VAL J 359 -2.41 -6.09 35.87
C VAL J 359 -1.09 -5.66 35.22
N ASP J 360 -1.18 -4.79 34.24
CA ASP J 360 -0.03 -4.30 33.49
C ASP J 360 -0.46 -3.04 32.76
N LYS J 361 0.49 -2.43 32.05
CA LYS J 361 0.17 -1.29 31.21
C LYS J 361 -0.74 -1.71 30.05
N SER J 362 -0.59 -2.93 29.56
CA SER J 362 -1.43 -3.48 28.49
C SER J 362 -2.29 -4.64 28.98
N THR J 363 -2.82 -4.55 30.20
CA THR J 363 -3.63 -5.64 30.75
C THR J 363 -5.03 -5.69 30.15
N GLY J 364 -5.45 -4.64 29.43
CA GLY J 364 -6.78 -4.58 28.89
C GLY J 364 -6.90 -5.26 27.54
N LYS J 365 -7.93 -4.84 26.81
CA LYS J 365 -8.18 -5.35 25.47
C LYS J 365 -7.06 -4.91 24.52
N PRO J 366 -6.87 -5.63 23.41
CA PRO J 366 -5.74 -5.30 22.52
C PRO J 366 -5.81 -3.92 21.87
N THR J 367 -6.98 -3.26 21.90
CA THR J 367 -7.17 -1.91 21.35
C THR J 367 -6.82 -1.87 19.86
N LEU J 368 -7.63 -2.60 19.09
CA LEU J 368 -7.55 -2.57 17.63
C LEU J 368 -7.60 -1.14 17.10
N TYR J 369 -6.78 -0.88 16.08
CA TYR J 369 -6.82 0.38 15.35
C TYR J 369 -7.52 0.21 14.01
N ASN J 370 -7.90 1.35 13.43
CA ASN J 370 -8.69 1.42 12.20
C ASN J 370 -8.27 2.67 11.44
N VAL J 371 -6.95 2.88 11.35
CA VAL J 371 -6.42 4.17 10.88
C VAL J 371 -6.76 4.37 9.41
N SER J 372 -7.13 5.60 9.06
CA SER J 372 -7.46 5.96 7.68
C SER J 372 -6.79 7.28 7.33
N LEU J 373 -6.13 7.32 6.17
CA LEU J 373 -5.47 8.51 5.68
C LEU J 373 -5.90 8.72 4.23
N VAL J 374 -6.31 9.94 3.90
CA VAL J 374 -6.90 10.27 2.61
C VAL J 374 -6.08 11.35 1.93
N MET J 375 -5.81 11.19 0.64
CA MET J 375 -5.10 12.18 -0.16
C MET J 375 -6.01 12.84 -1.19
N SER J 376 -7.32 12.88 -0.94
CA SER J 376 -8.25 13.47 -1.89
C SER J 376 -8.11 14.98 -1.93
N ILE K 152 -23.33 9.91 83.44
CA ILE K 152 -22.77 11.25 83.31
C ILE K 152 -21.50 11.20 82.48
N ARG K 153 -21.68 11.15 81.16
CA ARG K 153 -20.55 11.06 80.23
C ARG K 153 -20.02 12.46 79.91
N VAL K 154 -18.70 12.59 79.91
CA VAL K 154 -18.04 13.85 79.57
C VAL K 154 -17.53 13.71 78.14
N PHE K 155 -18.28 14.28 77.20
CA PHE K 155 -17.92 14.21 75.79
C PHE K 155 -18.38 15.48 75.09
N ALA K 156 -17.52 16.02 74.22
CA ALA K 156 -17.83 17.20 73.43
C ALA K 156 -17.51 16.89 71.98
N ILE K 157 -18.54 16.71 71.16
CA ILE K 157 -18.39 16.34 69.75
C ILE K 157 -18.73 17.55 68.90
N PRO K 158 -17.91 17.89 67.90
CA PRO K 158 -18.26 18.95 66.97
C PRO K 158 -18.94 18.38 65.74
N PRO K 159 -19.64 19.22 64.95
CA PRO K 159 -20.22 18.72 63.71
C PRO K 159 -19.15 18.44 62.66
N SER K 160 -19.58 17.78 61.59
CA SER K 160 -18.68 17.47 60.49
C SER K 160 -18.90 18.42 59.33
N PHE K 161 -17.82 18.67 58.57
CA PHE K 161 -17.91 19.53 57.41
C PHE K 161 -18.77 18.93 56.30
N ALA K 162 -18.99 17.62 56.33
CA ALA K 162 -19.97 17.03 55.41
C ALA K 162 -21.39 17.41 55.81
N SER K 163 -21.64 17.62 57.10
CA SER K 163 -22.98 17.95 57.57
C SER K 163 -23.34 19.41 57.29
N ILE K 164 -22.35 20.30 57.21
CA ILE K 164 -22.64 21.72 57.04
C ILE K 164 -23.16 22.03 55.65
N PHE K 165 -22.97 21.13 54.69
CA PHE K 165 -23.56 21.28 53.36
C PHE K 165 -24.72 20.32 53.12
N LEU K 166 -24.65 19.11 53.66
CA LEU K 166 -25.75 18.15 53.49
C LEU K 166 -27.02 18.64 54.19
N THR K 167 -26.88 19.19 55.38
CA THR K 167 -28.02 19.68 56.15
C THR K 167 -28.12 21.20 56.20
N LYS K 168 -27.06 21.92 55.80
CA LYS K 168 -27.02 23.38 55.83
C LYS K 168 -27.29 23.93 57.24
N SER K 169 -26.80 23.21 58.24
CA SER K 169 -26.97 23.63 59.63
C SER K 169 -25.85 23.01 60.46
N THR K 170 -25.58 23.65 61.59
CA THR K 170 -24.54 23.20 62.51
C THR K 170 -25.08 23.17 63.93
N LYS K 171 -24.57 22.22 64.72
CA LYS K 171 -24.92 22.12 66.14
C LYS K 171 -23.65 21.92 66.94
N LEU K 172 -23.42 22.79 67.92
CA LEU K 172 -22.27 22.71 68.81
C LEU K 172 -22.77 22.18 70.15
N THR K 173 -22.41 20.94 70.48
CA THR K 173 -23.08 20.18 71.52
C THR K 173 -22.08 19.67 72.55
N CYS K 174 -22.60 19.45 73.76
CA CYS K 174 -21.88 18.74 74.82
C CYS K 174 -22.60 17.40 75.03
N LEU K 175 -22.07 16.35 74.42
CA LEU K 175 -22.72 15.04 74.45
C LEU K 175 -22.55 14.44 75.84
N VAL K 176 -23.61 14.48 76.64
CA VAL K 176 -23.63 13.91 77.98
C VAL K 176 -24.66 12.80 77.99
N THR K 177 -24.21 11.56 78.16
CA THR K 177 -25.08 10.39 78.17
C THR K 177 -24.96 9.67 79.52
N ASP K 178 -25.84 8.70 79.71
CA ASP K 178 -25.91 7.90 80.95
C ASP K 178 -26.09 8.79 82.18
N LEU K 179 -26.87 9.86 82.03
CA LEU K 179 -27.15 10.78 83.12
C LEU K 179 -28.26 10.21 84.01
N THR K 180 -28.41 10.81 85.18
CA THR K 180 -29.48 10.42 86.09
C THR K 180 -30.85 10.80 85.49
N THR K 181 -31.87 10.09 85.94
CA THR K 181 -33.22 10.30 85.41
C THR K 181 -33.85 11.57 85.97
N TYR K 182 -33.35 12.72 85.55
CA TYR K 182 -33.90 14.01 85.93
C TYR K 182 -34.24 14.78 84.66
N ASP K 183 -35.51 15.15 84.52
CA ASP K 183 -35.96 15.82 83.31
C ASP K 183 -35.53 17.29 83.28
N SER K 184 -35.27 17.79 82.06
CA SER K 184 -34.95 19.18 81.80
C SER K 184 -33.74 19.64 82.61
N VAL K 185 -32.60 18.97 82.39
CA VAL K 185 -31.37 19.37 83.05
C VAL K 185 -30.81 20.62 82.40
N THR K 186 -30.03 21.37 83.19
CA THR K 186 -29.45 22.64 82.73
C THR K 186 -28.03 22.36 82.26
N ILE K 187 -27.84 22.36 80.94
CA ILE K 187 -26.54 22.17 80.31
C ILE K 187 -26.21 23.42 79.53
N SER K 188 -25.06 24.02 79.81
CA SER K 188 -24.65 25.27 79.19
C SER K 188 -23.42 25.02 78.33
N TRP K 189 -23.55 25.25 77.03
CA TRP K 189 -22.44 25.15 76.08
C TRP K 189 -22.21 26.56 75.54
N THR K 190 -21.25 27.26 76.14
CA THR K 190 -20.99 28.66 75.82
C THR K 190 -19.63 28.83 75.17
N ARG K 191 -19.54 29.75 74.22
CA ARG K 191 -18.31 30.07 73.54
C ARG K 191 -17.66 31.30 74.17
N GLN K 192 -16.62 31.82 73.52
CA GLN K 192 -15.92 32.99 74.04
C GLN K 192 -16.82 34.22 74.03
N ASN K 193 -17.73 34.31 73.06
CA ASN K 193 -18.65 35.45 73.00
C ASN K 193 -19.60 35.45 74.20
N GLY K 194 -20.10 34.28 74.58
CA GLY K 194 -20.97 34.15 75.74
C GLY K 194 -22.34 33.58 75.44
N GLU K 195 -22.69 33.33 74.18
CA GLU K 195 -23.99 32.77 73.86
C GLU K 195 -24.06 31.29 74.27
N ALA K 196 -25.20 30.89 74.80
CA ALA K 196 -25.44 29.52 75.23
C ALA K 196 -26.40 28.82 74.30
N VAL K 197 -26.27 27.50 74.21
CA VAL K 197 -27.13 26.73 73.32
C VAL K 197 -28.53 26.63 73.90
N LYS K 198 -29.50 26.35 73.02
CA LYS K 198 -30.87 26.18 73.45
C LYS K 198 -31.03 24.87 74.21
N THR K 199 -32.11 24.78 75.00
CA THR K 199 -32.38 23.58 75.76
C THR K 199 -32.71 22.41 74.84
N HIS K 200 -32.40 21.20 75.30
CA HIS K 200 -32.58 20.02 74.47
C HIS K 200 -34.06 19.69 74.32
N THR K 201 -34.48 19.42 73.08
CA THR K 201 -35.85 19.05 72.76
C THR K 201 -35.83 17.81 71.87
N ASN K 202 -36.92 17.04 71.96
CA ASN K 202 -37.06 15.78 71.21
C ASN K 202 -35.90 14.83 71.48
N ILE K 203 -35.50 14.74 72.75
CA ILE K 203 -34.34 13.96 73.16
C ILE K 203 -34.76 13.06 74.33
N SER K 204 -33.81 12.23 74.78
CA SER K 204 -34.10 11.24 75.81
C SER K 204 -34.60 11.87 77.10
N GLU K 205 -35.68 11.30 77.64
CA GLU K 205 -36.21 11.72 78.93
C GLU K 205 -36.33 10.51 79.84
N SER K 206 -36.62 9.35 79.26
CA SER K 206 -36.71 8.10 80.00
C SER K 206 -36.54 6.94 79.03
N HIS K 207 -35.52 6.12 79.27
CA HIS K 207 -35.21 4.98 78.42
C HIS K 207 -34.98 3.74 79.26
N PRO K 208 -35.27 2.56 78.71
CA PRO K 208 -35.05 1.32 79.46
C PRO K 208 -33.60 1.09 79.86
N ASN K 209 -32.64 1.53 79.05
CA ASN K 209 -31.22 1.32 79.35
C ASN K 209 -30.66 2.39 80.28
N ALA K 210 -31.48 3.34 80.72
CA ALA K 210 -31.11 4.42 81.64
C ALA K 210 -30.03 5.33 81.08
N THR K 211 -29.86 5.38 79.76
CA THR K 211 -28.89 6.27 79.13
C THR K 211 -29.56 7.59 78.83
N PHE K 212 -29.53 8.50 79.79
CA PHE K 212 -30.11 9.83 79.64
C PHE K 212 -29.14 10.68 78.82
N SER K 213 -29.45 10.85 77.54
CA SER K 213 -28.61 11.61 76.62
C SER K 213 -29.06 13.07 76.66
N ALA K 214 -28.28 13.90 77.34
CA ALA K 214 -28.53 15.34 77.42
C ALA K 214 -27.55 16.02 76.47
N VAL K 215 -28.04 16.42 75.31
CA VAL K 215 -27.22 16.98 74.24
C VAL K 215 -27.58 18.46 74.08
N GLY K 216 -26.57 19.31 74.04
CA GLY K 216 -26.78 20.74 73.86
C GLY K 216 -26.87 21.14 72.40
N GLU K 217 -27.91 20.70 71.71
CA GLU K 217 -28.09 20.95 70.28
C GLU K 217 -28.82 22.27 70.08
N ALA K 218 -28.37 23.04 69.10
CA ALA K 218 -28.98 24.31 68.77
C ALA K 218 -28.63 24.67 67.33
N SER K 219 -29.59 25.23 66.60
CA SER K 219 -29.39 25.58 65.21
C SER K 219 -28.77 26.97 65.11
N ILE K 220 -27.50 27.02 64.72
CA ILE K 220 -26.77 28.27 64.55
C ILE K 220 -26.27 28.34 63.11
N CYS K 221 -25.66 29.48 62.78
CA CYS K 221 -25.17 29.70 61.42
C CYS K 221 -24.04 28.74 61.08
N GLU K 222 -24.01 28.29 59.82
CA GLU K 222 -22.96 27.39 59.37
C GLU K 222 -21.61 28.10 59.30
N ASP K 223 -21.62 29.42 59.09
CA ASP K 223 -20.39 30.19 59.01
C ASP K 223 -19.79 30.45 60.39
N ASP K 224 -20.58 30.25 61.45
CA ASP K 224 -20.10 30.53 62.80
C ASP K 224 -18.93 29.64 63.17
N TRP K 225 -19.06 28.33 62.98
CA TRP K 225 -17.95 27.43 63.29
C TRP K 225 -16.86 27.50 62.23
N ASN K 226 -17.18 28.00 61.04
CA ASN K 226 -16.13 28.25 60.04
C ASN K 226 -15.18 29.33 60.51
N SER K 227 -15.70 30.35 61.20
CA SER K 227 -14.84 31.36 61.83
C SER K 227 -14.01 30.78 62.96
N GLY K 228 -14.40 29.62 63.50
CA GLY K 228 -13.59 28.92 64.47
C GLY K 228 -13.43 29.57 65.83
N GLU K 229 -14.51 30.11 66.39
CA GLU K 229 -14.46 30.55 67.77
C GLU K 229 -14.42 29.36 68.71
N ARG K 230 -13.74 29.52 69.84
CA ARG K 230 -13.58 28.43 70.79
C ARG K 230 -14.86 28.21 71.57
N PHE K 231 -15.28 26.96 71.68
CA PHE K 231 -16.51 26.58 72.38
C PHE K 231 -16.18 25.77 73.62
N THR K 232 -16.92 26.01 74.70
CA THR K 232 -16.70 25.35 75.97
C THR K 232 -18.00 24.74 76.49
N CYS K 233 -17.87 23.75 77.35
CA CYS K 233 -19.01 23.07 77.96
C CYS K 233 -19.03 23.33 79.46
N THR K 234 -20.19 23.68 79.99
CA THR K 234 -20.40 23.86 81.43
C THR K 234 -21.59 23.00 81.82
N VAL K 235 -21.38 22.10 82.78
CA VAL K 235 -22.41 21.16 83.23
C VAL K 235 -22.82 21.53 84.64
N THR K 236 -24.10 21.82 84.83
CA THR K 236 -24.68 22.12 86.14
C THR K 236 -25.64 20.98 86.49
N HIS K 237 -25.16 20.03 87.29
CA HIS K 237 -25.93 18.85 87.64
C HIS K 237 -26.00 18.72 89.15
N THR K 238 -27.13 18.21 89.64
CA THR K 238 -27.32 18.09 91.09
C THR K 238 -26.54 16.92 91.68
N ASP K 239 -26.31 15.85 90.90
CA ASP K 239 -25.57 14.71 91.41
C ASP K 239 -24.09 15.04 91.58
N LEU K 240 -23.51 15.76 90.61
CA LEU K 240 -22.12 16.16 90.67
C LEU K 240 -22.02 17.68 90.81
N PRO K 241 -21.75 18.20 92.02
CA PRO K 241 -21.64 19.65 92.17
C PRO K 241 -20.52 20.27 91.36
N SER K 242 -19.42 19.55 91.14
CA SER K 242 -18.31 20.07 90.37
C SER K 242 -18.68 20.15 88.89
N PRO K 243 -18.59 21.31 88.26
CA PRO K 243 -18.93 21.42 86.83
C PRO K 243 -17.95 20.64 85.97
N LEU K 244 -18.45 20.14 84.84
CA LEU K 244 -17.64 19.43 83.86
C LEU K 244 -17.22 20.40 82.77
N LYS K 245 -15.92 20.60 82.61
CA LYS K 245 -15.38 21.58 81.68
C LYS K 245 -14.58 20.89 80.59
N GLN K 246 -14.86 21.23 79.34
CA GLN K 246 -14.12 20.72 78.20
C GLN K 246 -14.22 21.72 77.07
N THR K 247 -13.13 21.88 76.33
CA THR K 247 -13.04 22.89 75.27
C THR K 247 -12.60 22.22 73.97
N ILE K 248 -13.25 22.58 72.88
CA ILE K 248 -12.92 22.09 71.56
C ILE K 248 -12.40 23.24 70.71
N SER K 249 -11.54 22.91 69.75
CA SER K 249 -10.95 23.91 68.87
C SER K 249 -10.54 23.24 67.56
N ARG K 250 -10.32 24.07 66.55
CA ARG K 250 -9.90 23.59 65.24
C ARG K 250 -8.52 24.17 64.91
N PRO K 251 -7.65 23.38 64.26
CA PRO K 251 -6.31 23.84 63.87
C PRO K 251 -6.35 24.92 62.79
N LEU K 256 -3.22 23.48 53.18
CA LEU K 256 -4.33 22.82 52.50
C LEU K 256 -3.94 22.37 51.11
N HIS K 257 -4.50 21.24 50.67
CA HIS K 257 -4.20 20.67 49.37
C HIS K 257 -5.49 20.55 48.56
N ARG K 258 -5.36 20.70 47.24
CA ARG K 258 -6.51 20.55 46.35
C ARG K 258 -6.96 19.09 46.36
N PRO K 259 -8.25 18.83 46.54
CA PRO K 259 -8.73 17.43 46.57
C PRO K 259 -8.66 16.76 45.20
N ASP K 260 -7.77 15.79 45.06
CA ASP K 260 -7.63 15.05 43.80
C ASP K 260 -8.71 13.97 43.78
N VAL K 261 -9.92 14.37 43.45
CA VAL K 261 -11.07 13.46 43.40
C VAL K 261 -11.14 12.96 41.97
N TYR K 262 -10.65 11.76 41.73
CA TYR K 262 -10.51 11.22 40.38
C TYR K 262 -11.22 9.87 40.33
N LEU K 263 -11.79 9.55 39.17
CA LEU K 263 -12.80 8.52 39.04
C LEU K 263 -12.28 7.34 38.22
N LEU K 264 -12.67 6.12 38.64
CA LEU K 264 -12.21 4.88 38.04
C LEU K 264 -13.36 4.09 37.44
N PRO K 265 -13.18 3.45 36.29
CA PRO K 265 -14.23 2.62 35.70
C PRO K 265 -14.26 1.24 36.34
N PRO K 266 -15.32 0.47 36.14
CA PRO K 266 -15.35 -0.90 36.68
C PRO K 266 -14.37 -1.82 35.95
N ALA K 267 -13.98 -2.88 36.63
CA ALA K 267 -13.13 -3.90 36.03
C ALA K 267 -13.93 -4.74 35.05
N ARG K 268 -13.24 -5.31 34.06
CA ARG K 268 -13.90 -6.14 33.06
C ARG K 268 -14.37 -7.47 33.64
N GLU K 269 -13.74 -7.92 34.73
CA GLU K 269 -14.17 -9.17 35.35
C GLU K 269 -15.51 -9.02 36.05
N GLN K 270 -15.85 -7.81 36.49
CA GLN K 270 -17.22 -7.53 36.94
C GLN K 270 -18.21 -7.78 35.80
N LEU K 271 -17.87 -7.33 34.60
CA LEU K 271 -18.74 -7.52 33.45
C LEU K 271 -18.83 -8.99 33.06
N ASN K 272 -17.71 -9.71 33.15
CA ASN K 272 -17.73 -11.13 32.80
C ASN K 272 -18.53 -11.96 33.80
N LEU K 273 -18.46 -11.59 35.09
CA LEU K 273 -19.23 -12.32 36.10
C LEU K 273 -20.73 -12.10 35.92
N ARG K 274 -21.11 -10.90 35.48
CA ARG K 274 -22.49 -10.45 35.27
C ARG K 274 -23.30 -10.44 36.55
N GLU K 275 -22.67 -10.40 37.72
CA GLU K 275 -23.42 -10.32 38.97
C GLU K 275 -23.74 -8.88 39.33
N SER K 276 -22.74 -8.00 39.32
CA SER K 276 -22.92 -6.60 39.66
C SER K 276 -21.74 -5.81 39.12
N ALA K 277 -21.84 -4.49 39.24
CA ALA K 277 -20.79 -3.57 38.83
C ALA K 277 -20.48 -2.61 39.98
N THR K 278 -19.21 -2.26 40.11
CA THR K 278 -18.73 -1.40 41.19
C THR K 278 -17.94 -0.24 40.62
N ILE K 279 -18.24 0.97 41.08
CA ILE K 279 -17.54 2.18 40.69
C ILE K 279 -17.12 2.92 41.95
N THR K 280 -15.84 3.32 42.02
CA THR K 280 -15.30 4.02 43.17
C THR K 280 -14.74 5.37 42.72
N CYS K 281 -14.95 6.40 43.55
CA CYS K 281 -14.37 7.72 43.33
C CYS K 281 -13.16 7.85 44.25
N LEU K 282 -11.97 7.77 43.66
CA LEU K 282 -10.73 7.78 44.43
C LEU K 282 -10.45 9.20 44.91
N VAL K 283 -11.10 9.55 46.02
CA VAL K 283 -10.92 10.85 46.67
C VAL K 283 -9.60 10.76 47.45
N THR K 284 -8.54 11.32 46.90
CA THR K 284 -7.21 11.26 47.50
C THR K 284 -6.56 12.64 47.45
N GLY K 285 -5.48 12.78 48.22
CA GLY K 285 -4.73 14.02 48.26
C GLY K 285 -5.48 15.21 48.82
N PHE K 286 -6.25 15.00 49.90
CA PHE K 286 -7.00 16.06 50.53
C PHE K 286 -6.72 16.06 52.04
N SER K 287 -6.71 17.24 52.64
CA SER K 287 -6.47 17.40 54.06
C SER K 287 -7.36 18.50 54.61
N PRO K 288 -7.99 18.28 55.77
CA PRO K 288 -7.96 17.05 56.58
C PRO K 288 -8.98 16.02 56.14
N ALA K 289 -9.33 15.10 57.05
CA ALA K 289 -10.20 13.98 56.69
C ALA K 289 -11.62 14.43 56.39
N ASP K 290 -11.98 15.64 56.79
CA ASP K 290 -13.34 16.14 56.57
C ASP K 290 -13.63 16.26 55.08
N VAL K 291 -14.55 15.44 54.59
CA VAL K 291 -14.91 15.44 53.17
C VAL K 291 -16.33 14.88 53.05
N PHE K 292 -17.06 15.38 52.06
CA PHE K 292 -18.42 14.93 51.77
C PHE K 292 -18.42 14.23 50.42
N VAL K 293 -18.95 13.01 50.38
CA VAL K 293 -19.00 12.20 49.17
C VAL K 293 -20.46 11.89 48.87
N GLN K 294 -20.89 12.23 47.66
CA GLN K 294 -22.26 12.00 47.21
C GLN K 294 -22.23 11.47 45.79
N TRP K 295 -23.30 10.76 45.42
CA TRP K 295 -23.43 10.13 44.11
C TRP K 295 -24.60 10.73 43.34
N MET K 296 -24.40 10.89 42.03
CA MET K 296 -25.37 11.54 41.14
C MET K 296 -25.65 10.61 39.97
N GLN K 297 -26.92 10.24 39.78
CA GLN K 297 -27.33 9.49 38.60
C GLN K 297 -28.74 9.90 38.21
N ARG K 298 -28.97 10.03 36.90
CA ARG K 298 -30.26 10.43 36.34
C ARG K 298 -30.73 11.78 36.91
N GLY K 299 -29.79 12.63 37.30
CA GLY K 299 -30.13 13.92 37.86
C GLY K 299 -30.79 13.88 39.22
N GLN K 300 -30.63 12.79 39.98
CA GLN K 300 -31.28 12.64 41.27
C GLN K 300 -30.31 12.05 42.27
N PRO K 301 -30.24 12.59 43.48
CA PRO K 301 -29.30 12.08 44.47
C PRO K 301 -29.66 10.67 44.94
N LEU K 302 -28.68 9.77 44.85
CA LEU K 302 -28.89 8.38 45.24
C LEU K 302 -29.14 8.28 46.75
N SER K 303 -29.94 7.29 47.13
CA SER K 303 -30.25 7.08 48.53
C SER K 303 -29.00 6.62 49.27
N PRO K 304 -28.86 6.97 50.56
CA PRO K 304 -27.66 6.55 51.31
C PRO K 304 -27.53 5.04 51.46
N GLU K 305 -28.61 4.28 51.28
CA GLU K 305 -28.52 2.83 51.40
C GLU K 305 -27.66 2.24 50.28
N LYS K 306 -27.81 2.73 49.06
CA LYS K 306 -27.17 2.09 47.91
C LYS K 306 -25.65 2.20 47.98
N TYR K 307 -25.14 3.36 48.39
CA TYR K 307 -23.70 3.60 48.40
C TYR K 307 -23.15 3.61 49.82
N VAL K 308 -21.86 3.26 49.93
CA VAL K 308 -21.15 3.27 51.20
C VAL K 308 -19.86 4.06 51.01
N THR K 309 -19.61 5.02 51.89
CA THR K 309 -18.39 5.82 51.89
C THR K 309 -17.55 5.44 53.10
N SER K 310 -16.32 5.01 52.86
CA SER K 310 -15.46 4.58 53.95
C SER K 310 -14.90 5.78 54.70
N ALA K 311 -14.46 5.54 55.93
CA ALA K 311 -13.79 6.56 56.70
C ALA K 311 -12.43 6.89 56.09
N PRO K 312 -12.05 8.17 56.07
CA PRO K 312 -10.75 8.53 55.51
C PRO K 312 -9.60 7.95 56.30
N MET K 313 -8.50 7.67 55.61
CA MET K 313 -7.32 7.06 56.22
C MET K 313 -6.08 7.84 55.84
N PRO K 314 -5.07 7.88 56.70
CA PRO K 314 -3.82 8.57 56.35
C PRO K 314 -3.15 7.95 55.14
N GLU K 315 -2.60 8.81 54.28
CA GLU K 315 -1.94 8.36 53.06
C GLU K 315 -0.46 8.13 53.34
N PRO K 316 0.09 6.95 53.02
CA PRO K 316 1.53 6.72 53.26
C PRO K 316 2.45 7.65 52.49
N GLN K 317 2.06 8.05 51.28
CA GLN K 317 2.92 8.93 50.48
C GLN K 317 3.02 10.32 51.08
N ALA K 318 1.88 10.91 51.43
CA ALA K 318 1.85 12.25 52.03
C ALA K 318 1.18 12.16 53.40
N PRO K 319 1.91 12.40 54.50
CA PRO K 319 1.28 12.31 55.82
C PRO K 319 0.16 13.33 56.04
N GLY K 320 0.33 14.55 55.53
CA GLY K 320 -0.72 15.55 55.70
C GLY K 320 -1.97 15.22 54.92
N ARG K 321 -1.81 14.82 53.66
CA ARG K 321 -2.95 14.51 52.81
C ARG K 321 -3.52 13.14 53.15
N TYR K 322 -4.84 13.03 53.02
CA TYR K 322 -5.55 11.79 53.31
C TYR K 322 -6.26 11.31 52.05
N PHE K 323 -6.77 10.08 52.10
CA PHE K 323 -7.53 9.51 50.99
C PHE K 323 -8.80 8.87 51.55
N ALA K 324 -9.88 8.94 50.76
CA ALA K 324 -11.14 8.31 51.11
C ALA K 324 -11.71 7.66 49.85
N HIS K 325 -12.22 6.44 49.99
CA HIS K 325 -12.81 5.72 48.87
C HIS K 325 -14.27 5.40 49.17
N SER K 326 -15.10 5.45 48.13
CA SER K 326 -16.52 5.17 48.24
C SER K 326 -16.96 4.42 46.99
N ILE K 327 -17.58 3.26 47.17
CA ILE K 327 -17.98 2.40 46.07
C ILE K 327 -19.46 2.57 45.80
N LEU K 328 -19.83 2.49 44.52
CA LEU K 328 -21.22 2.48 44.09
C LEU K 328 -21.48 1.12 43.45
N THR K 329 -22.22 0.26 44.16
CA THR K 329 -22.51 -1.09 43.68
C THR K 329 -23.87 -1.08 43.02
N VAL K 330 -23.90 -1.43 41.73
CA VAL K 330 -25.11 -1.42 40.93
C VAL K 330 -25.19 -2.72 40.14
N SER K 331 -26.39 -2.99 39.63
CA SER K 331 -26.58 -4.12 38.73
C SER K 331 -25.80 -3.90 37.44
N GLU K 332 -25.25 -4.99 36.90
CA GLU K 332 -24.42 -4.89 35.71
C GLU K 332 -25.24 -4.47 34.49
N GLU K 333 -26.54 -4.81 34.48
CA GLU K 333 -27.40 -4.37 33.39
C GLU K 333 -27.60 -2.87 33.41
N GLU K 334 -27.62 -2.27 34.61
CA GLU K 334 -27.81 -0.83 34.73
C GLU K 334 -26.62 -0.06 34.15
N TRP K 335 -25.39 -0.54 34.37
CA TRP K 335 -24.22 0.19 33.90
C TRP K 335 -24.10 0.13 32.38
N ASN K 336 -24.63 -0.93 31.77
CA ASN K 336 -24.56 -1.06 30.31
C ASN K 336 -25.30 0.07 29.63
N THR K 337 -26.47 0.44 30.15
CA THR K 337 -27.19 1.59 29.64
C THR K 337 -26.61 2.87 30.24
N GLY K 338 -26.69 3.95 29.47
CA GLY K 338 -26.06 5.20 29.89
C GLY K 338 -26.87 5.89 30.98
N GLU K 339 -26.29 6.00 32.16
CA GLU K 339 -26.86 6.79 33.25
C GLU K 339 -25.90 7.86 33.75
N THR K 340 -24.69 7.93 33.18
CA THR K 340 -23.70 9.00 33.31
C THR K 340 -23.01 9.00 34.69
N TYR K 341 -23.55 8.24 35.64
CA TYR K 341 -22.92 7.89 36.93
C TYR K 341 -22.07 9.03 37.50
N THR K 342 -22.67 10.21 37.59
CA THR K 342 -21.92 11.41 37.95
C THR K 342 -21.46 11.35 39.42
N CYS K 343 -20.22 11.78 39.65
CA CYS K 343 -19.61 11.80 40.98
C CYS K 343 -19.47 13.24 41.44
N VAL K 344 -19.92 13.52 42.66
CA VAL K 344 -19.91 14.86 43.23
C VAL K 344 -19.26 14.82 44.61
N VAL K 345 -18.41 15.81 44.89
CA VAL K 345 -17.61 15.84 46.10
C VAL K 345 -17.61 17.27 46.66
N ALA K 346 -17.26 17.40 47.94
CA ALA K 346 -17.12 18.70 48.59
C ALA K 346 -15.89 18.68 49.48
N HIS K 347 -15.12 19.77 49.48
CA HIS K 347 -13.91 19.88 50.28
C HIS K 347 -13.63 21.36 50.53
N GLU K 348 -12.80 21.63 51.54
CA GLU K 348 -12.54 23.01 51.94
C GLU K 348 -11.73 23.76 50.88
N ALA K 349 -10.56 23.23 50.53
CA ALA K 349 -9.65 23.91 49.61
C ALA K 349 -10.06 23.67 48.15
N LEU K 350 -11.29 24.04 47.82
CA LEU K 350 -11.84 23.81 46.50
C LEU K 350 -12.55 25.10 46.10
N PRO K 351 -12.46 25.51 44.82
CA PRO K 351 -13.01 26.83 44.46
C PRO K 351 -14.53 26.92 44.55
N ASN K 352 -15.25 26.00 43.91
CA ASN K 352 -16.71 26.08 43.80
C ASN K 352 -17.40 25.37 44.97
N ARG K 353 -16.62 24.73 45.85
CA ARG K 353 -17.04 23.79 46.89
C ARG K 353 -17.61 22.50 46.31
N VAL K 354 -17.70 22.38 44.98
CA VAL K 354 -18.18 21.18 44.29
C VAL K 354 -17.28 20.94 43.09
N THR K 355 -16.73 19.72 42.99
CA THR K 355 -16.06 19.23 41.79
C THR K 355 -16.89 18.08 41.24
N GLU K 356 -17.29 18.20 39.97
CA GLU K 356 -18.16 17.23 39.33
C GLU K 356 -17.35 16.31 38.43
N ARG K 357 -17.35 15.01 38.72
CA ARG K 357 -16.66 14.01 37.93
C ARG K 357 -17.68 13.05 37.34
N THR K 358 -17.31 12.43 36.23
CA THR K 358 -18.28 11.66 35.44
C THR K 358 -17.60 10.45 34.82
N VAL K 359 -18.24 9.29 34.96
CA VAL K 359 -17.85 8.09 34.24
C VAL K 359 -19.13 7.43 33.72
N ASP K 360 -19.03 6.86 32.53
CA ASP K 360 -20.13 6.12 31.92
C ASP K 360 -19.52 5.12 30.95
N LYS K 361 -20.37 4.41 30.21
CA LYS K 361 -19.88 3.50 29.19
C LYS K 361 -19.43 4.23 27.94
N SER K 362 -19.97 5.43 27.68
CA SER K 362 -19.57 6.20 26.51
C SER K 362 -18.12 6.64 26.59
N THR K 363 -17.68 7.11 27.76
CA THR K 363 -16.31 7.54 27.97
C THR K 363 -15.52 6.44 28.66
N GLY K 364 -14.33 6.16 28.15
CA GLY K 364 -13.52 5.09 28.71
C GLY K 364 -12.46 4.67 27.72
N LYS K 365 -11.80 3.57 28.04
CA LYS K 365 -10.78 3.03 27.17
C LYS K 365 -11.45 2.34 26.00
N PRO K 366 -11.25 2.80 24.76
CA PRO K 366 -12.02 2.25 23.64
C PRO K 366 -11.34 1.07 22.96
N THR K 367 -12.17 0.18 22.41
CA THR K 367 -11.65 -1.01 21.74
C THR K 367 -11.05 -0.66 20.39
N LEU K 368 -11.65 0.28 19.67
CA LEU K 368 -11.26 0.59 18.31
C LEU K 368 -10.99 2.09 18.17
N TYR K 369 -10.00 2.43 17.35
CA TYR K 369 -9.59 3.80 17.05
C TYR K 369 -9.54 3.97 15.54
N ASN K 370 -10.48 4.71 14.97
CA ASN K 370 -10.35 5.11 13.57
C ASN K 370 -10.13 6.62 13.45
N VAL K 371 -8.86 6.98 13.32
CA VAL K 371 -8.44 8.36 13.11
C VAL K 371 -8.38 8.60 11.61
N SER K 372 -9.25 9.47 11.10
CA SER K 372 -9.42 9.64 9.66
C SER K 372 -9.04 11.07 9.28
N LEU K 373 -8.02 11.20 8.43
CA LEU K 373 -7.58 12.48 7.93
C LEU K 373 -7.74 12.55 6.42
N VAL K 374 -8.24 13.66 5.92
CA VAL K 374 -8.25 13.94 4.49
C VAL K 374 -7.24 15.04 4.22
N MET K 375 -6.44 14.86 3.17
CA MET K 375 -5.40 15.82 2.81
C MET K 375 -6.06 16.87 1.94
N SER K 376 -7.00 17.62 2.53
CA SER K 376 -7.87 18.50 1.78
C SER K 376 -7.12 19.74 1.30
N ASP K 377 -7.51 20.22 0.12
CA ASP K 377 -6.99 21.46 -0.44
C ASP K 377 -7.92 22.64 -0.24
N THR K 378 -9.22 22.41 -0.15
CA THR K 378 -10.18 23.47 0.14
C THR K 378 -10.13 23.80 1.63
N ALA K 379 -9.43 24.86 1.99
CA ALA K 379 -9.18 25.22 3.37
C ALA K 379 -10.03 26.40 3.79
N GLY K 380 -9.98 26.72 5.08
CA GLY K 380 -10.72 27.86 5.60
C GLY K 380 -12.22 27.65 5.68
N THR K 381 -12.69 26.41 5.67
CA THR K 381 -14.12 26.11 5.70
C THR K 381 -14.39 25.00 6.70
N CYS K 382 -13.82 25.13 7.90
CA CYS K 382 -14.12 24.23 9.00
C CYS K 382 -13.83 24.90 10.35
N GLU L 3 -26.47 8.84 17.17
CA GLU L 3 -26.15 7.81 18.15
C GLU L 3 -24.75 8.01 18.71
N ARG L 4 -24.03 8.98 18.15
CA ARG L 4 -22.67 9.30 18.58
C ARG L 4 -22.69 10.62 19.35
N ILE L 5 -21.96 10.65 20.47
CA ILE L 5 -21.91 11.84 21.31
C ILE L 5 -20.67 12.64 20.95
N VAL L 6 -20.86 13.88 20.49
CA VAL L 6 -19.76 14.74 20.09
C VAL L 6 -19.16 15.40 21.33
N LEU L 7 -18.09 14.81 21.88
CA LEU L 7 -17.49 15.34 23.10
C LEU L 7 -16.89 16.72 22.88
N VAL L 8 -16.00 16.84 21.88
CA VAL L 8 -15.29 18.09 21.63
C VAL L 8 -15.27 18.33 20.12
N ASP L 9 -15.63 19.56 19.72
CA ASP L 9 -15.56 19.98 18.31
C ASP L 9 -14.86 21.34 18.29
N ASN L 10 -13.53 21.31 18.23
CA ASN L 10 -12.73 22.53 18.11
C ASN L 10 -12.67 22.92 16.64
N LYS L 11 -12.81 24.22 16.36
CA LYS L 11 -12.96 24.66 14.97
C LYS L 11 -11.62 24.90 14.28
N CYS L 12 -10.67 25.55 14.96
CA CYS L 12 -9.37 25.81 14.35
C CYS L 12 -8.60 24.53 14.08
N LYS L 13 -8.47 23.66 15.07
CA LYS L 13 -7.89 22.35 14.82
C LYS L 13 -8.82 21.47 14.00
N CYS L 14 -10.10 21.84 13.95
CA CYS L 14 -11.14 21.26 13.10
C CYS L 14 -11.30 19.79 13.51
N ALA L 15 -10.94 19.49 14.75
CA ALA L 15 -11.10 18.15 15.28
C ALA L 15 -12.55 17.89 15.65
N ARG L 16 -12.94 16.62 15.62
CA ARG L 16 -14.29 16.20 15.97
C ARG L 16 -14.18 15.02 16.94
N ILE L 17 -14.09 15.32 18.23
CA ILE L 17 -13.98 14.27 19.23
C ILE L 17 -15.36 13.73 19.54
N THR L 18 -15.67 12.57 18.98
CA THR L 18 -16.97 11.93 19.20
C THR L 18 -16.78 10.42 19.35
N SER L 19 -17.54 9.83 20.27
CA SER L 19 -17.41 8.43 20.64
C SER L 19 -18.73 7.70 20.39
N ARG L 20 -18.65 6.49 19.84
CA ARG L 20 -19.81 5.67 19.59
C ARG L 20 -19.59 4.26 20.12
N ILE L 21 -20.70 3.59 20.46
CA ILE L 21 -20.67 2.22 20.97
C ILE L 21 -21.50 1.36 20.04
N ILE L 22 -20.90 0.28 19.53
CA ILE L 22 -21.61 -0.67 18.68
C ILE L 22 -22.39 -1.62 19.58
N ARG L 23 -23.70 -1.69 19.39
CA ARG L 23 -24.53 -2.56 20.21
C ARG L 23 -24.34 -4.02 19.80
N SER L 24 -23.95 -4.85 20.77
CA SER L 24 -23.67 -6.25 20.50
C SER L 24 -24.98 -7.06 20.50
N SER L 25 -24.84 -8.36 20.25
CA SER L 25 -25.97 -9.27 20.21
C SER L 25 -26.33 -9.68 21.65
N GLU L 26 -27.19 -10.69 21.77
CA GLU L 26 -27.59 -11.18 23.09
C GLU L 26 -26.50 -12.09 23.67
N ASP L 27 -25.59 -11.50 24.43
CA ASP L 27 -24.43 -12.21 24.95
C ASP L 27 -23.85 -11.39 26.10
N PRO L 28 -22.87 -11.94 26.83
CA PRO L 28 -22.09 -11.09 27.74
C PRO L 28 -21.42 -9.96 26.99
N ASN L 29 -21.24 -8.84 27.68
CA ASN L 29 -20.80 -7.61 27.02
C ASN L 29 -19.33 -7.63 26.66
N GLU L 30 -19.02 -7.72 25.36
CA GLU L 30 -17.71 -7.41 24.82
C GLU L 30 -17.82 -6.38 23.70
N ASP L 31 -18.89 -5.59 23.72
CA ASP L 31 -19.18 -4.66 22.62
C ASP L 31 -18.11 -3.59 22.50
N ILE L 32 -17.88 -3.17 21.25
CA ILE L 32 -16.73 -2.34 20.92
C ILE L 32 -17.07 -0.88 21.15
N VAL L 33 -16.24 -0.19 21.94
CA VAL L 33 -16.33 1.26 22.11
C VAL L 33 -15.31 1.90 21.17
N GLU L 34 -15.76 2.92 20.44
CA GLU L 34 -14.92 3.58 19.44
C GLU L 34 -14.88 5.08 19.70
N ARG L 35 -13.84 5.73 19.19
CA ARG L 35 -13.78 7.18 19.08
C ARG L 35 -13.77 7.55 17.61
N ASN L 36 -14.83 8.24 17.17
CA ASN L 36 -15.02 8.60 15.77
C ASN L 36 -14.35 9.93 15.44
N ILE L 37 -13.06 10.06 15.75
CA ILE L 37 -12.39 11.34 15.57
C ILE L 37 -12.01 11.52 14.10
N ARG L 38 -12.42 12.65 13.53
CA ARG L 38 -12.23 12.97 12.12
C ARG L 38 -11.65 14.38 12.05
N ILE L 39 -10.33 14.47 11.88
CA ILE L 39 -9.62 15.73 11.91
C ILE L 39 -9.15 16.07 10.50
N ILE L 40 -9.31 17.34 10.12
CA ILE L 40 -9.11 17.80 8.76
C ILE L 40 -7.96 18.80 8.74
N VAL L 41 -7.07 18.65 7.77
CA VAL L 41 -5.90 19.51 7.63
C VAL L 41 -6.21 20.57 6.57
N PRO L 42 -5.74 21.81 6.72
CA PRO L 42 -5.83 22.75 5.58
C PRO L 42 -4.79 22.47 4.51
N LEU L 43 -3.58 22.07 4.91
CA LEU L 43 -2.51 21.59 4.04
C LEU L 43 -1.89 22.71 3.19
N ASN L 44 -2.48 23.91 3.24
CA ASN L 44 -1.91 25.04 2.51
C ASN L 44 -1.93 26.34 3.31
N ASN L 45 -2.41 26.33 4.56
CA ASN L 45 -2.45 27.54 5.37
C ASN L 45 -1.07 27.81 5.99
N ARG L 46 -0.88 29.03 6.49
CA ARG L 46 0.40 29.51 6.96
C ARG L 46 0.41 29.44 8.48
N GLU L 47 1.59 29.63 9.08
CA GLU L 47 1.70 29.41 10.52
C GLU L 47 0.92 30.48 11.28
N ASN L 48 1.10 31.74 10.92
CA ASN L 48 0.38 32.85 11.55
C ASN L 48 -0.87 33.05 10.70
N ILE L 49 -2.01 32.57 11.19
CA ILE L 49 -3.23 32.57 10.37
C ILE L 49 -3.69 33.99 10.10
N SER L 50 -3.44 34.91 11.02
CA SER L 50 -3.82 36.30 10.78
C SER L 50 -2.89 36.99 9.81
N ASP L 51 -1.60 36.63 9.81
CA ASP L 51 -0.61 37.30 8.97
C ASP L 51 -0.55 36.61 7.61
N PRO L 52 -0.91 37.28 6.51
CA PRO L 52 -0.82 36.63 5.20
C PRO L 52 0.60 36.39 4.72
N THR L 53 1.57 37.16 5.22
CA THR L 53 2.95 37.10 4.73
C THR L 53 3.77 35.99 5.41
N SER L 54 3.14 34.98 5.98
CA SER L 54 3.86 33.88 6.58
C SER L 54 4.17 32.79 5.56
N PRO L 55 5.25 32.04 5.76
CA PRO L 55 5.50 30.87 4.93
C PRO L 55 4.52 29.74 5.20
N LEU L 56 4.63 28.68 4.40
CA LEU L 56 3.82 27.50 4.60
C LEU L 56 4.18 26.79 5.89
N ARG L 57 3.16 26.33 6.62
CA ARG L 57 3.38 25.47 7.77
C ARG L 57 3.36 24.01 7.35
N THR L 58 4.38 23.26 7.77
CA THR L 58 4.53 21.84 7.48
C THR L 58 4.21 20.96 8.68
N ARG L 59 4.67 21.37 9.87
CA ARG L 59 4.50 20.57 11.08
C ARG L 59 3.19 20.99 11.77
N PHE L 60 2.20 20.11 11.74
CA PHE L 60 0.92 20.32 12.40
C PHE L 60 0.88 19.49 13.67
N VAL L 61 0.85 20.16 14.82
CA VAL L 61 0.88 19.51 16.13
C VAL L 61 -0.55 19.46 16.66
N TYR L 62 -1.06 18.25 16.86
CA TYR L 62 -2.43 18.02 17.28
C TYR L 62 -2.41 17.34 18.65
N HIS L 63 -2.40 18.14 19.71
CA HIS L 63 -2.49 17.63 21.07
C HIS L 63 -3.96 17.40 21.38
N LEU L 64 -4.39 16.13 21.34
CA LEU L 64 -5.81 15.81 21.51
C LEU L 64 -6.32 16.13 22.89
N SER L 65 -5.50 15.98 23.93
CA SER L 65 -5.94 16.33 25.27
C SER L 65 -6.05 17.84 25.45
N ASP L 66 -5.19 18.61 24.77
CA ASP L 66 -5.20 20.05 24.87
C ASP L 66 -6.43 20.68 24.20
N LEU L 67 -6.82 20.18 23.03
CA LEU L 67 -7.98 20.75 22.33
C LEU L 67 -9.29 20.46 23.04
N CYS L 68 -9.33 19.47 23.95
CA CYS L 68 -10.53 19.22 24.73
C CYS L 68 -10.81 20.39 25.66
N LYS L 69 -9.78 20.96 26.27
CA LYS L 69 -9.94 22.10 27.16
C LYS L 69 -9.27 23.34 26.58
N GLU L 98 -1.99 29.55 21.70
CA GLU L 98 -1.76 28.52 20.70
C GLU L 98 -2.40 28.99 19.40
N THR L 99 -1.56 29.41 18.45
CA THR L 99 -2.06 29.90 17.17
C THR L 99 -2.69 28.76 16.36
N CYS L 100 -3.89 29.01 15.85
CA CYS L 100 -4.79 27.95 15.40
C CYS L 100 -4.74 27.77 13.88
N TYR L 101 -5.21 26.61 13.43
CA TYR L 101 -4.81 26.08 12.13
C TYR L 101 -5.66 26.62 10.98
N THR L 102 -6.96 26.31 10.98
CA THR L 102 -7.82 26.64 9.85
C THR L 102 -8.76 27.77 10.20
N TYR L 103 -9.20 28.50 9.17
CA TYR L 103 -10.12 29.60 9.38
C TYR L 103 -11.51 29.09 9.74
N ASP L 104 -12.24 29.89 10.51
CA ASP L 104 -13.64 29.62 10.83
C ASP L 104 -14.51 30.63 10.11
N ARG L 105 -15.56 30.12 9.45
CA ARG L 105 -16.45 31.00 8.69
C ARG L 105 -17.27 31.91 9.60
N ASN L 106 -17.44 31.54 10.87
CA ASN L 106 -18.21 32.36 11.79
C ASN L 106 -17.43 33.61 12.21
N LYS L 107 -16.13 33.44 12.48
CA LYS L 107 -15.31 34.53 12.95
C LYS L 107 -14.51 35.15 11.80
N CYS L 108 -13.94 36.32 12.07
CA CYS L 108 -13.11 37.01 11.10
C CYS L 108 -11.63 36.93 11.47
N TYR L 109 -10.81 36.56 10.50
CA TYR L 109 -9.35 36.64 10.59
C TYR L 109 -8.91 37.71 9.60
N THR L 110 -8.70 38.93 10.09
CA THR L 110 -8.43 40.07 9.23
C THR L 110 -7.08 40.69 9.60
N ALA L 111 -6.49 41.35 8.61
CA ALA L 111 -5.21 42.01 8.78
C ALA L 111 -5.27 43.37 8.10
N VAL L 112 -4.25 44.19 8.35
CA VAL L 112 -4.13 45.52 7.76
C VAL L 112 -3.01 45.50 6.73
N VAL L 113 -3.25 46.12 5.59
CA VAL L 113 -2.29 46.18 4.49
C VAL L 113 -2.06 47.63 4.12
N PRO L 114 -0.81 48.05 3.87
CA PRO L 114 -0.57 49.42 3.41
C PRO L 114 -1.09 49.63 2.00
N LEU L 115 -1.49 50.87 1.72
CA LEU L 115 -1.90 51.28 0.39
C LEU L 115 -1.33 52.66 0.10
N VAL L 116 -0.87 52.84 -1.14
CA VAL L 116 -0.26 54.10 -1.56
C VAL L 116 -0.93 54.57 -2.85
N TYR L 117 -1.31 55.83 -2.89
CA TYR L 117 -1.71 56.53 -4.10
C TYR L 117 -0.62 57.46 -4.61
N GLY L 118 0.43 57.66 -3.80
CA GLY L 118 1.50 58.59 -4.11
C GLY L 118 2.50 58.63 -2.97
N GLY L 119 2.86 59.83 -2.52
CA GLY L 119 3.74 59.95 -1.38
C GLY L 119 3.12 59.45 -0.10
N GLU L 120 1.81 59.65 0.07
CA GLU L 120 1.13 59.26 1.29
C GLU L 120 0.97 57.74 1.36
N THR L 121 0.97 57.22 2.59
CA THR L 121 0.76 55.81 2.87
C THR L 121 -0.43 55.67 3.81
N LYS L 122 -1.41 54.86 3.42
CA LYS L 122 -2.61 54.64 4.21
C LYS L 122 -2.76 53.15 4.49
N MET L 123 -3.02 52.81 5.75
CA MET L 123 -3.21 51.43 6.18
C MET L 123 -4.69 51.11 6.20
N VAL L 124 -5.10 50.11 5.43
CA VAL L 124 -6.51 49.75 5.26
C VAL L 124 -6.69 48.30 5.67
N GLU L 125 -7.69 48.04 6.52
CA GLU L 125 -8.03 46.67 6.89
C GLU L 125 -8.59 45.93 5.68
N THR L 126 -8.17 44.67 5.52
CA THR L 126 -8.59 43.84 4.40
C THR L 126 -9.33 42.61 4.91
N ALA L 127 -10.11 42.01 4.01
CA ALA L 127 -10.86 40.79 4.29
C ALA L 127 -10.09 39.61 3.70
N LEU L 128 -9.44 38.84 4.58
CA LEU L 128 -8.62 37.72 4.12
C LEU L 128 -9.46 36.61 3.50
N THR L 129 -10.62 36.30 4.11
CA THR L 129 -11.47 35.24 3.61
C THR L 129 -12.87 35.78 3.30
N PRO L 130 -13.49 35.34 2.21
CA PRO L 130 -14.86 35.77 1.93
C PRO L 130 -15.87 34.99 2.77
N ASP L 131 -17.12 35.45 2.70
CA ASP L 131 -18.30 34.78 3.26
C ASP L 131 -18.28 34.78 4.79
N ALA L 132 -17.22 35.31 5.40
CA ALA L 132 -17.10 35.42 6.84
C ALA L 132 -17.32 36.84 7.34
N CYS L 133 -16.70 37.82 6.70
CA CYS L 133 -16.86 39.21 7.05
C CYS L 133 -17.68 39.99 6.03
N TYR L 134 -18.48 39.29 5.23
CA TYR L 134 -19.33 39.95 4.25
C TYR L 134 -20.37 40.79 4.98
N PRO L 135 -20.68 41.99 4.50
CA PRO L 135 -21.67 42.85 5.18
C PRO L 135 -23.04 42.19 5.22
N ASP L 136 -23.50 41.90 6.43
CA ASP L 136 -24.78 41.23 6.62
C ASP L 136 -25.69 42.06 7.53
C1 NAG M . 1.05 36.58 14.53
C2 NAG M . 0.42 37.89 14.04
C3 NAG M . -0.73 38.33 14.96
C4 NAG M . -0.33 38.28 16.44
C5 NAG M . 0.44 37.01 16.76
C6 NAG M . -0.09 36.27 17.97
C7 NAG M . 1.45 39.80 12.90
C8 NAG M . 2.55 40.82 12.94
N2 NAG M . 1.40 38.94 13.93
O3 NAG M . -1.86 37.49 14.74
O4 NAG M . 0.45 39.42 16.77
O5 NAG M . 0.34 36.09 15.65
O6 NAG M . 0.87 35.37 18.49
O7 NAG M . 0.62 39.77 12.01
C1 NAG M . -0.36 40.42 17.42
C2 NAG M . -0.12 41.77 16.73
C3 NAG M . -0.98 42.85 17.36
C4 NAG M . -2.45 42.44 17.37
C5 NAG M . -2.61 41.07 18.05
C6 NAG M . -4.02 40.55 18.00
C7 NAG M . 1.89 42.87 15.86
C8 NAG M . 3.35 43.15 16.08
N2 NAG M . 1.29 42.13 16.79
O3 NAG M . -0.83 44.07 16.64
O4 NAG M . -3.23 43.41 18.06
O5 NAG M . -1.78 40.11 17.40
O6 NAG M . -4.44 40.32 16.66
O7 NAG M . 1.29 43.29 14.87
C1 NAG N . 10.48 18.50 5.27
C2 NAG N . 11.69 19.44 5.42
C3 NAG N . 12.73 18.81 6.33
C4 NAG N . 12.11 18.39 7.65
C5 NAG N . 10.90 17.50 7.41
C6 NAG N . 10.16 17.15 8.68
C7 NAG N . 11.96 20.88 3.45
C8 NAG N . 12.64 21.05 2.13
N2 NAG N . 12.26 19.76 4.12
O3 NAG N . 13.78 19.74 6.56
O4 NAG N . 13.07 17.68 8.44
O5 NAG N . 9.96 18.19 6.57
O6 NAG N . 9.37 18.22 9.15
O7 NAG N . 11.15 21.70 3.87
C1 NAG O . 10.65 14.08 3.32
C2 NAG O . 11.79 15.06 3.00
C3 NAG O . 13.09 14.58 3.60
C4 NAG O . 12.93 14.29 5.09
C5 NAG O . 11.77 13.33 5.32
C6 NAG O . 11.49 13.09 6.78
C7 NAG O . 12.38 16.38 1.01
C8 NAG O . 12.46 16.40 -0.48
N2 NAG O . 11.92 15.26 1.56
O3 NAG O . 14.11 15.56 3.41
O4 NAG O . 14.13 13.72 5.61
O5 NAG O . 10.58 13.88 4.75
O6 NAG O . 10.10 13.19 7.06
O7 NAG O . 12.72 17.34 1.70
C1 NAG P . 11.08 8.80 1.13
C2 NAG P . 12.02 10.00 0.98
C3 NAG P . 13.34 9.72 1.67
C4 NAG P . 13.11 9.32 3.12
C5 NAG P . 12.14 8.15 3.20
C6 NAG P . 11.77 7.78 4.62
C7 NAG P . 11.80 11.44 -1.00
C8 NAG P . 11.06 12.40 -0.11
N2 NAG P . 12.23 10.32 -0.43
O3 NAG P . 14.17 10.88 1.60
O4 NAG P . 14.35 8.94 3.73
O5 NAG P . 10.92 8.49 2.53
O6 NAG P . 11.20 8.88 5.31
O7 NAG P . 11.99 11.69 -2.19
C1 NAG Q . 11.80 4.98 0.05
C2 NAG Q . 12.87 5.95 -0.49
C3 NAG Q . 14.24 5.55 0.04
C4 NAG Q . 14.23 5.44 1.56
C5 NAG Q . 13.11 4.52 2.01
C6 NAG Q . 12.96 4.46 3.52
C7 NAG Q . 12.38 7.01 -2.64
C8 NAG Q . 12.45 6.88 -4.13
N2 NAG Q . 12.86 5.98 -1.94
O3 NAG Q . 15.21 6.52 -0.38
O4 NAG Q . 15.48 4.94 2.01
O5 NAG Q . 11.86 4.96 1.48
O6 NAG Q . 13.95 3.63 4.11
O7 NAG Q . 11.91 8.01 -2.10
C1 NAG R . 12.34 -0.21 -2.10
C2 NAG R . 13.23 1.03 -2.24
C3 NAG R . 14.68 0.67 -1.95
C4 NAG R . 14.80 -0.03 -0.60
C5 NAG R . 13.85 -1.22 -0.55
C6 NAG R . 13.85 -1.91 0.80
C7 NAG R . 13.17 2.93 -3.81
C8 NAG R . 13.03 3.35 -5.23
N2 NAG R . 13.11 1.61 -3.57
O3 NAG R . 15.47 1.85 -1.95
O4 NAG R . 16.13 -0.47 -0.40
O5 NAG R . 12.51 -0.79 -0.81
O6 NAG R . 14.95 -1.51 1.61
O7 NAG R . 13.35 3.74 -2.90
C1 NAG S . -4.44 -10.48 4.15
C2 NAG S . -4.04 -11.20 2.85
C3 NAG S . -5.27 -11.90 2.24
C4 NAG S . -5.91 -12.82 3.27
C5 NAG S . -6.26 -12.03 4.53
C6 NAG S . -6.82 -12.90 5.63
C7 NAG S . -2.60 -10.63 0.94
C8 NAG S . -2.12 -9.54 0.03
N2 NAG S . -3.48 -10.27 1.88
O3 NAG S . -4.86 -12.67 1.11
O4 NAG S . -7.11 -13.38 2.73
O5 NAG S . -5.06 -11.41 5.04
O6 NAG S . -8.23 -13.00 5.54
O7 NAG S . -2.23 -11.80 0.82
C1 NAG T . -6.08 -7.84 7.28
C2 NAG T . -6.43 -7.84 5.79
C3 NAG T . -7.91 -8.28 5.63
C4 NAG T . -8.19 -9.58 6.39
C5 NAG T . -7.68 -9.52 7.82
C6 NAG T . -7.76 -10.85 8.54
C7 NAG T . -6.32 -6.23 3.92
C8 NAG T . -6.07 -4.80 3.56
N2 NAG T . -6.23 -6.53 5.21
O3 NAG T . -8.24 -8.47 4.26
O4 NAG T . -9.60 -9.81 6.41
O5 NAG T . -6.30 -9.15 7.83
O6 NAG T . -8.51 -10.79 9.75
O7 NAG T . -6.59 -7.07 3.07
C1 NAG U . -9.51 -2.49 9.32
C2 NAG U . -10.16 -2.97 8.02
C3 NAG U . -11.65 -3.23 8.23
C4 NAG U . -11.83 -4.26 9.33
C5 NAG U . -11.24 -3.70 10.62
C6 NAG U . -11.33 -4.67 11.77
C7 NAG U . -8.97 -2.17 6.03
C8 NAG U . -8.91 -1.14 4.96
N2 NAG U . -9.95 -2.03 6.93
O3 NAG U . -12.23 -3.69 7.02
O4 NAG U . -13.20 -4.58 9.51
O5 NAG U . -9.85 -3.41 10.43
O6 NAG U . -11.32 -6.01 11.31
O7 NAG U . -8.16 -3.11 6.09
C1 NAG V . -12.91 0.04 10.21
C2 NAG V . -12.83 0.46 8.72
C3 NAG V . -14.23 0.42 8.10
C4 NAG V . -14.91 -0.92 8.36
C5 NAG V . -14.88 -1.24 9.85
C6 NAG V . -15.51 -2.58 10.19
C7 NAG V . -11.40 2.16 7.64
C8 NAG V . -11.02 1.11 6.64
N2 NAG V . -12.25 1.79 8.60
O3 NAG V . -14.17 0.69 6.70
O4 NAG V . -16.25 -0.85 7.90
O5 NAG V . -13.53 -1.27 10.31
O6 NAG V . -15.79 -2.68 11.59
O7 NAG V . -10.95 3.31 7.57
C1 NAG W . -15.27 4.47 12.39
C2 NAG W . -15.76 5.21 11.14
C3 NAG W . -17.28 5.24 11.12
C4 NAG W . -17.82 3.82 11.18
C5 NAG W . -17.28 3.11 12.42
C6 NAG W . -17.68 1.65 12.48
C7 NAG W . -14.91 7.17 9.93
C8 NAG W . -14.37 8.56 10.05
N2 NAG W . -15.22 6.56 11.08
O3 NAG W . -17.72 5.88 9.93
O4 NAG W . -19.25 3.85 11.23
O5 NAG W . -15.85 3.14 12.41
O6 NAG W . -16.89 0.93 13.40
O7 NAG W . -15.06 6.62 8.85
#